data_2QJP
#
_entry.id   2QJP
#
_cell.length_a   135.061
_cell.length_b   146.520
_cell.length_c   141.003
_cell.angle_alpha   90.00
_cell.angle_beta   110.21
_cell.angle_gamma   90.00
#
_symmetry.space_group_name_H-M   'P 1 21 1'
#
loop_
_entity.id
_entity.type
_entity.pdbx_description
1 polymer 'Cytochrome b'
2 polymer 'Cytochrome c1'
3 polymer 'Ubiquinol-cytochrome c reductase iron-sulfur subunit'
4 non-polymer 2-O-octyl-beta-D-glucopyranose
5 non-polymer 'PROTOPORPHYRIN IX CONTAINING FE'
6 non-polymer 'STIGMATELLIN A'
7 non-polymer '(1R)-2-{[(R)-(2-AMINOETHOXY)(HYDROXY)PHOSPHORYL]OXY}-1-[(DODECANOYLOXY)METHYL]ETHYL (9Z)-OCTADEC-9-ENOATE'
8 non-polymer '(2R,3S,6S,7R,8R)-3-{[3-(FORMYLAMINO)-2-HYDROXYBENZOYL]AMINO}-8-HEXYL-2,6-DIMETHYL-4,9-DIOXO-1,5-DIOXONAN-7-YL (2S)-2-METHYLBUTANOATE'
9 non-polymer 'STRONTIUM ION'
10 non-polymer 'FE2/S2 (INORGANIC) CLUSTER'
11 water water
#
loop_
_entity_poly.entity_id
_entity_poly.type
_entity_poly.pdbx_seq_one_letter_code
_entity_poly.pdbx_strand_id
1 'polypeptide(L)'
;GIPHDHYEPRTGIEKWLHSRLPIVALAYDTIMIPTPRNLNWMWIWGVVLAFCLVLQIVTGIVLAMHYTPHVDLAFASVEH
IMRNVNGGFMLRYLHANGASLFFIAVYLHIFRGLYYGSYKAPREVTWIVGMLIYLAMMATAFMGYVLPWGQMSFWGATVI
TGLFGAIPGIGHSIQTWLLGGPAVDNATLNRFFSLHYLLPFVIAALVAIHIWAFHSTGNNNPTGVEVRRTSKAEAQKDTV
PFWPYFIIKDVFALAVVLLVFFAIVGFMPNYLGHPDNYIEANPLSTPAHIVPEWYFLPFYAILRAFTADVWVVQIANFIS
FGIIDAKFFGVLAMFGAILVMALVPWLDTSPVRSGRYRPMFKIYFWLLAADFVILTWVGAQQTTFPYDWISLIASAYWFA
YFLVILPILGAIEKPVAPPATIEEDFNA
;
A,D,G,J
2 'polypeptide(L)'
;AGGGHVEDVPFSFEGPFGTFDQHQLQRGLQVYTEVCAACHGMKFVPIRSLSEPGGPELPEDQVRAYATQFTVTDEETGED
REGKPTDHFPHSALENAPDLSLMAKARAGFHGPMGTGISQLFNGIGGPEYIYSVLTGFPEEPPKCAEGHEPDGFYYNRAF
QNGSVPDTCKDANGVKTTAGSWIAMPPPLMDDLVEYADGHDASVHAMAEDVSAFLMWAAEPKLMARKQAGFTAVMFLTVL
SVLLYLTNKRLWAGVK
;
B,E,H,K
3 'polypeptide(L)'
;GTRRDFLYYATAGAGAVATGAAVWPLINQMNPSADVQALASIFVDVSSVEPGVQLTVKFLGKPIFIRRRTEADIELGRSV
QLGQLVDTNARNANIDAGAEATDQNRTLDEAGEWLVMWGVCTHLGCVPIGGVSGDFGGWFCPCHGSHYDSAGRIRKGPAP
ENLPIPLAKFIDETTIQLG
;
C,F,I,L
#
# COMPACT_ATOMS: atom_id res chain seq x y z
N GLY A 1 50.43 -40.87 -36.57
CA GLY A 1 48.96 -41.06 -36.52
C GLY A 1 48.40 -41.64 -37.80
N ILE A 2 47.45 -42.56 -37.68
CA ILE A 2 46.83 -43.20 -38.83
C ILE A 2 46.09 -42.19 -39.69
N PRO A 3 46.16 -42.34 -41.02
CA PRO A 3 45.47 -41.41 -41.92
C PRO A 3 43.96 -41.56 -41.86
N HIS A 4 43.31 -40.61 -41.20
CA HIS A 4 41.86 -40.62 -41.08
C HIS A 4 41.35 -39.26 -41.54
N ASP A 5 40.07 -39.00 -41.30
CA ASP A 5 39.46 -37.73 -41.70
C ASP A 5 39.11 -36.83 -40.52
N HIS A 6 39.37 -35.54 -40.73
CA HIS A 6 39.10 -34.48 -39.75
C HIS A 6 37.61 -34.27 -39.53
N TYR A 7 37.27 -33.58 -38.44
CA TYR A 7 35.88 -33.27 -38.13
C TYR A 7 35.50 -32.18 -39.11
N GLU A 8 34.21 -32.01 -39.37
CA GLU A 8 33.78 -30.95 -40.27
C GLU A 8 32.43 -30.42 -39.82
N PRO A 9 32.42 -29.15 -39.38
CA PRO A 9 31.25 -28.41 -38.90
C PRO A 9 30.16 -28.32 -39.95
N ARG A 10 29.01 -28.93 -39.69
CA ARG A 10 27.92 -28.89 -40.66
C ARG A 10 26.76 -28.03 -40.16
N THR A 11 26.22 -28.37 -38.99
CA THR A 11 25.10 -27.64 -38.40
C THR A 11 25.35 -26.14 -38.35
N GLY A 12 24.34 -25.39 -37.93
CA GLY A 12 24.47 -23.94 -37.81
C GLY A 12 25.14 -23.65 -36.48
N ILE A 13 24.61 -24.24 -35.42
CA ILE A 13 25.18 -24.06 -34.10
C ILE A 13 26.60 -24.56 -34.17
N GLU A 14 26.77 -25.74 -34.76
CA GLU A 14 28.08 -26.37 -34.91
C GLU A 14 29.17 -25.50 -35.51
N LYS A 15 28.84 -24.68 -36.51
CA LYS A 15 29.85 -23.82 -37.11
C LYS A 15 30.18 -22.68 -36.14
N TRP A 16 29.15 -22.17 -35.47
CA TRP A 16 29.31 -21.08 -34.51
C TRP A 16 30.23 -21.54 -33.38
N LEU A 17 29.86 -22.66 -32.77
CA LEU A 17 30.62 -23.22 -31.67
C LEU A 17 32.04 -23.55 -32.06
N HIS A 18 32.20 -24.27 -33.16
CA HIS A 18 33.51 -24.69 -33.63
C HIS A 18 34.55 -23.59 -33.82
N SER A 19 34.14 -22.42 -34.29
CA SER A 19 35.08 -21.34 -34.49
C SER A 19 35.51 -20.68 -33.17
N ARG A 20 34.86 -21.07 -32.08
CA ARG A 20 35.15 -20.49 -30.76
C ARG A 20 35.84 -21.45 -29.80
N LEU A 21 35.32 -22.66 -29.71
CA LEU A 21 35.87 -23.69 -28.85
C LEU A 21 35.64 -25.00 -29.61
N PRO A 22 36.67 -25.48 -30.33
CA PRO A 22 36.53 -26.72 -31.09
C PRO A 22 36.39 -27.99 -30.24
N ILE A 23 35.67 -27.89 -29.15
CA ILE A 23 35.47 -29.04 -28.25
C ILE A 23 34.75 -30.18 -28.96
N VAL A 24 33.87 -29.86 -29.90
CA VAL A 24 33.14 -30.89 -30.62
C VAL A 24 34.10 -31.65 -31.54
N ALA A 25 35.06 -30.93 -32.11
CA ALA A 25 36.03 -31.55 -32.99
C ALA A 25 36.92 -32.48 -32.17
N LEU A 26 37.25 -32.08 -30.95
CA LEU A 26 38.08 -32.91 -30.09
C LEU A 26 37.38 -34.22 -29.79
N ALA A 27 36.16 -34.14 -29.28
CA ALA A 27 35.39 -35.33 -28.96
C ALA A 27 35.33 -36.22 -30.19
N TYR A 28 35.20 -35.59 -31.35
CA TYR A 28 35.14 -36.31 -32.61
C TYR A 28 36.37 -37.18 -32.80
N ASP A 29 37.54 -36.53 -32.86
CA ASP A 29 38.80 -37.24 -33.07
C ASP A 29 39.10 -38.30 -32.02
N THR A 30 38.46 -38.22 -30.87
CA THR A 30 38.68 -39.18 -29.80
C THR A 30 37.93 -40.48 -30.04
N ILE A 31 36.75 -40.36 -30.63
CA ILE A 31 35.93 -41.53 -30.89
C ILE A 31 35.76 -41.83 -32.38
N MET A 32 36.53 -41.15 -33.22
CA MET A 32 36.48 -41.39 -34.66
C MET A 32 37.86 -41.83 -35.14
N ILE A 33 38.67 -42.30 -34.18
CA ILE A 33 40.01 -42.77 -34.46
C ILE A 33 40.00 -44.14 -35.11
N PRO A 34 40.74 -44.31 -36.22
CA PRO A 34 40.79 -45.60 -36.89
C PRO A 34 41.51 -46.63 -36.02
N THR A 35 40.78 -47.70 -35.67
CA THR A 35 41.27 -48.77 -34.82
C THR A 35 41.43 -50.08 -35.59
N PRO A 36 42.51 -50.84 -35.32
CA PRO A 36 42.72 -52.11 -36.01
C PRO A 36 41.53 -53.07 -35.92
N ARG A 37 41.19 -53.68 -37.05
CA ARG A 37 40.06 -54.61 -37.20
C ARG A 37 40.11 -55.90 -36.40
N ASN A 38 41.31 -56.39 -36.13
CA ASN A 38 41.51 -57.66 -35.45
C ASN A 38 41.54 -57.71 -33.91
N LEU A 39 41.27 -56.60 -33.25
CA LEU A 39 41.29 -56.62 -31.80
C LEU A 39 40.35 -57.70 -31.26
N ASN A 40 40.78 -58.39 -30.21
CA ASN A 40 39.97 -59.44 -29.63
C ASN A 40 39.42 -59.03 -28.28
N TRP A 41 38.70 -59.94 -27.63
CA TRP A 41 38.08 -59.65 -26.36
C TRP A 41 39.01 -59.28 -25.22
N MET A 42 40.31 -59.32 -25.48
CA MET A 42 41.25 -58.94 -24.45
C MET A 42 41.43 -57.43 -24.45
N TRP A 43 40.92 -56.77 -25.50
CA TRP A 43 41.02 -55.32 -25.62
C TRP A 43 39.84 -54.58 -25.01
N ILE A 44 38.96 -55.30 -24.32
CA ILE A 44 37.79 -54.64 -23.74
C ILE A 44 37.92 -54.35 -22.25
N TRP A 45 39.09 -54.54 -21.66
CA TRP A 45 39.23 -54.28 -20.24
C TRP A 45 39.48 -52.80 -19.96
N GLY A 46 39.94 -52.08 -20.98
CA GLY A 46 40.17 -50.67 -20.79
C GLY A 46 38.86 -50.01 -20.42
N VAL A 47 37.82 -50.28 -21.21
CA VAL A 47 36.52 -49.67 -20.95
C VAL A 47 35.81 -50.23 -19.71
N VAL A 48 36.19 -51.42 -19.27
CA VAL A 48 35.59 -51.98 -18.06
C VAL A 48 36.18 -51.22 -16.89
N LEU A 49 37.41 -50.75 -17.07
CA LEU A 49 38.10 -49.98 -16.06
C LEU A 49 37.47 -48.59 -16.00
N ALA A 50 37.21 -48.03 -17.18
CA ALA A 50 36.58 -46.72 -17.27
C ALA A 50 35.32 -46.77 -16.46
N PHE A 51 34.48 -47.73 -16.79
CA PHE A 51 33.22 -47.91 -16.10
C PHE A 51 33.48 -47.99 -14.59
N CYS A 52 34.39 -48.87 -14.19
CA CYS A 52 34.71 -49.06 -12.78
C CYS A 52 35.10 -47.75 -12.09
N LEU A 53 35.95 -46.96 -12.74
CA LEU A 53 36.37 -45.70 -12.15
C LEU A 53 35.16 -44.80 -11.95
N VAL A 54 34.35 -44.67 -13.01
CA VAL A 54 33.15 -43.85 -12.90
C VAL A 54 32.22 -44.40 -11.83
N LEU A 55 31.98 -45.72 -11.86
CA LEU A 55 31.11 -46.31 -10.85
C LEU A 55 31.58 -46.02 -9.44
N GLN A 56 32.87 -46.21 -9.18
CA GLN A 56 33.43 -45.97 -7.85
C GLN A 56 33.26 -44.50 -7.46
N ILE A 57 33.61 -43.60 -8.37
CA ILE A 57 33.49 -42.17 -8.08
C ILE A 57 32.07 -41.76 -7.70
N VAL A 58 31.07 -42.05 -8.53
CA VAL A 58 29.71 -41.65 -8.17
C VAL A 58 29.16 -42.35 -6.93
N THR A 59 29.43 -43.64 -6.77
CA THR A 59 28.97 -44.34 -5.58
C THR A 59 29.72 -43.83 -4.38
N GLY A 60 30.95 -43.38 -4.63
CA GLY A 60 31.75 -42.86 -3.53
C GLY A 60 31.19 -41.55 -3.03
N ILE A 61 30.99 -40.60 -3.94
CA ILE A 61 30.44 -39.30 -3.58
C ILE A 61 29.14 -39.50 -2.80
N VAL A 62 28.29 -40.36 -3.34
CA VAL A 62 27.02 -40.66 -2.70
C VAL A 62 27.26 -41.19 -1.30
N LEU A 63 28.10 -42.20 -1.17
CA LEU A 63 28.40 -42.78 0.12
C LEU A 63 29.00 -41.78 1.10
N ALA A 64 29.89 -40.92 0.60
CA ALA A 64 30.52 -39.92 1.45
C ALA A 64 29.48 -38.98 2.05
N MET A 65 28.28 -39.00 1.48
CA MET A 65 27.18 -38.15 1.93
C MET A 65 26.52 -38.64 3.22
N HIS A 66 26.73 -39.90 3.57
CA HIS A 66 26.14 -40.47 4.77
C HIS A 66 27.16 -41.02 5.76
N TYR A 67 28.42 -41.07 5.34
CA TYR A 67 29.52 -41.59 6.16
C TYR A 67 30.21 -40.56 7.07
N THR A 68 30.43 -40.94 8.32
CA THR A 68 31.10 -40.07 9.31
C THR A 68 32.52 -40.61 9.57
N PRO A 69 33.55 -39.88 9.09
CA PRO A 69 34.92 -40.34 9.30
C PRO A 69 35.50 -40.03 10.68
N HIS A 70 35.03 -40.75 11.70
CA HIS A 70 35.51 -40.54 13.06
C HIS A 70 35.32 -41.87 13.80
N VAL A 71 36.41 -42.41 14.33
CA VAL A 71 36.40 -43.68 15.02
C VAL A 71 35.18 -43.99 15.90
N ASP A 72 34.53 -42.96 16.43
CA ASP A 72 33.36 -43.17 17.29
C ASP A 72 32.08 -43.39 16.52
N LEU A 73 32.08 -42.96 15.26
CA LEU A 73 30.89 -43.04 14.44
C LEU A 73 31.00 -43.74 13.07
N ALA A 74 32.21 -43.88 12.55
CA ALA A 74 32.42 -44.48 11.24
C ALA A 74 31.77 -45.85 11.00
N PHE A 75 32.00 -46.79 11.90
CA PHE A 75 31.43 -48.13 11.74
C PHE A 75 29.90 -48.05 11.87
N ALA A 76 29.44 -47.32 12.88
CA ALA A 76 28.02 -47.15 13.09
C ALA A 76 27.43 -46.48 11.86
N SER A 77 28.15 -45.49 11.33
CA SER A 77 27.72 -44.74 10.16
C SER A 77 27.56 -45.61 8.91
N VAL A 78 28.35 -46.67 8.78
CA VAL A 78 28.21 -47.52 7.60
C VAL A 78 27.04 -48.50 7.77
N GLU A 79 26.70 -48.85 9.01
CA GLU A 79 25.56 -49.73 9.21
C GLU A 79 24.33 -48.88 8.92
N HIS A 80 24.36 -47.62 9.36
CA HIS A 80 23.28 -46.67 9.10
C HIS A 80 22.99 -46.68 7.61
N ILE A 81 24.06 -46.68 6.81
CA ILE A 81 23.92 -46.68 5.36
C ILE A 81 23.29 -47.96 4.85
N MET A 82 23.60 -49.07 5.50
CA MET A 82 23.06 -50.37 5.11
C MET A 82 21.61 -50.54 5.51
N ARG A 83 21.26 -49.99 6.67
CA ARG A 83 19.91 -50.11 7.22
C ARG A 83 18.93 -48.96 7.02
N ASN A 84 19.42 -47.75 6.82
CA ASN A 84 18.51 -46.62 6.69
C ASN A 84 18.48 -45.90 5.36
N VAL A 85 19.65 -45.58 4.82
CA VAL A 85 19.72 -44.86 3.56
C VAL A 85 19.04 -45.66 2.43
N ASN A 86 18.10 -45.02 1.74
CA ASN A 86 17.38 -45.67 0.64
C ASN A 86 18.39 -46.28 -0.31
N GLY A 87 18.33 -47.59 -0.48
CA GLY A 87 19.26 -48.24 -1.39
C GLY A 87 20.70 -48.15 -0.91
N GLY A 88 20.88 -47.85 0.36
CA GLY A 88 22.22 -47.76 0.91
C GLY A 88 22.90 -49.10 0.84
N PHE A 89 22.25 -50.12 1.37
CA PHE A 89 22.81 -51.47 1.36
C PHE A 89 23.38 -51.81 -0.02
N MET A 90 22.64 -51.42 -1.06
CA MET A 90 23.05 -51.69 -2.42
C MET A 90 24.19 -50.79 -2.88
N LEU A 91 24.17 -49.53 -2.43
CA LEU A 91 25.23 -48.61 -2.81
C LEU A 91 26.54 -49.02 -2.18
N ARG A 92 26.48 -49.50 -0.94
CA ARG A 92 27.68 -49.94 -0.24
C ARG A 92 28.22 -51.14 -0.99
N TYR A 93 27.47 -52.25 -0.99
CA TYR A 93 27.89 -53.47 -1.68
C TYR A 93 28.41 -53.20 -3.10
N LEU A 94 27.92 -52.15 -3.75
CA LEU A 94 28.36 -51.82 -5.11
C LEU A 94 29.73 -51.13 -5.11
N HIS A 95 29.99 -50.32 -4.11
CA HIS A 95 31.28 -49.65 -4.02
C HIS A 95 32.32 -50.70 -3.65
N ALA A 96 31.97 -51.54 -2.69
CA ALA A 96 32.84 -52.61 -2.24
C ALA A 96 33.24 -53.53 -3.39
N ASN A 97 32.31 -54.37 -3.82
CA ASN A 97 32.55 -55.29 -4.92
C ASN A 97 33.05 -54.56 -6.17
N GLY A 98 32.78 -53.26 -6.24
CA GLY A 98 33.22 -52.48 -7.38
C GLY A 98 34.73 -52.45 -7.37
N ALA A 99 35.31 -52.42 -6.18
CA ALA A 99 36.75 -52.42 -6.02
C ALA A 99 37.31 -53.69 -6.64
N SER A 100 36.74 -54.83 -6.24
CA SER A 100 37.19 -56.12 -6.73
C SER A 100 37.10 -56.20 -8.24
N LEU A 101 36.05 -55.64 -8.81
CA LEU A 101 35.88 -55.64 -10.25
C LEU A 101 36.96 -54.77 -10.86
N PHE A 102 37.30 -53.69 -10.16
CA PHE A 102 38.33 -52.78 -10.64
C PHE A 102 39.67 -53.51 -10.80
N PHE A 103 40.04 -54.32 -9.82
CA PHE A 103 41.30 -55.05 -9.88
C PHE A 103 41.29 -56.26 -10.81
N ILE A 104 40.24 -57.05 -10.78
CA ILE A 104 40.14 -58.20 -11.66
C ILE A 104 40.42 -57.69 -13.07
N ALA A 105 39.92 -56.49 -13.36
CA ALA A 105 40.10 -55.87 -14.66
C ALA A 105 41.51 -55.36 -14.96
N VAL A 106 42.18 -54.74 -13.97
CA VAL A 106 43.55 -54.26 -14.25
C VAL A 106 44.47 -55.42 -14.52
N TYR A 107 44.38 -56.44 -13.68
CA TYR A 107 45.24 -57.58 -13.85
C TYR A 107 45.06 -58.16 -15.26
N LEU A 108 43.81 -58.31 -15.69
CA LEU A 108 43.56 -58.82 -17.04
C LEU A 108 44.09 -57.78 -18.05
N HIS A 109 43.84 -56.51 -17.75
CA HIS A 109 44.29 -55.41 -18.60
C HIS A 109 45.83 -55.46 -18.68
N ILE A 110 46.49 -55.62 -17.53
CA ILE A 110 47.95 -55.70 -17.46
C ILE A 110 48.51 -56.91 -18.19
N PHE A 111 48.05 -58.11 -17.81
CA PHE A 111 48.54 -59.32 -18.44
C PHE A 111 48.30 -59.35 -19.94
N ARG A 112 47.28 -58.63 -20.39
CA ARG A 112 47.01 -58.55 -21.81
C ARG A 112 48.23 -57.82 -22.39
N GLY A 113 48.61 -56.74 -21.73
CA GLY A 113 49.75 -55.96 -22.17
C GLY A 113 51.04 -56.75 -22.20
N LEU A 114 51.31 -57.50 -21.15
CA LEU A 114 52.52 -58.30 -21.07
C LEU A 114 52.65 -59.29 -22.22
N TYR A 115 51.55 -59.95 -22.57
CA TYR A 115 51.57 -60.93 -23.65
C TYR A 115 51.69 -60.35 -25.06
N TYR A 116 51.00 -59.26 -25.34
CA TYR A 116 51.05 -58.67 -26.68
C TYR A 116 52.13 -57.60 -26.89
N GLY A 117 52.94 -57.35 -25.86
CA GLY A 117 54.00 -56.35 -25.98
C GLY A 117 53.43 -54.95 -26.22
N SER A 118 52.29 -54.66 -25.59
CA SER A 118 51.66 -53.35 -25.73
C SER A 118 52.49 -52.31 -24.97
N TYR A 119 53.48 -52.78 -24.23
CA TYR A 119 54.37 -51.92 -23.45
C TYR A 119 55.65 -51.61 -24.21
N LYS A 120 55.84 -52.30 -25.33
CA LYS A 120 57.03 -52.17 -26.19
C LYS A 120 56.97 -50.97 -27.12
N ALA A 121 58.09 -50.23 -27.24
CA ALA A 121 58.18 -49.04 -28.10
C ALA A 121 57.17 -49.11 -29.23
N PRO A 122 56.51 -47.98 -29.55
CA PRO A 122 56.68 -46.68 -28.92
C PRO A 122 55.69 -46.44 -27.77
N ARG A 123 55.16 -47.52 -27.21
CA ARG A 123 54.17 -47.43 -26.13
C ARG A 123 54.67 -47.42 -24.70
N GLU A 124 55.91 -46.97 -24.48
CA GLU A 124 56.45 -46.96 -23.13
C GLU A 124 55.76 -45.97 -22.20
N VAL A 125 55.40 -44.80 -22.70
CA VAL A 125 54.73 -43.80 -21.88
C VAL A 125 53.34 -44.29 -21.48
N THR A 126 52.62 -44.90 -22.42
CA THR A 126 51.29 -45.41 -22.12
C THR A 126 51.51 -46.32 -20.92
N TRP A 127 52.47 -47.22 -21.06
CA TRP A 127 52.78 -48.18 -20.01
C TRP A 127 53.16 -47.55 -18.68
N ILE A 128 54.11 -46.62 -18.69
CA ILE A 128 54.50 -45.98 -17.44
C ILE A 128 53.33 -45.30 -16.76
N VAL A 129 52.58 -44.47 -17.50
CA VAL A 129 51.42 -43.80 -16.92
C VAL A 129 50.52 -44.87 -16.30
N GLY A 130 50.36 -45.98 -17.03
CA GLY A 130 49.53 -47.06 -16.55
C GLY A 130 49.99 -47.48 -15.17
N MET A 131 51.29 -47.70 -15.04
CA MET A 131 51.85 -48.12 -13.76
C MET A 131 51.51 -47.14 -12.65
N LEU A 132 51.49 -45.85 -12.98
CA LEU A 132 51.18 -44.83 -11.98
C LEU A 132 49.73 -44.99 -11.52
N ILE A 133 48.84 -45.26 -12.47
CA ILE A 133 47.44 -45.49 -12.12
C ILE A 133 47.38 -46.66 -11.16
N TYR A 134 48.10 -47.72 -11.50
CA TYR A 134 48.11 -48.91 -10.65
C TYR A 134 48.49 -48.60 -9.21
N LEU A 135 49.56 -47.84 -9.02
CA LEU A 135 49.96 -47.50 -7.67
C LEU A 135 48.84 -46.68 -7.03
N ALA A 136 48.37 -45.67 -7.74
CA ALA A 136 47.28 -44.84 -7.23
C ALA A 136 46.08 -45.70 -6.85
N MET A 137 45.70 -46.61 -7.75
CA MET A 137 44.58 -47.50 -7.49
C MET A 137 44.77 -48.22 -6.17
N MET A 138 45.92 -48.89 -6.02
CA MET A 138 46.19 -49.61 -4.79
C MET A 138 46.14 -48.73 -3.55
N ALA A 139 46.74 -47.55 -3.62
CA ALA A 139 46.71 -46.63 -2.49
C ALA A 139 45.26 -46.28 -2.17
N THR A 140 44.50 -45.94 -3.22
CA THR A 140 43.10 -45.59 -3.04
C THR A 140 42.32 -46.72 -2.38
N ALA A 141 42.36 -47.91 -2.97
CA ALA A 141 41.64 -49.05 -2.42
C ALA A 141 42.06 -49.28 -0.98
N PHE A 142 43.36 -49.15 -0.70
CA PHE A 142 43.84 -49.34 0.65
C PHE A 142 43.15 -48.41 1.64
N MET A 143 43.21 -47.10 1.38
CA MET A 143 42.57 -46.14 2.28
C MET A 143 41.07 -46.34 2.37
N GLY A 144 40.42 -46.65 1.25
CA GLY A 144 38.99 -46.86 1.28
C GLY A 144 38.61 -47.94 2.26
N TYR A 145 39.29 -49.08 2.15
CA TYR A 145 39.04 -50.23 3.01
C TYR A 145 39.15 -49.93 4.50
N VAL A 146 39.90 -48.88 4.85
CA VAL A 146 40.07 -48.52 6.25
C VAL A 146 38.84 -47.83 6.85
N LEU A 147 38.18 -47.01 6.03
CA LEU A 147 37.01 -46.25 6.45
C LEU A 147 35.93 -46.95 7.29
N PRO A 148 35.54 -48.19 6.93
CA PRO A 148 34.50 -48.86 7.75
C PRO A 148 34.91 -48.94 9.23
N TRP A 149 36.22 -49.00 9.46
CA TRP A 149 36.83 -49.10 10.79
C TRP A 149 36.48 -50.42 11.47
N GLY A 150 36.55 -51.49 10.70
CA GLY A 150 36.27 -52.81 11.23
C GLY A 150 37.62 -53.40 11.60
N GLN A 151 37.64 -54.65 12.05
CA GLN A 151 38.90 -55.27 12.41
C GLN A 151 39.92 -55.28 11.28
N MET A 152 39.53 -55.80 10.12
CA MET A 152 40.45 -55.86 8.99
C MET A 152 40.89 -54.45 8.61
N SER A 153 40.01 -53.47 8.82
CA SER A 153 40.32 -52.09 8.51
C SER A 153 41.46 -51.55 9.34
N PHE A 154 41.35 -51.71 10.66
CA PHE A 154 42.35 -51.22 11.61
C PHE A 154 43.73 -51.84 11.46
N TRP A 155 43.80 -53.16 11.49
CA TRP A 155 45.07 -53.86 11.39
C TRP A 155 45.69 -53.73 10.01
N GLY A 156 44.84 -53.58 9.01
CA GLY A 156 45.33 -53.42 7.66
C GLY A 156 46.01 -52.06 7.68
N ALA A 157 45.36 -51.12 8.36
CA ALA A 157 45.88 -49.76 8.48
C ALA A 157 47.22 -49.77 9.21
N THR A 158 47.32 -50.57 10.26
CA THR A 158 48.54 -50.69 11.04
C THR A 158 49.69 -51.24 10.21
N VAL A 159 49.47 -52.41 9.64
CA VAL A 159 50.48 -53.09 8.83
C VAL A 159 51.00 -52.31 7.63
N ILE A 160 50.14 -51.53 6.99
CA ILE A 160 50.55 -50.77 5.83
C ILE A 160 51.29 -49.46 6.14
N THR A 161 50.93 -48.80 7.22
CA THR A 161 51.64 -47.60 7.60
C THR A 161 53.01 -48.13 8.07
N GLY A 162 52.97 -49.29 8.72
CA GLY A 162 54.17 -49.91 9.21
C GLY A 162 55.24 -50.14 8.15
N LEU A 163 54.82 -50.40 6.92
CA LEU A 163 55.74 -50.65 5.82
C LEU A 163 56.75 -49.52 5.71
N PHE A 164 56.31 -48.31 6.00
CA PHE A 164 57.17 -47.15 5.88
C PHE A 164 58.12 -47.01 7.05
N GLY A 165 57.77 -47.61 8.19
CA GLY A 165 58.63 -47.56 9.36
C GLY A 165 59.66 -48.67 9.27
N ALA A 166 59.92 -49.12 8.05
CA ALA A 166 60.91 -50.16 7.80
C ALA A 166 62.03 -49.55 6.95
N ILE A 167 61.81 -48.33 6.51
CA ILE A 167 62.81 -47.63 5.72
C ILE A 167 63.89 -47.26 6.71
N PRO A 168 65.15 -47.64 6.41
CA PRO A 168 66.26 -47.32 7.31
C PRO A 168 66.40 -45.81 7.54
N GLY A 169 66.62 -45.41 8.78
CA GLY A 169 66.79 -43.99 9.09
C GLY A 169 65.57 -43.12 9.20
N ILE A 170 65.01 -42.72 8.05
CA ILE A 170 63.84 -41.84 8.03
C ILE A 170 62.52 -42.54 8.38
N GLY A 171 62.55 -43.88 8.33
CA GLY A 171 61.39 -44.70 8.62
C GLY A 171 60.41 -44.34 9.71
N HIS A 172 60.84 -44.33 10.97
CA HIS A 172 59.93 -44.02 12.06
C HIS A 172 59.30 -42.64 11.92
N SER A 173 60.00 -41.74 11.24
CA SER A 173 59.48 -40.39 11.03
C SER A 173 58.31 -40.45 10.07
N ILE A 174 58.59 -40.94 8.87
CA ILE A 174 57.57 -41.07 7.84
C ILE A 174 56.33 -41.75 8.42
N GLN A 175 56.53 -42.84 9.15
CA GLN A 175 55.41 -43.56 9.76
C GLN A 175 54.61 -42.76 10.77
N THR A 176 55.28 -41.94 11.57
CA THR A 176 54.58 -41.13 12.58
C THR A 176 53.78 -40.01 11.92
N TRP A 177 54.26 -39.59 10.76
CA TRP A 177 53.63 -38.52 9.98
C TRP A 177 52.38 -39.07 9.31
N LEU A 178 52.47 -40.31 8.83
CA LEU A 178 51.31 -40.93 8.19
C LEU A 178 50.21 -41.17 9.20
N LEU A 179 50.59 -41.49 10.44
CA LEU A 179 49.62 -41.76 11.49
C LEU A 179 49.20 -40.54 12.30
N GLY A 180 49.93 -39.43 12.20
CA GLY A 180 49.58 -38.25 12.95
C GLY A 180 49.55 -38.56 14.43
N GLY A 181 50.21 -39.65 14.82
CA GLY A 181 50.26 -40.06 16.21
C GLY A 181 51.11 -41.29 16.46
N PRO A 182 51.12 -41.82 17.70
CA PRO A 182 51.90 -43.00 18.07
C PRO A 182 51.22 -44.33 17.73
N ALA A 183 50.05 -44.26 17.12
CA ALA A 183 49.33 -45.46 16.75
C ALA A 183 48.28 -45.11 15.71
N VAL A 184 47.60 -46.12 15.21
CA VAL A 184 46.55 -45.88 14.24
C VAL A 184 45.39 -45.38 15.11
N ASP A 185 44.89 -44.19 14.79
CA ASP A 185 43.80 -43.63 15.58
C ASP A 185 42.95 -42.69 14.74
N ASN A 186 42.09 -41.92 15.39
CA ASN A 186 41.22 -40.99 14.68
C ASN A 186 41.95 -40.11 13.67
N ALA A 187 43.09 -39.55 14.07
CA ALA A 187 43.85 -38.70 13.15
C ALA A 187 44.17 -39.46 11.86
N THR A 188 44.41 -40.77 11.97
CA THR A 188 44.71 -41.56 10.79
C THR A 188 43.46 -41.75 9.95
N LEU A 189 42.37 -42.18 10.57
CA LEU A 189 41.12 -42.36 9.87
C LEU A 189 40.72 -41.10 9.12
N ASN A 190 40.75 -39.98 9.84
CA ASN A 190 40.37 -38.67 9.31
C ASN A 190 41.15 -38.21 8.08
N ARG A 191 42.44 -38.52 8.01
CA ARG A 191 43.23 -38.11 6.85
C ARG A 191 43.10 -39.11 5.72
N PHE A 192 42.79 -40.36 6.05
CA PHE A 192 42.60 -41.37 5.02
C PHE A 192 41.33 -41.01 4.28
N PHE A 193 40.34 -40.57 5.02
CA PHE A 193 39.09 -40.18 4.37
C PHE A 193 39.38 -39.11 3.33
N SER A 194 40.04 -38.04 3.76
CA SER A 194 40.35 -36.95 2.84
C SER A 194 41.12 -37.43 1.62
N LEU A 195 42.14 -38.26 1.83
CA LEU A 195 42.92 -38.75 0.71
C LEU A 195 42.17 -39.74 -0.18
N HIS A 196 41.28 -40.54 0.42
CA HIS A 196 40.52 -41.51 -0.36
C HIS A 196 39.63 -40.74 -1.32
N TYR A 197 39.15 -39.59 -0.88
CA TYR A 197 38.27 -38.77 -1.73
C TYR A 197 39.10 -38.15 -2.85
N LEU A 198 40.27 -37.63 -2.48
CA LEU A 198 41.16 -36.98 -3.46
C LEU A 198 41.82 -37.83 -4.53
N LEU A 199 42.35 -38.99 -4.15
CA LEU A 199 43.03 -39.86 -5.12
C LEU A 199 42.30 -40.25 -6.39
N PRO A 200 41.02 -40.62 -6.29
CA PRO A 200 40.28 -40.99 -7.50
C PRO A 200 40.33 -39.93 -8.59
N PHE A 201 40.39 -38.67 -8.18
CA PHE A 201 40.46 -37.57 -9.15
C PHE A 201 41.83 -37.54 -9.81
N VAL A 202 42.84 -37.97 -9.09
CA VAL A 202 44.19 -37.99 -9.65
C VAL A 202 44.22 -39.12 -10.66
N ILE A 203 43.64 -40.26 -10.30
CA ILE A 203 43.59 -41.40 -11.21
C ILE A 203 42.90 -40.93 -12.48
N ALA A 204 41.78 -40.25 -12.31
CA ALA A 204 40.99 -39.74 -13.42
C ALA A 204 41.85 -38.90 -14.36
N ALA A 205 42.61 -37.96 -13.79
CA ALA A 205 43.47 -37.10 -14.59
C ALA A 205 44.54 -37.92 -15.29
N LEU A 206 45.06 -38.92 -14.59
CA LEU A 206 46.08 -39.77 -15.17
C LEU A 206 45.45 -40.55 -16.32
N VAL A 207 44.24 -41.05 -16.10
CA VAL A 207 43.56 -41.80 -17.15
C VAL A 207 43.42 -40.94 -18.40
N ALA A 208 43.20 -39.64 -18.19
CA ALA A 208 43.07 -38.74 -19.33
C ALA A 208 44.36 -38.82 -20.13
N ILE A 209 45.50 -38.71 -19.44
CA ILE A 209 46.80 -38.77 -20.10
C ILE A 209 47.06 -40.15 -20.71
N HIS A 210 46.63 -41.19 -20.00
CA HIS A 210 46.78 -42.58 -20.45
C HIS A 210 46.16 -42.66 -21.85
N ILE A 211 44.90 -42.25 -21.93
CA ILE A 211 44.14 -42.23 -23.18
C ILE A 211 44.88 -41.46 -24.25
N TRP A 212 45.26 -40.23 -23.90
CA TRP A 212 45.97 -39.37 -24.82
C TRP A 212 47.20 -40.13 -25.31
N ALA A 213 47.86 -40.84 -24.41
CA ALA A 213 49.05 -41.61 -24.75
C ALA A 213 48.85 -42.58 -25.92
N PHE A 214 47.89 -43.50 -25.82
CA PHE A 214 47.72 -44.43 -26.94
C PHE A 214 47.05 -43.84 -28.17
N HIS A 215 46.37 -42.72 -28.03
CA HIS A 215 45.77 -42.11 -29.21
C HIS A 215 46.92 -41.51 -30.03
N SER A 216 48.01 -41.19 -29.34
CA SER A 216 49.18 -40.61 -29.98
C SER A 216 49.96 -41.64 -30.79
N THR A 217 49.96 -42.90 -30.35
CA THR A 217 50.69 -43.95 -31.05
C THR A 217 49.78 -44.87 -31.85
N GLY A 218 48.52 -44.93 -31.44
CA GLY A 218 47.58 -45.81 -32.08
C GLY A 218 47.58 -47.06 -31.22
N ASN A 219 46.44 -47.75 -31.16
CA ASN A 219 46.35 -48.94 -30.33
C ASN A 219 47.12 -50.08 -30.95
N ASN A 220 47.65 -50.94 -30.10
CA ASN A 220 48.40 -52.11 -30.54
C ASN A 220 47.34 -53.18 -30.77
N ASN A 221 47.58 -54.07 -31.73
CA ASN A 221 46.62 -55.14 -32.01
C ASN A 221 47.27 -56.47 -31.66
N PRO A 222 46.50 -57.57 -31.68
CA PRO A 222 47.03 -58.89 -31.36
C PRO A 222 48.20 -59.42 -32.20
N THR A 223 48.50 -58.78 -33.32
CA THR A 223 49.61 -59.24 -34.17
C THR A 223 50.88 -58.41 -34.00
N GLY A 224 50.78 -57.33 -33.24
CA GLY A 224 51.94 -56.49 -33.03
C GLY A 224 52.38 -55.76 -34.31
N VAL A 225 51.61 -55.93 -35.38
CA VAL A 225 51.92 -55.28 -36.65
C VAL A 225 51.16 -53.96 -36.71
N GLU A 226 51.89 -52.86 -36.91
CA GLU A 226 51.27 -51.54 -36.98
C GLU A 226 50.30 -51.35 -38.14
N VAL A 227 49.44 -50.36 -38.00
CA VAL A 227 48.47 -50.02 -39.04
C VAL A 227 49.30 -49.33 -40.11
N ARG A 228 48.94 -49.53 -41.38
CA ARG A 228 49.67 -48.87 -42.46
C ARG A 228 49.31 -47.40 -42.47
N ARG A 229 50.32 -46.54 -42.61
CA ARG A 229 50.07 -45.09 -42.61
C ARG A 229 50.59 -44.37 -43.85
N THR A 230 50.63 -45.07 -44.97
CA THR A 230 51.12 -44.47 -46.21
C THR A 230 49.99 -43.89 -47.06
N SER A 231 48.75 -44.21 -46.71
CA SER A 231 47.59 -43.70 -47.45
C SER A 231 46.27 -44.13 -46.79
N LYS A 232 45.34 -43.20 -46.70
CA LYS A 232 44.03 -43.48 -46.12
C LYS A 232 43.49 -44.77 -46.74
N ALA A 233 43.85 -44.99 -48.00
CA ALA A 233 43.44 -46.17 -48.76
C ALA A 233 43.73 -47.48 -48.04
N GLU A 234 45.02 -47.77 -47.81
CA GLU A 234 45.39 -49.00 -47.14
C GLU A 234 45.24 -48.92 -45.63
N ALA A 235 45.23 -47.70 -45.09
CA ALA A 235 45.07 -47.51 -43.66
C ALA A 235 43.70 -48.06 -43.27
N GLN A 236 42.73 -47.85 -44.15
CA GLN A 236 41.38 -48.33 -43.94
C GLN A 236 41.26 -49.83 -44.14
N LYS A 237 42.24 -50.43 -44.79
CA LYS A 237 42.23 -51.88 -45.02
C LYS A 237 42.62 -52.58 -43.72
N ASP A 238 43.37 -51.88 -42.87
CA ASP A 238 43.79 -52.42 -41.58
C ASP A 238 42.84 -52.02 -40.45
N THR A 239 42.18 -50.89 -40.61
CA THR A 239 41.29 -50.36 -39.57
C THR A 239 39.80 -50.24 -39.91
N VAL A 240 39.07 -49.74 -38.91
CA VAL A 240 37.64 -49.47 -38.99
C VAL A 240 37.50 -48.31 -38.00
N PRO A 241 36.60 -47.36 -38.25
CA PRO A 241 36.47 -46.25 -37.31
C PRO A 241 36.01 -46.73 -35.94
N PHE A 242 36.53 -46.11 -34.89
CA PHE A 242 36.15 -46.51 -33.54
C PHE A 242 34.64 -46.52 -33.38
N TRP A 243 33.98 -45.50 -33.90
CA TRP A 243 32.52 -45.42 -33.84
C TRP A 243 31.99 -45.85 -35.20
N PRO A 244 30.97 -46.73 -35.24
CA PRO A 244 30.25 -47.36 -34.12
C PRO A 244 30.78 -48.73 -33.74
N TYR A 245 31.68 -49.26 -34.56
CA TYR A 245 32.25 -50.59 -34.34
C TYR A 245 32.71 -50.94 -32.93
N PHE A 246 33.70 -50.20 -32.41
CA PHE A 246 34.16 -50.53 -31.09
C PHE A 246 33.32 -49.95 -29.95
N ILE A 247 32.65 -48.82 -30.19
CA ILE A 247 31.78 -48.25 -29.17
C ILE A 247 30.72 -49.30 -28.84
N ILE A 248 30.20 -49.95 -29.87
CA ILE A 248 29.16 -50.97 -29.69
C ILE A 248 29.67 -52.24 -29.04
N LYS A 249 30.80 -52.73 -29.52
CA LYS A 249 31.39 -53.93 -28.96
C LYS A 249 31.56 -53.68 -27.47
N ASP A 250 32.05 -52.49 -27.12
CA ASP A 250 32.27 -52.12 -25.73
C ASP A 250 31.00 -52.17 -24.89
N VAL A 251 29.94 -51.53 -25.36
CA VAL A 251 28.69 -51.56 -24.61
C VAL A 251 28.24 -53.00 -24.46
N PHE A 252 28.40 -53.80 -25.52
CA PHE A 252 28.01 -55.20 -25.46
C PHE A 252 28.83 -55.89 -24.37
N ALA A 253 30.16 -55.71 -24.43
CA ALA A 253 31.04 -56.31 -23.44
C ALA A 253 30.66 -55.86 -22.04
N LEU A 254 30.42 -54.57 -21.88
CA LEU A 254 30.04 -54.01 -20.59
C LEU A 254 28.78 -54.63 -20.02
N ALA A 255 27.81 -54.91 -20.88
CA ALA A 255 26.55 -55.51 -20.46
C ALA A 255 26.80 -56.90 -19.90
N VAL A 256 27.65 -57.67 -20.57
CA VAL A 256 27.96 -59.02 -20.11
C VAL A 256 28.73 -58.97 -18.79
N VAL A 257 29.70 -58.06 -18.70
CA VAL A 257 30.46 -57.93 -17.46
C VAL A 257 29.53 -57.51 -16.33
N LEU A 258 28.74 -56.47 -16.57
CA LEU A 258 27.81 -55.98 -15.57
C LEU A 258 26.80 -57.03 -15.15
N LEU A 259 26.47 -57.93 -16.07
CA LEU A 259 25.52 -58.99 -15.78
C LEU A 259 26.09 -59.87 -14.67
N VAL A 260 27.33 -60.31 -14.86
CA VAL A 260 27.99 -61.15 -13.85
C VAL A 260 28.17 -60.32 -12.58
N PHE A 261 28.65 -59.10 -12.74
CA PHE A 261 28.89 -58.20 -11.61
C PHE A 261 27.64 -58.02 -10.74
N PHE A 262 26.51 -57.73 -11.37
CA PHE A 262 25.28 -57.54 -10.63
C PHE A 262 24.78 -58.83 -10.00
N ALA A 263 25.08 -59.95 -10.65
CA ALA A 263 24.69 -61.24 -10.11
C ALA A 263 25.45 -61.38 -8.80
N ILE A 264 26.71 -60.95 -8.83
CA ILE A 264 27.56 -61.02 -7.64
C ILE A 264 27.01 -60.14 -6.53
N VAL A 265 26.79 -58.87 -6.84
CA VAL A 265 26.29 -57.92 -5.84
C VAL A 265 24.91 -58.31 -5.33
N GLY A 266 24.06 -58.80 -6.23
CA GLY A 266 22.72 -59.18 -5.83
C GLY A 266 22.64 -60.41 -4.97
N PHE A 267 23.35 -61.47 -5.37
CA PHE A 267 23.28 -62.73 -4.65
C PHE A 267 24.42 -63.15 -3.71
N MET A 268 25.65 -62.74 -4.01
CA MET A 268 26.76 -63.12 -3.14
C MET A 268 27.71 -61.94 -2.92
N PRO A 269 27.16 -60.83 -2.39
CA PRO A 269 27.83 -59.57 -2.08
C PRO A 269 29.02 -59.64 -1.13
N ASN A 270 29.02 -60.63 -0.24
CA ASN A 270 30.09 -60.78 0.74
C ASN A 270 31.10 -61.88 0.47
N TYR A 271 31.04 -62.50 -0.70
CA TYR A 271 31.97 -63.56 -1.03
C TYR A 271 33.44 -63.08 -1.08
N LEU A 272 33.69 -62.05 -1.88
CA LEU A 272 35.03 -61.49 -2.06
C LEU A 272 35.49 -60.62 -0.89
N GLY A 273 34.84 -60.77 0.26
CA GLY A 273 35.19 -59.97 1.42
C GLY A 273 35.67 -60.77 2.61
N HIS A 274 35.95 -60.08 3.71
CA HIS A 274 36.43 -60.73 4.92
C HIS A 274 35.45 -60.50 6.07
N PRO A 275 34.81 -61.57 6.56
CA PRO A 275 33.84 -61.54 7.67
C PRO A 275 34.26 -60.72 8.88
N ASP A 276 35.57 -60.67 9.14
CA ASP A 276 36.06 -59.94 10.29
C ASP A 276 35.85 -58.44 10.24
N ASN A 277 35.70 -57.87 9.05
CA ASN A 277 35.50 -56.43 9.00
C ASN A 277 34.07 -56.07 9.36
N TYR A 278 33.30 -57.05 9.82
CA TYR A 278 31.92 -56.84 10.27
C TYR A 278 32.00 -56.81 11.79
N ILE A 279 33.24 -56.74 12.28
CA ILE A 279 33.52 -56.66 13.71
C ILE A 279 34.24 -55.33 13.90
N GLU A 280 33.79 -54.54 14.87
CA GLU A 280 34.38 -53.25 15.13
C GLU A 280 35.86 -53.37 15.47
N ALA A 281 36.65 -52.45 14.92
CA ALA A 281 38.08 -52.43 15.15
C ALA A 281 38.39 -52.49 16.64
N ASN A 282 39.32 -53.37 16.98
CA ASN A 282 39.75 -53.53 18.37
C ASN A 282 41.25 -53.30 18.37
N PRO A 283 41.71 -52.17 18.91
CA PRO A 283 43.16 -51.93 18.92
C PRO A 283 43.95 -52.81 19.87
N LEU A 284 43.28 -53.71 20.59
CA LEU A 284 43.98 -54.57 21.55
C LEU A 284 44.06 -56.03 21.15
N SER A 285 43.63 -56.34 19.94
CA SER A 285 43.63 -57.72 19.49
C SER A 285 43.55 -57.80 17.97
N THR A 286 44.35 -58.69 17.39
CA THR A 286 44.34 -58.87 15.96
C THR A 286 43.72 -60.23 15.63
N PRO A 287 42.64 -60.24 14.83
CA PRO A 287 41.96 -61.49 14.45
C PRO A 287 42.93 -62.55 14.00
N ALA A 288 42.78 -63.74 14.58
CA ALA A 288 43.65 -64.86 14.27
C ALA A 288 43.66 -65.16 12.77
N HIS A 289 42.58 -64.87 12.08
CA HIS A 289 42.51 -65.15 10.65
C HIS A 289 42.60 -63.95 9.72
N ILE A 290 43.21 -62.88 10.21
CA ILE A 290 43.40 -61.67 9.42
C ILE A 290 43.98 -62.11 8.07
N VAL A 291 43.61 -61.41 6.99
CA VAL A 291 44.07 -61.73 5.65
C VAL A 291 43.85 -60.56 4.67
N PRO A 292 44.91 -60.13 3.96
CA PRO A 292 44.74 -59.01 3.02
C PRO A 292 43.60 -59.26 2.04
N GLU A 293 43.23 -58.20 1.33
CA GLU A 293 42.17 -58.26 0.32
C GLU A 293 42.75 -59.05 -0.84
N TRP A 294 41.96 -59.96 -1.42
CA TRP A 294 42.47 -60.79 -2.50
C TRP A 294 43.31 -60.06 -3.54
N TYR A 295 42.89 -58.88 -3.99
CA TYR A 295 43.69 -58.17 -4.98
C TYR A 295 45.06 -57.73 -4.44
N PHE A 296 45.26 -57.87 -3.12
CA PHE A 296 46.55 -57.51 -2.51
C PHE A 296 47.37 -58.75 -2.18
N LEU A 297 46.72 -59.91 -2.16
CA LEU A 297 47.37 -61.16 -1.82
C LEU A 297 48.69 -61.50 -2.52
N PRO A 298 48.72 -61.49 -3.87
CA PRO A 298 49.99 -61.82 -4.48
C PRO A 298 51.23 -61.07 -3.97
N PHE A 299 51.11 -59.75 -3.80
CA PHE A 299 52.23 -58.97 -3.32
C PHE A 299 52.51 -59.18 -1.84
N TYR A 300 51.45 -59.52 -1.09
CA TYR A 300 51.56 -59.78 0.33
C TYR A 300 52.32 -61.10 0.51
N ALA A 301 52.12 -62.01 -0.45
CA ALA A 301 52.78 -63.30 -0.45
C ALA A 301 54.28 -63.11 -0.60
N ILE A 302 54.66 -62.28 -1.55
CA ILE A 302 56.07 -61.99 -1.82
C ILE A 302 56.74 -61.40 -0.59
N LEU A 303 56.02 -60.54 0.13
CA LEU A 303 56.57 -59.90 1.30
C LEU A 303 56.86 -60.86 2.44
N ARG A 304 55.91 -61.70 2.82
CA ARG A 304 56.18 -62.62 3.93
C ARG A 304 56.88 -63.93 3.55
N ALA A 305 57.34 -64.04 2.32
CA ALA A 305 58.07 -65.23 1.90
C ALA A 305 59.48 -65.07 2.47
N PHE A 306 59.89 -63.82 2.66
CA PHE A 306 61.21 -63.50 3.16
C PHE A 306 61.40 -63.34 4.66
N THR A 307 61.66 -64.46 5.32
CA THR A 307 61.89 -64.49 6.76
C THR A 307 63.38 -64.45 7.02
N ALA A 308 63.74 -64.47 8.29
CA ALA A 308 65.13 -64.42 8.71
C ALA A 308 65.93 -65.61 8.20
N ASP A 309 65.34 -66.80 8.24
CA ASP A 309 66.07 -67.99 7.82
C ASP A 309 66.21 -68.21 6.32
N VAL A 310 65.89 -67.20 5.51
CA VAL A 310 66.08 -67.33 4.07
C VAL A 310 67.52 -66.88 3.81
N TRP A 311 68.36 -67.78 3.29
CA TRP A 311 69.76 -67.41 3.07
C TRP A 311 70.01 -66.09 2.33
N VAL A 312 69.24 -65.79 1.27
CA VAL A 312 69.49 -64.52 0.58
C VAL A 312 69.26 -63.36 1.55
N VAL A 313 68.39 -63.56 2.52
CA VAL A 313 68.14 -62.50 3.49
C VAL A 313 69.38 -62.49 4.38
N GLN A 314 69.82 -63.68 4.80
CA GLN A 314 71.01 -63.79 5.63
C GLN A 314 72.21 -63.15 4.94
N ILE A 315 72.39 -63.46 3.66
CA ILE A 315 73.50 -62.89 2.90
C ILE A 315 73.35 -61.37 2.92
N ALA A 316 72.24 -60.90 2.35
CA ALA A 316 71.92 -59.48 2.28
C ALA A 316 72.09 -58.78 3.61
N ASN A 317 71.61 -59.40 4.67
CA ASN A 317 71.70 -58.86 6.02
C ASN A 317 73.15 -58.55 6.41
N PHE A 318 74.00 -59.57 6.27
CA PHE A 318 75.43 -59.50 6.58
C PHE A 318 76.17 -58.53 5.65
N ILE A 319 76.04 -58.75 4.34
CA ILE A 319 76.66 -57.94 3.29
C ILE A 319 76.25 -56.47 3.37
N SER A 320 75.39 -56.14 4.34
CA SER A 320 74.93 -54.76 4.49
C SER A 320 74.94 -54.30 5.94
N PHE A 321 75.64 -55.03 6.79
CA PHE A 321 75.76 -54.70 8.20
C PHE A 321 74.46 -54.59 8.98
N GLY A 322 73.54 -55.51 8.72
CA GLY A 322 72.28 -55.50 9.44
C GLY A 322 71.29 -54.41 9.08
N ILE A 323 71.57 -53.63 8.03
CA ILE A 323 70.62 -52.61 7.62
C ILE A 323 69.47 -53.34 6.97
N ILE A 324 69.77 -54.03 5.87
CA ILE A 324 68.74 -54.77 5.15
C ILE A 324 68.39 -56.07 5.84
N ASP A 325 67.55 -56.00 6.86
CA ASP A 325 67.15 -57.19 7.57
C ASP A 325 65.96 -57.82 6.85
N ALA A 326 65.37 -58.86 7.43
CA ALA A 326 64.22 -59.51 6.81
C ALA A 326 63.09 -58.52 6.58
N LYS A 327 62.74 -57.79 7.62
CA LYS A 327 61.67 -56.81 7.54
C LYS A 327 61.78 -55.93 6.31
N PHE A 328 62.86 -55.17 6.24
CA PHE A 328 63.09 -54.27 5.10
C PHE A 328 63.29 -54.99 3.77
N PHE A 329 63.79 -56.24 3.82
CA PHE A 329 64.00 -57.00 2.59
C PHE A 329 62.64 -57.36 1.99
N GLY A 330 61.73 -57.79 2.86
CA GLY A 330 60.39 -58.14 2.38
C GLY A 330 59.74 -56.95 1.71
N VAL A 331 59.87 -55.78 2.35
CA VAL A 331 59.30 -54.55 1.82
C VAL A 331 59.88 -54.26 0.44
N LEU A 332 61.20 -54.30 0.34
CA LEU A 332 61.88 -54.04 -0.93
C LEU A 332 61.50 -55.07 -1.98
N ALA A 333 61.23 -56.29 -1.55
CA ALA A 333 60.85 -57.35 -2.48
C ALA A 333 59.49 -57.01 -3.07
N MET A 334 58.55 -56.66 -2.19
CA MET A 334 57.20 -56.33 -2.61
C MET A 334 57.13 -55.17 -3.60
N PHE A 335 57.69 -54.01 -3.23
CA PHE A 335 57.68 -52.87 -4.13
C PHE A 335 58.57 -53.14 -5.33
N GLY A 336 59.57 -53.99 -5.14
CA GLY A 336 60.48 -54.34 -6.22
C GLY A 336 59.74 -55.16 -7.27
N ALA A 337 58.86 -56.04 -6.82
CA ALA A 337 58.09 -56.87 -7.72
C ALA A 337 57.28 -55.98 -8.66
N ILE A 338 56.72 -54.92 -8.09
CA ILE A 338 55.93 -53.97 -8.87
C ILE A 338 56.84 -53.14 -9.77
N LEU A 339 57.90 -52.58 -9.18
CA LEU A 339 58.84 -51.77 -9.95
C LEU A 339 59.41 -52.54 -11.12
N VAL A 340 59.78 -53.78 -10.88
CA VAL A 340 60.37 -54.60 -11.93
C VAL A 340 59.39 -54.65 -13.11
N MET A 341 58.12 -54.87 -12.81
CA MET A 341 57.08 -54.94 -13.83
C MET A 341 57.01 -53.64 -14.62
N ALA A 342 57.20 -52.52 -13.96
CA ALA A 342 57.15 -51.22 -14.61
C ALA A 342 58.32 -51.04 -15.57
N LEU A 343 59.40 -51.75 -15.31
CA LEU A 343 60.60 -51.65 -16.14
C LEU A 343 60.65 -52.58 -17.34
N VAL A 344 59.69 -53.49 -17.45
CA VAL A 344 59.67 -54.44 -18.55
C VAL A 344 59.93 -53.86 -19.94
N PRO A 345 59.50 -52.60 -20.21
CA PRO A 345 59.77 -52.09 -21.55
C PRO A 345 61.27 -52.12 -21.84
N TRP A 346 62.06 -52.04 -20.79
CA TRP A 346 63.51 -52.01 -20.91
C TRP A 346 64.17 -53.36 -20.65
N LEU A 347 63.55 -54.20 -19.83
CA LEU A 347 64.12 -55.52 -19.53
C LEU A 347 63.86 -56.46 -20.69
N ASP A 348 62.81 -56.18 -21.47
CA ASP A 348 62.47 -57.00 -22.62
C ASP A 348 63.30 -56.58 -23.82
N THR A 349 64.23 -57.44 -24.23
CA THR A 349 65.11 -57.14 -25.34
C THR A 349 64.71 -57.68 -26.72
N SER A 350 63.64 -58.48 -26.77
CA SER A 350 63.18 -59.02 -28.05
C SER A 350 62.61 -57.89 -28.90
N PRO A 351 62.88 -57.89 -30.21
CA PRO A 351 62.36 -56.83 -31.07
C PRO A 351 60.96 -57.16 -31.61
N VAL A 352 60.54 -58.40 -31.38
CA VAL A 352 59.24 -58.88 -31.82
C VAL A 352 58.19 -58.37 -30.84
N ARG A 353 57.16 -57.68 -31.33
CA ARG A 353 56.14 -57.13 -30.44
C ARG A 353 55.21 -58.16 -29.78
N SER A 354 54.36 -58.80 -30.58
CA SER A 354 53.42 -59.78 -30.04
C SER A 354 54.01 -61.12 -29.62
N GLY A 355 53.69 -61.52 -28.39
CA GLY A 355 54.18 -62.78 -27.86
C GLY A 355 53.53 -63.94 -28.59
N ARG A 356 52.60 -63.63 -29.47
CA ARG A 356 51.92 -64.65 -30.26
C ARG A 356 52.94 -65.35 -31.14
N TYR A 357 53.92 -64.57 -31.62
CA TYR A 357 54.95 -65.08 -32.50
C TYR A 357 56.29 -65.34 -31.79
N ARG A 358 56.21 -65.60 -30.49
CA ARG A 358 57.39 -65.90 -29.69
C ARG A 358 57.19 -67.22 -28.98
N PRO A 359 57.73 -68.33 -29.53
CA PRO A 359 57.63 -69.69 -28.99
C PRO A 359 58.12 -69.89 -27.56
N MET A 360 59.36 -69.50 -27.27
CA MET A 360 59.87 -69.66 -25.91
C MET A 360 59.14 -68.71 -24.97
N PHE A 361 58.96 -67.47 -25.41
CA PHE A 361 58.26 -66.46 -24.62
C PHE A 361 56.97 -66.99 -23.97
N LYS A 362 56.07 -67.55 -24.78
CA LYS A 362 54.80 -68.08 -24.28
C LYS A 362 54.91 -68.94 -23.02
N ILE A 363 55.82 -69.91 -23.04
CA ILE A 363 55.99 -70.77 -21.88
C ILE A 363 56.22 -69.95 -20.62
N TYR A 364 57.17 -69.02 -20.68
CA TYR A 364 57.47 -68.19 -19.54
C TYR A 364 56.31 -67.29 -19.19
N PHE A 365 55.63 -66.78 -20.21
CA PHE A 365 54.49 -65.94 -19.95
C PHE A 365 53.42 -66.69 -19.16
N TRP A 366 53.02 -67.86 -19.64
CA TRP A 366 51.99 -68.62 -18.94
C TRP A 366 52.44 -69.04 -17.56
N LEU A 367 53.75 -69.24 -17.39
CA LEU A 367 54.26 -69.59 -16.09
C LEU A 367 54.07 -68.36 -15.22
N LEU A 368 54.27 -67.18 -15.80
CA LEU A 368 54.10 -65.94 -15.05
C LEU A 368 52.66 -65.83 -14.57
N ALA A 369 51.72 -66.02 -15.50
CA ALA A 369 50.30 -65.95 -15.17
C ALA A 369 49.95 -66.95 -14.08
N ALA A 370 50.42 -68.18 -14.23
CA ALA A 370 50.16 -69.23 -13.25
C ALA A 370 50.77 -68.82 -11.92
N ASP A 371 51.96 -68.23 -12.00
CA ASP A 371 52.68 -67.77 -10.82
C ASP A 371 51.84 -66.71 -10.10
N PHE A 372 51.25 -65.79 -10.86
CA PHE A 372 50.42 -64.74 -10.26
C PHE A 372 49.27 -65.38 -9.49
N VAL A 373 48.64 -66.37 -10.13
CA VAL A 373 47.53 -67.06 -9.48
C VAL A 373 48.05 -67.76 -8.23
N ILE A 374 49.12 -68.52 -8.39
CA ILE A 374 49.70 -69.23 -7.26
C ILE A 374 50.05 -68.28 -6.11
N LEU A 375 50.66 -67.14 -6.42
CA LEU A 375 51.01 -66.18 -5.39
C LEU A 375 49.76 -65.69 -4.64
N THR A 376 48.69 -65.45 -5.39
CA THR A 376 47.44 -65.00 -4.80
C THR A 376 46.95 -66.10 -3.87
N TRP A 377 47.05 -67.34 -4.34
CA TRP A 377 46.58 -68.48 -3.56
C TRP A 377 47.40 -68.70 -2.28
N VAL A 378 48.73 -68.58 -2.35
CA VAL A 378 49.55 -68.78 -1.13
C VAL A 378 49.30 -67.68 -0.13
N GLY A 379 49.02 -66.49 -0.64
CA GLY A 379 48.78 -65.36 0.24
C GLY A 379 47.76 -65.69 1.31
N ALA A 380 46.81 -66.56 0.99
CA ALA A 380 45.78 -66.94 1.94
C ALA A 380 46.14 -68.17 2.78
N GLN A 381 47.24 -68.83 2.43
CA GLN A 381 47.68 -70.01 3.18
C GLN A 381 48.54 -69.59 4.36
N GLN A 382 48.76 -70.53 5.29
CA GLN A 382 49.57 -70.24 6.46
C GLN A 382 51.03 -70.15 6.07
N THR A 383 51.86 -69.80 7.03
CA THR A 383 53.29 -69.67 6.78
C THR A 383 54.09 -70.96 6.99
N THR A 384 53.41 -72.02 7.44
CA THR A 384 54.05 -73.31 7.69
C THR A 384 54.46 -73.99 6.38
N PHE A 385 55.19 -75.10 6.49
CA PHE A 385 55.61 -75.85 5.32
C PHE A 385 54.39 -76.50 4.69
N PRO A 386 54.30 -76.57 3.35
CA PRO A 386 55.21 -76.14 2.29
C PRO A 386 54.88 -74.78 1.67
N TYR A 387 54.02 -74.00 2.32
CA TYR A 387 53.66 -72.71 1.76
C TYR A 387 54.87 -71.77 1.73
N ASP A 388 55.73 -71.87 2.73
CA ASP A 388 56.91 -71.02 2.77
C ASP A 388 57.81 -71.26 1.56
N TRP A 389 57.90 -72.52 1.14
CA TRP A 389 58.72 -72.84 -0.02
C TRP A 389 58.00 -72.41 -1.29
N ILE A 390 56.70 -72.65 -1.35
CA ILE A 390 55.92 -72.27 -2.50
C ILE A 390 55.95 -70.76 -2.71
N SER A 391 55.73 -69.99 -1.64
CA SER A 391 55.77 -68.54 -1.79
C SER A 391 57.15 -68.13 -2.28
N LEU A 392 58.17 -68.78 -1.75
CA LEU A 392 59.54 -68.46 -2.14
C LEU A 392 59.89 -68.76 -3.58
N ILE A 393 59.58 -69.97 -4.03
CA ILE A 393 59.87 -70.34 -5.41
C ILE A 393 59.11 -69.37 -6.30
N ALA A 394 57.85 -69.12 -5.95
CA ALA A 394 57.00 -68.22 -6.72
C ALA A 394 57.58 -66.80 -6.84
N SER A 395 58.00 -66.23 -5.71
CA SER A 395 58.58 -64.89 -5.73
C SER A 395 59.79 -64.91 -6.63
N ALA A 396 60.60 -65.95 -6.47
CA ALA A 396 61.81 -66.12 -7.25
C ALA A 396 61.48 -66.13 -8.74
N TYR A 397 60.48 -66.91 -9.12
CA TYR A 397 60.13 -66.96 -10.53
C TYR A 397 59.70 -65.60 -11.04
N TRP A 398 59.02 -64.83 -10.19
CA TRP A 398 58.56 -63.51 -10.61
C TRP A 398 59.70 -62.59 -11.05
N PHE A 399 60.71 -62.43 -10.20
CA PHE A 399 61.85 -61.59 -10.55
C PHE A 399 62.68 -62.21 -11.65
N ALA A 400 62.72 -63.55 -11.67
CA ALA A 400 63.48 -64.28 -12.68
C ALA A 400 62.94 -63.94 -14.07
N TYR A 401 61.62 -63.78 -14.15
CA TYR A 401 60.95 -63.46 -15.40
C TYR A 401 61.33 -62.11 -15.99
N PHE A 402 61.27 -61.07 -15.16
CA PHE A 402 61.59 -59.74 -15.64
C PHE A 402 63.09 -59.45 -15.70
N LEU A 403 63.82 -59.88 -14.67
CA LEU A 403 65.26 -59.63 -14.61
C LEU A 403 66.15 -60.55 -15.44
N VAL A 404 65.85 -61.85 -15.44
CA VAL A 404 66.70 -62.79 -16.18
C VAL A 404 66.14 -63.32 -17.51
N ILE A 405 65.02 -64.03 -17.43
CA ILE A 405 64.42 -64.64 -18.61
C ILE A 405 64.14 -63.71 -19.79
N LEU A 406 63.40 -62.64 -19.58
CA LEU A 406 63.09 -61.71 -20.66
C LEU A 406 64.32 -61.09 -21.31
N PRO A 407 65.29 -60.64 -20.49
CA PRO A 407 66.47 -60.05 -21.11
C PRO A 407 67.21 -61.07 -21.97
N ILE A 408 67.30 -62.29 -21.47
CA ILE A 408 67.98 -63.36 -22.17
C ILE A 408 67.25 -63.86 -23.43
N LEU A 409 65.94 -64.08 -23.32
CA LEU A 409 65.20 -64.55 -24.48
C LEU A 409 65.39 -63.60 -25.66
N GLY A 410 65.73 -62.34 -25.35
CA GLY A 410 65.96 -61.36 -26.39
C GLY A 410 67.00 -61.84 -27.40
N ALA A 411 67.98 -62.60 -26.93
CA ALA A 411 69.03 -63.12 -27.79
C ALA A 411 68.75 -64.56 -28.20
N ILE A 412 68.68 -65.46 -27.22
CA ILE A 412 68.43 -66.88 -27.46
C ILE A 412 67.33 -67.15 -28.48
N GLU A 413 66.13 -66.72 -28.13
CA GLU A 413 64.93 -66.91 -28.91
C GLU A 413 64.93 -66.73 -30.41
N LYS A 414 64.28 -67.68 -31.08
CA LYS A 414 64.11 -67.70 -32.52
C LYS A 414 62.61 -67.57 -32.77
N PRO A 415 62.16 -66.36 -33.15
CA PRO A 415 60.76 -66.00 -33.43
C PRO A 415 60.16 -66.37 -34.78
N VAL A 416 58.86 -66.62 -34.76
CA VAL A 416 58.08 -66.96 -35.93
C VAL A 416 57.80 -65.66 -36.67
N ALA A 417 57.40 -65.76 -37.93
CA ALA A 417 57.10 -64.59 -38.73
C ALA A 417 55.64 -64.16 -38.49
N PRO A 418 55.42 -62.85 -38.29
CA PRO A 418 54.10 -62.30 -38.05
C PRO A 418 53.43 -61.90 -39.36
N PRO A 419 52.08 -61.78 -39.37
CA PRO A 419 51.37 -61.39 -40.59
C PRO A 419 52.01 -60.14 -41.18
N ALA A 420 51.90 -59.97 -42.49
CA ALA A 420 52.47 -58.81 -43.18
C ALA A 420 51.69 -57.55 -42.85
N THR A 421 50.38 -57.69 -42.68
CA THR A 421 49.52 -56.57 -42.34
C THR A 421 48.33 -57.04 -41.53
N ILE A 422 47.72 -56.10 -40.82
CA ILE A 422 46.56 -56.39 -39.99
C ILE A 422 45.46 -56.90 -40.91
N GLU A 423 45.32 -56.26 -42.06
CA GLU A 423 44.33 -56.66 -43.05
C GLU A 423 44.45 -58.16 -43.29
N GLU A 424 45.67 -58.57 -43.63
CA GLU A 424 46.01 -59.95 -43.89
C GLU A 424 45.62 -60.87 -42.73
N ASP A 425 45.86 -60.44 -41.50
CA ASP A 425 45.51 -61.24 -40.35
C ASP A 425 44.00 -61.31 -40.18
N PHE A 426 43.35 -60.16 -40.29
CA PHE A 426 41.90 -60.09 -40.15
C PHE A 426 41.21 -61.05 -41.11
N ASN A 427 41.61 -61.01 -42.37
CA ASN A 427 41.03 -61.87 -43.39
C ASN A 427 41.30 -63.35 -43.11
N ALA A 428 42.58 -63.70 -42.99
CA ALA A 428 43.01 -65.07 -42.73
C ALA A 428 42.31 -65.71 -41.53
N ALA B 1 44.36 -70.49 15.84
CA ALA B 1 43.17 -71.40 15.85
C ALA B 1 42.89 -71.93 14.44
N GLY B 2 41.63 -71.89 14.03
CA GLY B 2 41.27 -72.38 12.70
C GLY B 2 39.78 -72.32 12.42
N GLY B 3 39.41 -72.70 11.21
CA GLY B 3 38.00 -72.71 10.81
C GLY B 3 37.51 -74.14 10.76
N GLY B 4 36.55 -74.47 11.62
CA GLY B 4 36.04 -75.84 11.67
C GLY B 4 34.87 -76.16 10.76
N HIS B 5 34.05 -77.13 11.17
CA HIS B 5 32.89 -77.51 10.39
C HIS B 5 31.61 -77.39 11.20
N VAL B 6 30.57 -76.88 10.55
CA VAL B 6 29.28 -76.68 11.21
C VAL B 6 28.14 -77.50 10.63
N GLU B 7 27.08 -77.66 11.41
CA GLU B 7 25.90 -78.40 10.98
C GLU B 7 25.23 -77.58 9.88
N ASP B 8 24.97 -78.22 8.74
CA ASP B 8 24.34 -77.57 7.60
C ASP B 8 22.82 -77.51 7.69
N VAL B 9 22.29 -76.35 8.10
CA VAL B 9 20.85 -76.17 8.21
C VAL B 9 20.32 -75.59 6.90
N PRO B 10 19.18 -76.10 6.41
CA PRO B 10 18.59 -75.60 5.15
C PRO B 10 17.62 -74.44 5.38
N PHE B 11 18.16 -73.30 5.81
CA PHE B 11 17.36 -72.11 6.07
C PHE B 11 16.54 -71.66 4.86
N SER B 12 15.41 -71.05 5.13
CA SER B 12 14.49 -70.57 4.09
C SER B 12 15.08 -69.51 3.15
N PHE B 13 15.90 -68.63 3.72
CA PHE B 13 16.51 -67.53 2.97
C PHE B 13 17.67 -67.84 2.02
N GLU B 14 18.23 -69.03 2.09
CA GLU B 14 19.32 -69.37 1.20
C GLU B 14 18.84 -69.53 -0.23
N GLY B 15 19.76 -69.50 -1.18
CA GLY B 15 19.39 -69.61 -2.59
C GLY B 15 18.94 -68.28 -3.15
N PRO B 16 19.15 -68.04 -4.45
CA PRO B 16 18.74 -66.76 -5.06
C PRO B 16 17.24 -66.47 -4.92
N PHE B 17 16.47 -67.48 -4.54
CA PHE B 17 15.03 -67.31 -4.39
C PHE B 17 14.58 -67.36 -2.93
N GLY B 18 15.47 -67.82 -2.06
CA GLY B 18 15.15 -67.90 -0.66
C GLY B 18 14.68 -66.56 -0.14
N THR B 19 13.89 -66.59 0.93
CA THR B 19 13.35 -65.39 1.55
C THR B 19 13.14 -65.75 3.01
N PHE B 20 13.05 -64.75 3.88
CA PHE B 20 12.83 -65.04 5.28
C PHE B 20 11.46 -65.63 5.47
N ASP B 21 11.28 -66.30 6.61
CA ASP B 21 10.01 -66.88 6.98
C ASP B 21 9.53 -65.99 8.10
N GLN B 22 8.62 -65.08 7.77
CA GLN B 22 8.08 -64.12 8.71
C GLN B 22 7.77 -64.65 10.12
N HIS B 23 7.12 -65.81 10.21
CA HIS B 23 6.81 -66.36 11.52
C HIS B 23 8.04 -66.86 12.25
N GLN B 24 8.97 -67.45 11.51
CA GLN B 24 10.21 -67.94 12.09
C GLN B 24 10.93 -66.78 12.77
N LEU B 25 11.16 -65.72 12.00
CA LEU B 25 11.82 -64.53 12.54
C LEU B 25 11.08 -64.05 13.78
N GLN B 26 9.76 -64.20 13.76
CA GLN B 26 8.94 -63.80 14.90
C GLN B 26 9.32 -64.66 16.09
N ARG B 27 9.39 -65.98 15.87
CA ARG B 27 9.77 -66.90 16.92
C ARG B 27 11.18 -66.55 17.38
N GLY B 28 12.06 -66.36 16.40
CA GLY B 28 13.44 -66.01 16.70
C GLY B 28 13.56 -64.78 17.59
N LEU B 29 12.80 -63.75 17.25
CA LEU B 29 12.81 -62.52 18.04
C LEU B 29 12.42 -62.83 19.48
N GLN B 30 11.54 -63.81 19.66
CA GLN B 30 11.11 -64.18 21.01
C GLN B 30 12.23 -64.90 21.74
N VAL B 31 12.93 -65.79 21.05
CA VAL B 31 14.02 -66.53 21.66
C VAL B 31 15.07 -65.52 22.11
N TYR B 32 15.44 -64.64 21.18
CA TYR B 32 16.43 -63.62 21.47
C TYR B 32 16.04 -62.78 22.68
N THR B 33 14.78 -62.35 22.69
CA THR B 33 14.25 -61.50 23.76
C THR B 33 14.21 -62.15 25.14
N GLU B 34 13.71 -63.38 25.22
CA GLU B 34 13.59 -64.08 26.49
C GLU B 34 14.85 -64.83 26.94
N VAL B 35 15.77 -65.06 26.01
CA VAL B 35 16.98 -65.80 26.33
C VAL B 35 18.30 -65.03 26.23
N CYS B 36 18.73 -64.81 24.99
CA CYS B 36 19.99 -64.12 24.67
C CYS B 36 20.14 -62.71 25.25
N ALA B 37 19.15 -61.87 24.97
CA ALA B 37 19.15 -60.47 25.42
C ALA B 37 19.63 -60.28 26.85
N ALA B 38 19.58 -61.33 27.66
CA ALA B 38 20.02 -61.25 29.05
C ALA B 38 21.51 -60.89 29.12
N CYS B 39 22.27 -61.32 28.12
CA CYS B 39 23.70 -61.06 28.07
C CYS B 39 24.10 -60.30 26.79
N HIS B 40 23.49 -60.66 25.66
CA HIS B 40 23.80 -60.04 24.37
C HIS B 40 22.92 -58.84 24.01
N GLY B 41 23.50 -57.94 23.22
CA GLY B 41 22.77 -56.77 22.77
C GLY B 41 22.82 -56.72 21.25
N MET B 42 22.19 -55.71 20.66
CA MET B 42 22.19 -55.56 19.21
C MET B 42 22.19 -54.06 18.86
N LYS B 43 23.21 -53.37 19.36
CA LYS B 43 23.41 -51.93 19.19
C LYS B 43 23.18 -51.30 17.82
N PHE B 44 23.26 -52.07 16.74
CA PHE B 44 23.07 -51.49 15.41
C PHE B 44 21.69 -51.75 14.86
N VAL B 45 20.86 -52.38 15.67
CA VAL B 45 19.52 -52.70 15.24
C VAL B 45 18.47 -51.78 15.84
N PRO B 46 17.84 -50.95 15.00
CA PRO B 46 16.81 -50.03 15.46
C PRO B 46 15.55 -50.87 15.68
N ILE B 47 14.99 -50.79 16.88
CA ILE B 47 13.80 -51.59 17.21
C ILE B 47 12.68 -51.44 16.17
N ARG B 48 12.50 -50.23 15.67
CA ARG B 48 11.46 -49.92 14.69
C ARG B 48 11.57 -50.74 13.39
N SER B 49 12.69 -51.44 13.23
CA SER B 49 12.85 -52.23 12.01
C SER B 49 12.13 -53.56 12.17
N LEU B 50 11.64 -53.82 13.38
CA LEU B 50 10.91 -55.06 13.64
C LEU B 50 9.60 -54.95 12.86
N SER B 51 9.30 -53.73 12.41
CA SER B 51 8.07 -53.44 11.65
C SER B 51 8.26 -53.41 10.13
N GLU B 52 9.44 -53.00 9.68
CA GLU B 52 9.72 -52.90 8.25
C GLU B 52 9.50 -54.18 7.48
N PRO B 53 9.07 -54.05 6.22
CA PRO B 53 8.83 -55.23 5.36
C PRO B 53 10.12 -56.04 5.25
N GLY B 54 10.00 -57.31 4.88
CA GLY B 54 11.18 -58.15 4.74
C GLY B 54 11.74 -58.72 6.03
N GLY B 55 11.02 -58.51 7.13
CA GLY B 55 11.49 -59.03 8.41
C GLY B 55 10.38 -59.66 9.23
N PRO B 56 10.41 -59.54 10.56
CA PRO B 56 9.38 -60.12 11.41
C PRO B 56 8.06 -59.47 11.03
N GLU B 57 8.16 -58.19 10.68
CA GLU B 57 7.04 -57.38 10.27
C GLU B 57 5.92 -57.26 11.28
N LEU B 58 6.27 -57.08 12.54
CA LEU B 58 5.26 -56.94 13.58
C LEU B 58 4.50 -55.64 13.35
N PRO B 59 3.29 -55.54 13.90
CA PRO B 59 2.46 -54.34 13.76
C PRO B 59 3.06 -53.24 14.63
N GLU B 60 3.19 -52.05 14.08
CA GLU B 60 3.77 -50.90 14.77
C GLU B 60 3.42 -50.73 16.24
N ASP B 61 2.17 -50.95 16.63
CA ASP B 61 1.79 -50.80 18.03
C ASP B 61 2.39 -51.90 18.91
N GLN B 62 2.63 -53.07 18.32
CA GLN B 62 3.23 -54.16 19.07
C GLN B 62 4.66 -53.73 19.35
N VAL B 63 5.35 -53.38 18.26
CA VAL B 63 6.73 -52.93 18.30
C VAL B 63 6.89 -51.81 19.34
N ARG B 64 5.92 -50.91 19.36
CA ARG B 64 5.93 -49.78 20.30
C ARG B 64 5.82 -50.31 21.72
N ALA B 65 4.97 -51.31 21.90
CA ALA B 65 4.76 -51.93 23.22
C ALA B 65 6.05 -52.65 23.64
N TYR B 66 6.68 -53.30 22.68
CA TYR B 66 7.92 -54.05 22.90
C TYR B 66 9.04 -53.16 23.44
N ALA B 67 9.33 -52.09 22.72
CA ALA B 67 10.38 -51.14 23.09
C ALA B 67 10.20 -50.67 24.53
N THR B 68 9.00 -50.82 25.06
CA THR B 68 8.67 -50.41 26.42
C THR B 68 9.58 -51.00 27.49
N GLN B 69 9.79 -52.30 27.45
CA GLN B 69 10.62 -52.98 28.43
C GLN B 69 12.03 -52.42 28.65
N PHE B 70 12.70 -52.05 27.57
CA PHE B 70 14.06 -51.52 27.68
C PHE B 70 14.08 -50.18 28.39
N THR B 71 15.20 -49.89 29.05
CA THR B 71 15.38 -48.62 29.74
C THR B 71 16.46 -47.92 28.91
N VAL B 72 16.15 -46.71 28.47
CA VAL B 72 17.08 -45.95 27.64
C VAL B 72 17.41 -44.59 28.24
N THR B 73 18.70 -44.27 28.36
CA THR B 73 19.11 -42.99 28.90
C THR B 73 18.82 -41.94 27.82
N ASP B 74 17.68 -41.25 27.93
CA ASP B 74 17.30 -40.25 26.94
C ASP B 74 18.39 -39.24 26.61
N GLU B 75 18.79 -39.27 25.34
CA GLU B 75 19.84 -38.43 24.78
C GLU B 75 19.77 -36.92 25.05
N GLU B 76 18.64 -36.43 25.53
CA GLU B 76 18.50 -35.01 25.84
C GLU B 76 18.22 -34.90 27.33
N THR B 77 17.07 -35.42 27.72
CA THR B 77 16.63 -35.43 29.10
C THR B 77 17.72 -36.00 30.00
N GLY B 78 18.64 -36.75 29.41
CA GLY B 78 19.71 -37.35 30.17
C GLY B 78 19.12 -38.32 31.18
N GLU B 79 17.79 -38.30 31.29
CA GLU B 79 17.05 -39.16 32.20
C GLU B 79 16.75 -40.49 31.55
N ASP B 80 16.46 -41.47 32.38
CA ASP B 80 16.11 -42.78 31.89
C ASP B 80 14.66 -42.63 31.46
N ARG B 81 14.18 -43.59 30.67
CA ARG B 81 12.82 -43.57 30.15
C ARG B 81 12.56 -44.94 29.56
N GLU B 82 11.40 -45.13 28.95
CA GLU B 82 11.12 -46.41 28.33
C GLU B 82 11.73 -46.39 26.93
N GLY B 83 11.56 -47.49 26.20
CA GLY B 83 12.10 -47.57 24.86
C GLY B 83 11.12 -47.20 23.79
N LYS B 84 11.58 -46.39 22.85
CA LYS B 84 10.73 -45.98 21.73
C LYS B 84 11.22 -46.80 20.55
N PRO B 85 10.36 -47.02 19.55
CA PRO B 85 10.81 -47.80 18.40
C PRO B 85 11.98 -47.15 17.68
N THR B 86 12.23 -45.87 17.94
CA THR B 86 13.33 -45.17 17.30
C THR B 86 14.66 -45.51 17.96
N ASP B 87 14.58 -46.23 19.09
CA ASP B 87 15.78 -46.62 19.81
C ASP B 87 16.35 -47.92 19.26
N HIS B 88 17.63 -48.14 19.49
CA HIS B 88 18.30 -49.36 19.04
C HIS B 88 18.20 -50.33 20.21
N PHE B 89 18.34 -51.63 19.95
CA PHE B 89 18.30 -52.58 21.04
C PHE B 89 19.50 -52.16 21.88
N PRO B 90 19.51 -52.49 23.18
CA PRO B 90 20.66 -52.08 23.98
C PRO B 90 21.96 -52.84 23.75
N HIS B 91 23.02 -52.34 24.36
CA HIS B 91 24.35 -52.96 24.27
C HIS B 91 24.28 -54.21 25.12
N SER B 92 25.15 -55.17 24.84
CA SER B 92 25.19 -56.41 25.61
C SER B 92 25.33 -56.08 27.10
N ALA B 93 24.48 -56.68 27.94
CA ALA B 93 24.53 -56.44 29.37
C ALA B 93 25.77 -57.09 29.96
N LEU B 94 26.14 -58.24 29.40
CA LEU B 94 27.31 -58.99 29.84
C LEU B 94 28.55 -58.54 29.06
N GLU B 95 29.43 -57.83 29.73
CA GLU B 95 30.68 -57.31 29.18
C GLU B 95 31.32 -58.09 28.03
N ASN B 96 31.52 -59.38 28.24
CA ASN B 96 32.17 -60.22 27.24
C ASN B 96 31.24 -60.95 26.29
N ALA B 97 29.96 -60.61 26.31
CA ALA B 97 29.00 -61.22 25.40
C ALA B 97 29.08 -60.35 24.14
N PRO B 98 29.56 -60.91 23.03
CA PRO B 98 29.65 -60.10 21.83
C PRO B 98 28.31 -59.58 21.34
N ASP B 99 28.35 -58.51 20.55
CA ASP B 99 27.13 -57.93 20.01
C ASP B 99 26.65 -58.87 18.93
N LEU B 100 25.34 -59.16 18.92
CA LEU B 100 24.79 -60.07 17.94
C LEU B 100 24.23 -59.41 16.68
N SER B 101 24.28 -58.08 16.62
CA SER B 101 23.77 -57.35 15.46
C SER B 101 24.25 -57.86 14.11
N LEU B 102 25.55 -58.12 13.98
CA LEU B 102 26.11 -58.59 12.70
C LEU B 102 26.71 -59.98 12.72
N MET B 103 26.71 -60.61 13.90
CA MET B 103 27.28 -61.94 14.09
C MET B 103 27.11 -62.93 12.95
N ALA B 104 25.93 -62.97 12.35
CA ALA B 104 25.68 -63.90 11.24
C ALA B 104 26.39 -63.52 9.95
N LYS B 105 27.06 -62.38 9.95
CA LYS B 105 27.81 -61.90 8.79
C LYS B 105 29.29 -61.91 9.15
N ALA B 106 29.55 -61.98 10.46
CA ALA B 106 30.91 -61.97 10.98
C ALA B 106 31.39 -63.37 11.35
N ARG B 107 30.91 -64.37 10.62
CA ARG B 107 31.29 -65.74 10.88
C ARG B 107 31.12 -66.57 9.61
N ALA B 108 32.06 -67.49 9.38
CA ALA B 108 32.00 -68.36 8.23
C ALA B 108 31.96 -69.77 8.81
N GLY B 109 31.25 -70.67 8.13
CA GLY B 109 31.17 -72.03 8.61
C GLY B 109 31.70 -72.98 7.56
N PHE B 110 31.73 -72.50 6.32
CA PHE B 110 32.22 -73.29 5.20
C PHE B 110 33.57 -72.74 4.77
N HIS B 111 34.60 -73.23 5.46
CA HIS B 111 35.98 -72.83 5.22
C HIS B 111 36.61 -73.81 4.22
N GLY B 112 37.37 -73.29 3.26
CA GLY B 112 38.02 -74.14 2.28
C GLY B 112 37.31 -74.27 0.95
N PRO B 113 37.64 -75.30 0.16
CA PRO B 113 38.65 -76.31 0.48
C PRO B 113 40.03 -75.94 -0.10
N MET B 114 41.06 -76.07 0.72
CA MET B 114 42.44 -75.76 0.32
C MET B 114 42.63 -74.26 0.11
N GLY B 115 41.98 -73.45 0.95
CA GLY B 115 42.10 -72.00 0.84
C GLY B 115 41.51 -71.44 -0.44
N THR B 116 41.01 -72.33 -1.30
CA THR B 116 40.44 -71.95 -2.58
C THR B 116 39.05 -71.33 -2.44
N GLY B 117 38.46 -71.46 -1.27
CA GLY B 117 37.12 -70.91 -1.03
C GLY B 117 36.06 -71.43 -1.97
N ILE B 118 36.37 -72.45 -2.75
CA ILE B 118 35.40 -73.01 -3.68
C ILE B 118 34.20 -73.54 -2.89
N SER B 119 34.42 -73.81 -1.60
CA SER B 119 33.37 -74.33 -0.73
C SER B 119 32.28 -73.31 -0.46
N GLN B 120 32.63 -72.02 -0.45
CA GLN B 120 31.66 -70.97 -0.19
C GLN B 120 30.96 -70.56 -1.49
N LEU B 121 31.69 -70.65 -2.59
CA LEU B 121 31.15 -70.28 -3.89
C LEU B 121 29.87 -71.09 -4.12
N PHE B 122 29.66 -72.10 -3.27
CA PHE B 122 28.49 -72.96 -3.34
C PHE B 122 27.73 -73.03 -2.01
N ASN B 123 28.46 -72.94 -0.89
CA ASN B 123 27.86 -73.04 0.45
C ASN B 123 27.61 -71.72 1.20
N GLY B 124 27.94 -70.59 0.60
CA GLY B 124 27.73 -69.33 1.30
C GLY B 124 28.81 -69.18 2.36
N ILE B 125 28.63 -68.26 3.31
CA ILE B 125 29.62 -68.08 4.36
C ILE B 125 29.30 -68.94 5.59
N GLY B 126 28.03 -69.32 5.75
CA GLY B 126 27.65 -70.18 6.85
C GLY B 126 27.47 -69.56 8.22
N GLY B 127 27.33 -68.23 8.26
CA GLY B 127 27.16 -67.53 9.52
C GLY B 127 25.98 -68.05 10.33
N PRO B 128 24.79 -68.18 9.72
CA PRO B 128 23.65 -68.69 10.48
C PRO B 128 23.86 -70.13 10.94
N GLU B 129 24.36 -70.98 10.04
CA GLU B 129 24.61 -72.37 10.42
C GLU B 129 25.63 -72.40 11.54
N TYR B 130 26.61 -71.52 11.44
CA TYR B 130 27.63 -71.46 12.46
C TYR B 130 26.97 -71.20 13.80
N ILE B 131 26.19 -70.11 13.88
CA ILE B 131 25.50 -69.76 15.11
C ILE B 131 24.66 -70.93 15.58
N TYR B 132 23.95 -71.55 14.65
CA TYR B 132 23.12 -72.70 14.98
C TYR B 132 23.97 -73.72 15.72
N SER B 133 25.00 -74.22 15.02
CA SER B 133 25.92 -75.22 15.53
C SER B 133 26.48 -74.92 16.92
N VAL B 134 26.63 -73.65 17.26
CA VAL B 134 27.18 -73.30 18.57
C VAL B 134 26.13 -73.51 19.66
N LEU B 135 24.88 -73.23 19.33
CA LEU B 135 23.79 -73.40 20.27
C LEU B 135 23.53 -74.89 20.40
N THR B 136 23.75 -75.60 19.30
CA THR B 136 23.57 -77.04 19.26
C THR B 136 24.69 -77.66 20.10
N GLY B 137 25.90 -77.59 19.54
CA GLY B 137 27.10 -78.15 20.13
C GLY B 137 27.52 -78.07 21.59
N PHE B 138 26.60 -77.96 22.53
CA PHE B 138 26.95 -77.93 23.95
C PHE B 138 26.66 -79.33 24.49
N PRO B 139 27.64 -80.25 24.43
CA PRO B 139 27.45 -81.62 24.91
C PRO B 139 27.34 -81.69 26.43
N GLU B 140 26.53 -82.63 26.90
CA GLU B 140 26.32 -82.86 28.33
C GLU B 140 27.61 -83.30 28.99
N GLU B 141 28.39 -84.12 28.28
CA GLU B 141 29.66 -84.65 28.78
C GLU B 141 30.89 -84.09 28.09
N PRO B 142 31.86 -83.60 28.88
CA PRO B 142 33.12 -83.03 28.37
C PRO B 142 33.93 -84.12 27.68
N PRO B 143 34.50 -83.82 26.50
CA PRO B 143 35.28 -84.86 25.82
C PRO B 143 36.28 -85.53 26.75
N LYS B 144 36.44 -86.83 26.57
CA LYS B 144 37.34 -87.67 27.33
C LYS B 144 38.62 -86.96 27.82
N CYS B 145 39.50 -86.61 26.89
CA CYS B 145 40.79 -85.98 27.19
C CYS B 145 40.80 -84.93 28.31
N ALA B 146 39.69 -84.24 28.51
CA ALA B 146 39.62 -83.20 29.53
C ALA B 146 39.05 -83.63 30.87
N GLU B 147 38.57 -84.87 30.95
CA GLU B 147 37.99 -85.44 32.18
C GLU B 147 38.05 -84.57 33.44
N GLY B 148 39.26 -84.32 33.94
CA GLY B 148 39.39 -83.53 35.15
C GLY B 148 40.16 -82.22 35.02
N HIS B 149 40.29 -81.72 33.79
CA HIS B 149 41.03 -80.49 33.53
C HIS B 149 40.20 -79.39 32.88
N GLU B 150 38.91 -79.29 33.17
CA GLU B 150 38.11 -78.25 32.54
C GLU B 150 38.28 -76.88 33.17
N PRO B 151 38.76 -75.91 32.38
CA PRO B 151 38.97 -74.55 32.87
C PRO B 151 37.69 -74.08 33.53
N ASP B 152 37.75 -73.76 34.82
CA ASP B 152 36.55 -73.31 35.51
C ASP B 152 36.06 -72.01 34.87
N GLY B 153 34.77 -71.95 34.57
CA GLY B 153 34.22 -70.75 33.96
C GLY B 153 33.88 -70.95 32.50
N PHE B 154 34.35 -72.06 31.90
CA PHE B 154 34.10 -72.35 30.49
C PHE B 154 33.28 -73.62 30.29
N TYR B 155 32.94 -73.90 29.05
CA TYR B 155 32.14 -75.07 28.71
C TYR B 155 32.60 -75.62 27.37
N TYR B 156 32.67 -76.94 27.23
CA TYR B 156 33.10 -77.50 25.95
C TYR B 156 31.99 -77.34 24.93
N ASN B 157 32.37 -76.92 23.72
CA ASN B 157 31.44 -76.72 22.63
C ASN B 157 32.08 -77.23 21.35
N ARG B 158 31.43 -78.17 20.67
CA ARG B 158 31.98 -78.77 19.46
C ARG B 158 32.10 -77.89 18.22
N ALA B 159 31.40 -76.77 18.17
CA ALA B 159 31.47 -75.88 17.00
C ALA B 159 32.49 -74.76 17.16
N PHE B 160 32.74 -74.37 18.40
CA PHE B 160 33.66 -73.30 18.73
C PHE B 160 35.11 -73.63 18.42
N GLN B 161 35.75 -72.83 17.56
CA GLN B 161 37.14 -73.05 17.17
C GLN B 161 38.10 -72.01 17.72
N ASN B 162 37.64 -71.14 18.60
CA ASN B 162 38.50 -70.10 19.15
C ASN B 162 38.59 -70.07 20.66
N GLY B 163 38.34 -71.21 21.30
CA GLY B 163 38.42 -71.27 22.74
C GLY B 163 39.70 -71.96 23.16
N SER B 164 39.95 -72.00 24.47
CA SER B 164 41.14 -72.65 24.98
C SER B 164 40.84 -74.13 25.09
N VAL B 165 41.89 -74.94 25.07
CA VAL B 165 41.75 -76.38 25.16
C VAL B 165 42.82 -76.88 26.12
N PRO B 166 42.42 -77.68 27.12
CA PRO B 166 43.40 -78.20 28.08
C PRO B 166 44.60 -78.85 27.40
N ASP B 167 45.80 -78.62 27.96
CA ASP B 167 47.04 -79.19 27.45
C ASP B 167 46.84 -80.66 27.15
N THR B 168 46.18 -81.30 28.11
CA THR B 168 45.90 -82.72 28.07
C THR B 168 45.03 -83.11 26.88
N CYS B 169 44.67 -82.12 26.06
CA CYS B 169 43.83 -82.37 24.89
C CYS B 169 44.48 -81.97 23.58
N LYS B 170 45.78 -81.69 23.60
CA LYS B 170 46.46 -81.32 22.38
C LYS B 170 47.34 -82.48 22.00
N ASP B 171 47.85 -82.49 20.76
CA ASP B 171 48.71 -83.58 20.35
C ASP B 171 50.19 -83.24 20.48
N ALA B 172 51.04 -84.15 20.01
CA ALA B 172 52.48 -83.96 20.09
C ALA B 172 52.92 -82.60 19.55
N ASN B 173 52.25 -82.12 18.52
CA ASN B 173 52.58 -80.85 17.89
C ASN B 173 51.83 -79.62 18.40
N GLY B 174 51.10 -79.77 19.51
CA GLY B 174 50.37 -78.63 20.06
C GLY B 174 48.93 -78.48 19.60
N VAL B 175 48.58 -79.08 18.46
CA VAL B 175 47.23 -79.02 17.92
C VAL B 175 46.23 -79.66 18.91
N LYS B 176 44.96 -79.25 18.86
CA LYS B 176 43.96 -79.81 19.76
C LYS B 176 43.31 -81.10 19.25
N THR B 177 43.01 -82.00 20.19
CA THR B 177 42.38 -83.30 19.89
C THR B 177 40.92 -83.10 19.52
N THR B 178 40.26 -82.32 20.37
CA THR B 178 38.84 -81.99 20.26
C THR B 178 38.42 -81.34 18.95
N ALA B 179 37.15 -81.52 18.61
CA ALA B 179 36.59 -80.92 17.39
C ALA B 179 36.31 -79.46 17.71
N GLY B 180 35.93 -79.19 18.96
CA GLY B 180 35.65 -77.84 19.37
C GLY B 180 36.65 -77.27 20.35
N SER B 181 36.15 -76.51 21.33
CA SER B 181 36.99 -75.90 22.35
C SER B 181 36.12 -75.34 23.46
N TRP B 182 36.74 -74.68 24.44
CA TRP B 182 36.01 -74.11 25.56
C TRP B 182 35.62 -72.64 25.38
N ILE B 183 34.31 -72.41 25.39
CA ILE B 183 33.69 -71.11 25.22
C ILE B 183 33.23 -70.58 26.58
N ALA B 184 33.21 -69.26 26.75
CA ALA B 184 32.79 -68.67 28.02
C ALA B 184 31.27 -68.55 28.13
N MET B 185 30.57 -68.99 27.10
CA MET B 185 29.11 -68.93 27.12
C MET B 185 28.49 -70.22 27.63
N PRO B 186 27.88 -70.16 28.82
CA PRO B 186 27.26 -71.38 29.34
C PRO B 186 26.14 -71.78 28.39
N PRO B 187 25.81 -73.07 28.30
CA PRO B 187 24.73 -73.48 27.41
C PRO B 187 23.53 -72.58 27.63
N PRO B 188 22.95 -72.05 26.56
CA PRO B 188 21.80 -71.17 26.74
C PRO B 188 20.42 -71.78 26.49
N LEU B 189 20.34 -72.77 25.62
CA LEU B 189 19.05 -73.39 25.29
C LEU B 189 18.68 -74.71 25.96
N MET B 190 17.61 -74.64 26.75
CA MET B 190 17.06 -75.79 27.46
C MET B 190 15.76 -76.08 26.71
N ASP B 191 15.35 -77.35 26.66
CA ASP B 191 14.12 -77.69 25.94
C ASP B 191 12.89 -76.94 26.46
N ASP B 192 12.09 -76.46 25.51
CA ASP B 192 10.88 -75.71 25.82
C ASP B 192 11.12 -74.67 26.91
N LEU B 193 12.08 -73.80 26.64
CA LEU B 193 12.46 -72.71 27.55
C LEU B 193 11.70 -71.47 27.15
N VAL B 194 11.19 -71.48 25.94
CA VAL B 194 10.40 -70.37 25.40
C VAL B 194 9.03 -70.96 25.07
N GLU B 195 8.00 -70.45 25.74
CA GLU B 195 6.64 -70.91 25.51
C GLU B 195 6.16 -70.24 24.25
N TYR B 196 6.39 -70.85 23.09
CA TYR B 196 5.92 -70.25 21.85
C TYR B 196 4.44 -69.97 21.93
N ALA B 197 4.00 -68.98 21.16
CA ALA B 197 2.60 -68.58 21.13
C ALA B 197 1.76 -69.64 20.43
N ASP B 198 1.98 -69.79 19.13
CA ASP B 198 1.25 -70.75 18.31
C ASP B 198 1.55 -72.20 18.68
N GLY B 199 2.09 -72.42 19.88
CA GLY B 199 2.39 -73.77 20.30
C GLY B 199 3.63 -74.40 19.71
N HIS B 200 4.03 -73.97 18.52
CA HIS B 200 5.21 -74.48 17.81
C HIS B 200 6.22 -75.11 18.76
N ASP B 201 6.87 -76.18 18.35
CA ASP B 201 7.82 -76.84 19.24
C ASP B 201 9.04 -75.99 19.62
N ALA B 202 9.36 -76.02 20.91
CA ALA B 202 10.48 -75.27 21.46
C ALA B 202 11.62 -76.22 21.84
N SER B 203 11.97 -77.12 20.92
CA SER B 203 13.06 -78.05 21.17
C SER B 203 14.33 -77.26 20.92
N VAL B 204 15.35 -77.48 21.74
CA VAL B 204 16.61 -76.77 21.59
C VAL B 204 17.00 -76.62 20.12
N HIS B 205 16.77 -77.66 19.33
CA HIS B 205 17.09 -77.60 17.91
C HIS B 205 16.32 -76.46 17.27
N ALA B 206 14.98 -76.53 17.39
CA ALA B 206 14.10 -75.53 16.82
C ALA B 206 14.42 -74.10 17.25
N MET B 207 14.43 -73.86 18.55
CA MET B 207 14.73 -72.52 19.05
C MET B 207 16.02 -72.05 18.39
N ALA B 208 17.07 -72.86 18.55
CA ALA B 208 18.37 -72.56 17.99
C ALA B 208 18.27 -72.19 16.51
N GLU B 209 17.53 -72.97 15.75
CA GLU B 209 17.38 -72.72 14.32
C GLU B 209 16.59 -71.45 14.05
N ASP B 210 15.60 -71.16 14.90
CA ASP B 210 14.81 -69.95 14.71
C ASP B 210 15.65 -68.73 15.00
N VAL B 211 16.14 -68.61 16.24
CA VAL B 211 16.96 -67.48 16.65
C VAL B 211 18.08 -67.21 15.65
N SER B 212 18.55 -68.26 14.97
CA SER B 212 19.61 -68.09 13.99
C SER B 212 19.07 -67.26 12.82
N ALA B 213 17.92 -67.68 12.28
CA ALA B 213 17.31 -66.97 11.17
C ALA B 213 17.04 -65.52 11.56
N PHE B 214 16.60 -65.31 12.80
CA PHE B 214 16.32 -63.97 13.29
C PHE B 214 17.59 -63.17 13.13
N LEU B 215 18.66 -63.69 13.71
CA LEU B 215 19.96 -63.03 13.64
C LEU B 215 20.43 -62.84 12.21
N MET B 216 20.05 -63.74 11.30
CA MET B 216 20.47 -63.57 9.92
C MET B 216 19.78 -62.32 9.39
N TRP B 217 18.52 -62.13 9.80
CA TRP B 217 17.77 -60.96 9.37
C TRP B 217 18.31 -59.71 10.07
N ALA B 218 18.61 -59.84 11.35
CA ALA B 218 19.12 -58.72 12.13
C ALA B 218 20.43 -58.18 11.54
N ALA B 219 21.12 -59.02 10.78
CA ALA B 219 22.37 -58.62 10.15
C ALA B 219 22.17 -58.18 8.71
N GLU B 220 21.21 -58.81 8.02
CA GLU B 220 20.91 -58.51 6.63
C GLU B 220 19.45 -58.14 6.40
N PRO B 221 18.90 -57.22 7.21
CA PRO B 221 17.49 -56.84 7.05
C PRO B 221 17.02 -56.61 5.61
N LYS B 222 17.93 -56.12 4.76
CA LYS B 222 17.58 -55.86 3.38
C LYS B 222 17.94 -57.03 2.44
N LEU B 223 17.97 -58.25 3.00
CA LEU B 223 18.30 -59.45 2.23
C LEU B 223 17.39 -59.62 1.00
N MET B 224 16.07 -59.55 1.20
CA MET B 224 15.11 -59.71 0.11
C MET B 224 15.14 -58.58 -0.91
N ALA B 225 15.23 -57.34 -0.41
CA ALA B 225 15.29 -56.19 -1.30
C ALA B 225 16.44 -56.37 -2.27
N ARG B 226 17.60 -56.74 -1.72
CA ARG B 226 18.80 -56.96 -2.49
C ARG B 226 18.63 -58.01 -3.58
N LYS B 227 18.07 -59.16 -3.21
CA LYS B 227 17.84 -60.24 -4.17
C LYS B 227 16.87 -59.85 -5.26
N GLN B 228 15.82 -59.10 -4.90
CA GLN B 228 14.87 -58.66 -5.90
C GLN B 228 15.60 -57.69 -6.83
N ALA B 229 16.30 -56.74 -6.22
CA ALA B 229 17.09 -55.78 -6.99
C ALA B 229 18.02 -56.57 -7.89
N GLY B 230 18.64 -57.59 -7.31
CA GLY B 230 19.54 -58.45 -8.07
C GLY B 230 18.85 -59.11 -9.24
N PHE B 231 17.78 -59.85 -8.96
CA PHE B 231 17.02 -60.53 -10.00
C PHE B 231 16.65 -59.54 -11.11
N THR B 232 16.05 -58.42 -10.72
CA THR B 232 15.65 -57.40 -11.70
C THR B 232 16.81 -57.04 -12.61
N ALA B 233 17.92 -56.63 -12.00
CA ALA B 233 19.11 -56.23 -12.74
C ALA B 233 19.61 -57.31 -13.69
N VAL B 234 19.67 -58.55 -13.21
CA VAL B 234 20.14 -59.64 -14.06
C VAL B 234 19.25 -59.73 -15.29
N MET B 235 17.95 -59.51 -15.10
CA MET B 235 17.00 -59.56 -16.20
C MET B 235 17.26 -58.50 -17.28
N PHE B 236 17.25 -57.22 -16.89
CA PHE B 236 17.52 -56.15 -17.85
C PHE B 236 18.73 -56.57 -18.68
N LEU B 237 19.81 -56.78 -17.96
CA LEU B 237 21.10 -57.15 -18.53
C LEU B 237 21.12 -58.39 -19.43
N THR B 238 20.44 -59.47 -19.03
CA THR B 238 20.44 -60.66 -19.88
C THR B 238 19.83 -60.25 -21.21
N VAL B 239 18.68 -59.57 -21.14
CA VAL B 239 17.98 -59.10 -22.32
C VAL B 239 18.83 -58.13 -23.11
N LEU B 240 19.32 -57.10 -22.43
CA LEU B 240 20.14 -56.08 -23.05
C LEU B 240 21.40 -56.67 -23.69
N SER B 241 21.97 -57.68 -23.05
CA SER B 241 23.16 -58.33 -23.58
C SER B 241 22.84 -58.94 -24.94
N VAL B 242 21.75 -59.71 -24.98
CA VAL B 242 21.30 -60.37 -26.19
C VAL B 242 21.10 -59.40 -27.36
N LEU B 243 20.40 -58.31 -27.09
CA LEU B 243 20.13 -57.30 -28.11
C LEU B 243 21.45 -56.76 -28.63
N LEU B 244 22.28 -56.28 -27.71
CA LEU B 244 23.59 -55.73 -28.06
C LEU B 244 24.46 -56.74 -28.77
N TYR B 245 24.31 -58.00 -28.39
CA TYR B 245 25.09 -59.05 -29.01
C TYR B 245 24.68 -59.17 -30.48
N LEU B 246 23.38 -59.09 -30.72
CA LEU B 246 22.84 -59.18 -32.07
C LEU B 246 23.14 -57.90 -32.84
N THR B 247 23.05 -56.76 -32.15
CA THR B 247 23.31 -55.47 -32.78
C THR B 247 24.77 -55.45 -33.22
N ASN B 248 25.64 -55.96 -32.36
CA ASN B 248 27.07 -56.01 -32.62
C ASN B 248 27.37 -56.97 -33.77
N LYS B 249 26.76 -58.17 -33.72
CA LYS B 249 26.94 -59.18 -34.76
C LYS B 249 26.54 -58.59 -36.10
N ARG B 250 25.37 -57.97 -36.12
CA ARG B 250 24.81 -57.36 -37.31
C ARG B 250 25.78 -56.30 -37.82
N LEU B 251 26.08 -55.33 -36.96
CA LEU B 251 26.98 -54.24 -37.29
C LEU B 251 28.34 -54.70 -37.84
N TRP B 252 28.94 -55.69 -37.21
CA TRP B 252 30.24 -56.19 -37.66
C TRP B 252 30.23 -57.05 -38.90
N ALA B 253 29.12 -57.75 -39.13
CA ALA B 253 29.01 -58.62 -40.30
C ALA B 253 29.38 -57.88 -41.59
N GLY B 254 29.16 -56.56 -41.60
CA GLY B 254 29.48 -55.78 -42.77
C GLY B 254 30.98 -55.59 -42.95
N VAL B 255 31.75 -56.25 -42.09
CA VAL B 255 33.21 -56.15 -42.14
C VAL B 255 33.80 -57.52 -42.45
N LYS B 256 33.34 -58.54 -41.73
CA LYS B 256 33.78 -59.91 -41.93
C LYS B 256 32.59 -60.84 -41.75
N GLY C 1 15.68 -56.43 -43.11
CA GLY C 1 14.94 -55.16 -43.37
C GLY C 1 14.76 -54.32 -42.14
N THR C 2 13.53 -54.27 -41.63
CA THR C 2 13.22 -53.48 -40.46
C THR C 2 13.34 -54.27 -39.16
N ARG C 3 14.01 -55.41 -39.23
CA ARG C 3 14.22 -56.25 -38.04
C ARG C 3 15.41 -55.67 -37.29
N ARG C 4 16.28 -55.01 -38.06
CA ARG C 4 17.48 -54.39 -37.53
C ARG C 4 17.15 -52.97 -37.08
N ASP C 5 16.26 -52.31 -37.81
CA ASP C 5 15.88 -50.96 -37.45
C ASP C 5 14.94 -51.02 -36.25
N PHE C 6 14.43 -52.22 -35.98
CA PHE C 6 13.56 -52.46 -34.84
C PHE C 6 14.52 -52.74 -33.71
N LEU C 7 15.51 -53.57 -34.04
CA LEU C 7 16.56 -53.98 -33.11
C LEU C 7 17.12 -52.75 -32.45
N TYR C 8 17.36 -51.71 -33.25
CA TYR C 8 17.90 -50.44 -32.76
C TYR C 8 17.03 -49.89 -31.64
N TYR C 9 15.72 -49.88 -31.88
CA TYR C 9 14.73 -49.39 -30.94
C TYR C 9 14.67 -50.27 -29.68
N ALA C 10 14.59 -51.58 -29.88
CA ALA C 10 14.53 -52.51 -28.76
C ALA C 10 15.77 -52.32 -27.90
N THR C 11 16.90 -52.04 -28.55
CA THR C 11 18.16 -51.82 -27.86
C THR C 11 18.14 -50.47 -27.17
N ALA C 12 18.08 -49.39 -27.97
CA ALA C 12 18.05 -48.03 -27.45
C ALA C 12 17.07 -47.90 -26.30
N GLY C 13 15.92 -48.56 -26.42
CA GLY C 13 14.91 -48.52 -25.39
C GLY C 13 15.35 -49.23 -24.14
N ALA C 14 15.92 -50.43 -24.31
CA ALA C 14 16.41 -51.21 -23.18
C ALA C 14 17.46 -50.37 -22.47
N GLY C 15 18.30 -49.70 -23.25
CA GLY C 15 19.34 -48.87 -22.68
C GLY C 15 18.71 -47.80 -21.78
N ALA C 16 17.96 -46.90 -22.39
CA ALA C 16 17.31 -45.81 -21.65
C ALA C 16 16.62 -46.32 -20.39
N VAL C 17 16.04 -47.51 -20.45
CA VAL C 17 15.35 -48.07 -19.29
C VAL C 17 16.35 -48.29 -18.16
N ALA C 18 17.46 -48.93 -18.49
CA ALA C 18 18.51 -49.21 -17.51
C ALA C 18 19.09 -47.91 -16.98
N THR C 19 19.46 -47.03 -17.91
CA THR C 19 20.03 -45.72 -17.59
C THR C 19 19.22 -45.01 -16.50
N GLY C 20 17.91 -45.23 -16.51
CA GLY C 20 17.03 -44.61 -15.54
C GLY C 20 16.97 -45.39 -14.23
N ALA C 21 17.02 -46.71 -14.33
CA ALA C 21 16.98 -47.57 -13.15
C ALA C 21 18.24 -47.27 -12.35
N ALA C 22 19.28 -46.86 -13.05
CA ALA C 22 20.55 -46.53 -12.44
C ALA C 22 20.45 -45.18 -11.75
N VAL C 23 20.02 -44.18 -12.52
CA VAL C 23 19.89 -42.82 -12.04
C VAL C 23 18.94 -42.58 -10.86
N TRP C 24 17.71 -43.06 -10.95
CA TRP C 24 16.73 -42.84 -9.88
C TRP C 24 17.28 -43.04 -8.47
N PRO C 25 17.97 -44.18 -8.22
CA PRO C 25 18.49 -44.37 -6.85
C PRO C 25 19.63 -43.44 -6.46
N LEU C 26 20.40 -43.00 -7.44
CA LEU C 26 21.47 -42.06 -7.13
C LEU C 26 20.79 -40.83 -6.57
N ILE C 27 19.66 -40.49 -7.18
CA ILE C 27 18.87 -39.36 -6.75
C ILE C 27 18.13 -39.67 -5.44
N ASN C 28 17.46 -40.81 -5.40
CA ASN C 28 16.68 -41.18 -4.23
C ASN C 28 17.43 -41.42 -2.92
N GLN C 29 18.74 -41.67 -2.97
CA GLN C 29 19.47 -41.88 -1.72
C GLN C 29 19.42 -40.65 -0.83
N MET C 30 19.26 -39.50 -1.45
CA MET C 30 19.21 -38.24 -0.72
C MET C 30 17.89 -37.91 -0.08
N ASN C 31 16.86 -38.70 -0.33
CA ASN C 31 15.59 -38.44 0.30
C ASN C 31 15.64 -38.97 1.74
N PRO C 32 14.90 -38.34 2.66
CA PRO C 32 14.87 -38.76 4.06
C PRO C 32 15.10 -40.24 4.28
N SER C 33 16.11 -40.58 5.08
CA SER C 33 16.40 -41.97 5.37
C SER C 33 15.45 -42.50 6.43
N ALA C 34 15.41 -43.82 6.57
CA ALA C 34 14.53 -44.51 7.51
C ALA C 34 14.55 -44.02 8.96
N ASP C 35 15.68 -43.46 9.42
CA ASP C 35 15.76 -43.00 10.80
C ASP C 35 15.12 -41.63 11.00
N VAL C 36 15.03 -40.86 9.91
CA VAL C 36 14.43 -39.54 9.95
C VAL C 36 12.91 -39.66 9.85
N GLN C 37 12.44 -40.43 8.87
CA GLN C 37 11.01 -40.65 8.70
C GLN C 37 10.32 -41.12 9.98
N ALA C 38 11.08 -41.32 11.05
CA ALA C 38 10.51 -41.77 12.32
C ALA C 38 9.89 -40.59 13.08
N LEU C 39 8.85 -40.01 12.47
CA LEU C 39 8.14 -38.87 13.04
C LEU C 39 7.21 -39.27 14.20
N ALA C 40 7.45 -38.70 15.37
CA ALA C 40 6.65 -39.00 16.56
C ALA C 40 5.64 -37.89 16.90
N SER C 41 5.32 -37.74 18.18
CA SER C 41 4.36 -36.73 18.64
C SER C 41 4.53 -36.38 20.11
N ILE C 42 5.49 -35.50 20.40
CA ILE C 42 5.80 -35.08 21.75
C ILE C 42 4.63 -34.48 22.55
N PHE C 43 4.89 -34.21 23.82
CA PHE C 43 3.93 -33.59 24.73
C PHE C 43 4.67 -32.49 25.47
N VAL C 44 3.96 -31.40 25.82
CA VAL C 44 4.61 -30.30 26.52
C VAL C 44 3.86 -29.84 27.76
N ASP C 45 4.60 -29.72 28.87
CA ASP C 45 4.01 -29.26 30.13
C ASP C 45 3.94 -27.74 30.02
N VAL C 46 2.78 -27.18 30.35
CA VAL C 46 2.61 -25.73 30.25
C VAL C 46 2.28 -25.09 31.61
N SER C 47 2.01 -25.93 32.60
CA SER C 47 1.67 -25.49 33.95
C SER C 47 2.48 -24.29 34.43
N SER C 48 3.73 -24.24 34.00
CA SER C 48 4.66 -23.18 34.37
C SER C 48 4.39 -21.83 33.70
N VAL C 49 4.20 -21.86 32.39
CA VAL C 49 3.98 -20.69 31.56
C VAL C 49 3.01 -19.59 32.01
N GLU C 50 3.55 -18.48 32.51
CA GLU C 50 2.72 -17.34 32.90
C GLU C 50 2.34 -16.66 31.58
N PRO C 51 1.28 -15.84 31.58
CA PRO C 51 0.88 -15.17 30.34
C PRO C 51 1.87 -14.07 29.95
N GLY C 52 2.13 -13.95 28.66
CA GLY C 52 3.08 -12.96 28.17
C GLY C 52 4.42 -13.63 27.99
N VAL C 53 4.42 -14.94 28.19
CA VAL C 53 5.61 -15.76 28.07
C VAL C 53 5.55 -16.73 26.90
N GLN C 54 6.63 -16.77 26.12
CA GLN C 54 6.69 -17.70 24.99
C GLN C 54 7.57 -18.86 25.38
N LEU C 55 7.25 -20.03 24.84
CA LEU C 55 7.98 -21.25 25.11
C LEU C 55 8.43 -21.80 23.77
N THR C 56 9.73 -22.00 23.61
CA THR C 56 10.23 -22.53 22.36
C THR C 56 10.55 -24.00 22.59
N VAL C 57 10.14 -24.84 21.65
CA VAL C 57 10.33 -26.28 21.76
C VAL C 57 10.76 -26.90 20.44
N LYS C 58 11.63 -27.90 20.53
CA LYS C 58 12.06 -28.56 19.33
C LYS C 58 11.07 -29.63 18.92
N PHE C 59 10.96 -29.81 17.61
CA PHE C 59 10.05 -30.78 17.07
C PHE C 59 10.35 -30.86 15.59
N LEU C 60 10.69 -32.05 15.12
CA LEU C 60 11.03 -32.28 13.72
C LEU C 60 12.19 -31.39 13.25
N GLY C 61 13.06 -31.02 14.19
CA GLY C 61 14.22 -30.21 13.85
C GLY C 61 13.99 -28.72 13.68
N LYS C 62 12.77 -28.27 13.94
CA LYS C 62 12.41 -26.85 13.83
C LYS C 62 11.79 -26.45 15.14
N PRO C 63 11.67 -25.14 15.40
CA PRO C 63 11.05 -24.76 16.68
C PRO C 63 9.54 -24.62 16.57
N ILE C 64 8.89 -24.70 17.73
CA ILE C 64 7.45 -24.54 17.83
C ILE C 64 7.22 -23.64 19.02
N PHE C 65 6.62 -22.48 18.77
CA PHE C 65 6.35 -21.53 19.84
C PHE C 65 5.04 -21.88 20.54
N ILE C 66 4.99 -21.58 21.82
CA ILE C 66 3.80 -21.80 22.63
C ILE C 66 3.74 -20.60 23.55
N ARG C 67 3.04 -19.57 23.09
CA ARG C 67 2.92 -18.35 23.85
C ARG C 67 1.56 -18.19 24.51
N ARG C 68 1.59 -17.84 25.79
CA ARG C 68 0.37 -17.60 26.53
C ARG C 68 0.22 -16.09 26.38
N ARG C 69 -0.75 -15.68 25.58
CA ARG C 69 -0.95 -14.26 25.32
C ARG C 69 -1.58 -13.43 26.43
N THR C 70 -1.36 -12.12 26.34
CA THR C 70 -1.89 -11.16 27.31
C THR C 70 -3.20 -10.62 26.74
N GLU C 71 -3.94 -9.85 27.55
CA GLU C 71 -5.19 -9.27 27.08
C GLU C 71 -4.84 -8.50 25.81
N ALA C 72 -3.83 -7.65 25.92
CA ALA C 72 -3.38 -6.82 24.80
C ALA C 72 -3.15 -7.64 23.54
N ASP C 73 -2.44 -8.76 23.66
CA ASP C 73 -2.19 -9.61 22.49
C ASP C 73 -3.49 -10.11 21.87
N ILE C 74 -4.42 -10.52 22.73
CA ILE C 74 -5.70 -11.01 22.27
C ILE C 74 -6.54 -9.86 21.71
N GLU C 75 -6.35 -8.69 22.30
CA GLU C 75 -7.04 -7.46 21.89
C GLU C 75 -6.71 -7.11 20.44
N LEU C 76 -5.46 -6.72 20.22
CA LEU C 76 -4.96 -6.36 18.89
C LEU C 76 -5.29 -7.46 17.89
N GLY C 77 -5.15 -8.71 18.33
CA GLY C 77 -5.43 -9.83 17.47
C GLY C 77 -6.83 -9.75 16.90
N ARG C 78 -7.82 -9.65 17.78
CA ARG C 78 -9.20 -9.57 17.36
C ARG C 78 -9.59 -8.30 16.59
N SER C 79 -8.93 -7.18 16.88
CA SER C 79 -9.26 -5.94 16.19
C SER C 79 -8.86 -5.88 14.72
N VAL C 80 -8.25 -6.93 14.19
CA VAL C 80 -7.86 -6.89 12.77
C VAL C 80 -8.95 -7.44 11.86
N GLN C 81 -9.02 -6.91 10.64
CA GLN C 81 -10.03 -7.33 9.69
C GLN C 81 -9.54 -8.21 8.57
N LEU C 82 -10.16 -9.37 8.46
CA LEU C 82 -9.88 -10.37 7.45
C LEU C 82 -9.38 -9.74 6.15
N GLY C 83 -9.98 -8.61 5.77
CA GLY C 83 -9.59 -7.92 4.56
C GLY C 83 -8.33 -7.08 4.70
N GLN C 84 -7.87 -6.92 5.93
CA GLN C 84 -6.67 -6.14 6.22
C GLN C 84 -5.41 -7.01 6.24
N LEU C 85 -5.59 -8.32 6.12
CA LEU C 85 -4.49 -9.26 6.15
C LEU C 85 -3.82 -9.45 4.79
N VAL C 86 -2.77 -10.27 4.78
CA VAL C 86 -2.05 -10.56 3.55
C VAL C 86 -2.40 -11.98 3.15
N ASP C 87 -2.76 -12.76 4.15
CA ASP C 87 -3.11 -14.15 4.00
C ASP C 87 -4.33 -14.36 4.90
N THR C 88 -5.48 -14.64 4.30
CA THR C 88 -6.73 -14.82 5.03
C THR C 88 -6.93 -16.23 5.57
N ASN C 89 -6.15 -17.17 5.08
CA ASN C 89 -6.26 -18.56 5.51
C ASN C 89 -5.72 -18.72 6.92
N ALA C 90 -6.44 -19.46 7.76
CA ALA C 90 -6.04 -19.68 9.14
C ALA C 90 -4.80 -20.56 9.27
N ARG C 91 -4.44 -21.25 8.21
CA ARG C 91 -3.26 -22.12 8.24
C ARG C 91 -3.29 -22.96 9.51
N ASN C 92 -4.46 -23.48 9.85
CA ASN C 92 -4.59 -24.28 11.07
C ASN C 92 -4.94 -25.72 10.71
N ALA C 93 -4.02 -26.64 11.04
CA ALA C 93 -4.21 -28.04 10.77
C ALA C 93 -5.26 -28.69 11.67
N ASN C 94 -5.63 -27.99 12.74
CA ASN C 94 -6.62 -28.50 13.67
C ASN C 94 -8.03 -28.27 13.11
N ILE C 95 -8.30 -27.05 12.69
CA ILE C 95 -9.61 -26.69 12.15
C ILE C 95 -9.67 -26.97 10.65
N ASP C 96 -10.74 -26.52 10.00
CA ASP C 96 -10.94 -26.73 8.57
C ASP C 96 -9.87 -26.09 7.70
N ALA C 97 -9.58 -26.74 6.57
CA ALA C 97 -8.58 -26.26 5.63
C ALA C 97 -8.88 -24.86 5.12
N GLY C 98 -10.17 -24.55 4.96
CA GLY C 98 -10.55 -23.25 4.45
C GLY C 98 -10.87 -22.17 5.46
N ALA C 99 -10.72 -22.47 6.75
CA ALA C 99 -11.00 -21.48 7.80
C ALA C 99 -10.33 -20.15 7.50
N GLU C 100 -10.69 -19.11 8.26
CA GLU C 100 -10.13 -17.79 8.04
C GLU C 100 -9.20 -17.28 9.16
N ALA C 101 -8.21 -16.50 8.73
CA ALA C 101 -7.20 -15.91 9.60
C ALA C 101 -7.74 -15.03 10.71
N THR C 102 -8.81 -15.46 11.37
CA THR C 102 -9.37 -14.67 12.47
C THR C 102 -8.69 -15.10 13.76
N ASP C 103 -8.42 -14.14 14.62
CA ASP C 103 -7.74 -14.38 15.89
C ASP C 103 -8.27 -15.54 16.74
N GLN C 104 -9.54 -15.88 16.56
CA GLN C 104 -10.14 -17.00 17.29
C GLN C 104 -9.73 -18.29 16.57
N ASN C 105 -9.58 -18.17 15.24
CA ASN C 105 -9.21 -19.26 14.36
C ASN C 105 -7.71 -19.57 14.41
N ARG C 106 -6.99 -18.87 15.27
CA ARG C 106 -5.54 -19.04 15.38
C ARG C 106 -5.07 -19.54 16.75
N THR C 107 -5.94 -19.48 17.75
CA THR C 107 -5.59 -19.96 19.08
C THR C 107 -6.17 -21.36 19.33
N LEU C 108 -5.68 -22.02 20.37
CA LEU C 108 -6.16 -23.35 20.71
C LEU C 108 -7.39 -23.28 21.61
N ASP C 109 -7.43 -22.28 22.48
CA ASP C 109 -8.55 -22.11 23.39
C ASP C 109 -9.50 -21.04 22.86
N GLU C 110 -10.62 -20.86 23.55
CA GLU C 110 -11.58 -19.86 23.11
C GLU C 110 -11.28 -18.49 23.71
N ALA C 111 -10.76 -18.47 24.93
CA ALA C 111 -10.40 -17.21 25.55
C ALA C 111 -9.30 -16.59 24.69
N GLY C 112 -8.84 -17.32 23.69
CA GLY C 112 -7.79 -16.82 22.81
C GLY C 112 -6.49 -16.57 23.52
N GLU C 113 -6.21 -17.41 24.50
CA GLU C 113 -5.01 -17.28 25.31
C GLU C 113 -3.81 -18.15 24.92
N TRP C 114 -4.04 -19.29 24.27
CA TRP C 114 -2.95 -20.17 23.87
C TRP C 114 -2.63 -20.18 22.38
N LEU C 115 -1.59 -19.43 22.01
CA LEU C 115 -1.17 -19.39 20.62
C LEU C 115 -0.07 -20.42 20.43
N VAL C 116 -0.33 -21.40 19.56
CA VAL C 116 0.64 -22.45 19.28
C VAL C 116 0.90 -22.56 17.79
N MET C 117 2.15 -22.33 17.40
CA MET C 117 2.51 -22.37 15.99
C MET C 117 3.99 -22.68 15.78
N TRP C 118 4.32 -23.04 14.55
CA TRP C 118 5.69 -23.33 14.16
C TRP C 118 6.44 -22.01 14.13
N GLY C 119 7.58 -21.93 14.81
CA GLY C 119 8.34 -20.71 14.79
C GLY C 119 9.20 -20.66 13.55
N VAL C 120 8.62 -21.07 12.43
CA VAL C 120 9.34 -21.11 11.16
C VAL C 120 8.80 -20.11 10.14
N CYS C 121 9.50 -18.99 9.98
CA CYS C 121 9.08 -17.98 9.00
C CYS C 121 8.62 -18.71 7.76
N THR C 122 7.56 -18.21 7.14
CA THR C 122 7.05 -18.87 5.94
C THR C 122 7.80 -18.40 4.71
N HIS C 123 8.68 -17.41 4.88
CA HIS C 123 9.46 -16.92 3.74
C HIS C 123 10.52 -17.95 3.37
N LEU C 124 11.58 -18.01 4.18
CA LEU C 124 12.66 -18.94 3.92
C LEU C 124 13.14 -19.78 5.10
N GLY C 125 12.36 -19.83 6.17
CA GLY C 125 12.73 -20.67 7.30
C GLY C 125 13.23 -20.17 8.64
N CYS C 126 13.83 -18.99 8.70
CA CYS C 126 14.35 -18.50 9.97
C CYS C 126 13.33 -18.54 11.10
N VAL C 127 13.81 -18.21 12.29
CA VAL C 127 12.97 -18.21 13.45
C VAL C 127 12.69 -16.77 13.89
N PRO C 128 11.44 -16.31 13.69
CA PRO C 128 11.04 -14.96 14.06
C PRO C 128 11.16 -14.71 15.55
N ILE C 129 11.63 -13.51 15.87
CA ILE C 129 11.83 -13.08 17.24
C ILE C 129 10.49 -12.64 17.85
N GLY C 130 10.21 -13.16 19.04
CA GLY C 130 8.99 -12.82 19.73
C GLY C 130 9.22 -11.77 20.80
N GLY C 131 8.31 -11.71 21.77
CA GLY C 131 8.44 -10.72 22.83
C GLY C 131 7.85 -9.42 22.31
N VAL C 132 6.86 -9.57 21.43
CA VAL C 132 6.21 -8.45 20.79
C VAL C 132 7.30 -7.69 20.06
N SER C 133 7.71 -8.25 18.93
CA SER C 133 8.74 -7.65 18.09
C SER C 133 8.10 -7.29 16.77
N GLY C 134 8.52 -6.17 16.19
CA GLY C 134 7.95 -5.78 14.92
C GLY C 134 7.00 -4.60 14.98
N ASP C 135 6.37 -4.32 13.84
CA ASP C 135 5.42 -3.22 13.72
C ASP C 135 3.97 -3.65 13.76
N PHE C 136 3.69 -4.79 14.40
CA PHE C 136 2.34 -5.30 14.51
C PHE C 136 2.17 -6.13 15.79
N GLY C 137 2.93 -5.75 16.81
CA GLY C 137 2.86 -6.43 18.09
C GLY C 137 3.04 -7.94 18.06
N GLY C 138 3.89 -8.45 17.16
CA GLY C 138 4.02 -9.90 17.14
C GLY C 138 5.45 -10.41 17.08
N TRP C 139 5.83 -10.87 15.89
CA TRP C 139 7.15 -11.42 15.67
C TRP C 139 7.88 -10.72 14.53
N PHE C 140 9.20 -10.77 14.57
CA PHE C 140 9.99 -10.15 13.53
C PHE C 140 11.02 -11.14 13.03
N CYS C 141 11.03 -11.38 11.73
CA CYS C 141 12.01 -12.29 11.16
C CYS C 141 13.19 -11.44 10.71
N PRO C 142 14.35 -11.63 11.35
CA PRO C 142 15.55 -10.88 11.02
C PRO C 142 16.19 -11.24 9.68
N CYS C 143 15.81 -12.38 9.12
CA CYS C 143 16.40 -12.78 7.86
C CYS C 143 16.06 -11.87 6.67
N HIS C 144 14.82 -11.47 6.51
CA HIS C 144 14.50 -10.57 5.41
C HIS C 144 13.47 -9.49 5.77
N GLY C 145 13.17 -9.39 7.04
CA GLY C 145 12.23 -8.38 7.49
C GLY C 145 10.75 -8.64 7.36
N SER C 146 10.27 -9.78 7.85
CA SER C 146 8.85 -10.09 7.81
C SER C 146 8.29 -9.80 9.19
N HIS C 147 7.09 -9.24 9.23
CA HIS C 147 6.46 -8.94 10.50
C HIS C 147 5.22 -9.79 10.63
N TYR C 148 4.91 -10.20 11.85
CA TYR C 148 3.75 -11.02 12.13
C TYR C 148 3.01 -10.41 13.31
N ASP C 149 1.69 -10.43 13.29
CA ASP C 149 0.91 -9.87 14.40
C ASP C 149 0.77 -10.83 15.57
N SER C 150 0.16 -10.35 16.65
CA SER C 150 -0.04 -11.13 17.87
C SER C 150 -0.77 -12.45 17.67
N ALA C 151 -1.02 -12.80 16.42
CA ALA C 151 -1.69 -14.06 16.10
C ALA C 151 -0.77 -14.87 15.18
N GLY C 152 0.38 -14.28 14.87
CA GLY C 152 1.34 -14.93 14.00
C GLY C 152 0.95 -14.82 12.54
N ARG C 153 0.21 -13.77 12.19
CA ARG C 153 -0.22 -13.57 10.82
C ARG C 153 0.75 -12.63 10.13
N ILE C 154 1.07 -12.95 8.88
CA ILE C 154 1.99 -12.13 8.10
C ILE C 154 1.33 -10.81 7.74
N ARG C 155 1.98 -9.71 8.11
CA ARG C 155 1.44 -8.38 7.86
C ARG C 155 2.38 -7.52 7.01
N LYS C 156 3.55 -8.06 6.66
CA LYS C 156 4.49 -7.29 5.87
C LYS C 156 5.83 -8.01 5.71
N GLY C 157 6.44 -7.83 4.54
CA GLY C 157 7.71 -8.47 4.24
C GLY C 157 7.57 -9.40 3.05
N PRO C 158 8.46 -10.40 2.90
CA PRO C 158 8.32 -11.31 1.76
C PRO C 158 7.62 -12.62 2.12
N ALA C 159 7.46 -12.86 3.42
CA ALA C 159 6.79 -14.07 3.89
C ALA C 159 5.42 -14.11 3.22
N PRO C 160 5.04 -15.25 2.62
CA PRO C 160 3.74 -15.30 1.96
C PRO C 160 2.56 -15.78 2.81
N GLU C 161 2.85 -16.47 3.90
CA GLU C 161 1.78 -17.00 4.73
C GLU C 161 1.92 -16.75 6.21
N ASN C 162 0.93 -17.24 6.98
CA ASN C 162 0.96 -17.09 8.41
C ASN C 162 1.67 -18.29 8.99
N LEU C 163 2.35 -18.07 10.11
CA LEU C 163 3.07 -19.14 10.77
C LEU C 163 2.09 -20.30 10.88
N PRO C 164 2.49 -21.48 10.39
CA PRO C 164 1.59 -22.65 10.46
C PRO C 164 1.34 -23.09 11.89
N ILE C 165 0.18 -23.70 12.09
CA ILE C 165 -0.18 -24.25 13.39
C ILE C 165 -0.23 -25.74 13.12
N PRO C 166 0.43 -26.53 13.98
CA PRO C 166 0.45 -27.98 13.78
C PRO C 166 -0.66 -28.62 14.59
N LEU C 167 -0.84 -29.92 14.41
CA LEU C 167 -1.84 -30.63 15.17
C LEU C 167 -1.39 -30.46 16.61
N ALA C 168 -2.11 -29.61 17.34
CA ALA C 168 -1.80 -29.35 18.74
C ALA C 168 -3.13 -29.30 19.48
N LYS C 169 -3.19 -29.95 20.64
CA LYS C 169 -4.41 -29.99 21.42
C LYS C 169 -4.10 -30.23 22.90
N PHE C 170 -4.93 -29.68 23.78
CA PHE C 170 -4.72 -29.88 25.21
C PHE C 170 -5.12 -31.30 25.58
N ILE C 171 -4.17 -32.03 26.17
CA ILE C 171 -4.42 -33.41 26.59
C ILE C 171 -5.01 -33.41 27.99
N ASP C 172 -4.94 -32.26 28.66
CA ASP C 172 -5.49 -32.12 29.98
C ASP C 172 -5.22 -30.73 30.57
N GLU C 173 -5.75 -30.53 31.77
CA GLU C 173 -5.63 -29.30 32.53
C GLU C 173 -4.38 -28.47 32.20
N THR C 174 -3.24 -29.13 32.06
CA THR C 174 -2.00 -28.42 31.80
C THR C 174 -0.96 -29.16 30.95
N THR C 175 -1.36 -29.66 29.79
CA THR C 175 -0.42 -30.36 28.92
C THR C 175 -0.90 -30.49 27.47
N ILE C 176 -0.17 -29.83 26.58
CA ILE C 176 -0.49 -29.84 25.16
C ILE C 176 0.27 -30.95 24.44
N GLN C 177 -0.43 -31.65 23.54
CA GLN C 177 0.22 -32.70 22.76
C GLN C 177 0.43 -32.20 21.35
N LEU C 178 1.68 -31.92 21.00
CA LEU C 178 1.97 -31.46 19.66
C LEU C 178 1.92 -32.68 18.75
N GLY C 179 2.46 -32.56 17.55
CA GLY C 179 2.46 -33.68 16.62
C GLY C 179 1.06 -34.19 16.32
N GLY D 1 45.04 -18.11 -32.19
CA GLY D 1 45.05 -18.28 -33.67
C GLY D 1 46.06 -17.37 -34.35
N ILE D 2 46.83 -16.65 -33.54
CA ILE D 2 47.85 -15.72 -34.02
C ILE D 2 48.99 -16.45 -34.74
N PRO D 3 49.76 -15.74 -35.59
CA PRO D 3 50.87 -16.38 -36.32
C PRO D 3 52.17 -16.46 -35.50
N HIS D 4 52.57 -17.68 -35.14
CA HIS D 4 53.80 -17.87 -34.36
C HIS D 4 54.57 -19.14 -34.76
N ASP D 5 55.49 -19.57 -33.90
CA ASP D 5 56.30 -20.77 -34.14
C ASP D 5 56.06 -21.74 -32.99
N HIS D 6 55.74 -22.99 -33.31
CA HIS D 6 55.48 -23.98 -32.26
C HIS D 6 56.73 -24.65 -31.70
N TYR D 7 56.51 -25.55 -30.73
CA TYR D 7 57.57 -26.29 -30.04
C TYR D 7 58.42 -27.16 -30.95
N GLU D 8 59.74 -27.07 -30.77
CA GLU D 8 60.68 -27.85 -31.56
C GLU D 8 61.54 -28.68 -30.59
N PRO D 9 61.41 -30.02 -30.64
CA PRO D 9 62.16 -30.95 -29.78
C PRO D 9 63.68 -30.86 -30.01
N ARG D 10 64.44 -30.55 -28.96
CA ARG D 10 65.89 -30.43 -29.11
C ARG D 10 66.66 -31.49 -28.33
N THR D 11 66.43 -31.56 -27.01
CA THR D 11 67.10 -32.53 -26.14
C THR D 11 67.01 -33.95 -26.69
N GLY D 12 67.67 -34.90 -26.03
CA GLY D 12 67.62 -36.28 -26.45
C GLY D 12 66.36 -36.88 -25.86
N ILE D 13 66.16 -36.70 -24.57
CA ILE D 13 64.97 -37.20 -23.89
C ILE D 13 63.78 -36.57 -24.60
N GLU D 14 63.87 -35.26 -24.81
CA GLU D 14 62.81 -34.50 -25.46
C GLU D 14 62.34 -35.05 -26.80
N LYS D 15 63.25 -35.57 -27.60
CA LYS D 15 62.86 -36.11 -28.91
C LYS D 15 62.20 -37.48 -28.74
N TRP D 16 62.61 -38.21 -27.71
CA TRP D 16 62.05 -39.53 -27.40
C TRP D 16 60.63 -39.33 -26.90
N LEU D 17 60.50 -38.48 -25.90
CA LEU D 17 59.21 -38.20 -25.29
C LEU D 17 58.20 -37.64 -26.29
N HIS D 18 58.63 -36.62 -27.02
CA HIS D 18 57.76 -35.95 -27.98
C HIS D 18 57.10 -36.86 -29.03
N SER D 19 57.81 -37.86 -29.52
CA SER D 19 57.24 -38.76 -30.52
C SER D 19 56.22 -39.72 -29.92
N ARG D 20 56.12 -39.74 -28.59
CA ARG D 20 55.21 -40.64 -27.89
C ARG D 20 54.01 -39.96 -27.26
N LEU D 21 54.28 -38.88 -26.54
CA LEU D 21 53.26 -38.09 -25.86
C LEU D 21 53.75 -36.66 -25.94
N PRO D 22 53.26 -35.89 -26.92
CA PRO D 22 53.68 -34.49 -27.08
C PRO D 22 53.19 -33.55 -25.98
N ILE D 23 53.21 -34.04 -24.75
CA ILE D 23 52.77 -33.24 -23.61
C ILE D 23 53.64 -31.99 -23.41
N VAL D 24 54.92 -32.11 -23.76
CA VAL D 24 55.84 -30.98 -23.60
C VAL D 24 55.48 -29.90 -24.62
N ALA D 25 55.08 -30.32 -25.81
CA ALA D 25 54.71 -29.38 -26.86
C ALA D 25 53.43 -28.66 -26.44
N LEU D 26 52.52 -29.38 -25.78
CA LEU D 26 51.27 -28.76 -25.35
C LEU D 26 51.56 -27.66 -24.33
N ALA D 27 52.29 -28.00 -23.27
CA ALA D 27 52.65 -27.05 -22.23
C ALA D 27 53.30 -25.84 -22.89
N TYR D 28 54.10 -26.11 -23.92
CA TYR D 28 54.80 -25.07 -24.65
C TYR D 28 53.80 -24.06 -25.24
N ASP D 29 52.94 -24.56 -26.12
CA ASP D 29 51.94 -23.70 -26.77
C ASP D 29 51.00 -22.97 -25.82
N THR D 30 50.90 -23.45 -24.58
CA THR D 30 50.04 -22.83 -23.60
C THR D 30 50.68 -21.59 -22.99
N ILE D 31 52.00 -21.64 -22.82
CA ILE D 31 52.71 -20.53 -22.22
C ILE D 31 53.66 -19.82 -23.20
N MET D 32 53.53 -20.14 -24.48
CA MET D 32 54.35 -19.50 -25.50
C MET D 32 53.44 -18.81 -26.51
N ILE D 33 52.21 -18.58 -26.08
CA ILE D 33 51.20 -17.92 -26.89
C ILE D 33 51.45 -16.42 -26.98
N PRO D 34 51.45 -15.87 -28.21
CA PRO D 34 51.67 -14.42 -28.38
C PRO D 34 50.50 -13.64 -27.79
N THR D 35 50.81 -12.79 -26.82
CA THR D 35 49.82 -11.99 -26.11
C THR D 35 50.00 -10.50 -26.40
N PRO D 36 48.88 -9.76 -26.57
CA PRO D 36 48.97 -8.32 -26.85
C PRO D 36 49.83 -7.55 -25.83
N ARG D 37 50.68 -6.67 -26.35
CA ARG D 37 51.61 -5.85 -25.56
C ARG D 37 51.00 -4.85 -24.57
N ASN D 38 49.82 -4.35 -24.89
CA ASN D 38 49.15 -3.33 -24.09
C ASN D 38 48.28 -3.73 -22.90
N LEU D 39 48.25 -5.01 -22.56
CA LEU D 39 47.43 -5.44 -21.42
C LEU D 39 47.79 -4.62 -20.18
N ASN D 40 46.78 -4.25 -19.40
CA ASN D 40 47.05 -3.48 -18.19
C ASN D 40 46.80 -4.30 -16.94
N TRP D 41 46.98 -3.68 -15.78
CA TRP D 41 46.80 -4.34 -14.49
C TRP D 41 45.43 -4.93 -14.22
N MET D 42 44.51 -4.81 -15.18
CA MET D 42 43.17 -5.37 -15.02
C MET D 42 43.15 -6.80 -15.57
N TRP D 43 44.21 -7.17 -16.29
CA TRP D 43 44.32 -8.50 -16.88
C TRP D 43 45.03 -9.49 -15.96
N ILE D 44 45.31 -9.08 -14.72
CA ILE D 44 46.00 -9.99 -13.81
C ILE D 44 45.11 -10.72 -12.81
N TRP D 45 43.80 -10.58 -12.94
CA TRP D 45 42.90 -11.25 -12.00
C TRP D 45 42.67 -12.69 -12.36
N GLY D 46 42.94 -13.05 -13.61
CA GLY D 46 42.77 -14.42 -14.02
C GLY D 46 43.71 -15.28 -13.19
N VAL D 47 44.97 -14.89 -13.15
CA VAL D 47 45.97 -15.66 -12.41
C VAL D 47 45.82 -15.56 -10.89
N VAL D 48 45.14 -14.52 -10.40
CA VAL D 48 44.92 -14.40 -8.95
C VAL D 48 43.85 -15.41 -8.60
N LEU D 49 42.98 -15.69 -9.57
CA LEU D 49 41.91 -16.66 -9.39
C LEU D 49 42.53 -18.05 -9.41
N ALA D 50 43.45 -18.27 -10.34
CA ALA D 50 44.14 -19.54 -10.47
C ALA D 50 44.72 -19.86 -9.12
N PHE D 51 45.51 -18.91 -8.62
CA PHE D 51 46.15 -19.07 -7.32
C PHE D 51 45.11 -19.41 -6.27
N CYS D 52 44.06 -18.60 -6.21
CA CYS D 52 42.98 -18.82 -5.24
C CYS D 52 42.39 -20.22 -5.29
N LEU D 53 42.12 -20.71 -6.49
CA LEU D 53 41.57 -22.04 -6.65
C LEU D 53 42.55 -23.07 -6.10
N VAL D 54 43.82 -22.96 -6.50
CA VAL D 54 44.82 -23.89 -6.01
C VAL D 54 44.93 -23.76 -4.49
N LEU D 55 45.02 -22.53 -3.99
CA LEU D 55 45.13 -22.33 -2.54
C LEU D 55 43.98 -22.99 -1.79
N GLN D 56 42.76 -22.75 -2.26
CA GLN D 56 41.60 -23.33 -1.60
C GLN D 56 41.64 -24.85 -1.63
N ILE D 57 41.95 -25.41 -2.80
CA ILE D 57 42.01 -26.86 -2.93
C ILE D 57 43.01 -27.51 -1.97
N VAL D 58 44.27 -27.07 -1.98
CA VAL D 58 45.24 -27.70 -1.07
C VAL D 58 44.93 -27.45 0.41
N THR D 59 44.50 -26.24 0.76
CA THR D 59 44.17 -25.95 2.16
C THR D 59 42.90 -26.73 2.53
N GLY D 60 42.08 -26.98 1.52
CA GLY D 60 40.86 -27.71 1.77
C GLY D 60 41.16 -29.16 2.09
N ILE D 61 41.92 -29.81 1.22
CA ILE D 61 42.29 -31.22 1.42
C ILE D 61 42.92 -31.37 2.79
N VAL D 62 43.84 -30.48 3.11
CA VAL D 62 44.51 -30.50 4.40
C VAL D 62 43.48 -30.39 5.51
N LEU D 63 42.63 -29.37 5.43
CA LEU D 63 41.60 -29.18 6.44
C LEU D 63 40.66 -30.36 6.57
N ALA D 64 40.29 -30.96 5.44
CA ALA D 64 39.38 -32.11 5.47
C ALA D 64 40.00 -33.28 6.23
N MET D 65 41.30 -33.19 6.46
CA MET D 65 42.04 -34.24 7.18
C MET D 65 41.81 -34.21 8.68
N HIS D 66 41.34 -33.08 9.20
CA HIS D 66 41.11 -32.95 10.63
C HIS D 66 39.67 -32.63 11.01
N TYR D 67 38.85 -32.34 10.00
CA TYR D 67 37.44 -31.98 10.17
C TYR D 67 36.47 -33.17 10.20
N THR D 68 35.53 -33.14 11.14
CA THR D 68 34.52 -34.20 11.28
C THR D 68 33.16 -33.65 10.86
N PRO D 69 32.64 -34.09 9.71
CA PRO D 69 31.34 -33.60 9.24
C PRO D 69 30.14 -34.26 9.91
N HIS D 70 29.89 -33.91 11.17
CA HIS D 70 28.76 -34.46 11.91
C HIS D 70 28.37 -33.44 12.98
N VAL D 71 27.13 -32.98 12.94
CA VAL D 71 26.64 -31.97 13.88
C VAL D 71 27.13 -32.05 15.32
N ASP D 72 27.44 -33.25 15.81
CA ASP D 72 27.92 -33.38 17.18
C ASP D 72 29.40 -33.09 17.34
N LEU D 73 30.14 -33.12 16.24
CA LEU D 73 31.57 -32.92 16.28
C LEU D 73 32.18 -31.85 15.37
N ALA D 74 31.45 -31.44 14.34
CA ALA D 74 31.96 -30.47 13.37
C ALA D 74 32.48 -29.16 13.94
N PHE D 75 31.72 -28.49 14.80
CA PHE D 75 32.17 -27.23 15.38
C PHE D 75 33.36 -27.49 16.30
N ALA D 76 33.24 -28.52 17.15
CA ALA D 76 34.33 -28.88 18.05
C ALA D 76 35.56 -29.20 17.21
N SER D 77 35.33 -29.92 16.12
CA SER D 77 36.41 -30.33 15.22
C SER D 77 37.15 -29.16 14.59
N VAL D 78 36.48 -28.02 14.37
CA VAL D 78 37.16 -26.87 13.78
C VAL D 78 37.97 -26.11 14.84
N GLU D 79 37.52 -26.18 16.10
CA GLU D 79 38.28 -25.51 17.15
C GLU D 79 39.53 -26.35 17.35
N HIS D 80 39.36 -27.67 17.31
CA HIS D 80 40.48 -28.61 17.43
C HIS D 80 41.56 -28.18 16.43
N ILE D 81 41.13 -27.85 15.22
CA ILE D 81 42.04 -27.42 14.15
C ILE D 81 42.73 -26.11 14.48
N MET D 82 42.03 -25.23 15.17
CA MET D 82 42.55 -23.93 15.54
C MET D 82 43.53 -24.03 16.70
N ARG D 83 43.22 -24.90 17.65
CA ARG D 83 44.02 -25.09 18.85
C ARG D 83 45.04 -26.21 18.91
N ASN D 84 44.85 -27.26 18.12
CA ASN D 84 45.79 -28.39 18.17
C ASN D 84 46.61 -28.69 16.94
N VAL D 85 45.98 -28.73 15.78
CA VAL D 85 46.68 -29.03 14.56
C VAL D 85 47.79 -28.01 14.29
N ASN D 86 49.02 -28.50 14.07
CA ASN D 86 50.16 -27.62 13.80
C ASN D 86 49.80 -26.67 12.69
N GLY D 87 49.81 -25.37 12.99
CA GLY D 87 49.50 -24.39 11.97
C GLY D 87 48.05 -24.48 11.50
N GLY D 88 47.23 -25.13 12.31
CA GLY D 88 45.83 -25.26 11.97
C GLY D 88 45.17 -23.90 11.93
N PHE D 89 45.32 -23.13 13.01
CA PHE D 89 44.75 -21.80 13.07
C PHE D 89 45.02 -21.02 11.80
N MET D 90 46.24 -21.14 11.28
CA MET D 90 46.63 -20.44 10.07
C MET D 90 46.02 -21.06 8.82
N LEU D 91 45.91 -22.39 8.80
CA LEU D 91 45.32 -23.06 7.65
C LEU D 91 43.84 -22.73 7.53
N ARG D 92 43.17 -22.66 8.68
CA ARG D 92 41.75 -22.32 8.74
C ARG D 92 41.60 -20.91 8.18
N TYR D 93 42.13 -19.93 8.91
CA TYR D 93 42.06 -18.53 8.49
C TYR D 93 42.44 -18.31 7.02
N LEU D 94 43.29 -19.17 6.47
CA LEU D 94 43.72 -19.05 5.08
C LEU D 94 42.66 -19.57 4.11
N HIS D 95 41.94 -20.62 4.51
CA HIS D 95 40.89 -21.17 3.65
C HIS D 95 39.73 -20.17 3.67
N ALA D 96 39.42 -19.68 4.87
CA ALA D 96 38.35 -18.72 5.06
C ALA D 96 38.59 -17.47 4.22
N ASN D 97 39.51 -16.64 4.65
CA ASN D 97 39.83 -15.41 3.93
C ASN D 97 40.18 -15.68 2.47
N GLY D 98 40.55 -16.93 2.18
CA GLY D 98 40.90 -17.30 0.82
C GLY D 98 39.65 -17.19 -0.03
N ALA D 99 38.52 -17.51 0.58
CA ALA D 99 37.24 -17.43 -0.11
C ALA D 99 37.00 -15.99 -0.53
N SER D 100 37.10 -15.07 0.44
CA SER D 100 36.88 -13.65 0.17
C SER D 100 37.78 -13.20 -0.98
N LEU D 101 39.05 -13.57 -0.92
CA LEU D 101 40.01 -13.20 -1.96
C LEU D 101 39.54 -13.75 -3.31
N PHE D 102 38.94 -14.93 -3.28
CA PHE D 102 38.45 -15.56 -4.49
C PHE D 102 37.37 -14.71 -5.13
N PHE D 103 36.46 -14.18 -4.33
CA PHE D 103 35.38 -13.35 -4.86
C PHE D 103 35.80 -11.93 -5.22
N ILE D 104 36.59 -11.29 -4.36
CA ILE D 104 37.05 -9.94 -4.68
C ILE D 104 37.62 -9.99 -6.09
N ALA D 105 38.32 -11.08 -6.38
CA ALA D 105 38.96 -11.27 -7.67
C ALA D 105 38.00 -11.54 -8.82
N VAL D 106 36.96 -12.35 -8.62
CA VAL D 106 36.06 -12.61 -9.73
C VAL D 106 35.32 -11.35 -10.12
N TYR D 107 34.82 -10.64 -9.12
CA TYR D 107 34.09 -9.41 -9.39
C TYR D 107 34.97 -8.47 -10.22
N LEU D 108 36.22 -8.31 -9.81
CA LEU D 108 37.13 -7.45 -10.57
C LEU D 108 37.35 -8.10 -11.95
N HIS D 109 37.49 -9.41 -11.97
CA HIS D 109 37.70 -10.17 -13.21
C HIS D 109 36.48 -9.95 -14.10
N ILE D 110 35.29 -10.08 -13.52
CA ILE D 110 34.03 -9.90 -14.24
C ILE D 110 33.85 -8.48 -14.76
N PHE D 111 33.90 -7.50 -13.87
CA PHE D 111 33.74 -6.10 -14.28
C PHE D 111 34.78 -5.66 -15.29
N ARG D 112 35.93 -6.32 -15.30
CA ARG D 112 36.95 -5.98 -16.28
C ARG D 112 36.35 -6.39 -17.62
N GLY D 113 35.76 -7.58 -17.64
CA GLY D 113 35.13 -8.08 -18.85
C GLY D 113 34.01 -7.20 -19.35
N LEU D 114 33.13 -6.78 -18.44
CA LEU D 114 32.01 -5.93 -18.82
C LEU D 114 32.46 -4.64 -19.51
N TYR D 115 33.50 -4.01 -18.97
CA TYR D 115 34.00 -2.76 -19.53
C TYR D 115 34.73 -2.86 -20.87
N TYR D 116 35.55 -3.89 -21.03
CA TYR D 116 36.31 -4.06 -22.28
C TYR D 116 35.64 -4.91 -23.35
N GLY D 117 34.42 -5.39 -23.07
CA GLY D 117 33.72 -6.21 -24.04
C GLY D 117 34.43 -7.51 -24.32
N SER D 118 35.05 -8.08 -23.30
CA SER D 118 35.77 -9.34 -23.44
C SER D 118 34.75 -10.48 -23.62
N TYR D 119 33.47 -10.15 -23.45
CA TYR D 119 32.40 -11.13 -23.58
C TYR D 119 31.78 -11.09 -24.98
N LYS D 120 32.18 -10.10 -25.76
CA LYS D 120 31.65 -9.95 -27.12
C LYS D 120 32.34 -10.84 -28.12
N ALA D 121 31.58 -11.27 -29.13
CA ALA D 121 32.09 -12.14 -30.18
C ALA D 121 33.54 -11.83 -30.48
N PRO D 122 34.38 -12.87 -30.69
CA PRO D 122 34.01 -14.29 -30.68
C PRO D 122 34.20 -14.94 -29.31
N ARG D 123 34.24 -14.12 -28.27
CA ARG D 123 34.47 -14.58 -26.90
C ARG D 123 33.24 -14.99 -26.07
N GLU D 124 32.14 -15.37 -26.72
CA GLU D 124 30.95 -15.74 -25.97
C GLU D 124 31.08 -17.03 -25.15
N VAL D 125 31.78 -18.02 -25.68
CA VAL D 125 31.97 -19.27 -24.96
C VAL D 125 32.85 -19.06 -23.74
N THR D 126 33.91 -18.27 -23.90
CA THR D 126 34.79 -17.99 -22.76
C THR D 126 33.87 -17.46 -21.69
N TRP D 127 33.06 -16.47 -22.07
CA TRP D 127 32.13 -15.83 -21.15
C TRP D 127 31.15 -16.80 -20.51
N ILE D 128 30.45 -17.60 -21.31
CA ILE D 128 29.48 -18.55 -20.73
C ILE D 128 30.15 -19.49 -19.76
N VAL D 129 31.23 -20.13 -20.17
CA VAL D 129 31.93 -21.04 -19.27
C VAL D 129 32.24 -20.30 -17.99
N GLY D 130 32.69 -19.05 -18.14
CA GLY D 130 33.02 -18.24 -16.98
C GLY D 130 31.82 -18.20 -16.03
N MET D 131 30.65 -17.89 -16.58
CA MET D 131 29.44 -17.83 -15.78
C MET D 131 29.19 -19.12 -15.01
N LEU D 132 29.52 -20.25 -15.64
CA LEU D 132 29.31 -21.54 -15.00
C LEU D 132 30.23 -21.65 -13.79
N ILE D 133 31.47 -21.21 -13.95
CA ILE D 133 32.41 -21.23 -12.84
C ILE D 133 31.81 -20.41 -11.71
N TYR D 134 31.32 -19.21 -12.05
CA TYR D 134 30.74 -18.33 -11.06
C TYR D 134 29.65 -19.02 -10.25
N LEU D 135 28.72 -19.70 -10.92
CA LEU D 135 27.68 -20.39 -10.17
C LEU D 135 28.32 -21.46 -9.31
N ALA D 136 29.21 -22.25 -9.90
CA ALA D 136 29.90 -23.29 -9.15
C ALA D 136 30.59 -22.69 -7.92
N MET D 137 31.34 -21.62 -8.14
CA MET D 137 32.04 -20.94 -7.05
C MET D 137 31.07 -20.62 -5.92
N MET D 138 29.99 -19.93 -6.25
CA MET D 138 28.99 -19.57 -5.23
C MET D 138 28.43 -20.78 -4.50
N ALA D 139 28.07 -21.81 -5.26
CA ALA D 139 27.54 -23.02 -4.63
C ALA D 139 28.60 -23.56 -3.68
N THR D 140 29.83 -23.70 -4.16
CA THR D 140 30.93 -24.20 -3.34
C THR D 140 31.11 -23.40 -2.05
N ALA D 141 31.31 -22.09 -2.18
CA ALA D 141 31.50 -21.22 -1.02
C ALA D 141 30.32 -21.39 -0.06
N PHE D 142 29.12 -21.49 -0.61
CA PHE D 142 27.95 -21.66 0.23
C PHE D 142 28.06 -22.90 1.11
N MET D 143 28.28 -24.05 0.49
CA MET D 143 28.40 -25.30 1.24
C MET D 143 29.57 -25.29 2.22
N GLY D 144 30.68 -24.72 1.80
CA GLY D 144 31.83 -24.67 2.67
C GLY D 144 31.49 -23.96 3.97
N TYR D 145 30.90 -22.78 3.84
CA TYR D 145 30.52 -21.96 4.98
C TYR D 145 29.62 -22.68 5.99
N VAL D 146 28.93 -23.71 5.54
CA VAL D 146 28.03 -24.45 6.43
C VAL D 146 28.78 -25.39 7.38
N LEU D 147 29.85 -25.99 6.87
CA LEU D 147 30.67 -26.94 7.62
C LEU D 147 31.01 -26.62 9.08
N PRO D 148 31.44 -25.38 9.38
CA PRO D 148 31.77 -25.07 10.79
C PRO D 148 30.61 -25.40 11.74
N TRP D 149 29.39 -25.28 11.22
CA TRP D 149 28.13 -25.54 11.94
C TRP D 149 27.91 -24.51 13.05
N GLY D 150 28.21 -23.25 12.74
CA GLY D 150 28.03 -22.17 13.68
C GLY D 150 26.65 -21.60 13.39
N GLN D 151 26.27 -20.54 14.09
CA GLN D 151 24.95 -19.95 13.86
C GLN D 151 24.74 -19.49 12.42
N MET D 152 25.66 -18.70 11.89
CA MET D 152 25.53 -18.22 10.52
C MET D 152 25.51 -19.42 9.57
N SER D 153 26.22 -20.47 9.93
CA SER D 153 26.26 -21.68 9.12
C SER D 153 24.90 -22.34 8.96
N PHE D 154 24.24 -22.57 10.09
CA PHE D 154 22.93 -23.22 10.13
C PHE D 154 21.81 -22.47 9.43
N TRP D 155 21.61 -21.23 9.82
CA TRP D 155 20.55 -20.42 9.23
C TRP D 155 20.82 -20.07 7.78
N GLY D 156 22.09 -19.99 7.42
CA GLY D 156 22.44 -19.71 6.04
C GLY D 156 22.00 -20.95 5.31
N ALA D 157 22.24 -22.10 5.92
CA ALA D 157 21.87 -23.38 5.32
C ALA D 157 20.35 -23.45 5.14
N THR D 158 19.62 -22.98 6.14
CA THR D 158 18.16 -23.00 6.11
C THR D 158 17.63 -22.12 4.98
N VAL D 159 18.04 -20.86 4.99
CA VAL D 159 17.58 -19.89 4.00
C VAL D 159 17.89 -20.24 2.56
N ILE D 160 19.04 -20.85 2.31
CA ILE D 160 19.42 -21.19 0.94
C ILE D 160 18.75 -22.45 0.41
N THR D 161 18.50 -23.43 1.26
CA THR D 161 17.80 -24.62 0.79
C THR D 161 16.36 -24.14 0.56
N GLY D 162 15.94 -23.22 1.43
CA GLY D 162 14.60 -22.67 1.32
C GLY D 162 14.28 -22.05 -0.02
N LEU D 163 15.30 -21.47 -0.66
CA LEU D 163 15.11 -20.82 -1.96
C LEU D 163 14.45 -21.76 -2.95
N PHE D 164 14.77 -23.04 -2.85
CA PHE D 164 14.22 -24.04 -3.74
C PHE D 164 12.80 -24.43 -3.40
N GLY D 165 12.41 -24.22 -2.15
CA GLY D 165 11.06 -24.54 -1.71
C GLY D 165 10.14 -23.37 -2.05
N ALA D 166 10.57 -22.55 -3.01
CA ALA D 166 9.79 -21.39 -3.44
C ALA D 166 9.40 -21.61 -4.90
N ILE D 167 9.94 -22.67 -5.49
CA ILE D 167 9.61 -23.01 -6.86
C ILE D 167 8.19 -23.55 -6.80
N PRO D 168 7.29 -22.99 -7.61
CA PRO D 168 5.90 -23.45 -7.61
C PRO D 168 5.80 -24.94 -7.97
N GLY D 169 4.95 -25.66 -7.24
CA GLY D 169 4.77 -27.08 -7.53
C GLY D 169 5.81 -28.06 -7.02
N ILE D 170 6.94 -28.16 -7.71
CA ILE D 170 8.00 -29.10 -7.35
C ILE D 170 8.82 -28.65 -6.13
N GLY D 171 8.70 -27.38 -5.78
CA GLY D 171 9.43 -26.78 -4.68
C GLY D 171 9.68 -27.53 -3.39
N HIS D 172 8.63 -27.88 -2.67
CA HIS D 172 8.82 -28.58 -1.39
C HIS D 172 9.52 -29.91 -1.57
N SER D 173 9.40 -30.50 -2.76
CA SER D 173 10.07 -31.78 -3.02
C SER D 173 11.56 -31.53 -3.11
N ILE D 174 11.96 -30.68 -4.04
CA ILE D 174 13.35 -30.36 -4.23
C ILE D 174 14.00 -30.00 -2.89
N GLN D 175 13.33 -29.16 -2.11
CA GLN D 175 13.87 -28.76 -0.82
C GLN D 175 14.03 -29.90 0.17
N THR D 176 13.10 -30.84 0.19
CA THR D 176 13.20 -31.97 1.13
C THR D 176 14.32 -32.93 0.73
N TRP D 177 14.61 -32.94 -0.56
CA TRP D 177 15.65 -33.78 -1.13
C TRP D 177 17.01 -33.17 -0.79
N LEU D 178 17.10 -31.84 -0.85
CA LEU D 178 18.35 -31.17 -0.53
C LEU D 178 18.68 -31.35 0.94
N LEU D 179 17.65 -31.37 1.78
CA LEU D 179 17.83 -31.52 3.22
C LEU D 179 17.86 -32.97 3.72
N GLY D 180 17.40 -33.90 2.90
CA GLY D 180 17.39 -35.28 3.33
C GLY D 180 16.57 -35.43 4.60
N GLY D 181 15.71 -34.44 4.85
CA GLY D 181 14.86 -34.46 6.03
C GLY D 181 13.91 -33.29 6.12
N PRO D 182 13.16 -33.15 7.23
CA PRO D 182 12.19 -32.06 7.43
C PRO D 182 12.81 -30.77 7.94
N ALA D 183 14.13 -30.77 8.09
CA ALA D 183 14.82 -29.58 8.56
C ALA D 183 16.29 -29.70 8.22
N VAL D 184 17.05 -28.66 8.53
CA VAL D 184 18.48 -28.69 8.28
C VAL D 184 19.00 -29.55 9.44
N ASP D 185 19.71 -30.62 9.13
CA ASP D 185 20.22 -31.48 10.17
C ASP D 185 21.47 -32.22 9.73
N ASN D 186 21.88 -33.24 10.47
CA ASN D 186 23.09 -33.98 10.13
C ASN D 186 23.12 -34.45 8.68
N ALA D 187 22.01 -34.98 8.18
CA ALA D 187 21.97 -35.45 6.80
C ALA D 187 22.35 -34.32 5.85
N THR D 188 21.97 -33.09 6.19
CA THR D 188 22.30 -31.96 5.33
C THR D 188 23.79 -31.65 5.42
N LEU D 189 24.31 -31.53 6.65
CA LEU D 189 25.72 -31.26 6.84
C LEU D 189 26.57 -32.29 6.11
N ASN D 190 26.26 -33.56 6.33
CA ASN D 190 26.98 -34.68 5.74
C ASN D 190 27.06 -34.67 4.22
N ARG D 191 26.00 -34.24 3.53
CA ARG D 191 26.03 -34.22 2.07
C ARG D 191 26.69 -32.94 1.57
N PHE D 192 26.64 -31.88 2.36
CA PHE D 192 27.28 -30.64 1.94
C PHE D 192 28.77 -30.89 1.97
N PHE D 193 29.22 -31.62 2.98
CA PHE D 193 30.64 -31.91 3.05
C PHE D 193 31.06 -32.60 1.76
N SER D 194 30.40 -33.69 1.41
CA SER D 194 30.73 -34.42 0.20
C SER D 194 30.73 -33.52 -1.03
N LEU D 195 29.70 -32.71 -1.19
CA LEU D 195 29.64 -31.83 -2.35
C LEU D 195 30.66 -30.69 -2.31
N HIS D 196 30.98 -30.19 -1.13
CA HIS D 196 31.96 -29.10 -1.03
C HIS D 196 33.30 -29.62 -1.51
N TYR D 197 33.55 -30.90 -1.24
CA TYR D 197 34.79 -31.53 -1.65
C TYR D 197 34.81 -31.71 -3.16
N LEU D 198 33.70 -32.20 -3.69
CA LEU D 198 33.57 -32.46 -5.13
C LEU D 198 33.54 -31.26 -6.07
N LEU D 199 32.78 -30.22 -5.73
CA LEU D 199 32.67 -29.06 -6.61
C LEU D 199 33.96 -28.38 -7.08
N PRO D 200 34.93 -28.17 -6.17
CA PRO D 200 36.17 -27.53 -6.60
C PRO D 200 36.83 -28.21 -7.79
N PHE D 201 36.67 -29.53 -7.89
CA PHE D 201 37.25 -30.27 -8.99
C PHE D 201 36.51 -29.99 -10.28
N VAL D 202 35.21 -29.70 -10.15
CA VAL D 202 34.41 -29.38 -11.33
C VAL D 202 34.84 -28.00 -11.81
N ILE D 203 35.02 -27.08 -10.86
CA ILE D 203 35.45 -25.73 -11.21
C ILE D 203 36.78 -25.86 -11.95
N ALA D 204 37.66 -26.68 -11.39
CA ALA D 204 38.98 -26.92 -11.97
C ALA D 204 38.88 -27.36 -13.42
N ALA D 205 38.02 -28.33 -13.69
CA ALA D 205 37.83 -28.85 -15.04
C ALA D 205 37.26 -27.75 -15.93
N LEU D 206 36.34 -26.96 -15.39
CA LEU D 206 35.76 -25.88 -16.14
C LEU D 206 36.85 -24.86 -16.46
N VAL D 207 37.68 -24.56 -15.47
CA VAL D 207 38.76 -23.61 -15.68
C VAL D 207 39.64 -24.08 -16.83
N ALA D 208 39.82 -25.39 -16.94
CA ALA D 208 40.63 -25.93 -18.01
C ALA D 208 40.01 -25.50 -19.34
N ILE D 209 38.70 -25.69 -19.47
CA ILE D 209 37.98 -25.32 -20.68
C ILE D 209 38.00 -23.81 -20.88
N HIS D 210 37.84 -23.06 -19.79
CA HIS D 210 37.86 -21.60 -19.82
C HIS D 210 39.13 -21.17 -20.54
N ILE D 211 40.26 -21.66 -20.02
CA ILE D 211 41.57 -21.37 -20.57
C ILE D 211 41.63 -21.72 -22.04
N TRP D 212 41.24 -22.94 -22.35
CA TRP D 212 41.23 -23.43 -23.71
C TRP D 212 40.43 -22.45 -24.56
N ALA D 213 39.32 -21.99 -24.01
CA ALA D 213 38.44 -21.04 -24.71
C ALA D 213 39.17 -19.79 -25.22
N PHE D 214 39.82 -19.04 -24.34
CA PHE D 214 40.51 -17.85 -24.83
C PHE D 214 41.80 -18.09 -25.60
N HIS D 215 42.39 -19.27 -25.45
CA HIS D 215 43.61 -19.55 -26.22
C HIS D 215 43.16 -19.77 -27.66
N SER D 216 41.91 -20.18 -27.82
CA SER D 216 41.33 -20.43 -29.13
C SER D 216 41.05 -19.14 -29.90
N THR D 217 40.69 -18.08 -29.19
CA THR D 217 40.38 -16.81 -29.83
C THR D 217 41.49 -15.78 -29.66
N GLY D 218 42.30 -15.96 -28.62
CA GLY D 218 43.35 -15.02 -28.35
C GLY D 218 42.77 -14.09 -27.30
N ASN D 219 43.61 -13.57 -26.42
CA ASN D 219 43.11 -12.67 -25.39
C ASN D 219 42.71 -11.34 -25.96
N ASN D 220 41.73 -10.71 -25.33
CA ASN D 220 41.25 -9.41 -25.74
C ASN D 220 42.15 -8.42 -25.02
N ASN D 221 42.41 -7.27 -25.63
CA ASN D 221 43.26 -6.26 -25.01
C ASN D 221 42.40 -5.04 -24.70
N PRO D 222 42.95 -4.06 -23.97
CA PRO D 222 42.21 -2.84 -23.62
C PRO D 222 41.66 -1.99 -24.76
N THR D 223 42.09 -2.23 -26.00
CA THR D 223 41.61 -1.44 -27.14
C THR D 223 40.55 -2.16 -27.95
N GLY D 224 40.30 -3.42 -27.63
CA GLY D 224 39.29 -4.18 -28.36
C GLY D 224 39.71 -4.46 -29.79
N VAL D 225 40.93 -4.05 -30.15
CA VAL D 225 41.44 -4.27 -31.51
C VAL D 225 42.22 -5.57 -31.53
N GLU D 226 41.82 -6.50 -32.41
CA GLU D 226 42.50 -7.79 -32.50
C GLU D 226 43.96 -7.71 -32.93
N VAL D 227 44.69 -8.78 -32.63
CA VAL D 227 46.10 -8.88 -33.01
C VAL D 227 46.07 -9.15 -34.51
N ARG D 228 47.05 -8.63 -35.23
CA ARG D 228 47.11 -8.85 -36.67
C ARG D 228 47.55 -10.29 -36.92
N ARG D 229 46.88 -10.97 -37.84
CA ARG D 229 47.20 -12.36 -38.12
C ARG D 229 47.53 -12.63 -39.58
N THR D 230 48.05 -11.63 -40.28
CA THR D 230 48.39 -11.79 -41.69
C THR D 230 49.85 -12.21 -41.89
N SER D 231 50.65 -12.12 -40.84
CA SER D 231 52.07 -12.49 -40.92
C SER D 231 52.75 -12.39 -39.56
N LYS D 232 53.54 -13.40 -39.20
CA LYS D 232 54.23 -13.38 -37.93
C LYS D 232 54.88 -12.01 -37.77
N ALA D 233 55.35 -11.45 -38.89
CA ALA D 233 56.00 -10.15 -38.92
C ALA D 233 55.24 -9.08 -38.13
N GLU D 234 54.03 -8.76 -38.58
CA GLU D 234 53.23 -7.75 -37.91
C GLU D 234 52.52 -8.29 -36.67
N ALA D 235 52.34 -9.61 -36.60
CA ALA D 235 51.70 -10.22 -35.44
C ALA D 235 52.57 -9.94 -34.23
N GLN D 236 53.88 -9.97 -34.44
CA GLN D 236 54.84 -9.72 -33.38
C GLN D 236 54.90 -8.24 -33.03
N LYS D 237 54.40 -7.42 -33.94
CA LYS D 237 54.36 -5.98 -33.74
C LYS D 237 53.32 -5.65 -32.67
N ASP D 238 52.25 -6.46 -32.64
CA ASP D 238 51.16 -6.29 -31.68
C ASP D 238 51.35 -7.10 -30.39
N THR D 239 52.09 -8.18 -30.48
CA THR D 239 52.30 -9.07 -29.34
C THR D 239 53.73 -9.22 -28.81
N VAL D 240 53.83 -10.06 -27.79
CA VAL D 240 55.07 -10.43 -27.11
C VAL D 240 54.74 -11.83 -26.61
N PRO D 241 55.72 -12.75 -26.60
CA PRO D 241 55.40 -14.10 -26.12
C PRO D 241 54.97 -14.09 -24.66
N PHE D 242 54.01 -14.93 -24.31
CA PHE D 242 53.55 -14.98 -22.92
C PHE D 242 54.71 -15.16 -21.95
N TRP D 243 55.64 -16.03 -22.30
CA TRP D 243 56.81 -16.27 -21.48
C TRP D 243 57.97 -15.51 -22.11
N PRO D 244 58.75 -14.77 -21.30
CA PRO D 244 58.67 -14.56 -19.86
C PRO D 244 57.89 -13.31 -19.45
N TYR D 245 57.56 -12.49 -20.42
CA TYR D 245 56.84 -11.24 -20.18
C TYR D 245 55.65 -11.27 -19.24
N PHE D 246 54.62 -12.03 -19.59
CA PHE D 246 53.46 -12.08 -18.73
C PHE D 246 53.58 -13.04 -17.55
N ILE D 247 54.38 -14.09 -17.70
CA ILE D 247 54.57 -15.03 -16.59
C ILE D 247 55.17 -14.22 -15.44
N ILE D 248 56.11 -13.35 -15.76
CA ILE D 248 56.76 -12.53 -14.75
C ILE D 248 55.84 -11.46 -14.15
N LYS D 249 55.10 -10.70 -14.94
CA LYS D 249 54.23 -9.70 -14.33
C LYS D 249 53.22 -10.41 -13.45
N ASP D 250 52.83 -11.61 -13.86
CA ASP D 250 51.88 -12.37 -13.06
C ASP D 250 52.46 -12.65 -11.68
N VAL D 251 53.67 -13.21 -11.65
CA VAL D 251 54.29 -13.51 -10.35
C VAL D 251 54.44 -12.22 -9.57
N PHE D 252 54.83 -11.14 -10.24
CA PHE D 252 55.00 -9.86 -9.56
C PHE D 252 53.65 -9.45 -8.98
N ALA D 253 52.61 -9.48 -9.80
CA ALA D 253 51.28 -9.12 -9.35
C ALA D 253 50.84 -9.99 -8.18
N LEU D 254 51.09 -11.30 -8.30
CA LEU D 254 50.73 -12.25 -7.25
C LEU D 254 51.41 -11.94 -5.92
N ALA D 255 52.66 -11.51 -5.98
CA ALA D 255 53.40 -11.18 -4.78
C ALA D 255 52.75 -10.00 -4.06
N VAL D 256 52.36 -8.99 -4.83
CA VAL D 256 51.72 -7.81 -4.24
C VAL D 256 50.36 -8.18 -3.65
N VAL D 257 49.59 -8.98 -4.38
CA VAL D 257 48.28 -9.41 -3.90
C VAL D 257 48.46 -10.22 -2.62
N LEU D 258 49.35 -11.20 -2.68
CA LEU D 258 49.60 -12.05 -1.52
C LEU D 258 50.12 -11.28 -0.33
N LEU D 259 50.82 -10.18 -0.60
CA LEU D 259 51.34 -9.33 0.46
C LEU D 259 50.17 -8.79 1.26
N VAL D 260 49.21 -8.19 0.57
CA VAL D 260 48.04 -7.64 1.24
C VAL D 260 47.24 -8.77 1.88
N PHE D 261 47.05 -9.85 1.13
CA PHE D 261 46.31 -11.00 1.62
C PHE D 261 46.87 -11.55 2.93
N PHE D 262 48.19 -11.76 2.97
CA PHE D 262 48.82 -12.26 4.18
C PHE D 262 48.75 -11.27 5.32
N ALA D 263 48.77 -9.98 4.98
CA ALA D 263 48.68 -8.95 6.01
C ALA D 263 47.30 -9.13 6.63
N ILE D 264 46.30 -9.42 5.79
CA ILE D 264 44.93 -9.63 6.26
C ILE D 264 44.85 -10.84 7.17
N VAL D 265 45.33 -11.98 6.68
CA VAL D 265 45.29 -13.22 7.45
C VAL D 265 46.11 -13.13 8.73
N GLY D 266 47.26 -12.47 8.65
CA GLY D 266 48.11 -12.36 9.82
C GLY D 266 47.58 -11.44 10.90
N PHE D 267 47.13 -10.26 10.50
CA PHE D 267 46.67 -9.29 11.48
C PHE D 267 45.18 -9.05 11.70
N MET D 268 44.36 -9.22 10.66
CA MET D 268 42.92 -9.02 10.83
C MET D 268 42.12 -10.13 10.13
N PRO D 269 42.38 -11.39 10.52
CA PRO D 269 41.77 -12.62 10.01
C PRO D 269 40.26 -12.72 10.12
N ASN D 270 39.68 -12.03 11.09
CA ASN D 270 38.23 -12.08 11.31
C ASN D 270 37.44 -10.87 10.87
N TYR D 271 38.07 -9.95 10.16
CA TYR D 271 37.39 -8.75 9.69
C TYR D 271 36.25 -9.05 8.72
N LEU D 272 36.58 -9.76 7.65
CA LEU D 272 35.61 -10.11 6.61
C LEU D 272 34.68 -11.25 7.00
N GLY D 273 34.56 -11.50 8.29
CA GLY D 273 33.70 -12.57 8.76
C GLY D 273 32.57 -12.12 9.65
N HIS D 274 31.80 -13.09 10.15
CA HIS D 274 30.67 -12.78 11.03
C HIS D 274 30.85 -13.42 12.40
N PRO D 275 31.00 -12.61 13.46
CA PRO D 275 31.21 -13.05 14.84
C PRO D 275 30.25 -14.15 15.30
N ASP D 276 29.03 -14.14 14.77
CA ASP D 276 28.06 -15.14 15.18
C ASP D 276 28.39 -16.57 14.81
N ASN D 277 29.24 -16.78 13.82
CA ASN D 277 29.57 -18.15 13.44
C ASN D 277 30.58 -18.74 14.42
N TYR D 278 30.87 -18.01 15.49
CA TYR D 278 31.78 -18.48 16.54
C TYR D 278 30.87 -18.95 17.67
N ILE D 279 29.59 -19.05 17.36
CA ILE D 279 28.56 -19.52 18.28
C ILE D 279 27.98 -20.76 17.63
N GLU D 280 27.89 -21.84 18.39
CA GLU D 280 27.38 -23.09 17.86
C GLU D 280 25.96 -22.93 17.36
N ALA D 281 25.69 -23.57 16.23
CA ALA D 281 24.38 -23.53 15.60
C ALA D 281 23.29 -23.87 16.62
N ASN D 282 22.24 -23.05 16.63
CA ASN D 282 21.10 -23.27 17.52
C ASN D 282 19.88 -23.36 16.61
N PRO D 283 19.30 -24.55 16.45
CA PRO D 283 18.14 -24.64 15.58
C PRO D 283 16.87 -24.01 16.14
N LEU D 284 16.95 -23.42 17.34
CA LEU D 284 15.76 -22.83 17.94
C LEU D 284 15.79 -21.31 18.03
N SER D 285 16.79 -20.69 17.42
CA SER D 285 16.90 -19.25 17.46
C SER D 285 17.80 -18.73 16.36
N THR D 286 17.38 -17.65 15.73
CA THR D 286 18.17 -17.05 14.67
C THR D 286 18.74 -15.72 15.16
N PRO D 287 20.08 -15.58 15.15
CA PRO D 287 20.74 -14.35 15.61
C PRO D 287 20.10 -13.10 15.02
N ALA D 288 19.77 -12.18 15.90
CA ALA D 288 19.13 -10.92 15.51
C ALA D 288 19.92 -10.20 14.42
N HIS D 289 21.24 -10.37 14.40
CA HIS D 289 22.06 -9.68 13.41
C HIS D 289 22.61 -10.55 12.29
N ILE D 290 21.92 -11.66 12.01
CA ILE D 290 22.32 -12.55 10.94
C ILE D 290 22.57 -11.68 9.70
N VAL D 291 23.53 -12.08 8.86
CA VAL D 291 23.85 -11.33 7.63
C VAL D 291 24.69 -12.17 6.66
N PRO D 292 24.24 -12.27 5.40
CA PRO D 292 25.00 -13.07 4.43
C PRO D 292 26.48 -12.66 4.36
N GLU D 293 27.28 -13.50 3.71
CA GLU D 293 28.70 -13.24 3.54
C GLU D 293 28.79 -12.08 2.55
N TRP D 294 29.69 -11.12 2.79
CA TRP D 294 29.79 -9.96 1.93
C TRP D 294 29.74 -10.27 0.43
N TYR D 295 30.45 -11.31 -0.03
CA TYR D 295 30.40 -11.61 -1.46
C TYR D 295 29.00 -12.07 -1.93
N PHE D 296 28.09 -12.31 -0.99
CA PHE D 296 26.71 -12.71 -1.33
C PHE D 296 25.74 -11.54 -1.14
N LEU D 297 26.19 -10.51 -0.43
CA LEU D 297 25.33 -9.36 -0.16
C LEU D 297 24.60 -8.71 -1.34
N PRO D 298 25.31 -8.33 -2.40
CA PRO D 298 24.58 -7.70 -3.50
C PRO D 298 23.34 -8.45 -4.00
N PHE D 299 23.47 -9.75 -4.19
CA PHE D 299 22.34 -10.53 -4.67
C PHE D 299 21.27 -10.76 -3.61
N TYR D 300 21.69 -10.74 -2.35
CA TYR D 300 20.80 -10.90 -1.21
C TYR D 300 19.95 -9.64 -1.11
N ALA D 301 20.56 -8.52 -1.49
CA ALA D 301 19.90 -7.22 -1.46
C ALA D 301 18.76 -7.22 -2.46
N ILE D 302 19.05 -7.69 -3.67
CA ILE D 302 18.07 -7.76 -4.73
C ILE D 302 16.88 -8.62 -4.33
N LEU D 303 17.15 -9.71 -3.63
CA LEU D 303 16.10 -10.62 -3.21
C LEU D 303 15.13 -10.02 -2.21
N ARG D 304 15.63 -9.41 -1.14
CA ARG D 304 14.73 -8.84 -0.15
C ARG D 304 14.21 -7.43 -0.45
N ALA D 305 14.52 -6.91 -1.64
CA ALA D 305 14.04 -5.59 -2.01
C ALA D 305 12.58 -5.76 -2.39
N PHE D 306 12.25 -6.97 -2.83
CA PHE D 306 10.91 -7.30 -3.28
C PHE D 306 9.93 -7.87 -2.26
N THR D 307 9.25 -6.99 -1.55
CA THR D 307 8.28 -7.43 -0.57
C THR D 307 6.88 -7.34 -1.19
N ALA D 308 5.87 -7.69 -0.40
CA ALA D 308 4.49 -7.70 -0.86
C ALA D 308 4.01 -6.34 -1.35
N ASP D 309 4.39 -5.29 -0.65
CA ASP D 309 3.98 -3.91 -0.97
C ASP D 309 4.61 -3.30 -2.21
N VAL D 310 5.40 -4.05 -2.95
CA VAL D 310 6.01 -3.50 -4.16
C VAL D 310 5.06 -3.71 -5.33
N TRP D 311 4.81 -2.65 -6.11
CA TRP D 311 3.89 -2.69 -7.26
C TRP D 311 4.18 -3.79 -8.28
N VAL D 312 5.37 -3.75 -8.89
CA VAL D 312 5.74 -4.75 -9.89
C VAL D 312 5.50 -6.18 -9.39
N VAL D 313 5.62 -6.38 -8.07
CA VAL D 313 5.38 -7.70 -7.50
C VAL D 313 3.86 -7.91 -7.56
N GLN D 314 3.12 -6.94 -7.06
CA GLN D 314 1.65 -7.01 -7.07
C GLN D 314 1.06 -7.24 -8.45
N ILE D 315 1.57 -6.54 -9.45
CA ILE D 315 1.08 -6.72 -10.80
C ILE D 315 1.27 -8.18 -11.17
N ALA D 316 2.50 -8.66 -10.98
CA ALA D 316 2.85 -10.04 -11.28
C ALA D 316 1.99 -11.03 -10.52
N ASN D 317 1.79 -10.78 -9.22
CA ASN D 317 0.96 -11.67 -8.42
C ASN D 317 -0.41 -11.82 -9.05
N PHE D 318 -1.00 -10.69 -9.40
CA PHE D 318 -2.31 -10.67 -10.02
C PHE D 318 -2.34 -11.28 -11.42
N ILE D 319 -1.35 -10.94 -12.23
CA ILE D 319 -1.25 -11.43 -13.61
C ILE D 319 -0.98 -12.92 -13.76
N SER D 320 -0.55 -13.57 -12.69
CA SER D 320 -0.27 -15.00 -12.76
C SER D 320 -1.17 -15.82 -11.86
N PHE D 321 -2.30 -15.24 -11.47
CA PHE D 321 -3.26 -15.92 -10.62
C PHE D 321 -2.67 -16.35 -9.28
N GLY D 322 -1.82 -15.49 -8.72
CA GLY D 322 -1.20 -15.77 -7.44
C GLY D 322 -0.02 -16.71 -7.39
N ILE D 323 0.44 -17.21 -8.53
CA ILE D 323 1.57 -18.14 -8.52
C ILE D 323 2.87 -17.42 -8.12
N ILE D 324 3.15 -16.29 -8.77
CA ILE D 324 4.36 -15.51 -8.51
C ILE D 324 4.15 -14.49 -7.38
N ASP D 325 4.29 -14.94 -6.14
CA ASP D 325 4.13 -14.05 -5.01
C ASP D 325 5.46 -13.36 -4.72
N ALA D 326 5.53 -12.60 -3.63
CA ALA D 326 6.75 -11.89 -3.28
C ALA D 326 7.90 -12.88 -3.12
N LYS D 327 7.68 -13.91 -2.32
CA LYS D 327 8.68 -14.93 -2.08
C LYS D 327 9.37 -15.38 -3.36
N PHE D 328 8.59 -15.98 -4.25
CA PHE D 328 9.11 -16.47 -5.52
C PHE D 328 9.62 -15.38 -6.45
N PHE D 329 9.07 -14.17 -6.35
CA PHE D 329 9.51 -13.06 -7.19
C PHE D 329 10.94 -12.68 -6.78
N GLY D 330 11.18 -12.60 -5.47
CA GLY D 330 12.50 -12.25 -5.01
C GLY D 330 13.52 -13.25 -5.51
N VAL D 331 13.16 -14.53 -5.43
CA VAL D 331 14.04 -15.61 -5.89
C VAL D 331 14.36 -15.43 -7.37
N LEU D 332 13.32 -15.24 -8.19
CA LEU D 332 13.48 -15.05 -9.62
C LEU D 332 14.29 -13.78 -9.93
N ALA D 333 14.16 -12.77 -9.08
CA ALA D 333 14.89 -11.53 -9.29
C ALA D 333 16.37 -11.81 -9.08
N MET D 334 16.69 -12.48 -7.98
CA MET D 334 18.07 -12.80 -7.65
C MET D 334 18.79 -13.62 -8.72
N PHE D 335 18.23 -14.77 -9.10
CA PHE D 335 18.84 -15.60 -10.13
C PHE D 335 18.75 -14.89 -11.48
N GLY D 336 17.73 -14.06 -11.63
CA GLY D 336 17.55 -13.32 -12.86
C GLY D 336 18.66 -12.31 -13.03
N ALA D 337 19.06 -11.68 -11.93
CA ALA D 337 20.13 -10.69 -11.97
C ALA D 337 21.40 -11.35 -12.51
N ILE D 338 21.64 -12.58 -12.08
CA ILE D 338 22.81 -13.33 -12.52
C ILE D 338 22.64 -13.76 -13.96
N LEU D 339 21.50 -14.37 -14.27
CA LEU D 339 21.21 -14.82 -15.62
C LEU D 339 21.31 -13.70 -16.62
N VAL D 340 20.76 -12.55 -16.27
CA VAL D 340 20.80 -11.41 -17.18
C VAL D 340 22.25 -11.10 -17.54
N MET D 341 23.11 -11.09 -16.52
CA MET D 341 24.53 -10.83 -16.71
C MET D 341 25.15 -11.84 -17.68
N ALA D 342 24.73 -13.10 -17.60
CA ALA D 342 25.26 -14.14 -18.47
C ALA D 342 24.82 -13.92 -19.92
N LEU D 343 23.71 -13.21 -20.10
CA LEU D 343 23.19 -12.95 -21.45
C LEU D 343 23.75 -11.71 -22.14
N VAL D 344 24.51 -10.90 -21.42
CA VAL D 344 25.07 -9.67 -21.99
C VAL D 344 25.68 -9.80 -23.38
N PRO D 345 26.29 -10.96 -23.72
CA PRO D 345 26.85 -11.02 -25.08
C PRO D 345 25.78 -10.76 -26.11
N TRP D 346 24.55 -11.08 -25.75
CA TRP D 346 23.42 -10.93 -26.65
C TRP D 346 22.61 -9.67 -26.43
N LEU D 347 22.59 -9.17 -25.19
CA LEU D 347 21.84 -7.96 -24.89
C LEU D 347 22.60 -6.73 -25.38
N ASP D 348 23.92 -6.87 -25.48
CA ASP D 348 24.77 -5.78 -25.94
C ASP D 348 24.79 -5.74 -27.47
N THR D 349 24.17 -4.72 -28.04
CA THR D 349 24.09 -4.60 -29.49
C THR D 349 25.14 -3.72 -30.17
N SER D 350 25.98 -3.03 -29.39
CA SER D 350 27.01 -2.19 -29.98
C SER D 350 28.05 -3.07 -30.64
N PRO D 351 28.56 -2.66 -31.81
CA PRO D 351 29.57 -3.47 -32.50
C PRO D 351 30.99 -3.11 -32.06
N VAL D 352 31.10 -2.05 -31.28
CA VAL D 352 32.38 -1.57 -30.75
C VAL D 352 32.73 -2.46 -29.55
N ARG D 353 33.92 -3.05 -29.57
CA ARG D 353 34.33 -3.92 -28.47
C ARG D 353 34.64 -3.25 -27.13
N SER D 354 35.72 -2.48 -27.09
CA SER D 354 36.13 -1.80 -25.86
C SER D 354 35.28 -0.59 -25.48
N GLY D 355 34.81 -0.60 -24.23
CA GLY D 355 34.01 0.49 -23.71
C GLY D 355 34.83 1.75 -23.57
N ARG D 356 36.13 1.64 -23.84
CA ARG D 356 37.03 2.77 -23.77
C ARG D 356 36.62 3.78 -24.83
N TYR D 357 36.14 3.27 -25.96
CA TYR D 357 35.74 4.12 -27.07
C TYR D 357 34.21 4.28 -27.19
N ARG D 358 33.53 4.13 -26.05
CA ARG D 358 32.08 4.29 -26.01
C ARG D 358 31.73 5.33 -24.93
N PRO D 359 31.49 6.59 -25.34
CA PRO D 359 31.16 7.71 -24.46
C PRO D 359 29.93 7.53 -23.56
N MET D 360 28.79 7.18 -24.14
CA MET D 360 27.59 6.97 -23.34
C MET D 360 27.76 5.73 -22.46
N PHE D 361 28.26 4.67 -23.08
CA PHE D 361 28.49 3.41 -22.38
C PHE D 361 29.14 3.62 -21.02
N LYS D 362 30.27 4.32 -21.04
CA LYS D 362 31.05 4.59 -19.84
C LYS D 362 30.23 5.06 -18.62
N ILE D 363 29.31 6.00 -18.81
CA ILE D 363 28.47 6.50 -17.72
C ILE D 363 27.66 5.37 -17.11
N TYR D 364 26.99 4.58 -17.95
CA TYR D 364 26.18 3.48 -17.47
C TYR D 364 27.03 2.42 -16.81
N PHE D 365 28.20 2.17 -17.38
CA PHE D 365 29.08 1.18 -16.79
C PHE D 365 29.45 1.57 -15.36
N TRP D 366 29.95 2.79 -15.17
CA TRP D 366 30.33 3.21 -13.84
C TRP D 366 29.14 3.24 -12.90
N LEU D 367 27.96 3.50 -13.43
CA LEU D 367 26.78 3.50 -12.60
C LEU D 367 26.57 2.06 -12.17
N LEU D 368 26.83 1.12 -13.08
CA LEU D 368 26.67 -0.28 -12.77
C LEU D 368 27.61 -0.66 -11.63
N ALA D 369 28.89 -0.31 -11.78
CA ALA D 369 29.88 -0.60 -10.76
C ALA D 369 29.46 0.00 -9.42
N ALA D 370 29.06 1.26 -9.43
CA ALA D 370 28.64 1.94 -8.22
C ALA D 370 27.42 1.22 -7.64
N ASP D 371 26.54 0.79 -8.53
CA ASP D 371 25.34 0.06 -8.15
C ASP D 371 25.72 -1.24 -7.44
N PHE D 372 26.72 -1.93 -7.97
CA PHE D 372 27.17 -3.18 -7.36
C PHE D 372 27.63 -2.90 -5.93
N VAL D 373 28.42 -1.84 -5.78
CA VAL D 373 28.91 -1.47 -4.46
C VAL D 373 27.72 -1.13 -3.57
N ILE D 374 26.85 -0.27 -4.07
CA ILE D 374 25.67 0.13 -3.31
C ILE D 374 24.84 -1.08 -2.88
N LEU D 375 24.62 -2.01 -3.80
CA LEU D 375 23.84 -3.21 -3.47
C LEU D 375 24.50 -3.99 -2.35
N THR D 376 25.82 -4.10 -2.40
CA THR D 376 26.56 -4.83 -1.38
C THR D 376 26.35 -4.11 -0.05
N TRP D 377 26.43 -2.78 -0.11
CA TRP D 377 26.27 -1.96 1.08
C TRP D 377 24.87 -2.04 1.70
N VAL D 378 23.82 -2.02 0.88
CA VAL D 378 22.45 -2.11 1.42
C VAL D 378 22.20 -3.48 2.01
N GLY D 379 22.82 -4.49 1.44
CA GLY D 379 22.64 -5.85 1.92
C GLY D 379 22.84 -5.95 3.41
N ALA D 380 23.73 -5.10 3.93
CA ALA D 380 24.03 -5.11 5.36
C ALA D 380 23.15 -4.16 6.17
N GLN D 381 22.38 -3.32 5.48
CA GLN D 381 21.49 -2.38 6.17
C GLN D 381 20.17 -3.04 6.49
N GLN D 382 19.38 -2.41 7.37
CA GLN D 382 18.09 -2.95 7.74
C GLN D 382 17.10 -2.79 6.59
N THR D 383 15.91 -3.33 6.78
CA THR D 383 14.88 -3.25 5.76
C THR D 383 13.98 -2.02 5.86
N THR D 384 14.21 -1.21 6.89
CA THR D 384 13.42 0.01 7.11
C THR D 384 13.75 1.07 6.08
N PHE D 385 12.99 2.16 6.09
CA PHE D 385 13.18 3.28 5.18
C PHE D 385 14.50 3.97 5.55
N PRO D 386 15.30 4.43 4.57
CA PRO D 386 15.20 4.40 3.10
C PRO D 386 15.94 3.26 2.40
N TYR D 387 16.36 2.25 3.16
CA TYR D 387 17.08 1.16 2.54
C TYR D 387 16.19 0.37 1.58
N ASP D 388 14.90 0.26 1.90
CA ASP D 388 13.98 -0.46 1.03
C ASP D 388 13.90 0.22 -0.33
N TRP D 389 13.94 1.56 -0.35
CA TRP D 389 13.88 2.29 -1.61
C TRP D 389 15.22 2.18 -2.33
N ILE D 390 16.30 2.30 -1.57
CA ILE D 390 17.63 2.21 -2.16
C ILE D 390 17.86 0.84 -2.78
N SER D 391 17.52 -0.23 -2.05
CA SER D 391 17.70 -1.55 -2.62
C SER D 391 16.87 -1.69 -3.89
N LEU D 392 15.66 -1.13 -3.86
CA LEU D 392 14.78 -1.20 -5.01
C LEU D 392 15.26 -0.44 -6.22
N ILE D 393 15.65 0.81 -6.05
CA ILE D 393 16.15 1.59 -7.17
C ILE D 393 17.37 0.86 -7.74
N ALA D 394 18.23 0.40 -6.85
CA ALA D 394 19.44 -0.32 -7.23
C ALA D 394 19.17 -1.57 -8.06
N SER D 395 18.24 -2.40 -7.58
CA SER D 395 17.89 -3.63 -8.31
C SER D 395 17.39 -3.22 -9.69
N ALA D 396 16.53 -2.21 -9.70
CA ALA D 396 15.94 -1.70 -10.93
C ALA D 396 17.04 -1.28 -11.89
N TYR D 397 18.01 -0.51 -11.42
CA TYR D 397 19.08 -0.08 -12.29
C TYR D 397 19.85 -1.26 -12.87
N TRP D 398 20.01 -2.32 -12.06
CA TRP D 398 20.74 -3.50 -12.51
C TRP D 398 20.13 -4.13 -13.76
N PHE D 399 18.83 -4.42 -13.71
CA PHE D 399 18.16 -5.03 -14.86
C PHE D 399 18.02 -4.02 -15.99
N ALA D 400 17.88 -2.75 -15.63
CA ALA D 400 17.75 -1.69 -16.63
C ALA D 400 18.99 -1.66 -17.51
N TYR D 401 20.15 -1.91 -16.88
CA TYR D 401 21.43 -1.90 -17.58
C TYR D 401 21.56 -2.99 -18.64
N PHE D 402 21.25 -4.22 -18.29
CA PHE D 402 21.36 -5.32 -19.23
C PHE D 402 20.19 -5.43 -20.18
N LEU D 403 18.98 -5.26 -19.66
CA LEU D 403 17.78 -5.37 -20.47
C LEU D 403 17.42 -4.18 -21.36
N VAL D 404 17.53 -2.96 -20.81
CA VAL D 404 17.17 -1.79 -21.58
C VAL D 404 18.31 -0.94 -22.13
N ILE D 405 19.13 -0.38 -21.25
CA ILE D 405 20.24 0.49 -21.65
C ILE D 405 21.21 -0.06 -22.69
N LEU D 406 21.83 -1.20 -22.42
CA LEU D 406 22.79 -1.76 -23.38
C LEU D 406 22.17 -2.05 -24.75
N PRO D 407 20.95 -2.62 -24.78
CA PRO D 407 20.36 -2.89 -26.09
C PRO D 407 20.16 -1.59 -26.87
N ILE D 408 19.68 -0.56 -26.16
CA ILE D 408 19.44 0.75 -26.76
C ILE D 408 20.69 1.50 -27.19
N LEU D 409 21.70 1.56 -26.32
CA LEU D 409 22.94 2.23 -26.66
C LEU D 409 23.49 1.71 -27.97
N GLY D 410 23.15 0.47 -28.29
CA GLY D 410 23.60 -0.14 -29.53
C GLY D 410 23.29 0.71 -30.74
N ALA D 411 22.15 1.39 -30.70
CA ALA D 411 21.72 2.25 -31.80
C ALA D 411 22.05 3.71 -31.53
N ILE D 412 21.48 4.25 -30.46
CA ILE D 412 21.69 5.63 -30.06
C ILE D 412 23.14 6.10 -30.17
N GLU D 413 24.00 5.49 -29.36
CA GLU D 413 25.40 5.85 -29.26
C GLU D 413 26.26 6.05 -30.52
N LYS D 414 27.09 7.09 -30.49
CA LYS D 414 28.01 7.40 -31.58
C LYS D 414 29.41 7.35 -30.97
N PRO D 415 30.09 6.20 -31.17
CA PRO D 415 31.43 5.82 -30.72
C PRO D 415 32.65 6.51 -31.33
N VAL D 416 33.69 6.61 -30.51
CA VAL D 416 34.95 7.21 -30.92
C VAL D 416 35.71 6.16 -31.71
N ALA D 417 36.73 6.59 -32.43
CA ALA D 417 37.54 5.67 -33.21
C ALA D 417 38.64 5.05 -32.35
N PRO D 418 38.83 3.73 -32.46
CA PRO D 418 39.86 3.04 -31.68
C PRO D 418 41.16 2.95 -32.47
N PRO D 419 42.28 2.71 -31.77
CA PRO D 419 43.58 2.61 -32.44
C PRO D 419 43.48 1.66 -33.62
N ALA D 420 44.32 1.87 -34.63
CA ALA D 420 44.30 1.01 -35.82
C ALA D 420 44.90 -0.35 -35.51
N THR D 421 45.88 -0.37 -34.61
CA THR D 421 46.54 -1.61 -34.23
C THR D 421 46.99 -1.53 -32.78
N ILE D 422 47.19 -2.70 -32.17
CA ILE D 422 47.64 -2.77 -30.79
C ILE D 422 49.03 -2.13 -30.74
N GLU D 423 49.84 -2.41 -31.76
CA GLU D 423 51.18 -1.84 -31.86
C GLU D 423 51.06 -0.34 -31.66
N GLU D 424 50.22 0.27 -32.48
CA GLU D 424 50.00 1.71 -32.43
C GLU D 424 49.59 2.20 -31.05
N ASP D 425 48.73 1.43 -30.38
CA ASP D 425 48.28 1.81 -29.05
C ASP D 425 49.42 1.68 -28.05
N PHE D 426 50.13 0.56 -28.12
CA PHE D 426 51.25 0.33 -27.22
C PHE D 426 52.29 1.44 -27.30
N ASN D 427 52.67 1.81 -28.52
CA ASN D 427 53.65 2.86 -28.72
C ASN D 427 53.14 4.22 -28.23
N ALA D 428 51.99 4.65 -28.74
CA ALA D 428 51.38 5.93 -28.36
C ALA D 428 51.21 6.12 -26.85
N ALA E 1 17.38 -5.91 17.42
CA ALA E 1 18.27 -5.16 18.34
C ALA E 1 19.24 -4.28 17.57
N GLY E 2 20.52 -4.31 17.96
CA GLY E 2 21.52 -3.50 17.28
C GLY E 2 22.90 -3.60 17.88
N GLY E 3 23.86 -2.94 17.26
CA GLY E 3 25.23 -2.95 17.75
C GLY E 3 25.53 -1.62 18.41
N GLY E 4 25.80 -1.64 19.71
CA GLY E 4 26.07 -0.42 20.44
C GLY E 4 27.51 0.08 20.46
N HIS E 5 27.84 0.78 21.54
CA HIS E 5 29.17 1.37 21.72
C HIS E 5 29.80 0.86 23.03
N VAL E 6 31.06 0.47 22.97
CA VAL E 6 31.77 -0.05 24.13
C VAL E 6 32.97 0.80 24.58
N GLU E 7 33.37 0.63 25.83
CA GLU E 7 34.52 1.36 26.37
C GLU E 7 35.77 0.82 25.67
N ASP E 8 36.57 1.73 25.12
CA ASP E 8 37.78 1.38 24.41
C ASP E 8 38.99 1.16 25.33
N VAL E 9 39.30 -0.10 25.62
CA VAL E 9 40.43 -0.44 26.48
C VAL E 9 41.66 -0.68 25.61
N PRO E 10 42.82 -0.15 26.01
CA PRO E 10 44.05 -0.33 25.24
C PRO E 10 44.83 -1.58 25.64
N PHE E 11 44.25 -2.74 25.34
CA PHE E 11 44.87 -4.03 25.66
C PHE E 11 46.27 -4.18 25.06
N SER E 12 47.10 -4.96 25.75
CA SER E 12 48.47 -5.20 25.32
C SER E 12 48.62 -5.89 23.97
N PHE E 13 47.71 -6.82 23.69
CA PHE E 13 47.73 -7.60 22.45
C PHE E 13 47.30 -6.94 21.14
N GLU E 14 46.70 -5.76 21.22
CA GLU E 14 46.28 -5.08 19.99
C GLU E 14 47.48 -4.58 19.22
N GLY E 15 47.27 -4.27 17.94
CA GLY E 15 48.36 -3.79 17.11
C GLY E 15 49.17 -4.94 16.56
N PRO E 16 49.76 -4.79 15.36
CA PRO E 16 50.56 -5.86 14.77
C PRO E 16 51.72 -6.31 15.63
N PHE E 17 52.05 -5.53 16.66
CA PHE E 17 53.15 -5.87 17.54
C PHE E 17 52.69 -6.27 18.93
N GLY E 18 51.43 -5.99 19.24
CA GLY E 18 50.89 -6.35 20.53
C GLY E 18 51.11 -7.82 20.82
N THR E 19 51.14 -8.16 22.10
CA THR E 19 51.33 -9.53 22.55
C THR E 19 50.65 -9.62 23.90
N PHE E 20 50.31 -10.83 24.33
CA PHE E 20 49.67 -10.97 25.62
C PHE E 20 50.63 -10.58 26.73
N ASP E 21 50.07 -10.28 27.89
CA ASP E 21 50.85 -9.93 29.06
C ASP E 21 50.67 -11.16 29.96
N GLN E 22 51.69 -12.00 29.97
CA GLN E 22 51.69 -13.24 30.73
C GLN E 22 51.09 -13.15 32.14
N HIS E 23 51.46 -12.13 32.90
CA HIS E 23 50.93 -12.01 34.25
C HIS E 23 49.45 -11.62 34.25
N GLN E 24 49.06 -10.77 33.30
CA GLN E 24 47.67 -10.36 33.20
C GLN E 24 46.80 -11.60 32.98
N LEU E 25 47.16 -12.37 31.97
CA LEU E 25 46.42 -13.60 31.66
C LEU E 25 46.37 -14.47 32.92
N GLN E 26 47.44 -14.43 33.70
CA GLN E 26 47.50 -15.21 34.93
C GLN E 26 46.43 -14.69 35.88
N ARG E 27 46.39 -13.37 36.02
CA ARG E 27 45.39 -12.75 36.89
C ARG E 27 44.01 -13.09 36.33
N GLY E 28 43.85 -12.92 35.03
CA GLY E 28 42.59 -13.21 34.38
C GLY E 28 42.10 -14.62 34.66
N LEU E 29 43.00 -15.59 34.54
CA LEU E 29 42.66 -16.98 34.80
C LEU E 29 42.13 -17.12 36.21
N GLN E 30 42.66 -16.33 37.13
CA GLN E 30 42.22 -16.39 38.51
C GLN E 30 40.81 -15.81 38.66
N VAL E 31 40.56 -14.70 37.97
CA VAL E 31 39.25 -14.06 38.03
C VAL E 31 38.24 -15.05 37.50
N TYR E 32 38.53 -15.60 36.33
CA TYR E 32 37.65 -16.57 35.70
C TYR E 32 37.37 -17.75 36.62
N THR E 33 38.42 -18.28 37.23
CA THR E 33 38.32 -19.43 38.11
C THR E 33 37.51 -19.22 39.39
N GLU E 34 37.77 -18.11 40.07
CA GLU E 34 37.08 -17.81 41.32
C GLU E 34 35.74 -17.11 41.16
N VAL E 35 35.48 -16.55 39.97
CA VAL E 35 34.24 -15.81 39.75
C VAL E 35 33.30 -16.41 38.71
N CYS E 36 33.66 -16.23 37.44
CA CYS E 36 32.89 -16.69 36.29
C CYS E 36 32.56 -18.18 36.24
N ALA E 37 33.60 -19.00 36.35
CA ALA E 37 33.47 -20.45 36.31
C ALA E 37 32.27 -21.00 37.09
N ALA E 38 31.77 -20.23 38.04
CA ALA E 38 30.63 -20.65 38.83
C ALA E 38 29.41 -20.88 37.95
N CYS E 39 29.31 -20.11 36.87
CA CYS E 39 28.19 -20.23 35.94
C CYS E 39 28.66 -20.56 34.51
N HIS E 40 29.76 -19.96 34.10
CA HIS E 40 30.32 -20.13 32.75
C HIS E 40 31.34 -21.27 32.62
N GLY E 41 31.40 -21.85 31.42
CA GLY E 41 32.36 -22.91 31.16
C GLY E 41 33.18 -22.52 29.95
N MET E 42 34.12 -23.37 29.56
CA MET E 42 34.97 -23.10 28.40
C MET E 42 35.30 -24.42 27.72
N LYS E 43 34.24 -25.13 27.33
CA LYS E 43 34.34 -26.43 26.71
C LYS E 43 35.34 -26.69 25.59
N PHE E 44 35.80 -25.65 24.91
CA PHE E 44 36.76 -25.86 23.81
C PHE E 44 38.18 -25.57 24.24
N VAL E 45 38.35 -25.28 25.53
CA VAL E 45 39.65 -24.97 26.05
C VAL E 45 40.26 -26.11 26.84
N PRO E 46 41.33 -26.71 26.32
CA PRO E 46 42.01 -27.82 27.00
C PRO E 46 42.83 -27.19 28.12
N ILE E 47 42.62 -27.66 29.35
CA ILE E 47 43.34 -27.10 30.49
C ILE E 47 44.85 -27.04 30.30
N ARG E 48 45.39 -28.08 29.66
CA ARG E 48 46.82 -28.18 29.41
C ARG E 48 47.39 -27.03 28.58
N SER E 49 46.51 -26.21 28.01
CA SER E 49 46.99 -25.09 27.21
C SER E 49 47.37 -23.92 28.11
N LEU E 50 47.07 -24.05 29.40
CA LEU E 50 47.42 -23.03 30.37
C LEU E 50 48.94 -23.03 30.48
N SER E 51 49.54 -24.10 29.96
CA SER E 51 50.99 -24.28 29.98
C SER E 51 51.72 -23.85 28.71
N GLU E 52 51.05 -24.00 27.57
CA GLU E 52 51.64 -23.68 26.27
C GLU E 52 52.14 -22.25 26.16
N PRO E 53 53.22 -22.05 25.39
CA PRO E 53 53.79 -20.72 25.19
C PRO E 53 52.72 -19.80 24.59
N GLY E 54 52.92 -18.48 24.74
CA GLY E 54 51.97 -17.53 24.21
C GLY E 54 50.72 -17.32 25.05
N GLY E 55 50.69 -17.88 26.25
CA GLY E 55 49.53 -17.71 27.11
C GLY E 55 49.93 -17.44 28.54
N PRO E 56 49.15 -17.93 29.53
CA PRO E 56 49.46 -17.71 30.94
C PRO E 56 50.82 -18.34 31.22
N GLU E 57 51.05 -19.46 30.51
CA GLU E 57 52.28 -20.22 30.59
C GLU E 57 52.63 -20.71 32.00
N LEU E 58 51.63 -21.21 32.72
CA LEU E 58 51.88 -21.72 34.05
C LEU E 58 52.75 -22.95 33.94
N PRO E 59 53.43 -23.33 35.04
CA PRO E 59 54.30 -24.50 35.06
C PRO E 59 53.42 -25.75 35.08
N GLU E 60 53.74 -26.72 34.24
CA GLU E 60 52.99 -27.96 34.13
C GLU E 60 52.44 -28.57 35.42
N ASP E 61 53.23 -28.59 36.49
CA ASP E 61 52.75 -29.16 37.74
C ASP E 61 51.66 -28.31 38.39
N GLN E 62 51.70 -27.00 38.13
CA GLN E 62 50.68 -26.11 38.67
C GLN E 62 49.39 -26.48 37.96
N VAL E 63 49.47 -26.45 36.63
CA VAL E 63 48.36 -26.76 35.75
C VAL E 63 47.75 -28.11 36.13
N ARG E 64 48.60 -29.07 36.45
CA ARG E 64 48.17 -30.40 36.86
C ARG E 64 47.40 -30.31 38.16
N ALA E 65 47.90 -29.48 39.07
CA ALA E 65 47.27 -29.27 40.38
C ALA E 65 45.93 -28.60 40.18
N TYR E 66 45.89 -27.65 39.26
CA TYR E 66 44.69 -26.89 38.94
C TYR E 66 43.54 -27.78 38.47
N ALA E 67 43.81 -28.58 37.44
CA ALA E 67 42.82 -29.48 36.87
C ALA E 67 42.18 -30.37 37.94
N THR E 68 42.87 -30.47 39.08
CA THR E 68 42.40 -31.28 40.20
C THR E 68 40.99 -30.92 40.69
N GLN E 69 40.79 -29.63 40.94
CA GLN E 69 39.53 -29.11 41.46
C GLN E 69 38.30 -29.40 40.62
N PHE E 70 38.50 -29.96 39.43
CA PHE E 70 37.36 -30.28 38.57
C PHE E 70 37.02 -31.75 38.67
N THR E 71 35.73 -32.04 38.67
CA THR E 71 35.26 -33.41 38.69
C THR E 71 34.88 -33.62 37.23
N VAL E 72 35.41 -34.68 36.63
CA VAL E 72 35.13 -34.96 35.24
C VAL E 72 34.59 -36.37 35.14
N THR E 73 33.68 -36.60 34.19
CA THR E 73 33.14 -37.94 34.00
C THR E 73 34.04 -38.57 32.95
N ASP E 74 34.82 -39.56 33.35
CA ASP E 74 35.74 -40.23 32.44
C ASP E 74 35.03 -40.58 31.13
N GLU E 75 35.82 -40.97 30.14
CA GLU E 75 35.28 -41.30 28.82
C GLU E 75 35.33 -42.80 28.53
N GLU E 76 35.53 -43.58 29.58
CA GLU E 76 35.59 -45.04 29.51
C GLU E 76 35.09 -45.54 30.85
N THR E 77 35.70 -45.04 31.90
CA THR E 77 35.36 -45.39 33.28
C THR E 77 33.90 -45.06 33.58
N GLY E 78 33.34 -44.15 32.78
CA GLY E 78 31.96 -43.74 32.99
C GLY E 78 31.81 -43.06 34.33
N GLU E 79 32.86 -43.18 35.15
CA GLU E 79 32.87 -42.58 36.49
C GLU E 79 33.33 -41.14 36.51
N ASP E 80 33.58 -40.67 37.72
CA ASP E 80 34.06 -39.32 37.96
C ASP E 80 35.50 -39.47 38.43
N ARG E 81 36.30 -38.43 38.21
CA ARG E 81 37.69 -38.45 38.61
C ARG E 81 38.21 -37.02 38.66
N GLU E 82 39.46 -36.85 39.08
CA GLU E 82 40.02 -35.52 39.15
C GLU E 82 40.42 -35.06 37.75
N GLY E 83 40.40 -33.75 37.54
CA GLY E 83 40.75 -33.23 36.23
C GLY E 83 42.21 -33.40 35.87
N LYS E 84 42.45 -33.89 34.66
CA LYS E 84 43.80 -34.08 34.15
C LYS E 84 43.98 -32.91 33.20
N PRO E 85 45.23 -32.45 32.98
CA PRO E 85 45.44 -31.33 32.07
C PRO E 85 44.96 -31.63 30.64
N THR E 86 44.71 -32.90 30.35
CA THR E 86 44.24 -33.29 29.02
C THR E 86 42.74 -33.03 28.88
N ASP E 87 42.11 -32.67 29.99
CA ASP E 87 40.68 -32.40 29.98
C ASP E 87 40.42 -30.95 29.61
N HIS E 88 39.21 -30.69 29.11
CA HIS E 88 38.80 -29.34 28.74
C HIS E 88 38.14 -28.76 29.97
N PHE E 89 38.06 -27.43 30.05
CA PHE E 89 37.37 -26.84 31.18
C PHE E 89 35.96 -27.35 31.03
N PRO E 90 35.19 -27.42 32.13
CA PRO E 90 33.83 -27.92 31.97
C PRO E 90 32.82 -27.01 31.27
N HIS E 91 31.66 -27.58 30.99
CA HIS E 91 30.56 -26.84 30.35
C HIS E 91 30.01 -25.88 31.40
N SER E 92 29.36 -24.81 30.96
CA SER E 92 28.79 -23.85 31.89
C SER E 92 27.86 -24.57 32.86
N ALA E 93 28.03 -24.30 34.16
CA ALA E 93 27.19 -24.93 35.18
C ALA E 93 25.78 -24.36 35.11
N LEU E 94 25.69 -23.08 34.78
CA LEU E 94 24.42 -22.38 34.68
C LEU E 94 23.90 -22.49 33.24
N GLU E 95 22.85 -23.28 33.07
CA GLU E 95 22.25 -23.53 31.75
C GLU E 95 22.25 -22.38 30.75
N ASN E 96 21.86 -21.18 31.17
CA ASN E 96 21.81 -20.05 30.25
C ASN E 96 23.05 -19.16 30.25
N ALA E 97 24.11 -19.61 30.90
CA ALA E 97 25.36 -18.85 30.91
C ALA E 97 26.08 -19.32 29.65
N PRO E 98 26.28 -18.43 28.68
CA PRO E 98 26.96 -18.86 27.46
C PRO E 98 28.40 -19.33 27.71
N ASP E 99 28.90 -20.13 26.77
CA ASP E 99 30.26 -20.65 26.88
C ASP E 99 31.19 -19.48 26.59
N LEU E 100 32.22 -19.32 27.41
CA LEU E 100 33.15 -18.21 27.21
C LEU E 100 34.40 -18.55 26.38
N SER E 101 34.51 -19.80 25.92
CA SER E 101 35.65 -20.21 25.12
C SER E 101 35.95 -19.28 23.95
N LEU E 102 34.90 -18.88 23.25
CA LEU E 102 35.06 -18.01 22.09
C LEU E 102 34.36 -16.65 22.21
N MET E 103 33.86 -16.34 23.39
CA MET E 103 33.15 -15.08 23.64
C MET E 103 33.83 -13.81 23.15
N ALA E 104 35.16 -13.72 23.28
CA ALA E 104 35.88 -12.52 22.86
C ALA E 104 35.90 -12.35 21.33
N LYS E 105 35.46 -13.38 20.61
CA LYS E 105 35.40 -13.33 19.15
C LYS E 105 33.96 -13.35 18.68
N ALA E 106 33.08 -13.81 19.56
CA ALA E 106 31.66 -13.91 19.27
C ALA E 106 30.98 -12.55 19.31
N ARG E 107 31.70 -11.54 19.77
CA ARG E 107 31.13 -10.20 19.87
C ARG E 107 31.99 -9.16 19.15
N ALA E 108 31.32 -8.11 18.67
CA ALA E 108 31.95 -6.99 18.00
C ALA E 108 31.58 -5.81 18.90
N GLY E 109 32.47 -4.84 19.01
CA GLY E 109 32.18 -3.69 19.84
C GLY E 109 32.24 -2.42 19.02
N PHE E 110 32.92 -2.52 17.89
CA PHE E 110 33.06 -1.39 16.99
C PHE E 110 32.21 -1.63 15.76
N HIS E 111 30.95 -1.26 15.89
CA HIS E 111 29.96 -1.41 14.84
C HIS E 111 29.91 -0.13 14.00
N GLY E 112 29.83 -0.27 12.68
CA GLY E 112 29.76 0.90 11.82
C GLY E 112 31.07 1.33 11.19
N PRO E 113 31.16 2.57 10.69
CA PRO E 113 30.06 3.55 10.71
C PRO E 113 29.26 3.51 9.41
N MET E 114 27.93 3.52 9.54
CA MET E 114 27.03 3.49 8.39
C MET E 114 27.08 2.14 7.67
N GLY E 115 27.23 1.06 8.43
CA GLY E 115 27.29 -0.27 7.85
C GLY E 115 28.52 -0.50 6.99
N THR E 116 29.33 0.54 6.84
CA THR E 116 30.54 0.47 6.03
C THR E 116 31.67 -0.29 6.71
N GLY E 117 31.52 -0.58 8.00
CA GLY E 117 32.53 -1.32 8.71
C GLY E 117 33.91 -0.68 8.71
N ILE E 118 34.00 0.56 8.24
CA ILE E 118 35.28 1.26 8.20
C ILE E 118 35.81 1.41 9.62
N SER E 119 34.91 1.31 10.60
CA SER E 119 35.27 1.44 12.01
C SER E 119 36.10 0.27 12.50
N GLN E 120 35.89 -0.91 11.93
CA GLN E 120 36.64 -2.09 12.34
C GLN E 120 37.95 -2.19 11.58
N LEU E 121 37.95 -1.71 10.34
CA LEU E 121 39.14 -1.74 9.49
C LEU E 121 40.27 -1.04 10.25
N PHE E 122 39.91 -0.37 11.34
CA PHE E 122 40.87 0.36 12.17
C PHE E 122 40.77 -0.04 13.65
N ASN E 123 39.56 -0.37 14.10
CA ASN E 123 39.32 -0.73 15.51
C ASN E 123 39.21 -2.23 15.85
N GLY E 124 39.35 -3.10 14.86
CA GLY E 124 39.23 -4.52 15.13
C GLY E 124 37.76 -4.85 15.37
N ILE E 125 37.48 -5.99 15.99
CA ILE E 125 36.10 -6.38 16.26
C ILE E 125 35.63 -5.98 17.66
N GLY E 126 36.56 -5.64 18.53
CA GLY E 126 36.20 -5.18 19.86
C GLY E 126 35.62 -6.17 20.85
N GLY E 127 35.83 -7.46 20.59
CA GLY E 127 35.32 -8.50 21.47
C GLY E 127 35.77 -8.34 22.90
N PRO E 128 37.07 -8.15 23.16
CA PRO E 128 37.52 -7.98 24.54
C PRO E 128 36.96 -6.72 25.18
N GLU E 129 36.99 -5.61 24.43
CA GLU E 129 36.46 -4.36 24.94
C GLU E 129 34.99 -4.54 25.25
N TYR E 130 34.32 -5.29 24.38
CA TYR E 130 32.90 -5.55 24.57
C TYR E 130 32.70 -6.23 25.92
N ILE E 131 33.39 -7.35 26.11
CA ILE E 131 33.29 -8.10 27.35
C ILE E 131 33.60 -7.19 28.54
N TYR E 132 34.65 -6.38 28.39
CA TYR E 132 35.03 -5.46 29.44
C TYR E 132 33.83 -4.62 29.82
N SER E 133 33.35 -3.86 28.83
CA SER E 133 32.20 -2.97 29.00
C SER E 133 30.98 -3.60 29.65
N VAL E 134 30.78 -4.91 29.47
CA VAL E 134 29.63 -5.56 30.07
C VAL E 134 29.84 -5.76 31.56
N LEU E 135 31.09 -6.04 31.95
CA LEU E 135 31.42 -6.23 33.35
C LEU E 135 31.43 -4.87 34.02
N THR E 136 31.80 -3.87 33.24
CA THR E 136 31.84 -2.49 33.72
C THR E 136 30.39 -2.04 33.90
N GLY E 137 29.74 -1.83 32.77
CA GLY E 137 28.37 -1.37 32.68
C GLY E 137 27.21 -1.75 33.58
N PHE E 138 27.47 -2.01 34.87
CA PHE E 138 26.36 -2.34 35.77
C PHE E 138 26.15 -1.15 36.70
N PRO E 139 25.30 -0.18 36.28
CA PRO E 139 25.03 1.00 37.11
C PRO E 139 24.21 0.66 38.35
N GLU E 140 24.47 1.40 39.43
CA GLU E 140 23.76 1.19 40.68
C GLU E 140 22.27 1.56 40.54
N GLU E 141 21.99 2.57 39.71
CA GLU E 141 20.63 3.02 39.48
C GLU E 141 20.11 2.74 38.07
N PRO E 142 18.92 2.10 37.97
CA PRO E 142 18.28 1.77 36.69
C PRO E 142 17.92 3.04 35.94
N PRO E 143 18.18 3.09 34.63
CA PRO E 143 17.84 4.30 33.87
C PRO E 143 16.42 4.74 34.17
N LYS E 144 16.24 6.05 34.27
CA LYS E 144 14.94 6.63 34.59
C LYS E 144 13.69 6.01 33.95
N CYS E 145 13.64 5.93 32.63
CA CYS E 145 12.47 5.39 31.96
C CYS E 145 11.94 4.06 32.51
N ALA E 146 12.80 3.28 33.17
CA ALA E 146 12.39 1.99 33.71
C ALA E 146 11.98 2.01 35.19
N GLU E 147 12.19 3.15 35.84
CA GLU E 147 11.89 3.33 37.27
C GLU E 147 11.16 2.19 37.99
N GLY E 148 9.94 1.88 37.58
CA GLY E 148 9.20 0.83 38.26
C GLY E 148 8.81 -0.36 37.37
N HIS E 149 9.50 -0.53 36.25
CA HIS E 149 9.19 -1.62 35.32
C HIS E 149 10.38 -2.54 35.02
N GLU E 150 11.25 -2.77 36.00
CA GLU E 150 12.39 -3.65 35.77
C GLU E 150 12.02 -5.13 35.80
N PRO E 151 12.19 -5.83 34.67
CA PRO E 151 11.87 -7.25 34.61
C PRO E 151 12.58 -7.96 35.76
N ASP E 152 11.82 -8.60 36.64
CA ASP E 152 12.48 -9.27 37.75
C ASP E 152 13.36 -10.39 37.24
N GLY E 153 14.56 -10.47 37.79
CA GLY E 153 15.49 -11.51 37.38
C GLY E 153 16.57 -10.97 36.48
N PHE E 154 16.32 -9.80 35.93
CA PHE E 154 17.30 -9.19 35.06
C PHE E 154 17.96 -8.00 35.75
N TYR E 155 18.92 -7.41 35.06
CA TYR E 155 19.66 -6.27 35.59
C TYR E 155 19.98 -5.33 34.45
N TYR E 156 19.87 -4.02 34.68
CA TYR E 156 20.20 -3.10 33.60
C TYR E 156 21.71 -3.07 33.40
N ASN E 157 22.12 -3.09 32.13
CA ASN E 157 23.52 -3.05 31.75
C ASN E 157 23.68 -2.15 30.52
N ARG E 158 24.51 -1.12 30.66
CA ARG E 158 24.77 -0.12 29.62
C ARG E 158 25.38 -0.62 28.31
N ALA E 159 26.11 -1.74 28.35
CA ALA E 159 26.76 -2.27 27.15
C ALA E 159 25.95 -3.29 26.38
N PHE E 160 25.07 -3.98 27.09
CA PHE E 160 24.24 -5.01 26.52
C PHE E 160 23.20 -4.48 25.54
N GLN E 161 23.23 -4.95 24.30
CA GLN E 161 22.30 -4.50 23.27
C GLN E 161 21.29 -5.55 22.85
N ASN E 162 21.26 -6.68 23.55
CA ASN E 162 20.33 -7.74 23.18
C ASN E 162 19.40 -8.20 24.30
N GLY E 163 19.14 -7.31 25.25
CA GLY E 163 18.25 -7.65 26.34
C GLY E 163 16.90 -7.00 26.13
N SER E 164 15.96 -7.32 27.01
CA SER E 164 14.62 -6.74 26.91
C SER E 164 14.68 -5.36 27.57
N VAL E 165 13.75 -4.50 27.19
CA VAL E 165 13.69 -3.16 27.76
C VAL E 165 12.22 -2.85 28.03
N PRO E 166 11.89 -2.42 29.26
CA PRO E 166 10.50 -2.10 29.59
C PRO E 166 9.86 -1.19 28.56
N ASP E 167 8.61 -1.46 28.23
CA ASP E 167 7.89 -0.66 27.26
C ASP E 167 7.99 0.82 27.61
N THR E 168 7.95 1.10 28.90
CA THR E 168 8.04 2.45 29.43
C THR E 168 9.40 3.08 29.13
N CYS E 169 10.25 2.34 28.42
CA CYS E 169 11.59 2.79 28.05
C CYS E 169 11.83 2.86 26.55
N LYS E 170 10.79 2.66 25.75
CA LYS E 170 10.96 2.73 24.31
C LYS E 170 10.30 4.02 23.84
N ASP E 171 10.64 4.47 22.63
CA ASP E 171 10.07 5.70 22.12
C ASP E 171 8.81 5.46 21.29
N ALA E 172 8.30 6.54 20.70
CA ALA E 172 7.10 6.48 19.88
C ALA E 172 7.15 5.37 18.83
N ASN E 173 8.35 5.15 18.28
CA ASN E 173 8.54 4.13 17.25
C ASN E 173 8.98 2.75 17.72
N GLY E 174 8.94 2.50 19.03
CA GLY E 174 9.33 1.20 19.54
C GLY E 174 10.78 1.06 19.97
N VAL E 175 11.65 1.92 19.46
CA VAL E 175 13.07 1.90 19.80
C VAL E 175 13.27 2.14 21.30
N LYS E 176 14.41 1.70 21.85
CA LYS E 176 14.69 1.89 23.27
C LYS E 176 15.36 3.21 23.62
N THR E 177 14.99 3.75 24.78
CA THR E 177 15.53 5.00 25.28
C THR E 177 16.95 4.77 25.78
N THR E 178 17.09 3.74 26.60
CA THR E 178 18.35 3.33 27.20
C THR E 178 19.49 3.03 26.25
N ALA E 179 20.70 3.19 26.75
CA ALA E 179 21.90 2.91 25.97
C ALA E 179 22.08 1.40 25.96
N GLY E 180 21.71 0.76 27.06
CA GLY E 180 21.83 -0.69 27.16
C GLY E 180 20.50 -1.40 27.20
N SER E 181 20.43 -2.46 28.01
CA SER E 181 19.21 -3.24 28.16
C SER E 181 19.34 -4.18 29.36
N TRP E 182 18.35 -5.02 29.57
CA TRP E 182 18.36 -5.95 30.69
C TRP E 182 18.92 -7.34 30.36
N ILE E 183 19.99 -7.69 31.06
CA ILE E 183 20.70 -8.95 30.89
C ILE E 183 20.35 -9.88 32.06
N ALA E 184 20.43 -11.19 31.84
CA ALA E 184 20.09 -12.15 32.88
C ALA E 184 21.28 -12.41 33.79
N MET E 185 22.41 -11.76 33.52
CA MET E 185 23.58 -11.95 34.35
C MET E 185 23.68 -10.92 35.46
N PRO E 186 23.51 -11.36 36.71
CA PRO E 186 23.60 -10.41 37.81
C PRO E 186 25.04 -9.87 37.82
N PRO E 187 25.24 -8.64 38.32
CA PRO E 187 26.61 -8.09 38.36
C PRO E 187 27.55 -9.14 38.95
N PRO E 188 28.69 -9.41 38.29
CA PRO E 188 29.64 -10.40 38.81
C PRO E 188 30.85 -9.88 39.57
N LEU E 189 31.27 -8.65 39.26
CA LEU E 189 32.45 -8.09 39.91
C LEU E 189 32.26 -7.05 41.01
N MET E 190 32.68 -7.44 42.21
CA MET E 190 32.62 -6.55 43.37
C MET E 190 34.09 -6.21 43.64
N ASP E 191 34.35 -5.02 44.19
CA ASP E 191 35.72 -4.62 44.44
C ASP E 191 36.50 -5.58 45.32
N ASP E 192 37.73 -5.84 44.91
CA ASP E 192 38.62 -6.76 45.62
C ASP E 192 37.89 -8.03 46.04
N LEU E 193 37.35 -8.72 45.03
CA LEU E 193 36.61 -9.96 45.21
C LEU E 193 37.57 -11.11 44.98
N VAL E 194 38.69 -10.80 44.34
CA VAL E 194 39.73 -11.77 44.06
C VAL E 194 41.02 -11.29 44.73
N GLU E 195 41.62 -12.17 45.52
CA GLU E 195 42.87 -11.87 46.25
C GLU E 195 44.08 -12.16 45.38
N TYR E 196 44.55 -11.15 44.64
CA TYR E 196 45.71 -11.34 43.77
C TYR E 196 46.93 -11.76 44.57
N ALA E 197 47.83 -12.47 43.89
CA ALA E 197 49.05 -12.95 44.52
C ALA E 197 50.01 -11.79 44.78
N ASP E 198 50.51 -11.21 43.70
CA ASP E 198 51.46 -10.10 43.76
C ASP E 198 50.83 -8.82 44.33
N GLY E 199 49.71 -8.97 45.03
CA GLY E 199 49.06 -7.80 45.62
C GLY E 199 48.27 -6.92 44.68
N HIS E 200 48.66 -6.91 43.39
CA HIS E 200 48.00 -6.11 42.35
C HIS E 200 46.56 -5.74 42.70
N ASP E 201 46.10 -4.56 42.27
CA ASP E 201 44.75 -4.11 42.60
C ASP E 201 43.62 -4.90 41.96
N ALA E 202 42.63 -5.21 42.78
CA ALA E 202 41.46 -5.97 42.36
C ALA E 202 40.24 -5.07 42.27
N SER E 203 40.37 -3.92 41.61
CA SER E 203 39.26 -3.01 41.46
C SER E 203 38.44 -3.58 40.31
N VAL E 204 37.11 -3.51 40.43
CA VAL E 204 36.23 -4.04 39.39
C VAL E 204 36.77 -3.73 38.00
N HIS E 205 37.30 -2.53 37.82
CA HIS E 205 37.86 -2.15 36.52
C HIS E 205 38.96 -3.13 36.14
N ALA E 206 39.96 -3.22 37.01
CA ALA E 206 41.11 -4.09 36.79
C ALA E 206 40.74 -5.55 36.54
N MET E 207 40.02 -6.16 37.48
CA MET E 207 39.60 -7.54 37.31
C MET E 207 38.97 -7.69 35.93
N ALA E 208 37.94 -6.88 35.69
CA ALA E 208 37.23 -6.89 34.41
C ALA E 208 38.18 -6.82 33.23
N GLU E 209 39.15 -5.92 33.30
CA GLU E 209 40.10 -5.78 32.21
C GLU E 209 41.02 -6.98 32.09
N ASP E 210 41.38 -7.59 33.22
CA ASP E 210 42.24 -8.76 33.19
C ASP E 210 41.49 -9.95 32.58
N VAL E 211 40.40 -10.35 33.23
CA VAL E 211 39.61 -11.48 32.76
C VAL E 211 39.28 -11.36 31.27
N SER E 212 39.18 -10.13 30.78
CA SER E 212 38.89 -9.91 29.37
C SER E 212 40.07 -10.42 28.54
N ALA E 213 41.28 -9.97 28.89
CA ALA E 213 42.48 -10.39 28.18
C ALA E 213 42.62 -11.90 28.23
N PHE E 214 42.28 -12.48 29.37
CA PHE E 214 42.36 -13.93 29.54
C PHE E 214 41.49 -14.55 28.45
N LEU E 215 40.23 -14.12 28.43
CA LEU E 215 39.27 -14.61 27.48
C LEU E 215 39.71 -14.35 26.04
N MET E 216 40.45 -13.27 25.81
CA MET E 216 40.91 -12.99 24.46
C MET E 216 41.89 -14.09 24.10
N TRP E 217 42.71 -14.50 25.07
CA TRP E 217 43.67 -15.57 24.83
C TRP E 217 42.95 -16.92 24.71
N ALA E 218 41.97 -17.14 25.58
CA ALA E 218 41.21 -18.38 25.57
C ALA E 218 40.53 -18.61 24.22
N ALA E 219 40.33 -17.53 23.48
CA ALA E 219 39.69 -17.62 22.17
C ALA E 219 40.71 -17.64 21.03
N GLU E 220 41.83 -16.93 21.23
CA GLU E 220 42.89 -16.86 20.23
C GLU E 220 44.25 -17.27 20.78
N PRO E 221 44.32 -18.42 21.48
CA PRO E 221 45.61 -18.87 22.03
C PRO E 221 46.82 -18.73 21.12
N LYS E 222 46.59 -18.85 19.81
CA LYS E 222 47.66 -18.73 18.83
C LYS E 222 47.77 -17.32 18.25
N LEU E 223 47.37 -16.32 19.03
CA LEU E 223 47.40 -14.94 18.57
C LEU E 223 48.80 -14.52 18.22
N MET E 224 49.67 -14.69 19.19
CA MET E 224 51.04 -14.33 18.95
C MET E 224 51.64 -15.14 17.80
N ALA E 225 51.34 -16.43 17.76
CA ALA E 225 51.86 -17.29 16.68
C ALA E 225 51.43 -16.70 15.35
N ARG E 226 50.15 -16.37 15.26
CA ARG E 226 49.57 -15.80 14.04
C ARG E 226 50.26 -14.52 13.62
N LYS E 227 50.44 -13.60 14.54
CA LYS E 227 51.10 -12.35 14.20
C LYS E 227 52.55 -12.55 13.77
N GLN E 228 53.27 -13.43 14.46
CA GLN E 228 54.65 -13.70 14.07
C GLN E 228 54.61 -14.26 12.65
N ALA E 229 53.73 -15.24 12.45
CA ALA E 229 53.57 -15.86 11.15
C ALA E 229 53.26 -14.74 10.16
N GLY E 230 52.36 -13.85 10.58
CA GLY E 230 52.00 -12.72 9.75
C GLY E 230 53.18 -11.85 9.42
N PHE E 231 53.86 -11.35 10.45
CA PHE E 231 55.02 -10.49 10.24
C PHE E 231 56.03 -11.17 9.30
N THR E 232 56.35 -12.42 9.59
CA THR E 232 57.29 -13.17 8.75
C THR E 232 56.88 -13.12 7.29
N ALA E 233 55.65 -13.54 7.04
CA ALA E 233 55.10 -13.57 5.68
C ALA E 233 55.15 -12.21 4.99
N VAL E 234 54.75 -11.16 5.71
CA VAL E 234 54.78 -9.82 5.12
C VAL E 234 56.20 -9.51 4.66
N MET E 235 57.18 -9.93 5.46
CA MET E 235 58.57 -9.66 5.13
C MET E 235 59.03 -10.36 3.85
N PHE E 236 58.89 -11.68 3.78
CA PHE E 236 59.27 -12.42 2.56
C PHE E 236 58.73 -11.64 1.37
N LEU E 237 57.41 -11.50 1.39
CA LEU E 237 56.65 -10.83 0.36
C LEU E 237 57.06 -9.40 0.02
N THR E 238 57.33 -8.57 1.02
CA THR E 238 57.74 -7.19 0.72
C THR E 238 59.01 -7.28 -0.12
N VAL E 239 59.95 -8.09 0.36
CA VAL E 239 61.23 -8.28 -0.30
C VAL E 239 61.02 -8.89 -1.68
N LEU E 240 60.30 -10.01 -1.72
CA LEU E 240 60.02 -10.71 -2.97
C LEU E 240 59.32 -9.81 -3.98
N SER E 241 58.42 -8.96 -3.50
CA SER E 241 57.69 -8.05 -4.37
C SER E 241 58.69 -7.13 -5.07
N VAL E 242 59.56 -6.52 -4.27
CA VAL E 242 60.57 -5.58 -4.78
C VAL E 242 61.45 -6.22 -5.86
N LEU E 243 61.94 -7.42 -5.59
CA LEU E 243 62.79 -8.12 -6.54
C LEU E 243 62.02 -8.33 -7.84
N LEU E 244 60.86 -8.96 -7.72
CA LEU E 244 60.00 -9.23 -8.87
C LEU E 244 59.63 -7.95 -9.61
N TYR E 245 59.45 -6.87 -8.86
CA TYR E 245 59.11 -5.60 -9.46
C TYR E 245 60.25 -5.12 -10.34
N LEU E 246 61.47 -5.28 -9.84
CA LEU E 246 62.67 -4.90 -10.56
C LEU E 246 62.93 -5.86 -11.71
N THR E 247 62.68 -7.15 -11.47
CA THR E 247 62.89 -8.18 -12.48
C THR E 247 61.93 -7.91 -13.63
N ASN E 248 60.70 -7.56 -13.28
CA ASN E 248 59.67 -7.26 -14.27
C ASN E 248 60.00 -5.98 -15.03
N LYS E 249 60.39 -4.94 -14.30
CA LYS E 249 60.74 -3.67 -14.92
C LYS E 249 61.90 -3.86 -15.89
N ARG E 250 62.90 -4.62 -15.45
CA ARG E 250 64.08 -4.92 -16.26
C ARG E 250 63.62 -5.67 -17.52
N LEU E 251 62.95 -6.80 -17.31
CA LEU E 251 62.45 -7.65 -18.39
C LEU E 251 61.62 -6.89 -19.42
N TRP E 252 60.71 -6.05 -18.97
CA TRP E 252 59.85 -5.30 -19.88
C TRP E 252 60.50 -4.11 -20.58
N ALA E 253 61.51 -3.52 -19.95
CA ALA E 253 62.20 -2.39 -20.54
C ALA E 253 62.67 -2.68 -21.96
N GLY E 254 62.92 -3.95 -22.24
CA GLY E 254 63.37 -4.34 -23.57
C GLY E 254 62.25 -4.29 -24.59
N VAL E 255 61.09 -3.80 -24.15
CA VAL E 255 59.92 -3.70 -25.01
C VAL E 255 59.50 -2.24 -25.19
N LYS E 256 59.37 -1.53 -24.08
CA LYS E 256 58.97 -0.12 -24.11
C LYS E 256 60.15 0.80 -24.43
N GLY F 1 74.54 -4.90 -16.47
CA GLY F 1 75.40 -6.09 -16.66
C GLY F 1 74.95 -7.28 -15.82
N THR F 2 75.71 -7.58 -14.77
CA THR F 2 75.39 -8.72 -13.91
C THR F 2 74.52 -8.32 -12.72
N ARG F 3 73.90 -7.14 -12.80
CA ARG F 3 73.01 -6.67 -11.74
C ARG F 3 71.66 -7.33 -11.98
N ARG F 4 71.41 -7.65 -13.24
CA ARG F 4 70.17 -8.28 -13.65
C ARG F 4 70.31 -9.79 -13.54
N ASP F 5 71.51 -10.30 -13.81
CA ASP F 5 71.74 -11.74 -13.72
C ASP F 5 71.86 -12.10 -12.25
N PHE F 6 72.04 -11.08 -11.41
CA PHE F 6 72.13 -11.28 -9.96
C PHE F 6 70.69 -11.24 -9.52
N LEU F 7 69.98 -10.25 -10.06
CA LEU F 7 68.57 -10.03 -9.78
C LEU F 7 67.82 -11.35 -9.93
N TYR F 8 68.15 -12.08 -10.99
CA TYR F 8 67.54 -13.37 -11.27
C TYR F 8 67.72 -14.30 -10.08
N TYR F 9 68.94 -14.36 -9.56
CA TYR F 9 69.21 -15.24 -8.44
C TYR F 9 68.58 -14.74 -7.14
N ALA F 10 68.64 -13.43 -6.88
CA ALA F 10 68.01 -12.88 -5.68
C ALA F 10 66.52 -13.20 -5.73
N THR F 11 65.96 -13.16 -6.94
CA THR F 11 64.55 -13.45 -7.15
C THR F 11 64.30 -14.94 -7.00
N ALA F 12 64.87 -15.73 -7.91
CA ALA F 12 64.71 -17.19 -7.88
C ALA F 12 64.92 -17.74 -6.47
N GLY F 13 65.90 -17.18 -5.75
CA GLY F 13 66.19 -17.62 -4.40
C GLY F 13 65.07 -17.25 -3.45
N ALA F 14 64.60 -16.02 -3.54
CA ALA F 14 63.51 -15.55 -2.69
C ALA F 14 62.31 -16.45 -2.94
N GLY F 15 62.09 -16.78 -4.21
CA GLY F 15 60.98 -17.65 -4.56
C GLY F 15 61.10 -18.96 -3.83
N ALA F 16 62.13 -19.74 -4.16
CA ALA F 16 62.37 -21.03 -3.55
C ALA F 16 62.22 -20.99 -2.03
N VAL F 17 62.64 -19.89 -1.42
CA VAL F 17 62.54 -19.75 0.03
C VAL F 17 61.07 -19.77 0.44
N ALA F 18 60.26 -18.95 -0.23
CA ALA F 18 58.83 -18.88 0.06
C ALA F 18 58.17 -20.23 -0.22
N THR F 19 58.44 -20.76 -1.42
CA THR F 19 57.89 -22.05 -1.84
C THR F 19 58.03 -23.10 -0.76
N GLY F 20 59.11 -23.01 0.01
CA GLY F 20 59.37 -23.97 1.07
C GLY F 20 58.64 -23.61 2.36
N ALA F 21 58.56 -22.32 2.65
CA ALA F 21 57.88 -21.85 3.85
C ALA F 21 56.41 -22.24 3.71
N ALA F 22 55.96 -22.33 2.46
CA ALA F 22 54.58 -22.71 2.16
C ALA F 22 54.40 -24.20 2.35
N VAL F 23 55.26 -24.97 1.70
CA VAL F 23 55.21 -26.43 1.75
C VAL F 23 55.39 -27.08 3.13
N TRP F 24 56.44 -26.72 3.86
CA TRP F 24 56.69 -27.32 5.17
C TRP F 24 55.44 -27.48 6.05
N PRO F 25 54.64 -26.41 6.21
CA PRO F 25 53.45 -26.56 7.06
C PRO F 25 52.37 -27.46 6.47
N LEU F 26 52.27 -27.52 5.15
CA LEU F 26 51.29 -28.39 4.54
C LEU F 26 51.66 -29.80 4.99
N ILE F 27 52.96 -30.05 5.03
CA ILE F 27 53.47 -31.33 5.47
C ILE F 27 53.35 -31.49 6.98
N ASN F 28 53.80 -30.48 7.72
CA ASN F 28 53.79 -30.53 9.17
C ASN F 28 52.42 -30.62 9.86
N GLN F 29 51.35 -30.23 9.20
CA GLN F 29 50.04 -30.31 9.84
C GLN F 29 49.69 -31.75 10.21
N MET F 30 50.26 -32.70 9.47
CA MET F 30 50.00 -34.11 9.70
C MET F 30 50.78 -34.74 10.83
N ASN F 31 51.71 -34.00 11.41
CA ASN F 31 52.44 -34.55 12.54
C ASN F 31 51.58 -34.46 13.79
N PRO F 32 51.76 -35.39 14.73
CA PRO F 32 50.97 -35.40 15.97
C PRO F 32 50.56 -34.02 16.45
N SER F 33 49.25 -33.84 16.65
CA SER F 33 48.73 -32.56 17.12
C SER F 33 48.90 -32.46 18.63
N ALA F 34 48.76 -31.24 19.14
CA ALA F 34 48.92 -30.94 20.56
C ALA F 34 48.16 -31.83 21.56
N ASP F 35 47.02 -32.38 21.14
CA ASP F 35 46.22 -33.21 22.03
C ASP F 35 46.76 -34.65 22.14
N VAL F 36 47.41 -35.10 21.09
CA VAL F 36 47.97 -36.44 21.08
C VAL F 36 49.13 -36.48 22.07
N GLN F 37 50.09 -35.59 21.82
CA GLN F 37 51.31 -35.47 22.58
C GLN F 37 51.15 -35.47 24.10
N ALA F 38 49.90 -35.55 24.57
CA ALA F 38 49.63 -35.57 26.01
C ALA F 38 49.85 -36.96 26.58
N LEU F 39 51.08 -37.43 26.50
CA LEU F 39 51.50 -38.75 26.98
C LEU F 39 51.58 -38.82 28.52
N ALA F 40 50.78 -39.70 29.12
CA ALA F 40 50.77 -39.85 30.57
C ALA F 40 51.52 -41.09 31.05
N SER F 41 51.09 -41.67 32.18
CA SER F 41 51.74 -42.85 32.75
C SER F 41 50.82 -43.61 33.71
N ILE F 42 49.95 -44.44 33.13
CA ILE F 42 48.99 -45.23 33.88
C ILE F 42 49.58 -46.15 34.95
N PHE F 43 48.69 -46.79 35.72
CA PHE F 43 49.04 -47.73 36.77
C PHE F 43 48.13 -48.94 36.60
N VAL F 44 48.62 -50.13 36.91
CA VAL F 44 47.81 -51.34 36.76
C VAL F 44 47.78 -52.22 38.01
N ASP F 45 46.58 -52.59 38.43
CA ASP F 45 46.42 -53.48 39.59
C ASP F 45 46.68 -54.90 39.08
N VAL F 46 47.52 -55.64 39.79
CA VAL F 46 47.84 -57.00 39.38
C VAL F 46 47.44 -58.05 40.41
N SER F 47 47.03 -57.58 41.59
CA SER F 47 46.61 -58.44 42.69
C SER F 47 45.80 -59.65 42.24
N SER F 48 44.99 -59.45 41.21
CA SER F 48 44.12 -60.48 40.66
C SER F 48 44.85 -61.58 39.87
N VAL F 49 45.72 -61.16 38.97
CA VAL F 49 46.47 -62.05 38.08
C VAL F 49 47.13 -63.32 38.64
N GLU F 50 46.52 -64.47 38.39
CA GLU F 50 47.10 -65.75 38.80
C GLU F 50 48.20 -66.01 37.78
N PRO F 51 49.17 -66.89 38.11
CA PRO F 51 50.25 -67.19 37.16
C PRO F 51 49.74 -68.01 35.98
N GLY F 52 50.25 -67.71 34.80
CA GLY F 52 49.83 -68.42 33.58
C GLY F 52 48.75 -67.59 32.92
N VAL F 53 48.52 -66.41 33.47
CA VAL F 53 47.51 -65.49 32.97
C VAL F 53 48.11 -64.22 32.39
N GLN F 54 47.65 -63.84 31.21
CA GLN F 54 48.13 -62.61 30.60
C GLN F 54 47.07 -61.54 30.76
N LEU F 55 47.54 -60.30 30.87
CA LEU F 55 46.66 -59.16 31.05
C LEU F 55 46.96 -58.17 29.93
N THR F 56 45.95 -57.82 29.14
CA THR F 56 46.18 -56.88 28.06
C THR F 56 45.65 -55.54 28.52
N VAL F 57 46.42 -54.49 28.28
CA VAL F 57 46.06 -53.15 28.70
C VAL F 57 46.38 -52.11 27.62
N LYS F 58 45.48 -51.15 27.43
CA LYS F 58 45.71 -50.12 26.42
C LYS F 58 46.60 -49.03 27.03
N PHE F 59 47.48 -48.49 26.19
CA PHE F 59 48.45 -47.47 26.59
C PHE F 59 49.01 -46.91 25.29
N LEU F 60 48.87 -45.60 25.11
CA LEU F 60 49.34 -44.93 23.91
C LEU F 60 48.72 -45.51 22.64
N GLY F 61 47.52 -46.07 22.77
CA GLY F 61 46.83 -46.63 21.61
C GLY F 61 47.23 -48.02 21.15
N LYS F 62 48.11 -48.67 21.89
CA LYS F 62 48.53 -50.01 21.53
C LYS F 62 48.45 -50.83 22.79
N PRO F 63 48.54 -52.15 22.66
CA PRO F 63 48.43 -52.96 23.88
C PRO F 63 49.75 -53.20 24.59
N ILE F 64 49.64 -53.55 25.87
CA ILE F 64 50.79 -53.85 26.70
C ILE F 64 50.41 -55.11 27.48
N PHE F 65 51.16 -56.17 27.26
CA PHE F 65 50.89 -57.42 27.94
C PHE F 65 51.55 -57.43 29.31
N ILE F 66 50.90 -58.12 30.25
CA ILE F 66 51.43 -58.27 31.59
C ILE F 66 51.10 -59.69 31.97
N ARG F 67 52.03 -60.59 31.69
CA ARG F 67 51.82 -62.00 31.96
C ARG F 67 52.60 -62.48 33.18
N ARG F 68 51.90 -63.19 34.06
CA ARG F 68 52.54 -63.75 35.23
C ARG F 68 52.88 -65.16 34.73
N ARG F 69 54.16 -65.40 34.51
CA ARG F 69 54.62 -66.69 33.99
C ARG F 69 54.60 -67.87 34.94
N THR F 70 54.59 -69.07 34.36
CA THR F 70 54.59 -70.32 35.10
C THR F 70 56.04 -70.79 35.23
N GLU F 71 56.29 -71.82 36.02
CA GLU F 71 57.64 -72.35 36.16
C GLU F 71 58.13 -72.66 34.76
N ALA F 72 57.31 -73.40 34.02
CA ALA F 72 57.62 -73.80 32.65
C ALA F 72 58.05 -72.61 31.80
N ASP F 73 57.30 -71.52 31.83
CA ASP F 73 57.64 -70.34 31.06
C ASP F 73 59.01 -69.80 31.45
N ILE F 74 59.27 -69.77 32.75
CA ILE F 74 60.54 -69.28 33.25
C ILE F 74 61.67 -70.27 32.92
N GLU F 75 61.40 -71.57 32.91
CA GLU F 75 62.46 -72.49 32.56
C GLU F 75 62.83 -72.33 31.10
N LEU F 76 61.92 -72.70 30.20
CA LEU F 76 62.23 -72.57 28.78
C LEU F 76 62.94 -71.26 28.52
N GLY F 77 62.47 -70.20 29.18
CA GLY F 77 63.08 -68.89 29.01
C GLY F 77 64.56 -68.92 29.30
N ARG F 78 64.90 -69.38 30.50
CA ARG F 78 66.29 -69.47 30.92
C ARG F 78 67.15 -70.47 30.15
N SER F 79 66.58 -71.58 29.73
CA SER F 79 67.38 -72.54 28.98
C SER F 79 67.49 -72.07 27.53
N VAL F 80 68.10 -70.92 27.31
CA VAL F 80 68.26 -70.44 25.93
C VAL F 80 69.62 -69.79 25.77
N GLN F 81 70.30 -70.11 24.67
CA GLN F 81 71.61 -69.56 24.43
C GLN F 81 71.53 -68.28 23.64
N LEU F 82 72.01 -67.22 24.27
CA LEU F 82 72.03 -65.88 23.69
C LEU F 82 72.48 -65.95 22.24
N GLY F 83 73.25 -66.98 21.93
CA GLY F 83 73.74 -67.15 20.57
C GLY F 83 72.69 -67.69 19.62
N GLN F 84 71.60 -68.20 20.17
CA GLN F 84 70.52 -68.75 19.37
C GLN F 84 69.42 -67.74 19.09
N LEU F 85 69.39 -66.68 19.88
CA LEU F 85 68.39 -65.63 19.71
C LEU F 85 68.67 -64.82 18.46
N VAL F 86 67.60 -64.34 17.83
CA VAL F 86 67.73 -63.53 16.61
C VAL F 86 68.10 -62.09 16.96
N ASP F 87 67.73 -61.68 18.17
CA ASP F 87 68.02 -60.35 18.67
C ASP F 87 68.58 -60.57 20.07
N THR F 88 69.80 -60.14 20.29
CA THR F 88 70.44 -60.32 21.60
C THR F 88 70.18 -59.17 22.56
N ASN F 89 69.68 -58.05 22.03
CA ASN F 89 69.41 -56.89 22.86
C ASN F 89 68.17 -57.14 23.72
N ALA F 90 68.24 -56.76 24.99
CA ALA F 90 67.14 -56.95 25.91
C ALA F 90 65.94 -56.04 25.62
N ARG F 91 66.14 -55.02 24.80
CA ARG F 91 65.05 -54.11 24.45
C ARG F 91 64.31 -53.72 25.72
N ASN F 92 65.04 -53.44 26.79
CA ASN F 92 64.43 -53.07 28.05
C ASN F 92 64.74 -51.62 28.41
N ALA F 93 63.71 -50.79 28.45
CA ALA F 93 63.87 -49.38 28.77
C ALA F 93 64.19 -49.15 30.24
N ASN F 94 64.00 -50.18 31.06
CA ASN F 94 64.27 -50.06 32.49
C ASN F 94 65.77 -50.22 32.74
N ILE F 95 66.34 -51.28 32.19
CA ILE F 95 67.76 -51.55 32.36
C ILE F 95 68.60 -50.83 31.32
N ASP F 96 69.90 -51.15 31.26
CA ASP F 96 70.81 -50.52 30.31
C ASP F 96 70.45 -50.76 28.84
N ALA F 97 70.76 -49.77 28.01
CA ALA F 97 70.48 -49.84 26.58
C ALA F 97 71.16 -51.03 25.92
N GLY F 98 72.35 -51.38 26.39
CA GLY F 98 73.08 -52.48 25.81
C GLY F 98 72.91 -53.86 26.44
N ALA F 99 72.05 -53.97 27.45
CA ALA F 99 71.82 -55.24 28.12
C ALA F 99 71.56 -56.37 27.11
N GLU F 100 71.56 -57.60 27.58
CA GLU F 100 71.33 -58.74 26.70
C GLU F 100 70.01 -59.48 26.90
N ALA F 101 69.50 -60.01 25.80
CA ALA F 101 68.25 -60.74 25.74
C ALA F 101 68.19 -61.98 26.64
N THR F 102 68.68 -61.88 27.87
CA THR F 102 68.63 -63.01 28.78
C THR F 102 67.32 -62.96 29.54
N ASP F 103 66.69 -64.11 29.73
CA ASP F 103 65.41 -64.21 30.43
C ASP F 103 65.32 -63.32 31.65
N GLN F 104 66.36 -63.35 32.46
CA GLN F 104 66.38 -62.56 33.68
C GLN F 104 66.33 -61.08 33.32
N ASN F 105 66.94 -60.75 32.19
CA ASN F 105 67.01 -59.39 31.67
C ASN F 105 65.73 -58.95 30.99
N ARG F 106 64.71 -59.81 31.01
CA ARG F 106 63.44 -59.52 30.37
C ARG F 106 62.25 -59.43 31.32
N THR F 107 62.43 -59.91 32.55
CA THR F 107 61.35 -59.86 33.53
C THR F 107 61.57 -58.70 34.49
N LEU F 108 60.52 -58.36 35.26
CA LEU F 108 60.60 -57.27 36.23
C LEU F 108 61.13 -57.77 37.57
N ASP F 109 60.78 -59.01 37.92
CA ASP F 109 61.21 -59.59 39.17
C ASP F 109 62.40 -60.52 38.93
N GLU F 110 62.95 -61.06 40.01
CA GLU F 110 64.09 -61.97 39.90
C GLU F 110 63.63 -63.40 39.71
N ALA F 111 62.53 -63.76 40.36
CA ALA F 111 62.00 -65.11 40.22
C ALA F 111 61.61 -65.28 38.75
N GLY F 112 61.70 -64.19 38.00
CA GLY F 112 61.37 -64.23 36.59
C GLY F 112 59.89 -64.52 36.38
N GLU F 113 59.07 -63.97 37.26
CA GLU F 113 57.62 -64.18 37.24
C GLU F 113 56.80 -63.14 36.49
N TRP F 114 57.27 -61.89 36.44
CA TRP F 114 56.51 -60.83 35.78
C TRP F 114 57.06 -60.34 34.45
N LEU F 115 56.48 -60.82 33.36
CA LEU F 115 56.90 -60.40 32.03
C LEU F 115 55.99 -59.26 31.59
N VAL F 116 56.58 -58.10 31.36
CA VAL F 116 55.83 -56.92 30.93
C VAL F 116 56.43 -56.34 29.66
N MET F 117 55.64 -56.32 28.61
CA MET F 117 56.10 -55.81 27.32
C MET F 117 54.96 -55.32 26.44
N TRP F 118 55.34 -54.57 25.41
CA TRP F 118 54.38 -54.04 24.45
C TRP F 118 53.90 -55.22 23.60
N GLY F 119 52.59 -55.39 23.49
CA GLY F 119 52.09 -56.47 22.68
C GLY F 119 52.06 -56.06 21.22
N VAL F 120 53.12 -55.38 20.80
CA VAL F 120 53.22 -54.89 19.43
C VAL F 120 54.33 -55.57 18.63
N CYS F 121 53.94 -56.51 17.76
CA CYS F 121 54.92 -57.21 16.93
C CYS F 121 55.92 -56.18 16.44
N THR F 122 57.19 -56.55 16.42
CA THR F 122 58.22 -55.64 15.95
C THR F 122 58.31 -55.63 14.43
N HIS F 123 57.58 -56.52 13.77
CA HIS F 123 57.61 -56.57 12.31
C HIS F 123 56.82 -55.38 11.75
N LEU F 124 55.50 -55.47 11.82
CA LEU F 124 54.67 -54.40 11.30
C LEU F 124 53.53 -53.93 12.21
N GLY F 125 53.59 -54.29 13.50
CA GLY F 125 52.59 -53.80 14.43
C GLY F 125 51.48 -54.64 15.04
N CYS F 126 51.05 -55.71 14.39
CA CYS F 126 49.99 -56.52 14.95
C CYS F 126 50.20 -56.93 16.39
N VAL F 127 49.18 -57.56 16.96
CA VAL F 127 49.22 -58.01 18.33
C VAL F 127 49.35 -59.52 18.37
N PRO F 128 50.54 -60.00 18.77
CA PRO F 128 50.80 -61.44 18.86
C PRO F 128 49.89 -62.13 19.88
N ILE F 129 49.44 -63.33 19.54
CA ILE F 129 48.57 -64.13 20.39
C ILE F 129 49.34 -64.79 21.52
N GLY F 130 48.82 -64.68 22.74
CA GLY F 130 49.48 -65.26 23.89
C GLY F 130 48.99 -66.65 24.20
N GLY F 131 48.94 -67.00 25.48
CA GLY F 131 48.49 -68.31 25.88
C GLY F 131 49.39 -69.41 25.34
N VAL F 132 50.68 -69.10 25.26
CA VAL F 132 51.68 -70.05 24.76
C VAL F 132 51.36 -70.58 23.36
N SER F 133 51.43 -69.69 22.37
CA SER F 133 51.19 -70.05 20.98
C SER F 133 52.53 -70.01 20.26
N GLY F 134 52.58 -70.62 19.07
CA GLY F 134 53.81 -70.61 18.30
C GLY F 134 54.75 -71.77 18.60
N ASP F 135 55.76 -71.93 17.78
CA ASP F 135 56.72 -73.02 17.95
C ASP F 135 57.55 -72.90 19.23
N PHE F 136 57.80 -71.67 19.68
CA PHE F 136 58.64 -71.44 20.85
C PHE F 136 57.98 -71.16 22.19
N GLY F 137 56.79 -71.73 22.40
CA GLY F 137 56.08 -71.56 23.66
C GLY F 137 55.84 -70.14 24.12
N GLY F 138 55.64 -69.21 23.19
CA GLY F 138 55.41 -67.84 23.57
C GLY F 138 54.22 -67.19 22.89
N TRP F 139 54.51 -66.36 21.89
CA TRP F 139 53.48 -65.66 21.16
C TRP F 139 53.57 -65.91 19.67
N PHE F 140 52.45 -65.74 18.99
CA PHE F 140 52.43 -65.93 17.56
C PHE F 140 51.76 -64.75 16.89
N CYS F 141 52.44 -64.11 15.96
CA CYS F 141 51.85 -62.99 15.25
C CYS F 141 51.21 -63.55 13.99
N PRO F 142 49.87 -63.46 13.91
CA PRO F 142 49.12 -63.95 12.76
C PRO F 142 49.29 -63.14 11.48
N CYS F 143 49.82 -61.92 11.60
CA CYS F 143 50.00 -61.09 10.42
C CYS F 143 51.00 -61.61 9.41
N HIS F 144 52.16 -62.08 9.84
CA HIS F 144 53.12 -62.62 8.89
C HIS F 144 53.87 -63.84 9.40
N GLY F 145 53.44 -64.37 10.54
CA GLY F 145 54.06 -65.55 11.09
C GLY F 145 55.34 -65.40 11.88
N SER F 146 55.35 -64.52 12.88
CA SER F 146 56.53 -64.34 13.72
C SER F 146 56.26 -65.09 15.02
N HIS F 147 57.28 -65.74 15.53
CA HIS F 147 57.13 -66.48 16.78
C HIS F 147 58.01 -65.83 17.83
N TYR F 148 57.55 -65.85 19.07
CA TYR F 148 58.29 -65.26 20.18
C TYR F 148 58.31 -66.28 21.32
N ASP F 149 59.43 -66.37 22.03
CA ASP F 149 59.51 -67.32 23.14
C ASP F 149 58.88 -66.78 24.42
N SER F 150 58.84 -67.63 25.46
CA SER F 150 58.26 -67.28 26.75
C SER F 150 58.85 -66.03 27.40
N ALA F 151 59.72 -65.33 26.67
CA ALA F 151 60.32 -64.11 27.19
C ALA F 151 59.98 -62.99 26.21
N GLY F 152 59.27 -63.35 25.15
CA GLY F 152 58.89 -62.37 24.15
C GLY F 152 60.03 -62.06 23.19
N ARG F 153 60.93 -63.01 23.02
CA ARG F 153 62.06 -62.83 22.12
C ARG F 153 61.72 -63.41 20.76
N ILE F 154 62.11 -62.69 19.71
CA ILE F 154 61.86 -63.14 18.35
C ILE F 154 62.73 -64.35 18.02
N ARG F 155 62.10 -65.44 17.62
CA ARG F 155 62.82 -66.68 17.32
C ARG F 155 62.57 -67.14 15.88
N LYS F 156 61.70 -66.43 15.17
CA LYS F 156 61.38 -66.85 13.82
C LYS F 156 60.37 -65.91 13.13
N GLY F 157 60.53 -65.72 11.82
CA GLY F 157 59.60 -64.87 11.09
C GLY F 157 60.27 -63.64 10.51
N PRO F 158 59.52 -62.56 10.23
CA PRO F 158 60.19 -61.38 9.68
C PRO F 158 60.43 -60.31 10.75
N ALA F 159 59.83 -60.50 11.93
CA ALA F 159 60.02 -59.56 13.03
C ALA F 159 61.51 -59.45 13.28
N PRO F 160 62.05 -58.23 13.38
CA PRO F 160 63.49 -58.11 13.60
C PRO F 160 63.95 -58.01 15.04
N GLU F 161 63.04 -57.65 15.94
CA GLU F 161 63.42 -57.52 17.34
C GLU F 161 62.51 -58.19 18.34
N ASN F 162 62.87 -58.07 19.61
CA ASN F 162 62.07 -58.65 20.68
C ASN F 162 61.04 -57.62 21.10
N LEU F 163 59.87 -58.10 21.54
CA LEU F 163 58.82 -57.22 21.98
C LEU F 163 59.45 -56.25 22.96
N PRO F 164 59.29 -54.94 22.72
CA PRO F 164 59.89 -53.95 23.62
C PRO F 164 59.27 -53.98 25.01
N ILE F 165 60.06 -53.57 25.99
CA ILE F 165 59.59 -53.49 27.36
C ILE F 165 59.63 -51.99 27.63
N PRO F 166 58.54 -51.44 28.17
CA PRO F 166 58.49 -50.02 28.46
C PRO F 166 58.91 -49.77 29.90
N LEU F 167 59.02 -48.50 30.25
CA LEU F 167 59.38 -48.15 31.61
C LEU F 167 58.23 -48.71 32.43
N ALA F 168 58.50 -49.80 33.14
CA ALA F 168 57.50 -50.45 33.98
C ALA F 168 58.20 -50.85 35.26
N LYS F 169 57.54 -50.61 36.39
CA LYS F 169 58.13 -50.92 37.69
C LYS F 169 57.04 -51.11 38.73
N PHE F 170 57.29 -51.97 39.71
CA PHE F 170 56.31 -52.21 40.77
C PHE F 170 56.29 -51.02 41.71
N ILE F 171 55.12 -50.41 41.87
CA ILE F 171 54.96 -49.26 42.75
C ILE F 171 54.68 -49.75 44.16
N ASP F 172 54.36 -51.03 44.28
CA ASP F 172 54.10 -51.63 45.58
C ASP F 172 53.68 -53.09 45.46
N GLU F 173 53.49 -53.70 46.62
CA GLU F 173 53.09 -55.09 46.77
C GLU F 173 52.31 -55.66 45.58
N THR F 174 51.38 -54.88 45.04
CA THR F 174 50.56 -55.36 43.93
C THR F 174 50.10 -54.30 42.93
N THR F 175 51.02 -53.50 42.40
CA THR F 175 50.66 -52.48 41.43
C THR F 175 51.83 -51.97 40.60
N ILE F 176 51.78 -52.25 39.31
CA ILE F 176 52.84 -51.84 38.38
C ILE F 176 52.50 -50.50 37.74
N GLN F 177 53.49 -49.62 37.64
CA GLN F 177 53.29 -48.32 37.01
C GLN F 177 53.93 -48.35 35.64
N LEU F 178 53.12 -48.39 34.60
CA LEU F 178 53.66 -48.37 33.25
C LEU F 178 54.08 -46.95 32.94
N GLY F 179 54.32 -46.64 31.67
CA GLY F 179 54.72 -45.31 31.30
C GLY F 179 55.99 -44.86 32.00
N GLY G 1 -25.47 29.31 -44.07
CA GLY G 1 -25.28 30.09 -45.32
C GLY G 1 -25.75 29.34 -46.55
N ILE G 2 -26.95 28.75 -46.46
CA ILE G 2 -27.54 27.97 -47.55
C ILE G 2 -28.54 28.82 -48.35
N PRO G 3 -28.62 28.57 -49.67
CA PRO G 3 -29.58 29.36 -50.46
C PRO G 3 -30.99 29.21 -49.91
N HIS G 4 -31.73 30.31 -49.89
CA HIS G 4 -33.10 30.33 -49.37
C HIS G 4 -33.58 31.75 -49.64
N ASP G 5 -34.89 31.99 -49.70
CA ASP G 5 -35.28 33.38 -49.88
C ASP G 5 -35.70 34.02 -48.56
N HIS G 6 -35.24 35.25 -48.41
CA HIS G 6 -35.48 36.12 -47.27
C HIS G 6 -36.93 36.17 -46.77
N TYR G 7 -37.23 37.26 -46.10
CA TYR G 7 -38.56 37.54 -45.55
C TYR G 7 -39.01 38.73 -46.38
N GLU G 8 -40.31 39.00 -46.40
CA GLU G 8 -40.80 40.12 -47.16
C GLU G 8 -42.11 40.62 -46.56
N PRO G 9 -42.11 41.89 -46.10
CA PRO G 9 -43.30 42.51 -45.49
C PRO G 9 -44.40 42.63 -46.53
N ARG G 10 -45.44 41.83 -46.36
CA ARG G 10 -46.57 41.86 -47.27
C ARG G 10 -47.68 42.72 -46.68
N THR G 11 -48.09 42.41 -45.44
CA THR G 11 -49.15 43.15 -44.76
C THR G 11 -48.90 44.66 -44.77
N GLY G 12 -49.86 45.41 -44.27
CA GLY G 12 -49.73 46.86 -44.21
C GLY G 12 -48.92 47.18 -42.97
N ILE G 13 -49.35 46.64 -41.83
CA ILE G 13 -48.64 46.86 -40.57
C ILE G 13 -47.22 46.36 -40.78
N GLU G 14 -47.12 45.17 -41.36
CA GLU G 14 -45.83 44.54 -41.63
C GLU G 14 -44.82 45.40 -42.38
N LYS G 15 -45.27 46.18 -43.36
CA LYS G 15 -44.34 47.02 -44.08
C LYS G 15 -43.90 48.18 -43.18
N TRP G 16 -44.85 48.72 -42.43
CA TRP G 16 -44.59 49.84 -41.51
C TRP G 16 -43.56 49.41 -40.48
N LEU G 17 -43.86 48.31 -39.80
CA LEU G 17 -42.99 47.79 -38.77
C LEU G 17 -41.60 47.44 -39.29
N HIS G 18 -41.56 46.70 -40.39
CA HIS G 18 -40.30 46.27 -40.98
C HIS G 18 -39.29 47.37 -41.31
N SER G 19 -39.77 48.52 -41.76
CA SER G 19 -38.85 49.61 -42.10
C SER G 19 -38.30 50.31 -40.85
N ARG G 20 -38.82 49.95 -39.68
CA ARG G 20 -38.40 50.56 -38.41
C ARG G 20 -37.61 49.63 -37.50
N LEU G 21 -38.11 48.42 -37.33
CA LEU G 21 -37.47 47.41 -36.49
C LEU G 21 -37.76 46.09 -37.19
N PRO G 22 -36.80 45.60 -38.00
CA PRO G 22 -37.01 44.33 -38.71
C PRO G 22 -37.05 43.09 -37.82
N ILE G 23 -37.67 43.22 -36.65
CA ILE G 23 -37.77 42.10 -35.71
C ILE G 23 -38.54 40.93 -36.31
N VAL G 24 -39.52 41.22 -37.17
CA VAL G 24 -40.31 40.16 -37.77
C VAL G 24 -39.45 39.38 -38.76
N ALA G 25 -38.56 40.08 -39.45
CA ALA G 25 -37.67 39.44 -40.41
C ALA G 25 -36.70 38.54 -39.66
N LEU G 26 -36.25 38.99 -38.49
CA LEU G 26 -35.32 38.18 -37.71
C LEU G 26 -35.99 36.87 -37.29
N ALA G 27 -37.15 36.96 -36.66
CA ALA G 27 -37.87 35.79 -36.22
C ALA G 27 -38.05 34.86 -37.41
N TYR G 28 -38.30 35.45 -38.58
CA TYR G 28 -38.50 34.69 -39.80
C TYR G 28 -37.28 33.83 -40.10
N ASP G 29 -36.13 34.48 -40.30
CA ASP G 29 -34.89 33.78 -40.62
C ASP G 29 -34.47 32.74 -39.58
N THR G 30 -34.99 32.86 -38.36
CA THR G 30 -34.65 31.92 -37.30
C THR G 30 -35.42 30.63 -37.44
N ILE G 31 -36.65 30.72 -37.89
CA ILE G 31 -37.49 29.53 -38.03
C ILE G 31 -37.81 29.19 -39.49
N MET G 32 -37.14 29.84 -40.42
CA MET G 32 -37.33 29.57 -41.83
C MET G 32 -36.00 29.14 -42.44
N ILE G 33 -35.10 28.68 -41.57
CA ILE G 33 -33.79 28.21 -41.97
C ILE G 33 -33.86 26.82 -42.57
N PRO G 34 -33.24 26.62 -43.75
CA PRO G 34 -33.26 25.30 -44.39
C PRO G 34 -32.45 24.31 -43.56
N THR G 35 -33.12 23.24 -43.13
CA THR G 35 -32.53 22.21 -42.29
C THR G 35 -32.44 20.86 -43.02
N PRO G 36 -31.33 20.13 -42.86
CA PRO G 36 -31.18 18.83 -43.54
C PRO G 36 -32.36 17.88 -43.29
N ARG G 37 -32.81 17.23 -44.37
CA ARG G 37 -33.95 16.29 -44.36
C ARG G 37 -33.80 15.02 -43.53
N ASN G 38 -32.58 14.55 -43.39
CA ASN G 38 -32.29 13.30 -42.69
C ASN G 38 -32.11 13.30 -41.17
N LEU G 39 -32.32 14.43 -40.51
CA LEU G 39 -32.15 14.47 -39.06
C LEU G 39 -33.01 13.39 -38.40
N ASN G 40 -32.46 12.72 -37.39
CA ASN G 40 -33.21 11.68 -36.70
C ASN G 40 -33.64 12.12 -35.31
N TRP G 41 -34.30 11.23 -34.58
CA TRP G 41 -34.79 11.54 -33.25
C TRP G 41 -33.73 11.94 -32.23
N MET G 42 -32.46 11.93 -32.62
CA MET G 42 -31.41 12.34 -31.69
C MET G 42 -31.23 13.86 -31.76
N TRP G 43 -31.86 14.48 -32.76
CA TRP G 43 -31.77 15.92 -32.93
C TRP G 43 -32.89 16.67 -32.23
N ILE G 44 -33.70 15.98 -31.43
CA ILE G 44 -34.79 16.64 -30.74
C ILE G 44 -34.52 16.98 -29.28
N TRP G 45 -33.30 16.80 -28.82
CA TRP G 45 -33.00 17.12 -27.42
C TRP G 45 -32.74 18.60 -27.22
N GLY G 46 -32.39 19.29 -28.30
CA GLY G 46 -32.15 20.71 -28.18
C GLY G 46 -33.42 21.37 -27.69
N VAL G 47 -34.53 21.08 -28.35
CA VAL G 47 -35.81 21.69 -27.97
C VAL G 47 -36.38 21.15 -26.66
N VAL G 48 -35.94 19.97 -26.22
CA VAL G 48 -36.42 19.44 -24.95
C VAL G 48 -35.71 20.24 -23.87
N LEU G 49 -34.50 20.71 -24.19
CA LEU G 49 -33.72 21.51 -23.27
C LEU G 49 -34.35 22.90 -23.18
N ALA G 50 -34.73 23.43 -24.34
CA ALA G 50 -35.38 24.74 -24.41
C ALA G 50 -36.55 24.71 -23.46
N PHE G 51 -37.41 23.73 -23.70
CA PHE G 51 -38.59 23.57 -22.86
C PHE G 51 -38.19 23.52 -21.39
N CYS G 52 -37.23 22.67 -21.06
CA CYS G 52 -36.75 22.53 -19.69
C CYS G 52 -36.30 23.84 -19.08
N LEU G 53 -35.52 24.62 -19.83
CA LEU G 53 -35.06 25.90 -19.32
C LEU G 53 -36.25 26.80 -19.04
N VAL G 54 -37.17 26.90 -20.00
CA VAL G 54 -38.37 27.72 -19.79
C VAL G 54 -39.17 27.19 -18.61
N LEU G 55 -39.40 25.88 -18.57
CA LEU G 55 -40.16 25.30 -17.47
C LEU G 55 -39.54 25.64 -16.11
N GLN G 56 -38.23 25.45 -15.99
CA GLN G 56 -37.54 25.75 -14.73
C GLN G 56 -37.67 27.22 -14.37
N ILE G 57 -37.43 28.10 -15.34
CA ILE G 57 -37.52 29.52 -15.08
C ILE G 57 -38.90 29.95 -14.57
N VAL G 58 -39.97 29.63 -15.28
CA VAL G 58 -41.30 30.04 -14.80
C VAL G 58 -41.71 29.38 -13.48
N THR G 59 -41.41 28.09 -13.31
CA THR G 59 -41.76 27.42 -12.07
C THR G 59 -40.87 27.97 -10.97
N GLY G 60 -39.69 28.42 -11.35
CA GLY G 60 -38.78 28.97 -10.37
C GLY G 60 -39.30 30.29 -9.84
N ILE G 61 -39.61 31.21 -10.75
CA ILE G 61 -40.12 32.53 -10.37
C ILE G 61 -41.33 32.34 -9.46
N VAL G 62 -42.22 31.45 -9.87
CA VAL G 62 -43.42 31.17 -9.10
C VAL G 62 -43.03 30.69 -7.72
N LEU G 63 -42.18 29.68 -7.66
CA LEU G 63 -41.73 29.13 -6.38
C LEU G 63 -41.04 30.17 -5.51
N ALA G 64 -40.23 31.03 -6.13
CA ALA G 64 -39.52 32.05 -5.36
C ALA G 64 -40.50 32.99 -4.68
N MET G 65 -41.75 32.96 -5.13
CA MET G 65 -42.81 33.81 -4.57
C MET G 65 -43.31 33.36 -3.21
N HIS G 66 -43.05 32.11 -2.86
CA HIS G 66 -43.52 31.58 -1.59
C HIS G 66 -42.40 31.06 -0.69
N TYR G 67 -41.18 31.00 -1.24
CA TYR G 67 -40.00 30.52 -0.53
C TYR G 67 -39.23 31.56 0.28
N THR G 68 -38.87 31.21 1.51
CA THR G 68 -38.12 32.12 2.40
C THR G 68 -36.67 31.60 2.52
N PRO G 69 -35.71 32.31 1.92
CA PRO G 69 -34.31 31.89 2.00
C PRO G 69 -33.60 32.24 3.30
N HIS G 70 -33.94 31.53 4.37
CA HIS G 70 -33.33 31.78 5.68
C HIS G 70 -33.44 30.49 6.48
N VAL G 71 -32.29 29.96 6.90
CA VAL G 71 -32.20 28.72 7.66
C VAL G 71 -33.32 28.42 8.65
N ASP G 72 -33.92 29.45 9.22
CA ASP G 72 -34.99 29.23 10.19
C ASP G 72 -36.36 29.03 9.56
N LEU G 73 -36.49 29.41 8.29
CA LEU G 73 -37.77 29.31 7.60
C LEU G 73 -37.80 28.57 6.26
N ALA G 74 -36.65 28.43 5.61
CA ALA G 74 -36.57 27.78 4.31
C ALA G 74 -37.22 26.40 4.18
N PHE G 75 -36.90 25.49 5.08
CA PHE G 75 -37.47 24.14 5.00
C PHE G 75 -38.98 24.22 5.28
N ALA G 76 -39.34 24.97 6.32
CA ALA G 76 -40.74 25.15 6.68
C ALA G 76 -41.45 25.77 5.49
N SER G 77 -40.79 26.75 4.87
CA SER G 77 -41.35 27.46 3.72
C SER G 77 -41.63 26.56 2.52
N VAL G 78 -40.85 25.50 2.34
CA VAL G 78 -41.10 24.61 1.22
C VAL G 78 -42.25 23.65 1.53
N GLU G 79 -42.44 23.31 2.80
CA GLU G 79 -43.56 22.44 3.14
C GLU G 79 -44.83 23.28 2.97
N HIS G 80 -44.74 24.55 3.35
CA HIS G 80 -45.85 25.49 3.20
C HIS G 80 -46.30 25.43 1.74
N ILE G 81 -45.33 25.42 0.84
CA ILE G 81 -45.61 25.38 -0.60
C ILE G 81 -46.29 24.08 -1.00
N MET G 82 -45.90 23.00 -0.34
CA MET G 82 -46.46 21.68 -0.64
C MET G 82 -47.87 21.52 -0.09
N ARG G 83 -48.11 22.10 1.08
CA ARG G 83 -49.39 21.97 1.78
C ARG G 83 -50.39 23.11 1.66
N ASN G 84 -49.93 24.32 1.36
CA ASN G 84 -50.85 25.45 1.30
C ASN G 84 -51.03 26.12 -0.05
N VAL G 85 -49.92 26.45 -0.71
CA VAL G 85 -50.00 27.13 -1.99
C VAL G 85 -50.78 26.28 -3.01
N ASN G 86 -51.79 26.90 -3.63
CA ASN G 86 -52.62 26.21 -4.63
C ASN G 86 -51.71 25.58 -5.67
N GLY G 87 -51.77 24.26 -5.78
CA GLY G 87 -50.94 23.58 -6.77
C GLY G 87 -49.46 23.71 -6.45
N GLY G 88 -49.15 24.04 -5.20
CA GLY G 88 -47.76 24.16 -4.80
C GLY G 88 -47.08 22.83 -4.91
N PHE G 89 -47.68 21.81 -4.29
CA PHE G 89 -47.10 20.47 -4.32
C PHE G 89 -46.68 20.10 -5.74
N MET G 90 -47.53 20.44 -6.71
CA MET G 90 -47.24 20.12 -8.10
C MET G 90 -46.17 21.02 -8.68
N LEU G 91 -46.17 22.29 -8.29
CA LEU G 91 -45.16 23.21 -8.81
C LEU G 91 -43.77 22.83 -8.30
N ARG G 92 -43.71 22.39 -7.05
CA ARG G 92 -42.45 21.97 -6.45
C ARG G 92 -41.96 20.74 -7.23
N TYR G 93 -42.71 19.64 -7.12
CA TYR G 93 -42.35 18.41 -7.82
C TYR G 93 -41.98 18.62 -9.29
N LEU G 94 -42.54 19.66 -9.92
CA LEU G 94 -42.24 19.95 -11.31
C LEU G 94 -40.89 20.64 -11.50
N HIS G 95 -40.53 21.49 -10.53
CA HIS G 95 -39.25 22.18 -10.60
C HIS G 95 -38.17 21.14 -10.32
N ALA G 96 -38.42 20.31 -9.30
CA ALA G 96 -37.50 19.26 -8.90
C ALA G 96 -37.22 18.32 -10.07
N ASN G 97 -38.18 17.46 -10.38
CA ASN G 97 -38.04 16.51 -11.47
C ASN G 97 -37.68 17.20 -12.78
N GLY G 98 -37.97 18.49 -12.86
CA GLY G 98 -37.66 19.25 -14.05
C GLY G 98 -36.15 19.28 -14.20
N ALA G 99 -35.45 19.35 -13.08
CA ALA G 99 -34.00 19.37 -13.09
C ALA G 99 -33.48 18.09 -13.70
N SER G 100 -33.99 16.98 -13.22
CA SER G 100 -33.57 15.68 -13.72
C SER G 100 -33.81 15.59 -15.22
N LEU G 101 -34.96 16.07 -15.68
CA LEU G 101 -35.28 16.03 -17.10
C LEU G 101 -34.28 16.89 -17.85
N PHE G 102 -33.86 17.98 -17.23
CA PHE G 102 -32.90 18.88 -17.83
C PHE G 102 -31.58 18.15 -18.11
N PHE G 103 -31.12 17.36 -17.15
CA PHE G 103 -29.87 16.63 -17.31
C PHE G 103 -29.95 15.41 -18.22
N ILE G 104 -30.99 14.59 -18.05
CA ILE G 104 -31.16 13.41 -18.90
C ILE G 104 -31.02 13.91 -20.33
N ALA G 105 -31.58 15.09 -20.58
CA ALA G 105 -31.55 15.68 -21.92
C ALA G 105 -30.17 16.18 -22.37
N VAL G 106 -29.40 16.85 -21.50
CA VAL G 106 -28.09 17.32 -21.94
C VAL G 106 -27.18 16.15 -22.27
N TYR G 107 -27.19 15.16 -21.39
CA TYR G 107 -26.34 14.00 -21.62
C TYR G 107 -26.65 13.39 -22.98
N LEU G 108 -27.93 13.22 -23.28
CA LEU G 108 -28.32 12.68 -24.58
C LEU G 108 -27.91 13.70 -25.65
N HIS G 109 -28.14 14.97 -25.37
CA HIS G 109 -27.79 16.05 -26.28
C HIS G 109 -26.28 16.01 -26.52
N ILE G 110 -25.50 15.88 -25.45
CA ILE G 110 -24.04 15.80 -25.53
C ILE G 110 -23.53 14.57 -26.28
N PHE G 111 -23.94 13.40 -25.82
CA PHE G 111 -23.52 12.15 -26.46
C PHE G 111 -23.92 12.09 -27.93
N ARG G 112 -24.98 12.79 -28.30
CA ARG G 112 -25.40 12.83 -29.69
C ARG G 112 -24.25 13.53 -30.41
N GLY G 113 -23.81 14.65 -29.82
CA GLY G 113 -22.73 15.42 -30.40
C GLY G 113 -21.44 14.63 -30.55
N LEU G 114 -21.06 13.91 -29.50
CA LEU G 114 -19.83 13.12 -29.53
C LEU G 114 -19.83 12.10 -30.66
N TYR G 115 -20.95 11.43 -30.88
CA TYR G 115 -21.04 10.42 -31.92
C TYR G 115 -21.07 10.95 -33.36
N TYR G 116 -21.79 12.04 -33.60
CA TYR G 116 -21.88 12.59 -34.94
C TYR G 116 -20.85 13.66 -35.29
N GLY G 117 -19.94 13.94 -34.36
CA GLY G 117 -18.91 14.95 -34.61
C GLY G 117 -19.50 16.33 -34.84
N SER G 118 -20.57 16.63 -34.11
CA SER G 118 -21.22 17.93 -34.22
C SER G 118 -20.33 19.00 -33.59
N TYR G 119 -19.26 18.55 -32.93
CA TYR G 119 -18.31 19.44 -32.26
C TYR G 119 -17.12 19.75 -33.15
N LYS G 120 -17.00 19.05 -34.26
CA LYS G 120 -15.88 19.28 -35.16
C LYS G 120 -16.10 20.49 -36.05
N ALA G 121 -15.00 21.06 -36.50
CA ALA G 121 -15.01 22.22 -37.38
C ALA G 121 -16.14 22.09 -38.39
N PRO G 122 -16.83 23.20 -38.67
CA PRO G 122 -16.61 24.54 -38.09
C PRO G 122 -17.47 24.80 -36.86
N ARG G 123 -17.94 23.74 -36.22
CA ARG G 123 -18.82 23.86 -35.06
C ARG G 123 -18.17 23.89 -33.68
N GLU G 124 -16.92 24.35 -33.60
CA GLU G 124 -16.24 24.41 -32.31
C GLU G 124 -16.83 25.43 -31.33
N VAL G 125 -17.26 26.58 -31.84
CA VAL G 125 -17.84 27.59 -30.96
C VAL G 125 -19.18 27.12 -30.41
N THR G 126 -19.98 26.48 -31.26
CA THR G 126 -21.27 25.97 -30.80
C THR G 126 -20.93 25.10 -29.61
N TRP G 127 -19.98 24.19 -29.83
CA TRP G 127 -19.54 23.26 -28.79
C TRP G 127 -19.04 23.93 -27.53
N ILE G 128 -18.11 24.88 -27.65
CA ILE G 128 -17.59 25.54 -26.45
C ILE G 128 -18.70 26.25 -25.69
N VAL G 129 -19.50 27.06 -26.38
CA VAL G 129 -20.60 27.73 -25.70
C VAL G 129 -21.43 26.68 -24.97
N GLY G 130 -21.65 25.55 -25.63
CA GLY G 130 -22.43 24.48 -25.03
C GLY G 130 -21.82 24.11 -23.71
N MET G 131 -20.51 23.88 -23.70
CA MET G 131 -19.81 23.51 -22.48
C MET G 131 -20.06 24.52 -21.37
N LEU G 132 -20.11 25.80 -21.72
CA LEU G 132 -20.34 26.84 -20.73
C LEU G 132 -21.71 26.69 -20.12
N ILE G 133 -22.70 26.39 -20.96
CA ILE G 133 -24.05 26.16 -20.46
C ILE G 133 -23.99 25.03 -19.46
N TYR G 134 -23.31 23.95 -19.84
CA TYR G 134 -23.21 22.79 -18.97
C TYR G 134 -22.68 23.15 -17.60
N LEU G 135 -21.59 23.91 -17.52
CA LEU G 135 -21.07 24.29 -16.22
C LEU G 135 -22.12 25.12 -15.50
N ALA G 136 -22.67 26.12 -16.19
CA ALA G 136 -23.71 26.95 -15.60
C ALA G 136 -24.85 26.10 -15.07
N MET G 137 -25.32 25.17 -15.91
CA MET G 137 -26.40 24.27 -15.51
C MET G 137 -26.07 23.59 -14.19
N MET G 138 -24.92 22.93 -14.13
CA MET G 138 -24.50 22.24 -12.93
C MET G 138 -24.43 23.18 -11.71
N ALA G 139 -23.86 24.37 -11.88
CA ALA G 139 -23.78 25.30 -10.77
C ALA G 139 -25.18 25.67 -10.32
N THR G 140 -26.04 25.95 -11.28
CA THR G 140 -27.43 26.30 -10.99
C THR G 140 -28.12 25.20 -10.21
N ALA G 141 -28.14 23.99 -10.77
CA ALA G 141 -28.79 22.86 -10.11
C ALA G 141 -28.22 22.67 -8.71
N PHE G 142 -26.91 22.82 -8.58
CA PHE G 142 -26.27 22.66 -7.27
C PHE G 142 -26.88 23.62 -6.25
N MET G 143 -26.83 24.91 -6.55
CA MET G 143 -27.39 25.91 -5.63
C MET G 143 -28.87 25.70 -5.37
N GLY G 144 -29.62 25.35 -6.42
CA GLY G 144 -31.04 25.15 -6.23
C GLY G 144 -31.31 24.09 -5.16
N TYR G 145 -30.64 22.96 -5.32
CA TYR G 145 -30.79 21.83 -4.42
C TYR G 145 -30.52 22.17 -2.95
N VAL G 146 -29.76 23.23 -2.70
CA VAL G 146 -29.44 23.64 -1.33
C VAL G 146 -30.62 24.33 -0.65
N LEU G 147 -31.36 25.12 -1.41
CA LEU G 147 -32.49 25.89 -0.90
C LEU G 147 -33.46 25.21 0.07
N PRO G 148 -33.89 23.96 -0.20
CA PRO G 148 -34.82 23.31 0.74
C PRO G 148 -34.26 23.28 2.16
N TRP G 149 -32.94 23.22 2.26
CA TRP G 149 -32.19 23.16 3.53
C TRP G 149 -32.47 21.87 4.27
N GLY G 150 -32.46 20.77 3.53
CA GLY G 150 -32.68 19.47 4.12
C GLY G 150 -31.30 18.90 4.38
N GLN G 151 -31.20 17.66 4.84
CA GLN G 151 -29.90 17.06 5.10
C GLN G 151 -29.01 17.01 3.87
N MET G 152 -29.52 16.45 2.77
CA MET G 152 -28.72 16.37 1.55
C MET G 152 -28.34 17.77 1.08
N SER G 153 -29.21 18.75 1.35
CA SER G 153 -28.95 20.13 0.96
C SER G 153 -27.71 20.70 1.66
N PHE G 154 -27.69 20.57 2.99
CA PHE G 154 -26.60 21.09 3.81
C PHE G 154 -25.23 20.48 3.53
N TRP G 155 -25.15 19.16 3.63
CA TRP G 155 -23.89 18.46 3.40
C TRP G 155 -23.42 18.55 1.96
N GLY G 156 -24.38 18.68 1.04
CA GLY G 156 -24.03 18.81 -0.35
C GLY G 156 -23.37 20.17 -0.44
N ALA G 157 -23.95 21.13 0.27
CA ALA G 157 -23.43 22.49 0.31
C ALA G 157 -22.01 22.51 0.88
N THR G 158 -21.81 21.73 1.95
CA THR G 158 -20.51 21.64 2.61
C THR G 158 -19.45 21.08 1.67
N VAL G 159 -19.71 19.89 1.14
CA VAL G 159 -18.79 19.19 0.25
C VAL G 159 -18.40 19.93 -1.02
N ILE G 160 -19.34 20.69 -1.59
CA ILE G 160 -19.04 21.40 -2.81
C ILE G 160 -18.28 22.72 -2.61
N THR G 161 -18.54 23.42 -1.50
CA THR G 161 -17.80 24.64 -1.25
C THR G 161 -16.39 24.14 -0.89
N GLY G 162 -16.36 22.99 -0.21
CA GLY G 162 -15.10 22.39 0.18
C GLY G 162 -14.15 22.15 -0.99
N LEU G 163 -14.70 21.84 -2.17
CA LEU G 163 -13.88 21.56 -3.35
C LEU G 163 -12.90 22.68 -3.60
N PHE G 164 -13.33 23.91 -3.30
CA PHE G 164 -12.49 25.06 -3.53
C PHE G 164 -11.41 25.23 -2.46
N GLY G 165 -11.65 24.67 -1.28
CA GLY G 165 -10.68 24.75 -0.22
C GLY G 165 -9.64 23.66 -0.39
N ALA G 166 -9.51 23.17 -1.62
CA ALA G 166 -8.54 22.13 -1.93
C ALA G 166 -7.52 22.72 -2.92
N ILE G 167 -7.80 23.93 -3.37
CA ILE G 167 -6.89 24.60 -4.28
C ILE G 167 -5.71 25.01 -3.42
N PRO G 168 -4.49 24.63 -3.83
CA PRO G 168 -3.31 24.98 -3.05
C PRO G 168 -3.16 26.49 -2.90
N GLY G 169 -2.79 26.93 -1.69
CA GLY G 169 -2.60 28.34 -1.45
C GLY G 169 -3.82 29.23 -1.23
N ILE G 170 -4.50 29.59 -2.32
CA ILE G 170 -5.67 30.47 -2.24
C ILE G 170 -6.93 29.76 -1.74
N GLY G 171 -6.90 28.43 -1.76
CA GLY G 171 -8.03 27.62 -1.35
C GLY G 171 -8.90 28.00 -0.15
N HIS G 172 -8.33 28.05 1.04
CA HIS G 172 -9.12 28.39 2.23
C HIS G 172 -9.77 29.75 2.12
N SER G 173 -9.16 30.64 1.34
CA SER G 173 -9.70 31.97 1.16
C SER G 173 -10.97 31.89 0.32
N ILE G 174 -10.81 31.35 -0.88
CA ILE G 174 -11.92 31.20 -1.79
C ILE G 174 -13.09 30.54 -1.06
N GLN G 175 -12.81 29.46 -0.34
CA GLN G 175 -13.86 28.76 0.40
C GLN G 175 -14.55 29.59 1.47
N THR G 176 -13.82 30.44 2.17
CA THR G 176 -14.41 31.26 3.22
C THR G 176 -15.28 32.37 2.62
N TRP G 177 -14.93 32.75 1.40
CA TRP G 177 -15.64 33.79 0.66
C TRP G 177 -16.95 33.21 0.15
N LEU G 178 -16.92 31.97 -0.31
CA LEU G 178 -18.13 31.32 -0.81
C LEU G 178 -19.11 31.10 0.33
N LEU G 179 -18.60 30.83 1.52
CA LEU G 179 -19.45 30.58 2.68
C LEU G 179 -19.79 31.82 3.49
N GLY G 180 -19.08 32.92 3.28
CA GLY G 180 -19.36 34.13 4.05
C GLY G 180 -19.25 33.86 5.54
N GLY G 181 -18.54 32.78 5.87
CA GLY G 181 -18.36 32.42 7.26
C GLY G 181 -17.46 31.21 7.45
N PRO G 182 -17.32 30.71 8.69
CA PRO G 182 -16.50 29.54 9.02
C PRO G 182 -17.19 28.21 8.77
N ALA G 183 -18.42 28.25 8.30
CA ALA G 183 -19.17 27.04 8.04
C ALA G 183 -20.31 27.35 7.11
N VAL G 184 -21.05 26.32 6.71
CA VAL G 184 -22.19 26.53 5.85
C VAL G 184 -23.25 27.05 6.82
N ASP G 185 -23.81 28.23 6.52
CA ASP G 185 -24.81 28.79 7.40
C ASP G 185 -25.75 29.71 6.63
N ASN G 186 -26.53 30.50 7.34
CA ASN G 186 -27.48 31.40 6.70
C ASN G 186 -26.87 32.25 5.59
N ALA G 187 -25.69 32.83 5.85
CA ALA G 187 -25.04 33.65 4.84
C ALA G 187 -24.85 32.86 3.55
N THR G 188 -24.59 31.57 3.67
CA THR G 188 -24.40 30.74 2.49
C THR G 188 -25.73 30.51 1.78
N LEU G 189 -26.75 30.12 2.54
CA LEU G 189 -28.06 29.89 1.97
C LEU G 189 -28.56 31.13 1.23
N ASN G 190 -28.46 32.27 1.91
CA ASN G 190 -28.90 33.56 1.39
C ASN G 190 -28.27 33.98 0.06
N ARG G 191 -26.98 33.69 -0.12
CA ARG G 191 -26.31 34.07 -1.36
C ARG G 191 -26.56 33.03 -2.45
N PHE G 192 -26.84 31.80 -2.05
CA PHE G 192 -27.12 30.76 -3.04
C PHE G 192 -28.45 31.08 -3.65
N PHE G 193 -29.37 31.56 -2.82
CA PHE G 193 -30.68 31.91 -3.34
C PHE G 193 -30.50 32.95 -4.44
N SER G 194 -29.81 34.04 -4.11
CA SER G 194 -29.59 35.10 -5.09
C SER G 194 -28.95 34.58 -6.37
N LEU G 195 -27.91 33.78 -6.24
CA LEU G 195 -27.25 33.25 -7.43
C LEU G 195 -28.09 32.23 -8.21
N HIS G 196 -28.90 31.44 -7.50
CA HIS G 196 -29.74 30.45 -8.17
C HIS G 196 -30.73 31.18 -9.05
N TYR G 197 -31.17 32.34 -8.59
CA TYR G 197 -32.14 33.13 -9.35
C TYR G 197 -31.43 33.72 -10.57
N LEU G 198 -30.24 34.27 -10.36
CA LEU G 198 -29.46 34.90 -11.43
C LEU G 198 -28.90 34.01 -12.54
N LEU G 199 -28.34 32.86 -12.19
CA LEU G 199 -27.75 31.98 -13.19
C LEU G 199 -28.61 31.54 -14.38
N PRO G 200 -29.87 31.17 -14.13
CA PRO G 200 -30.72 30.75 -15.25
C PRO G 200 -30.79 31.79 -16.36
N PHE G 201 -30.70 33.07 -16.00
CA PHE G 201 -30.75 34.13 -17.00
C PHE G 201 -29.46 34.16 -17.81
N VAL G 202 -28.37 33.75 -17.19
CA VAL G 202 -27.09 33.71 -17.88
C VAL G 202 -27.14 32.54 -18.86
N ILE G 203 -27.67 31.42 -18.40
CA ILE G 203 -27.81 30.26 -19.26
C ILE G 203 -28.62 30.68 -20.47
N ALA G 204 -29.73 31.37 -20.19
CA ALA G 204 -30.63 31.85 -21.24
C ALA G 204 -29.89 32.67 -22.29
N ALA G 205 -29.08 33.62 -21.83
CA ALA G 205 -28.32 34.46 -22.74
C ALA G 205 -27.32 33.63 -23.52
N LEU G 206 -26.73 32.65 -22.85
CA LEU G 206 -25.77 31.78 -23.51
C LEU G 206 -26.50 30.97 -24.57
N VAL G 207 -27.69 30.47 -24.22
CA VAL G 207 -28.47 29.68 -25.16
C VAL G 207 -28.74 30.51 -26.41
N ALA G 208 -28.95 31.82 -26.21
CA ALA G 208 -29.20 32.69 -27.36
C ALA G 208 -28.00 32.59 -28.30
N ILE G 209 -26.80 32.73 -27.73
CA ILE G 209 -25.58 32.64 -28.51
C ILE G 209 -25.37 31.25 -29.10
N HIS G 210 -25.71 30.23 -28.33
CA HIS G 210 -25.60 28.83 -28.76
C HIS G 210 -26.36 28.71 -30.08
N ILE G 211 -27.62 29.12 -30.04
CA ILE G 211 -28.50 29.09 -31.20
C ILE G 211 -27.89 29.83 -32.37
N TRP G 212 -27.49 31.07 -32.09
CA TRP G 212 -26.88 31.91 -33.11
C TRP G 212 -25.71 31.14 -33.71
N ALA G 213 -24.95 30.46 -32.86
CA ALA G 213 -23.80 29.69 -33.31
C ALA G 213 -24.11 28.68 -34.41
N PHE G 214 -25.04 27.75 -34.19
CA PHE G 214 -25.33 26.80 -35.25
C PHE G 214 -26.12 27.34 -36.43
N HIS G 215 -26.79 28.48 -36.24
CA HIS G 215 -27.51 29.06 -37.37
C HIS G 215 -26.47 29.62 -38.32
N SER G 216 -25.31 29.97 -37.76
CA SER G 216 -24.22 30.53 -38.54
C SER G 216 -23.51 29.48 -39.40
N THR G 217 -23.48 28.24 -38.92
CA THR G 217 -22.81 27.17 -39.67
C THR G 217 -23.80 26.23 -40.34
N GLY G 218 -25.00 26.17 -39.80
CA GLY G 218 -26.01 25.26 -40.32
C GLY G 218 -25.90 24.05 -39.41
N ASN G 219 -27.02 23.36 -39.21
CA ASN G 219 -27.01 22.20 -38.35
C ASN G 219 -26.31 21.04 -39.02
N ASN G 220 -25.68 20.20 -38.20
CA ASN G 220 -24.98 19.03 -38.68
C ASN G 220 -26.04 17.94 -38.78
N ASN G 221 -25.91 17.03 -39.73
CA ASN G 221 -26.87 15.95 -39.88
C ASN G 221 -26.17 14.63 -39.56
N PRO G 222 -26.94 13.53 -39.47
CA PRO G 222 -26.37 12.22 -39.16
C PRO G 222 -25.29 11.67 -40.11
N THR G 223 -25.12 12.28 -41.28
CA THR G 223 -24.10 11.79 -42.22
C THR G 223 -22.83 12.63 -42.21
N GLY G 224 -22.86 13.73 -41.47
CA GLY G 224 -21.69 14.60 -41.41
C GLY G 224 -21.39 15.29 -42.73
N VAL G 225 -22.26 15.08 -43.72
CA VAL G 225 -22.08 15.69 -45.03
C VAL G 225 -22.85 17.02 -45.06
N GLU G 226 -22.17 18.11 -45.36
CA GLU G 226 -22.80 19.43 -45.40
C GLU G 226 -23.87 19.56 -46.46
N VAL G 227 -24.74 20.56 -46.26
CA VAL G 227 -25.80 20.87 -47.21
C VAL G 227 -25.10 21.53 -48.38
N ARG G 228 -25.58 21.30 -49.59
CA ARG G 228 -24.97 21.92 -50.76
C ARG G 228 -25.34 23.39 -50.78
N ARG G 229 -24.37 24.26 -51.05
CA ARG G 229 -24.62 25.69 -51.05
C ARG G 229 -24.24 26.38 -52.36
N THR G 230 -24.31 25.64 -53.47
CA THR G 230 -23.96 26.21 -54.76
C THR G 230 -25.18 26.77 -55.50
N SER G 231 -26.38 26.46 -55.02
CA SER G 231 -27.61 26.93 -55.64
C SER G 231 -28.84 26.52 -54.85
N LYS G 232 -29.79 27.44 -54.68
CA LYS G 232 -31.04 27.14 -53.98
C LYS G 232 -31.53 25.79 -54.48
N ALA G 233 -31.39 25.61 -55.79
CA ALA G 233 -31.85 24.40 -56.45
C ALA G 233 -31.47 23.12 -55.73
N GLU G 234 -30.17 22.85 -55.63
CA GLU G 234 -29.71 21.63 -54.96
C GLU G 234 -29.71 21.77 -53.44
N ALA G 235 -29.68 23.00 -52.94
CA ALA G 235 -29.69 23.22 -51.50
C ALA G 235 -31.00 22.68 -50.97
N GLN G 236 -32.07 22.86 -51.75
CA GLN G 236 -33.39 22.39 -51.38
C GLN G 236 -33.51 20.87 -51.52
N LYS G 237 -32.59 20.26 -52.27
CA LYS G 237 -32.62 18.81 -52.44
C LYS G 237 -32.13 18.16 -51.14
N ASP G 238 -31.25 18.87 -50.43
CA ASP G 238 -30.71 18.36 -49.17
C ASP G 238 -31.53 18.80 -47.95
N THR G 239 -32.22 19.93 -48.08
CA THR G 239 -33.00 20.48 -46.98
C THR G 239 -34.51 20.58 -47.15
N VAL G 240 -35.14 21.11 -46.11
CA VAL G 240 -36.58 21.37 -46.03
C VAL G 240 -36.61 22.56 -45.07
N PRO G 241 -37.55 23.49 -45.26
CA PRO G 241 -37.58 24.63 -44.34
C PRO G 241 -37.90 24.19 -42.91
N PHE G 242 -37.28 24.85 -41.93
CA PHE G 242 -37.51 24.48 -40.54
C PHE G 242 -39.00 24.47 -40.22
N TRP G 243 -39.72 25.47 -40.72
CA TRP G 243 -41.16 25.54 -40.50
C TRP G 243 -41.82 25.07 -41.78
N PRO G 244 -42.84 24.20 -41.68
CA PRO G 244 -43.43 23.59 -40.49
C PRO G 244 -42.85 22.23 -40.12
N TYR G 245 -42.04 21.68 -41.01
CA TYR G 245 -41.45 20.36 -40.82
C TYR G 245 -40.83 20.05 -39.46
N PHE G 246 -39.82 20.80 -39.07
CA PHE G 246 -39.21 20.52 -37.78
C PHE G 246 -39.92 21.13 -36.58
N ILE G 247 -40.62 22.25 -36.79
CA ILE G 247 -41.38 22.85 -35.69
C ILE G 247 -42.39 21.80 -35.22
N ILE G 248 -43.02 21.13 -36.18
CA ILE G 248 -44.02 20.11 -35.86
C ILE G 248 -43.41 18.85 -35.24
N LYS G 249 -42.33 18.36 -35.83
CA LYS G 249 -41.65 17.18 -35.33
C LYS G 249 -41.17 17.42 -33.90
N ASP G 250 -40.93 18.69 -33.57
CA ASP G 250 -40.50 19.09 -32.24
C ASP G 250 -41.67 19.04 -31.26
N VAL G 251 -42.79 19.65 -31.62
CA VAL G 251 -43.96 19.65 -30.75
C VAL G 251 -44.38 18.20 -30.51
N PHE G 252 -44.32 17.38 -31.56
CA PHE G 252 -44.70 15.99 -31.42
C PHE G 252 -43.76 15.33 -30.41
N ALA G 253 -42.45 15.52 -30.61
CA ALA G 253 -41.47 14.95 -29.70
C ALA G 253 -41.70 15.43 -28.27
N LEU G 254 -41.94 16.73 -28.13
CA LEU G 254 -42.18 17.32 -26.81
C LEU G 254 -43.38 16.71 -26.10
N ALA G 255 -44.43 16.41 -26.86
CA ALA G 255 -45.63 15.81 -26.28
C ALA G 255 -45.31 14.44 -25.71
N VAL G 256 -44.52 13.66 -26.45
CA VAL G 256 -44.15 12.32 -25.99
C VAL G 256 -43.27 12.42 -24.75
N VAL G 257 -42.31 13.32 -24.78
CA VAL G 257 -41.41 13.50 -23.64
C VAL G 257 -42.22 13.95 -22.44
N LEU G 258 -43.02 14.99 -22.62
CA LEU G 258 -43.85 15.50 -21.54
C LEU G 258 -44.82 14.46 -21.00
N LEU G 259 -45.22 13.53 -21.84
CA LEU G 259 -46.13 12.47 -21.43
C LEU G 259 -45.44 11.62 -20.37
N VAL G 260 -44.23 11.18 -20.66
CA VAL G 260 -43.47 10.37 -19.70
C VAL G 260 -43.16 11.23 -18.48
N PHE G 261 -42.71 12.45 -18.72
CA PHE G 261 -42.36 13.39 -17.65
C PHE G 261 -43.51 13.59 -16.66
N PHE G 262 -44.69 13.86 -17.19
CA PHE G 262 -45.85 14.07 -16.32
C PHE G 262 -46.26 12.80 -15.61
N ALA G 263 -46.03 11.66 -16.26
CA ALA G 263 -46.36 10.38 -15.64
C ALA G 263 -45.46 10.28 -14.43
N ILE G 264 -44.20 10.72 -14.59
CA ILE G 264 -43.24 10.68 -13.49
C ILE G 264 -43.68 11.59 -12.35
N VAL G 265 -43.94 12.85 -12.68
CA VAL G 265 -44.35 13.81 -11.66
C VAL G 265 -45.67 13.45 -11.00
N GLY G 266 -46.59 12.93 -11.79
CA GLY G 266 -47.88 12.56 -11.24
C GLY G 266 -47.87 11.34 -10.34
N PHE G 267 -47.18 10.28 -10.78
CA PHE G 267 -47.18 9.04 -10.01
C PHE G 267 -45.94 8.64 -9.20
N MET G 268 -44.75 9.05 -9.63
CA MET G 268 -43.56 8.71 -8.87
C MET G 268 -42.60 9.90 -8.78
N PRO G 269 -43.10 11.02 -8.24
CA PRO G 269 -42.40 12.29 -8.04
C PRO G 269 -41.13 12.25 -7.21
N ASN G 270 -41.03 11.28 -6.30
CA ASN G 270 -39.87 11.18 -5.43
C ASN G 270 -38.87 10.07 -5.76
N TYR G 271 -39.04 9.43 -6.92
CA TYR G 271 -38.15 8.35 -7.31
C TYR G 271 -36.71 8.84 -7.51
N LEU G 272 -36.54 9.84 -8.37
CA LEU G 272 -35.22 10.40 -8.69
C LEU G 272 -34.66 11.31 -7.62
N GLY G 273 -35.19 11.20 -6.41
CA GLY G 273 -34.72 12.03 -5.31
C GLY G 273 -34.11 11.26 -4.16
N HIS G 274 -33.74 11.99 -3.12
CA HIS G 274 -33.12 11.37 -1.94
C HIS G 274 -33.97 11.63 -0.70
N PRO G 275 -34.55 10.57 -0.10
CA PRO G 275 -35.40 10.63 1.08
C PRO G 275 -34.85 11.49 2.22
N ASP G 276 -33.53 11.56 2.34
CA ASP G 276 -32.93 12.32 3.42
C ASP G 276 -33.15 13.81 3.35
N ASN G 277 -33.44 14.35 2.17
CA ASN G 277 -33.65 15.77 2.08
C ASN G 277 -35.04 16.15 2.59
N TYR G 278 -35.74 15.17 3.16
CA TYR G 278 -37.06 15.40 3.74
C TYR G 278 -36.83 15.47 5.24
N ILE G 279 -35.56 15.58 5.59
CA ILE G 279 -35.12 15.69 6.98
C ILE G 279 -34.39 17.03 7.07
N GLU G 280 -34.76 17.83 8.06
CA GLU G 280 -34.14 19.15 8.24
C GLU G 280 -32.64 19.03 8.40
N ALA G 281 -31.93 19.95 7.75
CA ALA G 281 -30.47 19.98 7.82
C ALA G 281 -30.00 19.96 9.27
N ASN G 282 -29.02 19.09 9.54
CA ASN G 282 -28.45 18.97 10.87
C ASN G 282 -26.96 19.21 10.71
N PRO G 283 -26.46 20.36 11.18
CA PRO G 283 -25.03 20.61 11.02
C PRO G 283 -24.13 19.76 11.91
N LEU G 284 -24.73 18.87 12.72
CA LEU G 284 -23.93 18.04 13.62
C LEU G 284 -23.88 16.58 13.26
N SER G 285 -24.45 16.23 12.12
CA SER G 285 -24.45 14.83 11.68
C SER G 285 -24.70 14.71 10.19
N THR G 286 -23.95 13.82 9.56
CA THR G 286 -24.11 13.58 8.14
C THR G 286 -24.75 12.22 7.93
N PRO G 287 -25.91 12.18 7.24
CA PRO G 287 -26.61 10.93 6.98
C PRO G 287 -25.69 9.83 6.45
N ALA G 288 -25.76 8.67 7.09
CA ALA G 288 -24.93 7.53 6.71
C ALA G 288 -25.06 7.20 5.22
N HIS G 289 -26.22 7.46 4.64
CA HIS G 289 -26.44 7.15 3.24
C HIS G 289 -26.46 8.32 2.27
N ILE G 290 -25.81 9.41 2.67
CA ILE G 290 -25.71 10.60 1.83
C ILE G 290 -25.27 10.12 0.44
N VAL G 291 -25.75 10.79 -0.61
CA VAL G 291 -25.42 10.43 -1.99
C VAL G 291 -25.75 11.56 -2.97
N PRO G 292 -24.79 11.98 -3.80
CA PRO G 292 -25.06 13.08 -4.74
C PRO G 292 -26.29 12.79 -5.60
N GLU G 293 -26.75 13.83 -6.30
CA GLU G 293 -27.91 13.74 -7.19
C GLU G 293 -27.45 12.91 -8.38
N TRP G 294 -28.28 11.98 -8.84
CA TRP G 294 -27.89 11.12 -9.95
C TRP G 294 -27.16 11.82 -11.09
N TYR G 295 -27.64 12.99 -11.52
CA TYR G 295 -26.94 13.67 -12.62
C TYR G 295 -25.53 14.13 -12.23
N PHE G 296 -25.19 14.04 -10.94
CA PHE G 296 -23.85 14.42 -10.48
C PHE G 296 -22.98 13.19 -10.20
N LEU G 297 -23.63 12.03 -10.08
CA LEU G 297 -22.92 10.79 -9.77
C LEU G 297 -21.69 10.44 -10.60
N PRO G 298 -21.81 10.42 -11.94
CA PRO G 298 -20.61 10.07 -12.68
C PRO G 298 -19.33 10.84 -12.32
N PHE G 299 -19.43 12.15 -12.17
CA PHE G 299 -18.27 12.96 -11.84
C PHE G 299 -17.84 12.81 -10.38
N TYR G 300 -18.80 12.47 -9.54
CA TYR G 300 -18.54 12.25 -8.11
C TYR G 300 -17.77 10.96 -7.99
N ALA G 301 -18.06 10.01 -8.89
CA ALA G 301 -17.39 8.71 -8.91
C ALA G 301 -15.92 8.91 -9.23
N ILE G 302 -15.64 9.72 -10.23
CA ILE G 302 -14.28 10.00 -10.66
C ILE G 302 -13.49 10.64 -9.52
N LEU G 303 -14.14 11.52 -8.76
CA LEU G 303 -13.48 12.19 -7.67
C LEU G 303 -13.06 11.26 -6.54
N ARG G 304 -13.96 10.42 -6.02
CA ARG G 304 -13.55 9.54 -4.93
C ARG G 304 -12.88 8.23 -5.34
N ALA G 305 -12.56 8.09 -6.63
CA ALA G 305 -11.87 6.88 -7.08
C ALA G 305 -10.41 7.06 -6.67
N PHE G 306 -10.00 8.31 -6.54
CA PHE G 306 -8.62 8.66 -6.20
C PHE G 306 -8.28 8.86 -4.73
N THR G 307 -7.95 7.75 -4.07
CA THR G 307 -7.58 7.74 -2.67
C THR G 307 -6.06 7.82 -2.57
N ALA G 308 -5.57 7.85 -1.35
CA ALA G 308 -4.14 7.93 -1.07
C ALA G 308 -3.38 6.73 -1.63
N ASP G 309 -3.97 5.54 -1.49
CA ASP G 309 -3.35 4.29 -1.93
C ASP G 309 -3.30 4.06 -3.44
N VAL G 310 -3.72 5.05 -4.22
CA VAL G 310 -3.67 4.89 -5.67
C VAL G 310 -2.30 5.33 -6.16
N TRP G 311 -1.67 4.44 -6.92
CA TRP G 311 -0.34 4.70 -7.44
C TRP G 311 -0.18 6.05 -8.12
N VAL G 312 -0.96 6.31 -9.18
CA VAL G 312 -0.83 7.59 -9.88
C VAL G 312 -0.98 8.77 -8.93
N VAL G 313 -1.72 8.59 -7.85
CA VAL G 313 -1.88 9.68 -6.88
C VAL G 313 -0.54 9.77 -6.16
N GLN G 314 -0.04 8.63 -5.68
CA GLN G 314 1.24 8.58 -4.98
C GLN G 314 2.39 9.15 -5.79
N ILE G 315 2.45 8.81 -7.07
CA ILE G 315 3.52 9.33 -7.93
C ILE G 315 3.43 10.85 -7.90
N ALA G 316 2.22 11.36 -8.17
CA ALA G 316 1.96 12.79 -8.20
C ALA G 316 2.29 13.45 -6.88
N ASN G 317 1.89 12.83 -5.77
CA ASN G 317 2.16 13.40 -4.46
C ASN G 317 3.66 13.61 -4.31
N PHE G 318 4.43 12.57 -4.63
CA PHE G 318 5.88 12.62 -4.55
C PHE G 318 6.51 13.62 -5.54
N ILE G 319 6.04 13.60 -6.79
CA ILE G 319 6.56 14.46 -7.83
C ILE G 319 6.31 15.95 -7.66
N SER G 320 5.36 16.31 -6.79
CA SER G 320 5.05 17.72 -6.57
C SER G 320 5.37 18.17 -5.15
N PHE G 321 6.22 17.42 -4.47
CA PHE G 321 6.62 17.75 -3.11
C PHE G 321 5.44 17.84 -2.15
N GLY G 322 4.49 16.92 -2.32
CA GLY G 322 3.33 16.87 -1.47
C GLY G 322 2.19 17.85 -1.69
N ILE G 323 2.27 18.68 -2.73
CA ILE G 323 1.22 19.64 -3.00
C ILE G 323 -0.05 18.96 -3.53
N ILE G 324 0.10 18.23 -4.64
CA ILE G 324 -1.01 17.50 -5.26
C ILE G 324 -1.27 16.21 -4.50
N ASP G 325 -2.00 16.30 -3.41
CA ASP G 325 -2.32 15.11 -2.62
C ASP G 325 -3.57 14.46 -3.19
N ALA G 326 -4.08 13.44 -2.53
CA ALA G 326 -5.28 12.75 -3.02
C ALA G 326 -6.42 13.74 -3.15
N LYS G 327 -6.68 14.48 -2.08
CA LYS G 327 -7.75 15.47 -2.06
C LYS G 327 -7.79 16.30 -3.33
N PHE G 328 -6.74 17.08 -3.55
CA PHE G 328 -6.64 17.94 -4.73
C PHE G 328 -6.56 17.18 -6.05
N PHE G 329 -6.05 15.95 -6.03
CA PHE G 329 -5.97 15.16 -7.25
C PHE G 329 -7.39 14.77 -7.68
N GLY G 330 -8.20 14.36 -6.71
CA GLY G 330 -9.58 13.99 -7.04
C GLY G 330 -10.29 15.17 -7.67
N VAL G 331 -10.11 16.34 -7.08
CA VAL G 331 -10.73 17.56 -7.59
C VAL G 331 -10.30 17.82 -9.03
N LEU G 332 -8.99 17.78 -9.26
CA LEU G 332 -8.46 18.01 -10.60
C LEU G 332 -8.94 16.94 -11.59
N ALA G 333 -9.15 15.73 -11.09
CA ALA G 333 -9.62 14.66 -11.94
C ALA G 333 -11.04 14.97 -12.40
N MET G 334 -11.89 15.33 -11.44
CA MET G 334 -13.29 15.64 -11.73
C MET G 334 -13.46 16.78 -12.74
N PHE G 335 -12.87 17.94 -12.46
CA PHE G 335 -12.98 19.07 -13.39
C PHE G 335 -12.22 18.77 -14.66
N GLY G 336 -11.20 17.92 -14.54
CA GLY G 336 -10.42 17.55 -15.70
C GLY G 336 -11.24 16.70 -16.65
N ALA G 337 -12.06 15.82 -16.08
CA ALA G 337 -12.92 14.95 -16.89
C ALA G 337 -13.83 15.82 -17.75
N ILE G 338 -14.33 16.90 -17.17
CA ILE G 338 -15.21 17.82 -17.87
C ILE G 338 -14.41 18.62 -18.89
N LEU G 339 -13.29 19.20 -18.44
CA LEU G 339 -12.45 20.00 -19.31
C LEU G 339 -11.99 19.20 -20.52
N VAL G 340 -11.58 17.96 -20.28
CA VAL G 340 -11.11 17.12 -21.37
C VAL G 340 -12.20 17.03 -22.43
N MET G 341 -13.43 16.81 -21.99
CA MET G 341 -14.57 16.70 -22.89
C MET G 341 -14.73 17.98 -23.73
N ALA G 342 -14.49 19.13 -23.10
CA ALA G 342 -14.61 20.41 -23.79
C ALA G 342 -13.55 20.57 -24.87
N LEU G 343 -12.44 19.85 -24.71
CA LEU G 343 -11.34 19.93 -25.65
C LEU G 343 -11.42 18.98 -26.84
N VAL G 344 -12.37 18.06 -26.81
CA VAL G 344 -12.50 17.09 -27.88
C VAL G 344 -12.39 17.64 -29.31
N PRO G 345 -12.85 18.88 -29.56
CA PRO G 345 -12.72 19.35 -30.94
C PRO G 345 -11.27 19.31 -31.39
N TRP G 346 -10.37 19.44 -30.42
CA TRP G 346 -8.95 19.46 -30.70
C TRP G 346 -8.24 18.13 -30.47
N LEU G 347 -8.77 17.31 -29.57
CA LEU G 347 -8.17 16.01 -29.29
C LEU G 347 -8.54 15.03 -30.40
N ASP G 348 -9.66 15.28 -31.05
CA ASP G 348 -10.12 14.43 -32.14
C ASP G 348 -9.41 14.81 -33.45
N THR G 349 -8.53 13.95 -33.91
CA THR G 349 -7.78 14.21 -35.13
C THR G 349 -8.32 13.63 -36.43
N SER G 350 -9.38 12.83 -36.35
CA SER G 350 -9.96 12.24 -37.56
C SER G 350 -10.62 13.35 -38.37
N PRO G 351 -10.50 13.32 -39.71
CA PRO G 351 -11.12 14.36 -40.54
C PRO G 351 -12.55 14.00 -40.93
N VAL G 352 -12.94 12.77 -40.62
CA VAL G 352 -14.28 12.26 -40.90
C VAL G 352 -15.22 12.80 -39.83
N ARG G 353 -16.30 13.47 -40.22
CA ARG G 353 -17.22 14.02 -39.24
C ARG G 353 -18.07 13.02 -38.47
N SER G 354 -18.99 12.36 -39.15
CA SER G 354 -19.88 11.39 -38.51
C SER G 354 -19.23 10.06 -38.11
N GLY G 355 -19.41 9.70 -36.84
CA GLY G 355 -18.87 8.45 -36.33
C GLY G 355 -19.58 7.27 -36.94
N ARG G 356 -20.60 7.55 -37.75
CA ARG G 356 -21.36 6.51 -38.42
C ARG G 356 -20.42 5.79 -39.39
N TYR G 357 -19.50 6.56 -39.98
CA TYR G 357 -18.56 6.02 -40.95
C TYR G 357 -17.16 5.79 -40.38
N ARG G 358 -17.10 5.57 -39.08
CA ARG G 358 -15.83 5.30 -38.39
C ARG G 358 -15.96 4.00 -37.62
N PRO G 359 -15.47 2.89 -38.20
CA PRO G 359 -15.50 1.54 -37.61
C PRO G 359 -14.86 1.37 -36.23
N MET G 360 -13.61 1.79 -36.08
CA MET G 360 -12.95 1.67 -34.78
C MET G 360 -13.59 2.64 -33.80
N PHE G 361 -13.83 3.87 -34.25
CA PHE G 361 -14.44 4.90 -33.43
C PHE G 361 -15.65 4.38 -32.63
N LYS G 362 -16.61 3.79 -33.34
CA LYS G 362 -17.81 3.27 -32.69
C LYS G 362 -17.56 2.47 -31.43
N ILE G 363 -16.68 1.48 -31.51
CA ILE G 363 -16.38 0.65 -30.34
C ILE G 363 -16.02 1.51 -29.15
N TYR G 364 -15.10 2.43 -29.33
CA TYR G 364 -14.69 3.31 -28.24
C TYR G 364 -15.82 4.20 -27.80
N PHE G 365 -16.61 4.68 -28.75
CA PHE G 365 -17.73 5.53 -28.40
C PHE G 365 -18.69 4.79 -27.48
N TRP G 366 -19.14 3.61 -27.89
CA TRP G 366 -20.08 2.86 -27.06
C TRP G 366 -19.47 2.49 -25.73
N LEU G 367 -18.15 2.30 -25.70
CA LEU G 367 -17.50 1.99 -24.44
C LEU G 367 -17.62 3.25 -23.59
N LEU G 368 -17.48 4.41 -24.23
CA LEU G 368 -17.59 5.67 -23.50
C LEU G 368 -18.98 5.78 -22.87
N ALA G 369 -20.00 5.57 -23.69
CA ALA G 369 -21.39 5.64 -23.22
C ALA G 369 -21.61 4.67 -22.07
N ALA G 370 -21.14 3.43 -22.24
CA ALA G 370 -21.29 2.42 -21.20
C ALA G 370 -20.55 2.86 -19.95
N ASP G 371 -19.39 3.47 -20.17
CA ASP G 371 -18.55 3.97 -19.08
C ASP G 371 -19.30 5.05 -18.31
N PHE G 372 -19.99 5.93 -19.02
CA PHE G 372 -20.75 6.99 -18.37
C PHE G 372 -21.82 6.36 -17.47
N VAL G 373 -22.50 5.36 -18.01
CA VAL G 373 -23.53 4.66 -17.24
C VAL G 373 -22.88 4.02 -16.03
N ILE G 374 -21.82 3.26 -16.28
CA ILE G 374 -21.11 2.58 -15.20
C ILE G 374 -20.67 3.57 -14.11
N LEU G 375 -20.10 4.70 -14.52
CA LEU G 375 -19.65 5.69 -13.55
C LEU G 375 -20.81 6.18 -12.70
N THR G 376 -21.96 6.40 -13.35
CA THR G 376 -23.15 6.87 -12.63
C THR G 376 -23.54 5.79 -11.62
N TRP G 377 -23.47 4.55 -12.05
CA TRP G 377 -23.84 3.43 -11.21
C TRP G 377 -22.89 3.24 -10.02
N VAL G 378 -21.58 3.37 -10.22
CA VAL G 378 -20.64 3.21 -9.10
C VAL G 378 -20.78 4.34 -8.11
N GLY G 379 -21.13 5.52 -8.62
CA GLY G 379 -21.29 6.66 -7.75
C GLY G 379 -22.18 6.37 -6.57
N ALA G 380 -23.15 5.47 -6.77
CA ALA G 380 -24.09 5.12 -5.71
C ALA G 380 -23.63 3.92 -4.88
N GLN G 381 -22.56 3.26 -5.31
CA GLN G 381 -22.03 2.10 -4.59
C GLN G 381 -21.06 2.55 -3.51
N GLN G 382 -20.74 1.64 -2.58
CA GLN G 382 -19.82 1.96 -1.52
C GLN G 382 -18.41 2.05 -2.07
N THR G 383 -17.48 2.42 -1.21
CA THR G 383 -16.09 2.56 -1.60
C THR G 383 -15.26 1.28 -1.43
N THR G 384 -15.88 0.24 -0.89
CA THR G 384 -15.21 -1.04 -0.67
C THR G 384 -14.93 -1.76 -2.00
N PHE G 385 -14.19 -2.87 -1.93
CA PHE G 385 -13.86 -3.66 -3.11
C PHE G 385 -15.16 -4.33 -3.60
N PRO G 386 -15.38 -4.43 -4.91
CA PRO G 386 -14.60 -4.02 -6.09
C PRO G 386 -14.99 -2.68 -6.71
N TYR G 387 -15.80 -1.89 -6.00
CA TYR G 387 -16.22 -0.62 -6.55
C TYR G 387 -15.03 0.33 -6.73
N ASP G 388 -14.06 0.25 -5.82
CA ASP G 388 -12.89 1.12 -5.92
C ASP G 388 -12.13 0.85 -7.22
N TRP G 389 -12.06 -0.42 -7.62
CA TRP G 389 -11.38 -0.78 -8.85
C TRP G 389 -12.22 -0.38 -10.05
N ILE G 390 -13.52 -0.64 -9.96
CA ILE G 390 -14.42 -0.29 -11.04
C ILE G 390 -14.42 1.21 -11.29
N SER G 391 -14.54 2.01 -10.23
CA SER G 391 -14.53 3.46 -10.41
C SER G 391 -13.21 3.88 -11.05
N LEU G 392 -12.12 3.23 -10.62
CA LEU G 392 -10.81 3.55 -11.15
C LEU G 392 -10.62 3.20 -12.62
N ILE G 393 -10.97 1.98 -12.99
CA ILE G 393 -10.81 1.58 -14.38
C ILE G 393 -11.67 2.52 -15.23
N ALA G 394 -12.89 2.77 -14.75
CA ALA G 394 -13.82 3.65 -15.44
C ALA G 394 -13.26 5.06 -15.68
N SER G 395 -12.74 5.66 -14.62
CA SER G 395 -12.17 7.01 -14.73
C SER G 395 -11.04 6.97 -15.75
N ALA G 396 -10.23 5.93 -15.65
CA ALA G 396 -9.10 5.74 -16.54
C ALA G 396 -9.58 5.68 -17.98
N TYR G 397 -10.61 4.89 -18.24
CA TYR G 397 -11.11 4.79 -19.60
C TYR G 397 -11.59 6.15 -20.11
N TRP G 398 -12.19 6.93 -19.22
CA TRP G 398 -12.71 8.24 -19.62
C TRP G 398 -11.63 9.14 -20.20
N PHE G 399 -10.53 9.35 -19.47
CA PHE G 399 -9.44 10.19 -19.95
C PHE G 399 -8.71 9.53 -21.12
N ALA G 400 -8.68 8.20 -21.11
CA ALA G 400 -8.03 7.44 -22.16
C ALA G 400 -8.71 7.73 -23.49
N TYR G 401 -10.03 7.89 -23.45
CA TYR G 401 -10.82 8.16 -24.64
C TYR G 401 -10.51 9.50 -25.29
N PHE G 402 -10.50 10.56 -24.50
CA PHE G 402 -10.24 11.89 -25.05
C PHE G 402 -8.76 12.18 -25.27
N LEU G 403 -7.93 11.79 -24.31
CA LEU G 403 -6.49 12.04 -24.40
C LEU G 403 -5.68 11.10 -25.30
N VAL G 404 -5.96 9.80 -25.24
CA VAL G 404 -5.19 8.85 -26.03
C VAL G 404 -5.88 8.27 -27.26
N ILE G 405 -6.98 7.56 -27.05
CA ILE G 405 -7.71 6.92 -28.15
C ILE G 405 -8.11 7.82 -29.32
N LEU G 406 -8.78 8.93 -29.03
CA LEU G 406 -9.22 9.83 -30.09
C LEU G 406 -8.08 10.47 -30.85
N PRO G 407 -7.04 10.94 -30.15
CA PRO G 407 -5.93 11.55 -30.88
C PRO G 407 -5.27 10.53 -31.80
N ILE G 408 -5.09 9.31 -31.29
CA ILE G 408 -4.47 8.25 -32.06
C ILE G 408 -5.33 7.69 -33.19
N LEU G 409 -6.61 7.46 -32.94
CA LEU G 409 -7.48 6.95 -34.01
C LEU G 409 -7.41 7.87 -35.22
N GLY G 410 -7.06 9.13 -34.98
CA GLY G 410 -6.95 10.08 -36.07
C GLY G 410 -6.03 9.59 -37.16
N ALA G 411 -4.98 8.88 -36.78
CA ALA G 411 -4.02 8.35 -37.73
C ALA G 411 -4.30 6.89 -38.07
N ILE G 412 -4.26 6.03 -37.07
CA ILE G 412 -4.49 4.59 -37.25
C ILE G 412 -5.69 4.26 -38.12
N GLU G 413 -6.86 4.70 -37.66
CA GLU G 413 -8.14 4.44 -38.32
C GLU G 413 -8.29 4.59 -39.83
N LYS G 414 -8.98 3.61 -40.40
CA LYS G 414 -9.30 3.59 -41.81
C LYS G 414 -10.82 3.71 -41.81
N PRO G 415 -11.33 4.84 -42.31
CA PRO G 415 -12.76 5.17 -42.41
C PRO G 415 -13.49 4.75 -43.66
N VAL G 416 -14.77 4.46 -43.50
CA VAL G 416 -15.67 4.08 -44.58
C VAL G 416 -16.04 5.35 -45.33
N ALA G 417 -16.57 5.20 -46.54
CA ALA G 417 -16.97 6.36 -47.32
C ALA G 417 -18.40 6.77 -46.96
N PRO G 418 -18.63 8.07 -46.77
CA PRO G 418 -19.94 8.62 -46.41
C PRO G 418 -20.75 8.96 -47.66
N PRO G 419 -22.07 9.07 -47.53
CA PRO G 419 -22.93 9.41 -48.67
C PRO G 419 -22.38 10.66 -49.35
N ALA G 420 -22.62 10.78 -50.66
CA ALA G 420 -22.14 11.93 -51.43
C ALA G 420 -22.91 13.20 -51.05
N THR G 421 -24.20 13.03 -50.76
CA THR G 421 -25.05 14.14 -50.37
C THR G 421 -26.13 13.67 -49.42
N ILE G 422 -26.68 14.62 -48.67
CA ILE G 422 -27.74 14.33 -47.73
C ILE G 422 -28.94 13.78 -48.51
N GLU G 423 -29.19 14.38 -49.67
CA GLU G 423 -30.29 13.94 -50.53
C GLU G 423 -30.14 12.44 -50.73
N GLU G 424 -28.96 12.04 -51.18
CA GLU G 424 -28.66 10.64 -51.44
C GLU G 424 -28.90 9.76 -50.22
N ASP G 425 -28.52 10.24 -49.04
CA ASP G 425 -28.73 9.47 -47.81
C ASP G 425 -30.21 9.37 -47.50
N PHE G 426 -30.91 10.50 -47.58
CA PHE G 426 -32.34 10.56 -47.29
C PHE G 426 -33.11 9.56 -48.15
N ASN G 427 -32.83 9.57 -49.45
CA ASN G 427 -33.50 8.67 -50.37
C ASN G 427 -33.16 7.20 -50.09
N ALA G 428 -31.87 6.88 -50.09
CA ALA G 428 -31.41 5.51 -49.86
C ALA G 428 -31.94 4.89 -48.56
N ALA H 1 -23.76 2.21 7.73
CA ALA H 1 -24.93 1.29 7.87
C ALA H 1 -25.35 0.72 6.53
N GLY H 2 -26.66 0.72 6.27
CA GLY H 2 -27.16 0.21 5.01
C GLY H 2 -28.68 0.22 4.89
N GLY H 3 -29.18 -0.17 3.73
CA GLY H 3 -30.62 -0.21 3.51
C GLY H 3 -31.08 -1.65 3.54
N GLY H 4 -31.93 -1.99 4.51
CA GLY H 4 -32.40 -3.36 4.63
C GLY H 4 -33.67 -3.73 3.88
N HIS H 5 -34.41 -4.70 4.40
CA HIS H 5 -35.66 -5.09 3.76
C HIS H 5 -36.83 -5.00 4.72
N VAL H 6 -37.95 -4.53 4.19
CA VAL H 6 -39.16 -4.32 4.98
C VAL H 6 -40.35 -5.17 4.55
N GLU H 7 -41.30 -5.34 5.46
CA GLU H 7 -42.51 -6.11 5.18
C GLU H 7 -43.31 -5.32 4.15
N ASP H 8 -43.70 -5.99 3.07
CA ASP H 8 -44.45 -5.36 1.99
C ASP H 8 -45.97 -5.33 2.26
N VAL H 9 -46.47 -4.18 2.71
CA VAL H 9 -47.89 -4.02 2.99
C VAL H 9 -48.59 -3.47 1.75
N PRO H 10 -49.76 -4.02 1.39
CA PRO H 10 -50.50 -3.55 0.21
C PRO H 10 -51.46 -2.40 0.52
N PHE H 11 -50.89 -1.24 0.88
CA PHE H 11 -51.68 -0.06 1.20
C PHE H 11 -52.64 0.35 0.09
N SER H 12 -53.75 0.95 0.49
CA SER H 12 -54.80 1.40 -0.44
C SER H 12 -54.33 2.44 -1.46
N PHE H 13 -53.47 3.35 -1.01
CA PHE H 13 -52.98 4.45 -1.83
C PHE H 13 -51.93 4.15 -2.91
N GLU H 14 -51.35 2.96 -2.90
CA GLU H 14 -50.34 2.65 -3.89
C GLU H 14 -51.00 2.43 -5.26
N GLY H 15 -50.19 2.48 -6.31
CA GLY H 15 -50.73 2.30 -7.65
C GLY H 15 -51.26 3.63 -8.19
N PRO H 16 -51.21 3.86 -9.51
CA PRO H 16 -51.71 5.11 -10.09
C PRO H 16 -53.19 5.38 -9.78
N PHE H 17 -53.89 4.37 -9.30
CA PHE H 17 -55.31 4.51 -8.98
C PHE H 17 -55.59 4.48 -7.48
N GLY H 18 -54.59 4.05 -6.72
CA GLY H 18 -54.75 3.99 -5.27
C GLY H 18 -55.19 5.33 -4.73
N THR H 19 -55.84 5.30 -3.57
CA THR H 19 -56.32 6.51 -2.91
C THR H 19 -56.36 6.17 -1.44
N PHE H 20 -56.35 7.18 -0.59
CA PHE H 20 -56.42 6.92 0.83
C PHE H 20 -57.74 6.31 1.20
N ASP H 21 -57.77 5.66 2.36
CA ASP H 21 -58.98 5.06 2.89
C ASP H 21 -59.34 5.95 4.05
N GLN H 22 -60.30 6.84 3.81
CA GLN H 22 -60.75 7.81 4.81
C GLN H 22 -60.88 7.29 6.24
N HIS H 23 -61.49 6.13 6.42
CA HIS H 23 -61.64 5.59 7.76
C HIS H 23 -60.31 5.12 8.35
N GLN H 24 -59.47 4.55 7.50
CA GLN H 24 -58.17 4.09 7.96
C GLN H 24 -57.39 5.27 8.52
N LEU H 25 -57.28 6.33 7.73
CA LEU H 25 -56.57 7.53 8.16
C LEU H 25 -57.18 8.02 9.47
N GLN H 26 -58.49 7.85 9.62
CA GLN H 26 -59.17 8.25 10.83
C GLN H 26 -58.64 7.42 11.98
N ARG H 27 -58.57 6.10 11.77
CA ARG H 27 -58.06 5.20 12.79
C ARG H 27 -56.60 5.59 13.06
N GLY H 28 -55.84 5.78 11.99
CA GLY H 28 -54.45 6.16 12.14
C GLY H 28 -54.25 7.40 12.98
N LEU H 29 -55.08 8.42 12.71
CA LEU H 29 -55.00 9.66 13.48
C LEU H 29 -55.20 9.37 14.96
N GLN H 30 -56.03 8.38 15.26
CA GLN H 30 -56.30 8.03 16.65
C GLN H 30 -55.09 7.33 17.26
N VAL H 31 -54.46 6.45 16.50
CA VAL H 31 -53.29 5.73 16.99
C VAL H 31 -52.21 6.77 17.29
N TYR H 32 -51.97 7.64 16.31
CA TYR H 32 -50.97 8.68 16.48
C TYR H 32 -51.24 9.54 17.71
N THR H 33 -52.50 9.95 17.87
CA THR H 33 -52.91 10.80 18.98
C THR H 33 -52.78 10.18 20.37
N GLU H 34 -53.24 8.94 20.51
CA GLU H 34 -53.20 8.26 21.81
C GLU H 34 -51.89 7.54 22.11
N VAL H 35 -51.07 7.32 21.08
CA VAL H 35 -49.81 6.60 21.28
C VAL H 35 -48.53 7.39 21.01
N CYS H 36 -48.25 7.60 19.73
CA CYS H 36 -47.06 8.32 19.25
C CYS H 36 -46.87 9.72 19.78
N ALA H 37 -47.90 10.56 19.61
CA ALA H 37 -47.87 11.95 20.04
C ALA H 37 -47.23 12.18 21.40
N ALA H 38 -47.16 11.13 22.22
CA ALA H 38 -46.56 11.25 23.55
C ALA H 38 -45.09 11.63 23.44
N CYS H 39 -44.45 11.21 22.35
CA CYS H 39 -43.04 11.50 22.13
C CYS H 39 -42.80 12.24 20.81
N HIS H 40 -43.53 11.84 19.77
CA HIS H 40 -43.40 12.44 18.44
C HIS H 40 -44.33 13.62 18.17
N GLY H 41 -43.87 14.52 17.31
CA GLY H 41 -44.67 15.67 16.93
C GLY H 41 -44.79 15.69 15.41
N MET H 42 -45.50 16.67 14.88
CA MET H 42 -45.68 16.80 13.43
C MET H 42 -45.74 18.28 13.05
N LYS H 43 -44.67 18.99 13.39
CA LYS H 43 -44.49 20.44 13.19
C LYS H 43 -44.88 21.07 11.86
N PHE H 44 -44.96 20.28 10.79
CA PHE H 44 -45.32 20.83 9.49
C PHE H 44 -46.76 20.53 9.12
N VAL H 45 -47.47 19.90 10.03
CA VAL H 45 -48.86 19.54 9.76
C VAL H 45 -49.84 20.45 10.46
N PRO H 46 -50.58 21.26 9.69
CA PRO H 46 -51.58 22.17 10.25
C PRO H 46 -52.78 21.30 10.63
N ILE H 47 -53.20 21.40 11.88
CA ILE H 47 -54.32 20.59 12.37
C ILE H 47 -55.55 20.70 11.46
N ARG H 48 -55.81 21.90 10.97
CA ARG H 48 -56.97 22.17 10.10
C ARG H 48 -56.98 21.34 8.83
N SER H 49 -55.89 20.65 8.54
CA SER H 49 -55.85 19.83 7.34
C SER H 49 -56.53 18.49 7.60
N LEU H 50 -56.86 18.24 8.86
CA LEU H 50 -57.54 17.01 9.21
C LEU H 50 -58.94 17.07 8.60
N SER H 51 -59.31 18.28 8.16
CA SER H 51 -60.62 18.53 7.55
C SER H 51 -60.61 18.55 6.02
N GLU H 52 -59.50 18.97 5.43
CA GLU H 52 -59.39 19.06 3.97
C GLU H 52 -59.66 17.75 3.25
N PRO H 53 -60.25 17.84 2.05
CA PRO H 53 -60.55 16.66 1.24
C PRO H 53 -59.28 15.87 0.98
N GLY H 54 -59.41 14.59 0.65
CA GLY H 54 -58.25 13.76 0.39
C GLY H 54 -57.53 13.23 1.61
N GLY H 55 -58.12 13.43 2.79
CA GLY H 55 -57.49 12.96 4.02
C GLY H 55 -58.49 12.32 4.96
N PRO H 56 -58.30 12.46 6.28
CA PRO H 56 -59.22 11.88 7.26
C PRO H 56 -60.59 12.50 7.03
N GLU H 57 -60.54 13.77 6.65
CA GLU H 57 -61.73 14.56 6.36
C GLU H 57 -62.73 14.67 7.49
N LEU H 58 -62.23 14.89 8.70
CA LEU H 58 -63.11 15.03 9.84
C LEU H 58 -63.93 16.30 9.68
N PRO H 59 -65.06 16.39 10.38
CA PRO H 59 -65.93 17.58 10.31
C PRO H 59 -65.25 18.70 11.09
N GLU H 60 -65.22 19.89 10.50
CA GLU H 60 -64.59 21.05 11.11
C GLU H 60 -64.75 21.25 12.62
N ASP H 61 -65.95 21.01 13.14
CA ASP H 61 -66.17 21.18 14.58
C ASP H 61 -65.44 20.11 15.40
N GLN H 62 -65.25 18.93 14.81
CA GLN H 62 -64.54 17.86 15.50
C GLN H 62 -63.09 18.32 15.60
N VAL H 63 -62.55 18.67 14.44
CA VAL H 63 -61.18 19.15 14.31
C VAL H 63 -60.93 20.28 15.29
N ARG H 64 -61.91 21.17 15.42
CA ARG H 64 -61.81 22.31 16.33
C ARG H 64 -61.74 21.80 17.76
N ALA H 65 -62.54 20.78 18.07
CA ALA H 65 -62.58 20.19 19.39
C ALA H 65 -61.25 19.50 19.67
N TYR H 66 -60.72 18.85 18.66
CA TYR H 66 -59.45 18.13 18.75
C TYR H 66 -58.28 19.04 19.13
N ALA H 67 -58.11 20.11 18.37
CA ALA H 67 -57.03 21.07 18.61
C ALA H 67 -57.05 21.58 20.05
N THR H 68 -58.19 21.41 20.72
CA THR H 68 -58.36 21.85 22.10
C THR H 68 -57.31 21.28 23.05
N GLN H 69 -57.06 19.98 22.95
CA GLN H 69 -56.11 19.28 23.81
C GLN H 69 -54.69 19.81 23.82
N PHE H 70 -54.24 20.35 22.69
CA PHE H 70 -52.88 20.88 22.60
C PHE H 70 -52.79 22.25 23.27
N THR H 71 -51.73 22.45 24.05
CA THR H 71 -51.53 23.70 24.77
C THR H 71 -50.47 24.57 24.09
N VAL H 72 -50.89 25.15 22.96
CA VAL H 72 -50.05 26.02 22.15
C VAL H 72 -49.66 27.30 22.88
N THR H 73 -48.52 27.88 22.51
CA THR H 73 -48.08 29.15 23.11
C THR H 73 -48.40 30.21 22.06
N ASP H 74 -49.32 31.10 22.39
CA ASP H 74 -49.73 32.14 21.46
C ASP H 74 -48.67 33.14 21.06
N GLU H 75 -48.77 33.58 19.81
CA GLU H 75 -47.86 34.54 19.21
C GLU H 75 -47.84 35.82 20.06
N GLU H 76 -48.89 36.63 19.92
CA GLU H 76 -48.99 37.87 20.68
C GLU H 76 -49.01 37.58 22.17
N THR H 77 -50.12 37.03 22.63
CA THR H 77 -50.29 36.71 24.05
C THR H 77 -48.96 36.25 24.62
N GLY H 78 -48.21 35.50 23.82
CA GLY H 78 -46.93 34.99 24.29
C GLY H 78 -47.27 33.90 25.28
N GLU H 79 -48.36 34.12 26.01
CA GLU H 79 -48.84 33.16 26.98
C GLU H 79 -49.50 32.00 26.25
N ASP H 80 -50.02 31.08 27.03
CA ASP H 80 -50.66 29.90 26.47
C ASP H 80 -52.13 30.08 26.13
N ARG H 81 -52.68 29.08 25.46
CA ARG H 81 -54.07 29.09 25.03
C ARG H 81 -54.39 27.71 24.48
N GLU H 82 -55.60 27.53 23.97
CA GLU H 82 -55.99 26.24 23.42
C GLU H 82 -55.57 26.10 21.98
N GLY H 83 -55.56 24.86 21.47
CA GLY H 83 -55.19 24.69 20.08
C GLY H 83 -56.30 25.05 19.13
N LYS H 84 -55.97 25.90 18.15
CA LYS H 84 -56.92 26.31 17.11
C LYS H 84 -56.56 25.47 15.88
N PRO H 85 -57.55 25.14 15.04
CA PRO H 85 -57.23 24.34 13.86
C PRO H 85 -56.16 25.00 12.97
N THR H 86 -55.91 26.29 13.19
CA THR H 86 -54.90 27.01 12.41
C THR H 86 -53.50 26.70 12.92
N ASP H 87 -53.43 26.00 14.05
CA ASP H 87 -52.14 25.63 14.64
C ASP H 87 -51.63 24.33 14.05
N HIS H 88 -50.32 24.15 14.12
CA HIS H 88 -49.68 22.93 13.63
C HIS H 88 -49.62 21.97 14.81
N PHE H 89 -49.48 20.68 14.55
CA PHE H 89 -49.37 19.75 15.66
C PHE H 89 -48.09 20.19 16.35
N PRO H 90 -47.94 19.90 17.64
CA PRO H 90 -46.71 20.34 18.30
C PRO H 90 -45.43 19.59 17.92
N HIS H 91 -44.30 20.12 18.39
CA HIS H 91 -43.00 19.53 18.16
C HIS H 91 -42.93 18.29 19.04
N SER H 92 -42.07 17.34 18.68
CA SER H 92 -41.93 16.12 19.46
C SER H 92 -41.62 16.48 20.91
N ALA H 93 -42.37 15.88 21.84
CA ALA H 93 -42.15 16.15 23.26
C ALA H 93 -40.83 15.53 23.71
N LEU H 94 -40.51 14.37 23.13
CA LEU H 94 -39.29 13.65 23.44
C LEU H 94 -38.16 14.11 22.52
N GLU H 95 -37.20 14.85 23.07
CA GLU H 95 -36.07 15.39 22.34
C GLU H 95 -35.53 14.60 21.16
N ASN H 96 -35.29 13.31 21.37
CA ASN H 96 -34.74 12.47 20.31
C ASN H 96 -35.75 11.69 19.48
N ALA H 97 -37.03 12.03 19.64
CA ALA H 97 -38.08 11.37 18.87
C ALA H 97 -38.16 12.22 17.61
N PRO H 98 -37.80 11.65 16.45
CA PRO H 98 -37.87 12.45 15.23
C PRO H 98 -39.28 12.94 14.90
N ASP H 99 -39.35 13.98 14.10
CA ASP H 99 -40.62 14.52 13.68
C ASP H 99 -41.22 13.56 12.67
N LEU H 100 -42.50 13.26 12.82
CA LEU H 100 -43.16 12.32 11.93
C LEU H 100 -43.88 12.95 10.75
N SER H 101 -43.85 14.28 10.66
CA SER H 101 -44.52 14.98 9.56
C SER H 101 -44.19 14.44 8.18
N LEU H 102 -42.91 14.15 7.93
CA LEU H 102 -42.50 13.66 6.62
C LEU H 102 -41.90 12.26 6.55
N MET H 103 -41.85 11.55 7.68
CA MET H 103 -41.27 10.21 7.73
C MET H 103 -41.63 9.35 6.50
N ALA H 104 -42.91 9.18 6.21
CA ALA H 104 -43.33 8.36 5.08
C ALA H 104 -42.59 8.65 3.76
N LYS H 105 -42.00 9.84 3.63
CA LYS H 105 -41.24 10.18 2.44
C LYS H 105 -39.74 10.23 2.75
N ALA H 106 -39.43 10.32 4.04
CA ALA H 106 -38.06 10.39 4.51
C ALA H 106 -37.43 9.01 4.74
N ARG H 107 -38.08 7.97 4.23
CA ARG H 107 -37.56 6.64 4.41
C ARG H 107 -37.91 5.77 3.20
N ALA H 108 -37.08 4.78 2.97
CA ALA H 108 -37.25 3.86 1.86
C ALA H 108 -37.27 2.48 2.47
N GLY H 109 -38.03 1.56 1.87
CA GLY H 109 -38.09 0.21 2.40
C GLY H 109 -37.65 -0.77 1.33
N PHE H 110 -37.71 -0.33 0.08
CA PHE H 110 -37.31 -1.16 -1.04
C PHE H 110 -35.99 -0.64 -1.59
N HIS H 111 -34.90 -1.12 -0.97
CA HIS H 111 -33.54 -0.75 -1.33
C HIS H 111 -33.01 -1.76 -2.34
N GLY H 112 -32.32 -1.27 -3.37
CA GLY H 112 -31.74 -2.16 -4.36
C GLY H 112 -32.56 -2.32 -5.63
N PRO H 113 -32.31 -3.38 -6.43
CA PRO H 113 -31.28 -4.38 -6.14
C PRO H 113 -29.96 -4.04 -6.82
N MET H 114 -28.86 -4.17 -6.07
CA MET H 114 -27.52 -3.88 -6.60
C MET H 114 -27.32 -2.39 -6.87
N GLY H 115 -27.90 -1.55 -6.01
CA GLY H 115 -27.77 -0.11 -6.16
C GLY H 115 -28.44 0.42 -7.42
N THR H 116 -29.01 -0.49 -8.20
CA THR H 116 -29.68 -0.13 -9.45
C THR H 116 -31.05 0.50 -9.23
N GLY H 117 -31.55 0.42 -8.00
CA GLY H 117 -32.85 0.99 -7.69
C GLY H 117 -34.01 0.47 -8.54
N ILE H 118 -33.76 -0.59 -9.31
CA ILE H 118 -34.80 -1.16 -10.15
C ILE H 118 -35.94 -1.67 -9.25
N SER H 119 -35.63 -1.89 -7.98
CA SER H 119 -36.61 -2.37 -7.01
C SER H 119 -37.66 -1.33 -6.69
N GLN H 120 -37.30 -0.05 -6.74
CA GLN H 120 -38.25 1.02 -6.44
C GLN H 120 -39.03 1.41 -7.69
N LEU H 121 -38.39 1.28 -8.84
CA LEU H 121 -39.03 1.61 -10.11
C LEU H 121 -40.33 0.81 -10.22
N PHE H 122 -40.48 -0.16 -9.32
CA PHE H 122 -41.66 -1.02 -9.29
C PHE H 122 -42.32 -1.04 -7.90
N ASN H 123 -41.51 -0.93 -6.85
CA ASN H 123 -42.00 -0.97 -5.47
C ASN H 123 -42.19 0.35 -4.73
N GLY H 124 -41.90 1.47 -5.39
CA GLY H 124 -42.03 2.75 -4.71
C GLY H 124 -40.87 2.93 -3.77
N ILE H 125 -40.92 3.93 -2.89
CA ILE H 125 -39.82 4.15 -1.97
C ILE H 125 -39.95 3.21 -0.78
N GLY H 126 -41.19 2.94 -0.37
CA GLY H 126 -41.41 2.05 0.75
C GLY H 126 -41.44 2.70 2.12
N GLY H 127 -41.59 4.03 2.15
CA GLY H 127 -41.65 4.75 3.42
C GLY H 127 -42.70 4.22 4.37
N PRO H 128 -43.95 4.06 3.90
CA PRO H 128 -44.99 3.55 4.80
C PRO H 128 -44.70 2.12 5.25
N GLU H 129 -44.29 1.27 4.32
CA GLU H 129 -43.96 -0.12 4.66
C GLU H 129 -42.83 -0.11 5.66
N TYR H 130 -41.88 0.80 5.44
CA TYR H 130 -40.75 0.90 6.35
C TYR H 130 -41.25 1.16 7.75
N ILE H 131 -42.03 2.23 7.90
CA ILE H 131 -42.58 2.60 9.20
C ILE H 131 -43.35 1.42 9.78
N TYR H 132 -44.14 0.76 8.95
CA TYR H 132 -44.91 -0.39 9.39
C TYR H 132 -43.96 -1.39 10.04
N SER H 133 -43.02 -1.88 9.24
CA SER H 133 -42.03 -2.84 9.65
C SER H 133 -41.30 -2.52 10.96
N VAL H 134 -41.13 -1.23 11.26
CA VAL H 134 -40.45 -0.85 12.49
C VAL H 134 -41.35 -1.06 13.69
N LEU H 135 -42.65 -0.80 13.51
CA LEU H 135 -43.62 -0.99 14.57
C LEU H 135 -43.83 -2.48 14.76
N THR H 136 -43.73 -3.21 13.66
CA THR H 136 -43.88 -4.65 13.66
C THR H 136 -42.65 -5.23 14.37
N GLY H 137 -41.52 -5.15 13.68
CA GLY H 137 -40.24 -5.67 14.12
C GLY H 137 -39.64 -5.59 15.52
N PHE H 138 -40.43 -5.55 16.59
CA PHE H 138 -39.84 -5.54 17.93
C PHE H 138 -40.03 -6.94 18.52
N PRO H 139 -39.04 -7.82 18.33
CA PRO H 139 -39.14 -9.19 18.83
C PRO H 139 -39.05 -9.26 20.36
N GLU H 140 -39.75 -10.22 20.92
CA GLU H 140 -39.78 -10.45 22.37
C GLU H 140 -38.40 -10.85 22.88
N GLU H 141 -37.69 -11.62 22.07
CA GLU H 141 -36.37 -12.14 22.40
C GLU H 141 -35.23 -11.54 21.56
N PRO H 142 -34.19 -11.00 22.22
CA PRO H 142 -33.03 -10.39 21.55
C PRO H 142 -32.27 -11.47 20.77
N PRO H 143 -31.86 -11.18 19.52
CA PRO H 143 -31.13 -12.20 18.75
C PRO H 143 -30.00 -12.80 19.60
N LYS H 144 -29.82 -14.12 19.50
CA LYS H 144 -28.82 -14.81 20.28
C LYS H 144 -27.42 -14.18 20.44
N CYS H 145 -26.79 -13.76 19.35
CA CYS H 145 -25.47 -13.14 19.43
C CYS H 145 -25.35 -12.08 20.53
N ALA H 146 -26.45 -11.41 20.86
CA ALA H 146 -26.42 -10.36 21.88
C ALA H 146 -26.80 -10.79 23.30
N GLU H 147 -27.24 -12.04 23.44
CA GLU H 147 -27.66 -12.61 24.73
C GLU H 147 -27.44 -11.75 25.97
N GLY H 148 -26.19 -11.45 26.31
CA GLY H 148 -25.93 -10.64 27.49
C GLY H 148 -25.23 -9.32 27.26
N HIS H 149 -25.29 -8.82 26.04
CA HIS H 149 -24.62 -7.57 25.69
C HIS H 149 -25.54 -6.49 25.12
N GLU H 150 -26.79 -6.44 25.57
CA GLU H 150 -27.72 -5.43 25.05
C GLU H 150 -27.50 -4.05 25.64
N PRO H 151 -27.14 -3.07 24.78
CA PRO H 151 -26.92 -1.70 25.25
C PRO H 151 -28.13 -1.27 26.07
N ASP H 152 -27.92 -0.94 27.33
CA ASP H 152 -29.04 -0.52 28.16
C ASP H 152 -29.65 0.76 27.60
N GLY H 153 -30.96 0.78 27.45
CA GLY H 153 -31.63 1.95 26.91
C GLY H 153 -32.16 1.76 25.51
N PHE H 154 -31.76 0.70 24.85
CA PHE H 154 -32.20 0.42 23.50
C PHE H 154 -33.02 -0.85 23.42
N TYR H 155 -33.50 -1.17 22.23
CA TYR H 155 -34.32 -2.36 22.00
C TYR H 155 -33.99 -2.92 20.63
N TYR H 156 -33.91 -4.25 20.51
CA TYR H 156 -33.62 -4.82 19.20
C TYR H 156 -34.85 -4.69 18.30
N ASN H 157 -34.62 -4.29 17.05
CA ASN H 157 -35.68 -4.13 16.08
C ASN H 157 -35.18 -4.64 14.72
N ARG H 158 -35.88 -5.61 14.15
CA ARG H 158 -35.54 -6.24 12.88
C ARG H 158 -35.51 -5.34 11.63
N ALA H 159 -36.26 -4.26 11.64
CA ALA H 159 -36.32 -3.38 10.47
C ALA H 159 -35.32 -2.24 10.49
N PHE H 160 -34.93 -1.83 11.69
CA PHE H 160 -34.00 -0.73 11.88
C PHE H 160 -32.58 -1.05 11.41
N GLN H 161 -32.07 -0.25 10.48
CA GLN H 161 -30.72 -0.46 9.93
C GLN H 161 -29.73 0.61 10.34
N ASN H 162 -30.10 1.49 11.26
CA ASN H 162 -29.21 2.55 11.69
C ASN H 162 -28.95 2.62 13.17
N GLY H 163 -29.09 1.48 13.86
CA GLY H 163 -28.84 1.45 15.28
C GLY H 163 -27.51 0.78 15.56
N SER H 164 -27.11 0.78 16.82
CA SER H 164 -25.85 0.16 17.21
C SER H 164 -26.11 -1.33 17.37
N VAL H 165 -25.05 -2.12 17.23
CA VAL H 165 -25.16 -3.56 17.38
C VAL H 165 -23.97 -4.02 18.21
N PRO H 166 -24.22 -4.81 19.27
CA PRO H 166 -23.13 -5.30 20.12
C PRO H 166 -22.01 -5.93 19.29
N ASP H 167 -20.78 -5.66 19.70
CA ASP H 167 -19.60 -6.21 19.03
C ASP H 167 -19.78 -7.71 18.83
N THR H 168 -20.32 -8.34 19.86
CA THR H 168 -20.56 -9.79 19.88
C THR H 168 -21.56 -10.21 18.80
N CYS H 169 -22.02 -9.23 18.01
CA CYS H 169 -22.98 -9.50 16.96
C CYS H 169 -22.48 -9.10 15.56
N LYS H 170 -21.20 -8.74 15.44
CA LYS H 170 -20.63 -8.37 14.15
C LYS H 170 -19.74 -9.52 13.70
N ASP H 171 -19.51 -9.65 12.40
CA ASP H 171 -18.67 -10.72 11.89
C ASP H 171 -17.19 -10.35 11.86
N ALA H 172 -16.38 -11.25 11.31
CA ALA H 172 -14.94 -11.05 11.19
C ALA H 172 -14.59 -9.68 10.60
N ASN H 173 -15.40 -9.23 9.63
CA ASN H 173 -15.16 -7.96 8.96
C ASN H 173 -15.87 -6.74 9.54
N GLY H 174 -16.47 -6.88 10.71
CA GLY H 174 -17.14 -5.75 11.33
C GLY H 174 -18.63 -5.63 11.06
N VAL H 175 -19.09 -6.25 9.97
CA VAL H 175 -20.51 -6.22 9.59
C VAL H 175 -21.35 -6.86 10.70
N LYS H 176 -22.62 -6.48 10.82
CA LYS H 176 -23.45 -7.06 11.87
C LYS H 176 -24.15 -8.36 11.43
N THR H 177 -24.37 -9.25 12.39
CA THR H 177 -25.01 -10.55 12.17
C THR H 177 -26.50 -10.39 11.98
N THR H 178 -27.08 -9.61 12.89
CA THR H 178 -28.50 -9.30 12.95
C THR H 178 -29.08 -8.68 11.68
N ALA H 179 -30.39 -8.89 11.48
CA ALA H 179 -31.09 -8.33 10.34
C ALA H 179 -31.36 -6.86 10.66
N GLY H 180 -31.61 -6.58 11.94
CA GLY H 180 -31.86 -5.21 12.36
C GLY H 180 -30.76 -4.62 13.22
N SER H 181 -31.16 -3.86 14.22
CA SER H 181 -30.22 -3.22 15.13
C SER H 181 -30.96 -2.65 16.34
N TRP H 182 -30.25 -1.96 17.22
CA TRP H 182 -30.87 -1.40 18.41
C TRP H 182 -31.29 0.07 18.26
N ILE H 183 -32.60 0.27 18.43
CA ILE H 183 -33.26 1.57 18.30
C ILE H 183 -33.54 2.12 19.70
N ALA H 184 -33.60 3.43 19.85
CA ALA H 184 -33.86 4.05 21.14
C ALA H 184 -35.36 4.14 21.43
N MET H 185 -36.18 3.66 20.49
CA MET H 185 -37.62 3.70 20.68
C MET H 185 -38.15 2.41 21.28
N PRO H 186 -38.61 2.47 22.54
CA PRO H 186 -39.14 1.26 23.15
C PRO H 186 -40.37 0.83 22.34
N PRO H 187 -40.68 -0.47 22.32
CA PRO H 187 -41.85 -0.93 21.55
C PRO H 187 -43.04 -0.06 21.92
N PRO H 188 -43.76 0.42 20.91
CA PRO H 188 -44.89 1.26 21.31
C PRO H 188 -46.25 0.57 21.26
N LEU H 189 -46.44 -0.30 20.28
CA LEU H 189 -47.73 -0.97 20.11
C LEU H 189 -48.01 -2.28 20.85
N MET H 190 -48.97 -2.22 21.76
CA MET H 190 -49.41 -3.38 22.52
C MET H 190 -50.78 -3.70 21.94
N ASP H 191 -51.17 -4.97 21.96
CA ASP H 191 -52.48 -5.35 21.40
C ASP H 191 -53.64 -4.61 22.06
N ASP H 192 -54.57 -4.16 21.20
CA ASP H 192 -55.75 -3.42 21.64
C ASP H 192 -55.40 -2.36 22.68
N LEU H 193 -54.50 -1.47 22.28
CA LEU H 193 -54.03 -0.37 23.12
C LEU H 193 -54.85 0.86 22.80
N VAL H 194 -55.51 0.81 21.65
CA VAL H 194 -56.37 1.89 21.19
C VAL H 194 -57.77 1.29 20.99
N GLU H 195 -58.78 1.91 21.58
CA GLU H 195 -60.15 1.41 21.46
C GLU H 195 -60.80 2.02 20.24
N TYR H 196 -60.86 1.28 19.14
CA TYR H 196 -61.47 1.82 17.94
C TYR H 196 -62.95 2.08 18.14
N ALA H 197 -63.48 3.03 17.38
CA ALA H 197 -64.89 3.38 17.47
C ALA H 197 -65.75 2.29 16.87
N ASP H 198 -65.64 2.12 15.55
CA ASP H 198 -66.41 1.12 14.83
C ASP H 198 -66.04 -0.31 15.19
N GLY H 199 -65.39 -0.49 16.34
CA GLY H 199 -65.03 -1.82 16.77
C GLY H 199 -63.81 -2.44 16.09
N HIS H 200 -63.53 -2.02 14.86
CA HIS H 200 -62.39 -2.52 14.07
C HIS H 200 -61.28 -3.06 15.00
N ASP H 201 -60.58 -4.13 14.61
CA ASP H 201 -59.54 -4.71 15.46
C ASP H 201 -58.31 -3.85 15.70
N ALA H 202 -57.83 -3.85 16.95
CA ALA H 202 -56.66 -3.07 17.34
C ALA H 202 -55.47 -3.99 17.59
N SER H 203 -55.21 -4.90 16.66
CA SER H 203 -54.08 -5.81 16.81
C SER H 203 -52.85 -5.00 16.39
N VAL H 204 -51.74 -5.18 17.10
CA VAL H 204 -50.52 -4.45 16.78
C VAL H 204 -50.31 -4.33 15.28
N HIS H 205 -50.61 -5.39 14.53
CA HIS H 205 -50.46 -5.35 13.08
C HIS H 205 -51.33 -4.23 12.52
N ALA H 206 -52.63 -4.32 12.79
CA ALA H 206 -53.61 -3.35 12.32
C ALA H 206 -53.27 -1.91 12.68
N MET H 207 -53.11 -1.64 13.98
CA MET H 207 -52.77 -0.28 14.41
C MET H 207 -51.58 0.19 13.60
N ALA H 208 -50.50 -0.59 13.65
CA ALA H 208 -49.28 -0.28 12.93
C ALA H 208 -49.55 0.06 11.47
N GLU H 209 -50.37 -0.75 10.81
CA GLU H 209 -50.69 -0.52 9.42
C GLU H 209 -51.54 0.73 9.21
N ASP H 210 -52.42 1.02 10.16
CA ASP H 210 -53.26 2.20 10.05
C ASP H 210 -52.41 3.45 10.23
N VAL H 211 -51.78 3.58 11.40
CA VAL H 211 -50.93 4.75 11.70
C VAL H 211 -49.95 5.03 10.56
N SER H 212 -49.54 3.98 9.85
CA SER H 212 -48.61 4.15 8.75
C SER H 212 -49.29 4.94 7.64
N ALA H 213 -50.48 4.48 7.24
CA ALA H 213 -51.23 5.16 6.20
C ALA H 213 -51.49 6.61 6.60
N PHE H 214 -51.79 6.83 7.87
CA PHE H 214 -52.04 8.18 8.36
C PHE H 214 -50.81 9.01 8.05
N LEU H 215 -49.66 8.52 8.50
CA LEU H 215 -48.40 9.19 8.29
C LEU H 215 -48.10 9.37 6.80
N MET H 216 -48.57 8.45 5.96
CA MET H 216 -48.31 8.60 4.53
C MET H 216 -49.09 9.82 4.08
N TRP H 217 -50.28 9.99 4.62
CA TRP H 217 -51.10 11.15 4.27
C TRP H 217 -50.51 12.42 4.88
N ALA H 218 -50.07 12.32 6.13
CA ALA H 218 -49.48 13.46 6.82
C ALA H 218 -48.26 14.01 6.07
N ALA H 219 -47.66 13.19 5.23
CA ALA H 219 -46.49 13.60 4.47
C ALA H 219 -46.87 14.00 3.05
N GLU H 220 -47.89 13.33 2.50
CA GLU H 220 -48.35 13.62 1.13
C GLU H 220 -49.84 13.95 1.07
N PRO H 221 -50.32 14.87 1.94
CA PRO H 221 -51.74 15.21 1.92
C PRO H 221 -52.37 15.42 0.56
N LYS H 222 -51.57 15.88 -0.40
CA LYS H 222 -52.06 16.12 -1.75
C LYS H 222 -51.81 14.95 -2.69
N LEU H 223 -51.71 13.75 -2.13
CA LEU H 223 -51.44 12.55 -2.92
C LEU H 223 -52.47 12.32 -4.02
N MET H 224 -53.73 12.31 -3.63
CA MET H 224 -54.80 12.10 -4.60
C MET H 224 -54.88 13.20 -5.64
N ALA H 225 -54.75 14.45 -5.21
CA ALA H 225 -54.81 15.58 -6.13
C ALA H 225 -53.76 15.38 -7.21
N ARG H 226 -52.55 15.06 -6.77
CA ARG H 226 -51.42 14.84 -7.66
C ARG H 226 -51.70 13.75 -8.70
N LYS H 227 -52.18 12.60 -8.24
CA LYS H 227 -52.47 11.50 -9.14
C LYS H 227 -53.58 11.84 -10.13
N GLN H 228 -54.60 12.57 -9.68
CA GLN H 228 -55.68 12.97 -10.58
C GLN H 228 -55.05 13.91 -11.61
N ALA H 229 -54.30 14.89 -11.11
CA ALA H 229 -53.62 15.85 -11.98
C ALA H 229 -52.78 15.03 -12.95
N GLY H 230 -52.09 14.03 -12.41
CA GLY H 230 -51.26 13.17 -13.22
C GLY H 230 -52.05 12.47 -14.30
N PHE H 231 -53.08 11.72 -13.89
CA PHE H 231 -53.92 10.99 -14.84
C PHE H 231 -54.43 11.93 -15.92
N THR H 232 -54.99 13.07 -15.52
CA THR H 232 -55.51 14.04 -16.47
C THR H 232 -54.46 14.40 -17.50
N ALA H 233 -53.30 14.85 -17.03
CA ALA H 233 -52.20 15.24 -17.90
C ALA H 233 -51.78 14.14 -18.86
N VAL H 234 -51.66 12.91 -18.36
CA VAL H 234 -51.27 11.80 -19.21
C VAL H 234 -52.27 11.67 -20.34
N MET H 235 -53.55 11.87 -20.02
CA MET H 235 -54.61 11.77 -21.03
C MET H 235 -54.47 12.81 -22.14
N PHE H 236 -54.45 14.10 -21.79
CA PHE H 236 -54.30 15.16 -22.82
C PHE H 236 -53.21 14.70 -23.76
N LEU H 237 -52.04 14.53 -23.16
CA LEU H 237 -50.82 14.16 -23.84
C LEU H 237 -50.86 12.90 -24.69
N THR H 238 -51.48 11.83 -24.20
CA THR H 238 -51.56 10.61 -25.01
C THR H 238 -52.30 10.97 -26.28
N VAL H 239 -53.45 11.63 -26.10
CA VAL H 239 -54.29 12.05 -27.22
C VAL H 239 -53.53 13.02 -28.12
N LEU H 240 -52.99 14.07 -27.52
CA LEU H 240 -52.25 15.09 -28.25
C LEU H 240 -51.07 14.50 -29.02
N SER H 241 -50.41 13.51 -28.41
CA SER H 241 -49.27 12.86 -29.04
C SER H 241 -49.72 12.20 -30.34
N VAL H 242 -50.80 11.42 -30.24
CA VAL H 242 -51.35 10.71 -31.39
C VAL H 242 -51.70 11.65 -32.54
N LEU H 243 -52.39 12.74 -32.23
CA LEU H 243 -52.78 13.71 -33.25
C LEU H 243 -51.52 14.25 -33.92
N LEU H 244 -50.61 14.78 -33.10
CA LEU H 244 -49.36 15.33 -33.60
C LEU H 244 -48.54 14.30 -34.37
N TYR H 245 -48.62 13.05 -33.95
CA TYR H 245 -47.91 11.98 -34.62
C TYR H 245 -48.47 11.82 -36.03
N LEU H 246 -49.78 11.87 -36.13
CA LEU H 246 -50.47 11.74 -37.42
C LEU H 246 -50.27 13.00 -38.25
N THR H 247 -50.32 14.16 -37.60
CA THR H 247 -50.13 15.43 -38.28
C THR H 247 -48.72 15.47 -38.87
N ASN H 248 -47.76 14.99 -38.08
CA ASN H 248 -46.36 14.95 -38.50
C ASN H 248 -46.17 13.97 -39.65
N LYS H 249 -46.72 12.77 -39.53
CA LYS H 249 -46.57 11.78 -40.59
C LYS H 249 -47.19 12.31 -41.88
N ARG H 250 -48.38 12.87 -41.75
CA ARG H 250 -49.08 13.42 -42.90
C ARG H 250 -48.19 14.49 -43.53
N LEU H 251 -47.82 15.48 -42.73
CA LEU H 251 -46.97 16.57 -43.18
C LEU H 251 -45.67 16.12 -43.86
N TRP H 252 -44.99 15.15 -43.26
CA TRP H 252 -43.73 14.66 -43.83
C TRP H 252 -43.87 13.75 -45.04
N ALA H 253 -44.98 13.03 -45.14
CA ALA H 253 -45.19 12.13 -46.26
C ALA H 253 -44.97 12.83 -47.60
N GLY H 254 -45.21 14.14 -47.63
CA GLY H 254 -45.03 14.89 -48.85
C GLY H 254 -43.57 15.10 -49.19
N VAL H 255 -42.69 14.47 -48.41
CA VAL H 255 -41.26 14.59 -48.61
C VAL H 255 -40.66 13.22 -48.93
N LYS H 256 -41.00 12.24 -48.10
CA LYS H 256 -40.50 10.87 -48.26
C LYS H 256 -41.15 10.14 -49.42
N GLY I 1 -58.65 14.42 -47.59
CA GLY I 1 -59.42 15.67 -47.81
C GLY I 1 -59.49 16.56 -46.58
N THR I 2 -60.67 16.62 -45.95
CA THR I 2 -60.86 17.43 -44.77
C THR I 2 -60.60 16.67 -43.47
N ARG I 3 -59.93 15.53 -43.57
CA ARG I 3 -59.59 14.73 -42.40
C ARG I 3 -58.34 15.33 -41.80
N ARG I 4 -57.55 15.97 -42.66
CA ARG I 4 -56.31 16.62 -42.27
C ARG I 4 -56.59 18.04 -41.82
N ASP I 5 -57.57 18.68 -42.47
CA ASP I 5 -57.92 20.05 -42.10
C ASP I 5 -58.74 20.00 -40.82
N PHE I 6 -59.21 18.81 -40.47
CA PHE I 6 -59.95 18.60 -39.23
C PHE I 6 -58.87 18.35 -38.21
N LEU I 7 -57.92 17.51 -38.62
CA LEU I 7 -56.79 17.12 -37.79
C LEU I 7 -56.15 18.38 -37.22
N TYR I 8 -56.02 19.39 -38.06
CA TYR I 8 -55.45 20.68 -37.66
C TYR I 8 -56.21 21.25 -36.49
N TYR I 9 -57.53 21.25 -36.59
CA TYR I 9 -58.37 21.78 -35.53
C TYR I 9 -58.34 20.92 -34.27
N ALA I 10 -58.42 19.60 -34.44
CA ALA I 10 -58.38 18.70 -33.29
C ALA I 10 -57.05 18.91 -32.57
N THR I 11 -56.00 19.17 -33.34
CA THR I 11 -54.68 19.42 -32.79
C THR I 11 -54.63 20.80 -32.13
N ALA I 12 -54.77 21.84 -32.95
CA ALA I 12 -54.75 23.21 -32.46
C ALA I 12 -55.62 23.38 -31.21
N GLY I 13 -56.77 22.70 -31.21
CA GLY I 13 -57.68 22.77 -30.08
C GLY I 13 -57.10 22.10 -28.86
N ALA I 14 -56.55 20.90 -29.05
CA ALA I 14 -55.95 20.15 -27.96
C ALA I 14 -54.82 21.00 -27.38
N GLY I 15 -54.08 21.65 -28.26
CA GLY I 15 -53.00 22.52 -27.82
C GLY I 15 -53.53 23.59 -26.88
N ALA I 16 -54.34 24.49 -27.44
CA ALA I 16 -54.93 25.58 -26.68
C ALA I 16 -55.49 25.11 -25.33
N VAL I 17 -56.07 23.91 -25.31
CA VAL I 17 -56.62 23.37 -24.07
C VAL I 17 -55.51 23.19 -23.04
N ALA I 18 -54.42 22.54 -23.47
CA ALA I 18 -53.28 22.30 -22.59
C ALA I 18 -52.68 23.61 -22.16
N THR I 19 -52.41 24.47 -23.14
CA THR I 19 -51.81 25.78 -22.90
C THR I 19 -52.50 26.52 -21.76
N GLY I 20 -53.81 26.29 -21.63
CA GLY I 20 -54.59 26.93 -20.58
C GLY I 20 -54.52 26.19 -19.27
N ALA I 21 -54.47 24.86 -19.34
CA ALA I 21 -54.37 24.03 -18.14
C ALA I 21 -53.05 24.35 -17.47
N ALA I 22 -52.09 24.76 -18.29
CA ALA I 22 -50.75 25.11 -17.82
C ALA I 22 -50.79 26.48 -17.16
N VAL I 23 -51.30 27.46 -17.90
CA VAL I 23 -51.39 28.83 -17.44
C VAL I 23 -52.22 29.09 -16.18
N TRP I 24 -53.46 28.61 -16.14
CA TRP I 24 -54.32 28.85 -14.98
C TRP I 24 -53.64 28.68 -13.63
N PRO I 25 -52.93 27.55 -13.42
CA PRO I 25 -52.27 27.39 -12.10
C PRO I 25 -51.10 28.35 -11.85
N LEU I 26 -50.43 28.77 -12.92
CA LEU I 26 -49.33 29.71 -12.75
C LEU I 26 -49.96 30.96 -12.15
N ILE I 27 -51.16 31.27 -12.64
CA ILE I 27 -51.92 32.41 -12.16
C ILE I 27 -52.51 32.13 -10.78
N ASN I 28 -53.16 30.98 -10.64
CA ASN I 28 -53.82 30.63 -9.39
C ASN I 28 -52.94 30.45 -8.16
N GLN I 29 -51.64 30.19 -8.33
CA GLN I 29 -50.79 30.02 -7.17
C GLN I 29 -50.75 31.27 -6.31
N MET I 30 -50.99 32.41 -6.94
CA MET I 30 -50.96 33.69 -6.25
C MET I 30 -52.22 34.02 -5.46
N ASN I 31 -53.25 33.21 -5.59
CA ASN I 31 -54.46 33.49 -4.83
C ASN I 31 -54.26 32.99 -3.41
N PRO I 32 -54.91 33.65 -2.42
CA PRO I 32 -54.79 33.26 -1.02
C PRO I 32 -54.54 31.78 -0.79
N SER I 33 -53.46 31.47 -0.09
CA SER I 33 -53.12 30.08 0.20
C SER I 33 -53.95 29.58 1.38
N ALA I 34 -53.98 28.27 1.53
CA ALA I 34 -54.74 27.60 2.59
C ALA I 34 -54.58 28.13 4.02
N ASP I 35 -53.42 28.70 4.35
CA ASP I 35 -53.20 29.20 5.70
C ASP I 35 -53.80 30.60 5.93
N VAL I 36 -53.88 31.38 4.86
CA VAL I 36 -54.42 32.74 4.88
C VAL I 36 -55.89 32.78 5.26
N GLN I 37 -56.61 31.82 4.70
CA GLN I 37 -58.05 31.65 4.82
C GLN I 37 -58.58 31.20 6.16
N ALA I 38 -57.70 31.07 7.15
CA ALA I 38 -58.11 30.65 8.49
C ALA I 38 -58.66 31.85 9.27
N LEU I 39 -59.75 32.42 8.77
CA LEU I 39 -60.41 33.58 9.36
C LEU I 39 -61.18 33.24 10.64
N ALA I 40 -60.80 33.85 11.75
CA ALA I 40 -61.45 33.60 13.03
C ALA I 40 -62.42 34.72 13.45
N SER I 41 -62.58 34.92 14.75
CA SER I 41 -63.47 35.97 15.26
C SER I 41 -63.14 36.36 16.70
N ILE I 42 -62.17 37.25 16.84
CA ILE I 42 -61.70 37.74 18.13
C ILE I 42 -62.77 38.37 19.03
N PHE I 43 -62.35 38.70 20.25
CA PHE I 43 -63.21 39.35 21.24
C PHE I 43 -62.39 40.49 21.85
N VAL I 44 -63.05 41.58 22.22
CA VAL I 44 -62.33 42.72 22.80
C VAL I 44 -62.93 43.22 24.10
N ASP I 45 -62.08 43.38 25.11
CA ASP I 45 -62.51 43.90 26.39
C ASP I 45 -62.59 45.41 26.24
N VAL I 46 -63.70 46.00 26.68
CA VAL I 46 -63.89 47.44 26.55
C VAL I 46 -64.06 48.13 27.90
N SER I 47 -64.22 47.34 28.95
CA SER I 47 -64.39 47.83 30.31
C SER I 47 -63.53 49.05 30.64
N SER I 48 -62.34 49.08 30.06
CA SER I 48 -61.38 50.15 30.28
C SER I 48 -61.72 51.48 29.59
N VAL I 49 -62.07 51.39 28.31
CA VAL I 49 -62.39 52.54 27.47
C VAL I 49 -63.30 53.65 27.98
N GLU I 50 -62.72 54.78 28.37
CA GLU I 50 -63.49 55.93 28.81
C GLU I 50 -64.03 56.56 27.52
N PRO I 51 -65.09 57.37 27.60
CA PRO I 51 -65.64 57.99 26.40
C PRO I 51 -64.71 59.07 25.85
N GLY I 52 -64.61 59.15 24.53
CA GLY I 52 -63.72 60.11 23.89
C GLY I 52 -62.41 59.43 23.57
N VAL I 53 -62.38 58.13 23.83
CA VAL I 53 -61.20 57.30 23.61
C VAL I 53 -61.40 56.28 22.48
N GLN I 54 -60.42 56.21 21.59
CA GLN I 54 -60.49 55.25 20.50
C GLN I 54 -59.57 54.09 20.84
N LEU I 55 -59.95 52.90 20.38
CA LEU I 55 -59.19 51.69 20.62
C LEU I 55 -58.89 51.08 19.26
N THR I 56 -57.62 50.88 18.95
CA THR I 56 -57.27 50.28 17.67
C THR I 56 -56.92 48.83 17.93
N VAL I 57 -57.44 47.95 17.08
CA VAL I 57 -57.23 46.53 17.23
C VAL I 57 -56.96 45.85 15.91
N LYS I 58 -56.06 44.87 15.93
CA LYS I 58 -55.75 44.16 14.72
C LYS I 58 -56.83 43.11 14.47
N PHE I 59 -57.05 42.81 13.19
CA PHE I 59 -58.04 41.84 12.80
C PHE I 59 -57.93 41.68 11.29
N LEU I 60 -57.64 40.47 10.84
CA LEU I 60 -57.46 40.18 9.43
C LEU I 60 -56.37 41.05 8.78
N GLY I 61 -55.40 41.46 9.59
CA GLY I 61 -54.30 42.27 9.09
C GLY I 61 -54.55 43.75 8.87
N LYS I 62 -55.75 44.21 9.20
CA LYS I 62 -56.12 45.62 9.04
C LYS I 62 -56.65 46.07 10.42
N PRO I 63 -56.64 47.38 10.70
CA PRO I 63 -57.14 47.82 12.01
C PRO I 63 -58.65 47.97 12.10
N ILE I 64 -59.15 47.92 13.32
CA ILE I 64 -60.56 48.08 13.60
C ILE I 64 -60.66 49.04 14.77
N PHE I 65 -61.28 50.18 14.54
CA PHE I 65 -61.43 51.18 15.59
C PHE I 65 -62.64 50.87 16.45
N ILE I 66 -62.54 51.23 17.73
CA ILE I 66 -63.63 51.04 18.68
C ILE I 66 -63.58 52.28 19.54
N ARG I 67 -64.34 53.28 19.12
CA ARG I 67 -64.37 54.54 19.84
C ARG I 67 -65.64 54.73 20.65
N ARG I 68 -65.46 55.13 21.90
CA ARG I 68 -66.59 55.40 22.77
C ARG I 68 -66.76 56.90 22.58
N ARG I 69 -67.81 57.29 21.89
CA ARG I 69 -68.06 58.70 21.59
C ARG I 69 -68.55 59.57 22.73
N THR I 70 -68.35 60.88 22.57
CA THR I 70 -68.76 61.88 23.55
C THR I 70 -70.13 62.40 23.12
N GLU I 71 -70.77 63.20 23.98
CA GLU I 71 -72.07 63.77 23.63
C GLU I 71 -71.89 64.48 22.30
N ALA I 72 -70.86 65.34 22.25
CA ALA I 72 -70.55 66.10 21.05
C ALA I 72 -70.49 65.23 19.80
N ASP I 73 -69.75 64.12 19.89
CA ASP I 73 -69.63 63.22 18.74
C ASP I 73 -71.00 62.70 18.30
N ILE I 74 -71.81 62.32 19.27
CA ILE I 74 -73.15 61.80 19.00
C ILE I 74 -74.04 62.93 18.49
N GLU I 75 -73.78 64.13 18.99
CA GLU I 75 -74.54 65.31 18.61
C GLU I 75 -74.35 65.57 17.12
N LEU I 76 -73.16 66.03 16.75
CA LEU I 76 -72.83 66.31 15.35
C LEU I 76 -73.27 65.18 14.45
N GLY I 77 -73.08 63.96 14.93
CA GLY I 77 -73.46 62.79 14.15
C GLY I 77 -74.91 62.86 13.74
N ARG I 78 -75.80 62.99 14.72
CA ARG I 78 -77.22 63.05 14.46
C ARG I 78 -77.67 64.29 13.71
N SER I 79 -76.95 65.39 13.93
CA SER I 79 -77.24 66.67 13.28
C SER I 79 -77.28 66.59 11.76
N VAL I 80 -76.43 65.76 11.18
CA VAL I 80 -76.35 65.62 9.73
C VAL I 80 -77.60 65.07 9.05
N GLN I 81 -77.92 65.64 7.88
CA GLN I 81 -79.07 65.19 7.11
C GLN I 81 -78.57 64.26 6.00
N LEU I 82 -79.20 63.11 5.89
CA LEU I 82 -78.85 62.08 4.92
C LEU I 82 -78.49 62.55 3.50
N GLY I 83 -79.20 63.58 3.02
CA GLY I 83 -78.95 64.09 1.69
C GLY I 83 -77.68 64.91 1.54
N GLN I 84 -77.02 65.20 2.66
CA GLN I 84 -75.79 65.97 2.66
C GLN I 84 -74.59 65.03 2.49
N LEU I 85 -74.79 63.78 2.89
CA LEU I 85 -73.75 62.75 2.81
C LEU I 85 -73.39 62.37 1.36
N VAL I 86 -72.19 61.82 1.17
CA VAL I 86 -71.76 61.40 -0.16
C VAL I 86 -72.16 59.95 -0.41
N ASP I 87 -72.33 59.22 0.68
CA ASP I 87 -72.69 57.82 0.66
C ASP I 87 -73.77 57.64 1.73
N THR I 88 -75.02 57.42 1.28
CA THR I 88 -76.16 57.27 2.17
C THR I 88 -76.29 55.87 2.77
N ASN I 89 -75.54 54.93 2.23
CA ASN I 89 -75.59 53.55 2.73
C ASN I 89 -74.89 53.46 4.08
N ALA I 90 -75.50 52.73 5.02
CA ALA I 90 -74.94 52.58 6.35
C ALA I 90 -73.68 51.72 6.38
N ARG I 91 -73.44 50.98 5.30
CA ARG I 91 -72.25 50.13 5.24
C ARG I 91 -72.12 49.35 6.54
N ASN I 92 -73.24 48.83 7.02
CA ASN I 92 -73.23 48.07 8.27
C ASN I 92 -73.58 46.62 8.02
N ALA I 93 -72.63 45.73 8.27
CA ALA I 93 -72.82 44.30 8.08
C ALA I 93 -73.75 43.69 9.11
N ASN I 94 -74.01 44.43 10.20
CA ASN I 94 -74.89 43.93 11.25
C ASN I 94 -76.35 44.13 10.84
N ILE I 95 -76.68 45.34 10.41
CA ILE I 95 -78.05 45.65 9.99
C ILE I 95 -78.27 45.32 8.52
N ASP I 96 -79.43 45.72 7.99
CA ASP I 96 -79.76 45.45 6.60
C ASP I 96 -78.80 46.07 5.59
N ALA I 97 -78.64 45.39 4.46
CA ALA I 97 -77.75 45.84 3.39
C ALA I 97 -78.14 47.21 2.87
N GLY I 98 -79.44 47.51 2.85
CA GLY I 98 -79.90 48.78 2.33
C GLY I 98 -80.12 49.90 3.33
N ALA I 99 -79.81 49.66 4.60
CA ALA I 99 -80.00 50.67 5.64
C ALA I 99 -79.38 52.00 5.23
N GLU I 100 -79.68 53.06 5.98
CA GLU I 100 -79.15 54.38 5.64
C GLU I 100 -78.12 54.94 6.63
N ALA I 101 -77.20 55.72 6.07
CA ALA I 101 -76.11 56.34 6.79
C ALA I 101 -76.54 57.27 7.92
N THR I 102 -77.52 56.86 8.72
CA THR I 102 -77.96 57.68 9.84
C THR I 102 -77.13 57.32 11.06
N ASP I 103 -76.78 58.32 11.85
CA ASP I 103 -75.95 58.17 13.05
C ASP I 103 -76.36 57.03 13.99
N GLN I 104 -77.64 56.67 13.98
CA GLN I 104 -78.15 55.59 14.81
C GLN I 104 -77.81 54.25 14.12
N ASN I 105 -77.81 54.32 12.79
CA ASN I 105 -77.53 53.17 11.92
C ASN I 105 -76.03 52.87 11.81
N ARG I 106 -75.22 53.62 12.56
CA ARG I 106 -73.77 53.46 12.51
C ARG I 106 -73.15 53.02 13.83
N THR I 107 -73.91 53.13 14.92
CA THR I 107 -73.40 52.73 16.23
C THR I 107 -73.93 51.35 16.61
N LEU I 108 -73.33 50.74 17.63
CA LEU I 108 -73.76 49.42 18.10
C LEU I 108 -74.88 49.54 19.12
N ASP I 109 -74.83 50.60 19.92
CA ASP I 109 -75.84 50.81 20.95
C ASP I 109 -76.85 51.85 20.47
N GLU I 110 -77.89 52.07 21.28
CA GLU I 110 -78.92 53.03 20.93
C GLU I 110 -78.54 54.44 21.39
N ALA I 111 -77.90 54.53 22.55
CA ALA I 111 -77.47 55.82 23.06
C ALA I 111 -76.47 56.39 22.05
N GLY I 112 -76.10 55.54 21.10
CA GLY I 112 -75.16 55.91 20.05
C GLY I 112 -73.80 56.25 20.60
N GLU I 113 -73.32 55.45 21.55
CA GLU I 113 -72.04 55.70 22.17
C GLU I 113 -70.90 54.82 21.66
N TRP I 114 -71.23 53.64 21.14
CA TRP I 114 -70.18 52.73 20.64
C TRP I 114 -70.05 52.66 19.13
N LEU I 115 -69.06 53.38 18.60
CA LEU I 115 -68.81 53.37 17.16
C LEU I 115 -67.73 52.33 16.89
N VAL I 116 -68.09 51.32 16.11
CA VAL I 116 -67.16 50.25 15.76
C VAL I 116 -67.08 50.09 14.25
N MET I 117 -65.88 50.30 13.70
CA MET I 117 -65.69 50.20 12.27
C MET I 117 -64.26 49.88 11.89
N TRP I 118 -64.07 49.47 10.64
CA TRP I 118 -62.75 49.16 10.11
C TRP I 118 -62.02 50.47 9.94
N GLY I 119 -60.81 50.57 10.48
CA GLY I 119 -60.05 51.80 10.32
C GLY I 119 -59.34 51.79 8.98
N VAL I 120 -60.05 51.34 7.94
CA VAL I 120 -59.50 51.24 6.60
C VAL I 120 -60.15 52.19 5.61
N CYS I 121 -59.48 53.30 5.31
CA CYS I 121 -60.02 54.27 4.37
C CYS I 121 -60.62 53.49 3.22
N THR I 122 -61.75 53.96 2.72
CA THR I 122 -62.39 53.26 1.62
C THR I 122 -61.80 53.68 0.28
N HIS I 123 -60.91 54.67 0.30
CA HIS I 123 -60.27 55.11 -0.93
C HIS I 123 -59.25 54.07 -1.38
N LEU I 124 -58.11 54.05 -0.71
CA LEU I 124 -57.06 53.10 -1.06
C LEU I 124 -56.44 52.32 0.09
N GLY I 125 -57.09 52.31 1.25
CA GLY I 125 -56.59 51.51 2.36
C GLY I 125 -55.94 52.08 3.60
N CYS I 126 -55.34 53.25 3.54
CA CYS I 126 -54.67 53.79 4.72
C CYS I 126 -55.54 53.81 5.96
N VAL I 127 -54.94 54.18 7.08
CA VAL I 127 -55.63 54.24 8.34
C VAL I 127 -55.86 55.68 8.73
N PRO I 128 -57.12 56.14 8.67
CA PRO I 128 -57.49 57.51 9.03
C PRO I 128 -57.19 57.82 10.48
N ILE I 129 -56.76 59.05 10.70
CA ILE I 129 -56.39 59.55 12.01
C ILE I 129 -57.60 60.12 12.75
N GLY I 130 -57.80 59.61 13.96
CA GLY I 130 -58.91 60.05 14.78
C GLY I 130 -58.55 61.24 15.64
N GLY I 131 -59.03 61.26 16.87
CA GLY I 131 -58.75 62.38 17.76
C GLY I 131 -59.56 63.57 17.29
N VAL I 132 -60.64 63.28 16.58
CA VAL I 132 -61.52 64.28 16.02
C VAL I 132 -60.75 65.09 15.00
N SER I 133 -60.24 64.39 14.00
CA SER I 133 -59.48 65.01 12.92
C SER I 133 -60.40 65.34 11.76
N GLY I 134 -59.84 65.98 10.74
CA GLY I 134 -60.62 66.34 9.57
C GLY I 134 -61.45 67.60 9.75
N ASP I 135 -62.13 68.01 8.69
CA ASP I 135 -62.97 69.20 8.75
C ASP I 135 -64.23 68.86 9.54
N PHE I 136 -64.76 67.67 9.30
CA PHE I 136 -66.00 67.21 9.91
C PHE I 136 -65.93 66.47 11.25
N GLY I 137 -65.05 66.92 12.13
CA GLY I 137 -64.90 66.34 13.46
C GLY I 137 -64.79 64.83 13.62
N GLY I 138 -64.24 64.15 12.63
CA GLY I 138 -64.10 62.70 12.71
C GLY I 138 -62.70 62.17 12.50
N TRP I 139 -62.45 61.69 11.29
CA TRP I 139 -61.15 61.12 10.93
C TRP I 139 -60.58 61.78 9.69
N PHE I 140 -59.26 61.72 9.58
CA PHE I 140 -58.60 62.29 8.42
C PHE I 140 -57.63 61.29 7.85
N CYS I 141 -57.78 60.98 6.56
CA CYS I 141 -56.87 60.06 5.92
C CYS I 141 -55.76 60.89 5.30
N PRO I 142 -54.53 60.71 5.81
CA PRO I 142 -53.37 61.45 5.31
C PRO I 142 -52.89 61.03 3.93
N CYS I 143 -53.34 59.87 3.45
CA CYS I 143 -52.91 59.41 2.14
C CYS I 143 -53.38 60.27 0.96
N HIS I 144 -54.64 60.68 0.94
CA HIS I 144 -55.09 61.53 -0.16
C HIS I 144 -56.07 62.60 0.28
N GLY I 145 -56.23 62.77 1.59
CA GLY I 145 -57.10 63.81 2.11
C GLY I 145 -58.59 63.54 2.15
N SER I 146 -58.99 62.43 2.74
CA SER I 146 -60.41 62.12 2.88
C SER I 146 -60.80 62.46 4.30
N HIS I 147 -62.00 63.01 4.47
CA HIS I 147 -62.46 63.37 5.79
C HIS I 147 -63.69 62.53 6.10
N TYR I 148 -63.83 62.16 7.37
CA TYR I 148 -64.97 61.37 7.81
C TYR I 148 -65.57 62.04 9.05
N ASP I 149 -66.89 62.01 9.18
CA ASP I 149 -67.52 62.62 10.34
C ASP I 149 -67.51 61.71 11.58
N SER I 150 -68.00 62.24 12.70
CA SER I 150 -68.05 61.51 13.96
C SER I 150 -68.79 60.18 13.90
N ALA I 151 -69.19 59.77 12.70
CA ALA I 151 -69.88 58.50 12.52
C ALA I 151 -69.07 57.67 11.54
N GLY I 152 -67.98 58.24 11.07
CA GLY I 152 -67.12 57.55 10.12
C GLY I 152 -67.68 57.60 8.71
N ARG I 153 -68.47 58.63 8.42
CA ARG I 153 -69.04 58.77 7.10
C ARG I 153 -68.18 59.68 6.25
N ILE I 154 -68.00 59.31 4.99
CA ILE I 154 -67.17 60.09 4.07
C ILE I 154 -67.88 61.40 3.73
N ARG I 155 -67.20 62.51 3.98
CA ARG I 155 -67.76 63.83 3.73
C ARG I 155 -66.92 64.67 2.76
N LYS I 156 -65.74 64.18 2.36
CA LYS I 156 -64.89 64.95 1.47
C LYS I 156 -63.58 64.23 1.12
N GLY I 157 -63.20 64.24 -0.16
CA GLY I 157 -61.98 63.58 -0.59
C GLY I 157 -62.24 62.59 -1.72
N PRO I 158 -61.38 61.59 -1.92
CA PRO I 158 -61.65 60.64 -3.00
C PRO I 158 -62.30 59.35 -2.51
N ALA I 159 -62.32 59.16 -1.19
CA ALA I 159 -62.92 57.97 -0.59
C ALA I 159 -64.35 57.90 -1.09
N PRO I 160 -64.80 56.74 -1.58
CA PRO I 160 -66.17 56.67 -2.09
C PRO I 160 -67.24 56.23 -1.10
N GLU I 161 -66.82 55.57 -0.02
CA GLU I 161 -67.78 55.09 0.95
C GLU I 161 -67.46 55.41 2.41
N ASN I 162 -68.34 54.95 3.29
CA ASN I 162 -68.15 55.16 4.71
C ASN I 162 -67.36 53.98 5.25
N LEU I 163 -66.56 54.24 6.28
CA LEU I 163 -65.77 53.19 6.89
C LEU I 163 -66.72 52.04 7.15
N PRO I 164 -66.38 50.83 6.69
CA PRO I 164 -67.25 49.69 6.90
C PRO I 164 -67.34 49.30 8.37
N ILE I 165 -68.46 48.70 8.73
CA ILE I 165 -68.67 48.21 10.08
C ILE I 165 -68.74 46.71 9.88
N PRO I 166 -67.98 45.96 10.68
CA PRO I 166 -67.98 44.50 10.55
C PRO I 166 -68.99 43.90 11.52
N LEU I 167 -69.17 42.59 11.41
CA LEU I 167 -70.08 41.91 12.30
C LEU I 167 -69.46 42.15 13.68
N ALA I 168 -70.09 43.02 14.46
CA ALA I 168 -69.62 43.34 15.79
C ALA I 168 -70.86 43.43 16.68
N LYS I 169 -70.77 42.85 17.87
CA LYS I 169 -71.89 42.84 18.80
C LYS I 169 -71.41 42.64 20.23
N PHE I 170 -72.13 43.23 21.19
CA PHE I 170 -71.76 43.09 22.58
C PHE I 170 -72.10 41.68 23.07
N ILE I 171 -71.09 40.99 23.56
CA ILE I 171 -71.27 39.63 24.06
C ILE I 171 -71.70 39.68 25.52
N ASP I 172 -71.55 40.85 26.13
CA ASP I 172 -71.94 41.06 27.51
C ASP I 172 -71.61 42.46 28.00
N GLU I 173 -71.99 42.72 29.24
CA GLU I 173 -71.78 43.98 29.93
C GLU I 173 -70.59 44.80 29.43
N THR I 174 -69.47 44.12 29.18
CA THR I 174 -68.27 44.83 28.74
C THR I 174 -67.34 44.05 27.80
N THR I 175 -67.88 43.50 26.72
CA THR I 175 -67.05 42.75 25.78
C THR I 175 -67.69 42.57 24.40
N ILE I 176 -67.08 43.19 23.40
CA ILE I 176 -67.56 43.12 22.03
C ILE I 176 -66.89 41.99 21.27
N GLN I 177 -67.68 41.24 20.49
CA GLN I 177 -67.12 40.16 19.69
C GLN I 177 -67.09 40.61 18.24
N LEU I 178 -65.89 40.86 17.74
CA LEU I 178 -65.76 41.27 16.34
C LEU I 178 -65.91 40.01 15.50
N GLY I 179 -65.52 40.08 14.23
CA GLY I 179 -65.63 38.93 13.36
C GLY I 179 -67.05 38.41 13.26
N GLY J 1 -29.86 51.63 -43.66
CA GLY J 1 -29.49 52.68 -42.67
C GLY J 1 -28.59 53.76 -43.25
N ILE J 2 -27.46 53.99 -42.59
CA ILE J 2 -26.49 54.99 -42.99
C ILE J 2 -25.26 54.36 -43.65
N PRO J 3 -24.74 54.98 -44.72
CA PRO J 3 -23.56 54.49 -45.45
C PRO J 3 -22.27 54.51 -44.64
N HIS J 4 -21.83 53.33 -44.22
CA HIS J 4 -20.61 53.18 -43.42
C HIS J 4 -19.76 52.05 -44.00
N ASP J 5 -18.56 51.90 -43.48
CA ASP J 5 -17.70 50.79 -43.92
C ASP J 5 -17.70 49.82 -42.75
N HIS J 6 -18.18 48.61 -43.00
CA HIS J 6 -18.30 47.58 -41.99
C HIS J 6 -17.10 46.67 -41.74
N TYR J 7 -17.08 46.10 -40.53
CA TYR J 7 -16.02 45.21 -40.05
C TYR J 7 -15.46 44.21 -41.04
N GLU J 8 -14.19 43.89 -40.81
CA GLU J 8 -13.46 42.96 -41.64
C GLU J 8 -12.49 42.25 -40.72
N PRO J 9 -12.53 40.90 -40.70
CA PRO J 9 -11.62 40.14 -39.83
C PRO J 9 -10.19 40.30 -40.32
N ARG J 10 -9.32 40.81 -39.46
CA ARG J 10 -7.93 40.98 -39.83
C ARG J 10 -7.07 39.93 -39.11
N THR J 11 -7.16 39.89 -37.79
CA THR J 11 -6.39 38.94 -36.97
C THR J 11 -6.54 37.50 -37.47
N GLY J 12 -5.79 36.59 -36.86
CA GLY J 12 -5.88 35.20 -37.23
C GLY J 12 -7.06 34.59 -36.50
N ILE J 13 -7.11 34.82 -35.19
CA ILE J 13 -8.22 34.33 -34.37
C ILE J 13 -9.49 34.93 -34.95
N GLU J 14 -9.42 36.24 -35.20
CA GLU J 14 -10.56 36.98 -35.74
C GLU J 14 -11.17 36.39 -37.02
N LYS J 15 -10.32 35.86 -37.91
CA LYS J 15 -10.81 35.26 -39.14
C LYS J 15 -11.48 33.91 -38.87
N TRP J 16 -10.97 33.20 -37.86
CA TRP J 16 -11.50 31.90 -37.46
C TRP J 16 -12.85 32.10 -36.81
N LEU J 17 -12.88 32.97 -35.80
CA LEU J 17 -14.09 33.25 -35.07
C LEU J 17 -15.20 33.80 -35.96
N HIS J 18 -14.87 34.80 -36.76
CA HIS J 18 -15.85 35.43 -37.63
C HIS J 18 -16.61 34.51 -38.57
N SER J 19 -15.96 33.49 -39.11
CA SER J 19 -16.63 32.57 -40.02
C SER J 19 -17.57 31.61 -39.28
N ARG J 20 -17.52 31.63 -37.96
CA ARG J 20 -18.34 30.74 -37.14
C ARG J 20 -19.46 31.43 -36.37
N LEU J 21 -19.11 32.54 -35.72
CA LEU J 21 -20.07 33.34 -34.96
C LEU J 21 -19.60 34.77 -35.13
N PRO J 22 -20.21 35.51 -36.07
CA PRO J 22 -19.82 36.91 -36.31
C PRO J 22 -20.17 37.87 -35.18
N ILE J 23 -20.02 37.42 -33.94
CA ILE J 23 -20.32 38.24 -32.79
C ILE J 23 -19.44 39.48 -32.72
N VAL J 24 -18.20 39.37 -33.21
CA VAL J 24 -17.29 40.51 -33.21
C VAL J 24 -17.76 41.56 -34.19
N ALA J 25 -18.31 41.11 -35.32
CA ALA J 25 -18.82 42.01 -36.33
C ALA J 25 -20.04 42.74 -35.79
N LEU J 26 -20.86 42.05 -35.02
CA LEU J 26 -22.05 42.67 -34.45
C LEU J 26 -21.65 43.79 -33.51
N ALA J 27 -20.80 43.48 -32.54
CA ALA J 27 -20.33 44.47 -31.58
C ALA J 27 -19.77 45.66 -32.34
N TYR J 28 -19.08 45.37 -33.43
CA TYR J 28 -18.49 46.40 -34.27
C TYR J 28 -19.55 47.38 -34.76
N ASP J 29 -20.52 46.86 -35.51
CA ASP J 29 -21.58 47.68 -36.08
C ASP J 29 -22.41 48.44 -35.05
N THR J 30 -22.37 47.99 -33.79
CA THR J 30 -23.12 48.65 -32.73
C THR J 30 -22.41 49.89 -32.23
N ILE J 31 -21.09 49.85 -32.22
CA ILE J 31 -20.32 50.99 -31.73
C ILE J 31 -19.50 51.67 -32.82
N MET J 32 -19.76 51.31 -34.08
CA MET J 32 -19.07 51.93 -35.21
C MET J 32 -20.10 52.58 -36.12
N ILE J 33 -21.28 52.83 -35.55
CA ILE J 33 -22.37 53.46 -36.27
C ILE J 33 -22.15 54.96 -36.41
N PRO J 34 -22.30 55.48 -37.65
CA PRO J 34 -22.12 56.91 -37.88
C PRO J 34 -23.22 57.71 -37.18
N THR J 35 -22.80 58.58 -36.27
CA THR J 35 -23.70 59.40 -35.47
C THR J 35 -23.58 60.89 -35.81
N PRO J 36 -24.71 61.62 -35.89
CA PRO J 36 -24.65 63.05 -36.21
C PRO J 36 -23.70 63.84 -35.31
N ARG J 37 -22.91 64.72 -35.94
CA ARG J 37 -21.90 65.57 -35.29
C ARG J 37 -22.40 66.59 -34.27
N ASN J 38 -23.62 67.07 -34.46
CA ASN J 38 -24.20 68.11 -33.62
C ASN J 38 -24.92 67.73 -32.33
N LEU J 39 -24.92 66.45 -31.95
CA LEU J 39 -25.61 66.07 -30.72
C LEU J 39 -25.10 66.90 -29.55
N ASN J 40 -26.00 67.31 -28.67
CA ASN J 40 -25.61 68.10 -27.51
C ASN J 40 -25.71 67.31 -26.21
N TRP J 41 -25.41 67.96 -25.10
CA TRP J 41 -25.44 67.33 -23.78
C TRP J 41 -26.77 66.73 -23.36
N MET J 42 -27.80 66.85 -24.20
CA MET J 42 -29.08 66.27 -23.87
C MET J 42 -29.16 64.83 -24.38
N TRP J 43 -28.18 64.46 -25.21
CA TRP J 43 -28.12 63.12 -25.77
C TRP J 43 -27.31 62.16 -24.92
N ILE J 44 -26.89 62.58 -23.73
CA ILE J 44 -26.10 61.70 -22.88
C ILE J 44 -26.86 61.01 -21.76
N TRP J 45 -28.19 61.13 -21.74
CA TRP J 45 -28.96 60.48 -20.69
C TRP J 45 -29.22 59.03 -20.98
N GLY J 46 -29.10 58.64 -22.24
CA GLY J 46 -29.30 57.25 -22.59
C GLY J 46 -28.27 56.43 -21.86
N VAL J 47 -27.00 56.82 -21.97
CA VAL J 47 -25.92 56.08 -21.33
C VAL J 47 -25.90 56.22 -19.81
N VAL J 48 -26.52 57.28 -19.28
CA VAL J 48 -26.57 57.43 -17.83
C VAL J 48 -27.60 56.42 -17.31
N LEU J 49 -28.56 56.10 -18.17
CA LEU J 49 -29.59 55.13 -17.84
C LEU J 49 -28.98 53.74 -17.90
N ALA J 50 -28.17 53.51 -18.93
CA ALA J 50 -27.48 52.22 -19.10
C ALA J 50 -26.75 51.96 -17.81
N PHE J 51 -25.92 52.92 -17.43
CA PHE J 51 -25.12 52.80 -16.22
C PHE J 51 -26.04 52.49 -15.04
N CYS J 52 -27.09 53.28 -14.87
CA CYS J 52 -28.06 53.08 -13.79
C CYS J 52 -28.62 51.69 -13.74
N LEU J 53 -29.03 51.17 -14.90
CA LEU J 53 -29.60 49.82 -14.95
C LEU J 53 -28.55 48.82 -14.48
N VAL J 54 -27.34 48.93 -15.04
CA VAL J 54 -26.27 48.02 -14.63
C VAL J 54 -25.98 48.18 -13.14
N LEU J 55 -25.85 49.42 -12.68
CA LEU J 55 -25.57 49.67 -11.27
C LEU J 55 -26.62 49.03 -10.37
N GLN J 56 -27.89 49.24 -10.69
CA GLN J 56 -28.97 48.67 -9.89
C GLN J 56 -28.91 47.16 -9.90
N ILE J 57 -28.74 46.57 -11.07
CA ILE J 57 -28.68 45.11 -11.18
C ILE J 57 -27.58 44.50 -10.32
N VAL J 58 -26.32 44.94 -10.48
CA VAL J 58 -25.25 44.34 -9.68
C VAL J 58 -25.40 44.62 -8.19
N THR J 59 -25.79 45.84 -7.82
CA THR J 59 -25.96 46.15 -6.41
C THR J 59 -27.16 45.40 -5.88
N GLY J 60 -28.09 45.12 -6.76
CA GLY J 60 -29.28 44.39 -6.35
C GLY J 60 -28.93 42.95 -6.03
N ILE J 61 -28.27 42.28 -6.97
CA ILE J 61 -27.87 40.87 -6.78
C ILE J 61 -27.10 40.76 -5.48
N VAL J 62 -26.15 41.67 -5.30
CA VAL J 62 -25.33 41.68 -4.09
C VAL J 62 -26.23 41.82 -2.87
N LEU J 63 -27.09 42.83 -2.87
CA LEU J 63 -27.99 43.05 -1.76
C LEU J 63 -28.91 41.86 -1.50
N ALA J 64 -29.39 41.22 -2.57
CA ALA J 64 -30.28 40.08 -2.41
C ALA J 64 -29.58 38.94 -1.68
N MET J 65 -28.25 39.02 -1.60
CA MET J 65 -27.43 38.01 -0.95
C MET J 65 -27.49 38.07 0.57
N HIS J 66 -27.90 39.21 1.11
CA HIS J 66 -27.97 39.39 2.55
C HIS J 66 -29.37 39.70 3.08
N TYR J 67 -30.29 39.96 2.16
CA TYR J 67 -31.67 40.31 2.49
C TYR J 67 -32.63 39.13 2.66
N THR J 68 -33.45 39.17 3.71
CA THR J 68 -34.43 38.12 3.99
C THR J 68 -35.85 38.66 3.71
N PRO J 69 -36.49 38.18 2.64
CA PRO J 69 -37.83 38.65 2.31
C PRO J 69 -38.95 38.00 3.13
N HIS J 70 -39.06 38.39 4.40
CA HIS J 70 -40.09 37.84 5.28
C HIS J 70 -40.35 38.90 6.36
N VAL J 71 -41.61 39.34 6.47
CA VAL J 71 -41.98 40.39 7.43
C VAL J 71 -41.34 40.35 8.81
N ASP J 72 -40.95 39.16 9.28
CA ASP J 72 -40.33 39.03 10.60
C ASP J 72 -38.84 39.35 10.57
N LEU J 73 -38.24 39.30 9.38
CA LEU J 73 -36.80 39.51 9.26
C LEU J 73 -36.31 40.56 8.26
N ALA J 74 -37.16 40.94 7.31
CA ALA J 74 -36.78 41.90 6.26
C ALA J 74 -36.19 43.22 6.73
N PHE J 75 -36.86 43.90 7.65
CA PHE J 75 -36.35 45.17 8.14
C PHE J 75 -35.06 44.95 8.93
N ALA J 76 -35.07 43.94 9.81
CA ALA J 76 -33.88 43.62 10.58
C ALA J 76 -32.76 43.28 9.63
N SER J 77 -33.10 42.53 8.59
CA SER J 77 -32.14 42.10 7.58
C SER J 77 -31.49 43.26 6.83
N VAL J 78 -32.18 44.38 6.67
CA VAL J 78 -31.57 45.51 5.97
C VAL J 78 -30.67 46.31 6.92
N GLU J 79 -30.97 46.29 8.21
CA GLU J 79 -30.10 46.98 9.16
C GLU J 79 -28.82 46.14 9.23
N HIS J 80 -28.99 44.83 9.23
CA HIS J 80 -27.85 43.89 9.25
C HIS J 80 -26.90 44.30 8.13
N ILE J 81 -27.46 44.59 6.96
CA ILE J 81 -26.69 45.00 5.79
C ILE J 81 -25.98 46.32 6.01
N MET J 82 -26.61 47.22 6.75
CA MET J 82 -26.05 48.53 7.03
C MET J 82 -24.94 48.47 8.07
N ARG J 83 -25.13 47.61 9.07
CA ARG J 83 -24.20 47.47 10.18
C ARG J 83 -23.16 46.35 10.14
N ASN J 84 -23.44 45.27 9.40
CA ASN J 84 -22.50 44.16 9.38
C ASN J 84 -21.81 43.84 8.08
N VAL J 85 -22.57 43.76 7.00
CA VAL J 85 -22.02 43.43 5.71
C VAL J 85 -20.95 44.45 5.30
N ASN J 86 -19.76 43.96 4.94
CA ASN J 86 -18.66 44.85 4.54
C ASN J 86 -19.14 45.76 3.43
N GLY J 87 -19.11 47.06 3.69
CA GLY J 87 -19.55 48.02 2.69
C GLY J 87 -21.04 47.90 2.39
N GLY J 88 -21.77 47.28 3.32
CA GLY J 88 -23.19 47.13 3.14
C GLY J 88 -23.86 48.48 3.13
N PHE J 89 -23.58 49.27 4.16
CA PHE J 89 -24.16 50.61 4.28
C PHE J 89 -24.04 51.36 2.95
N MET J 90 -22.89 51.22 2.30
CA MET J 90 -22.65 51.89 1.03
C MET J 90 -23.40 51.23 -0.12
N LEU J 91 -23.51 49.90 -0.10
CA LEU J 91 -24.21 49.20 -1.17
C LEU J 91 -25.69 49.53 -1.12
N ARG J 92 -26.22 49.62 0.10
CA ARG J 92 -27.62 49.96 0.31
C ARG J 92 -27.85 51.35 -0.26
N TYR J 93 -27.25 52.35 0.39
CA TYR J 93 -27.38 53.74 -0.06
C TYR J 93 -27.18 53.93 -1.57
N LEU J 94 -26.39 53.06 -2.19
CA LEU J 94 -26.12 53.15 -3.63
C LEU J 94 -27.28 52.60 -4.45
N HIS J 95 -27.94 51.57 -3.95
CA HIS J 95 -29.07 50.98 -4.66
C HIS J 95 -30.23 51.97 -4.53
N ALA J 96 -30.41 52.48 -3.32
CA ALA J 96 -31.47 53.45 -3.03
C ALA J 96 -31.34 54.67 -3.93
N ASN J 97 -30.38 55.53 -3.63
CA ASN J 97 -30.15 56.73 -4.42
C ASN J 97 -29.97 56.43 -5.90
N GLY J 98 -29.62 55.18 -6.20
CA GLY J 98 -29.43 54.77 -7.58
C GLY J 98 -30.77 54.85 -8.27
N ALA J 99 -31.82 54.53 -7.53
CA ALA J 99 -33.17 54.60 -8.07
C ALA J 99 -33.48 56.04 -8.48
N SER J 100 -33.25 56.98 -7.57
CA SER J 100 -33.50 58.41 -7.83
C SER J 100 -32.72 58.90 -9.04
N LEU J 101 -31.50 58.40 -9.20
CA LEU J 101 -30.67 58.79 -10.34
C LEU J 101 -31.29 58.20 -11.60
N PHE J 102 -31.86 57.01 -11.48
CA PHE J 102 -32.49 56.34 -12.61
C PHE J 102 -33.63 57.18 -13.14
N PHE J 103 -34.45 57.72 -12.24
CA PHE J 103 -35.59 58.53 -12.67
C PHE J 103 -35.23 59.94 -13.11
N ILE J 104 -34.35 60.63 -12.38
CA ILE J 104 -33.99 61.98 -12.81
C ILE J 104 -33.54 61.88 -14.26
N ALA J 105 -32.88 60.77 -14.57
CA ALA J 105 -32.38 60.55 -15.92
C ALA J 105 -33.47 60.24 -16.96
N VAL J 106 -34.48 59.43 -16.64
CA VAL J 106 -35.51 59.16 -17.66
C VAL J 106 -36.29 60.42 -17.96
N TYR J 107 -36.67 61.15 -16.91
CA TYR J 107 -37.43 62.35 -17.13
C TYR J 107 -36.66 63.28 -18.08
N LEU J 108 -35.36 63.45 -17.83
CA LEU J 108 -34.56 64.29 -18.71
C LEU J 108 -34.49 63.61 -20.08
N HIS J 109 -34.34 62.29 -20.08
CA HIS J 109 -34.27 61.50 -21.32
C HIS J 109 -35.60 61.69 -22.07
N ILE J 110 -36.71 61.57 -21.35
CA ILE J 110 -38.05 61.74 -21.92
C ILE J 110 -38.29 63.15 -22.47
N PHE J 111 -38.14 64.15 -21.60
CA PHE J 111 -38.35 65.53 -22.03
C PHE J 111 -37.45 65.95 -23.17
N ARG J 112 -36.30 65.29 -23.30
CA ARG J 112 -35.39 65.61 -24.40
C ARG J 112 -36.16 65.17 -25.64
N GLY J 113 -36.74 63.98 -25.56
CA GLY J 113 -37.49 63.44 -26.67
C GLY J 113 -38.66 64.31 -27.07
N LEU J 114 -39.43 64.74 -26.08
CA LEU J 114 -40.60 65.58 -26.35
C LEU J 114 -40.24 66.86 -27.11
N TYR J 115 -39.16 67.50 -26.72
CA TYR J 115 -38.73 68.74 -27.36
C TYR J 115 -38.16 68.60 -28.77
N TYR J 116 -37.34 67.57 -29.00
CA TYR J 116 -36.74 67.38 -30.32
C TYR J 116 -37.52 66.48 -31.28
N GLY J 117 -38.69 66.02 -30.85
CA GLY J 117 -39.50 65.16 -31.71
C GLY J 117 -38.82 63.86 -32.05
N SER J 118 -38.07 63.31 -31.09
CA SER J 118 -37.38 62.05 -31.28
C SER J 118 -38.40 60.91 -31.32
N TYR J 119 -39.64 61.23 -31.00
CA TYR J 119 -40.73 60.25 -30.98
C TYR J 119 -41.50 60.23 -32.29
N LYS J 120 -41.20 61.19 -33.16
CA LYS J 120 -41.90 61.27 -34.43
C LYS J 120 -41.32 60.35 -35.48
N ALA J 121 -42.18 59.94 -36.41
CA ALA J 121 -41.78 59.05 -37.49
C ALA J 121 -40.37 59.38 -37.95
N PRO J 122 -39.57 58.34 -38.22
CA PRO J 122 -39.92 56.92 -38.14
C PRO J 122 -39.56 56.30 -36.78
N ARG J 123 -39.40 57.14 -35.76
CA ARG J 123 -39.02 56.68 -34.42
C ARG J 123 -40.13 56.32 -33.45
N GLU J 124 -41.30 55.92 -33.96
CA GLU J 124 -42.40 55.57 -33.07
C GLU J 124 -42.16 54.32 -32.24
N VAL J 125 -41.52 53.31 -32.82
CA VAL J 125 -41.25 52.07 -32.08
C VAL J 125 -40.22 52.33 -30.98
N THR J 126 -39.20 53.12 -31.29
CA THR J 126 -38.19 53.42 -30.28
C THR J 126 -38.99 53.97 -29.11
N TRP J 127 -39.84 54.96 -29.42
CA TRP J 127 -40.66 55.60 -28.41
C TRP J 127 -41.56 54.66 -27.64
N ILE J 128 -42.34 53.84 -28.33
CA ILE J 128 -43.23 52.92 -27.62
C ILE J 128 -42.45 51.98 -26.71
N VAL J 129 -41.41 51.35 -27.24
CA VAL J 129 -40.61 50.45 -26.40
C VAL J 129 -40.16 51.25 -25.18
N GLY J 130 -39.76 52.49 -25.40
CA GLY J 130 -39.30 53.33 -24.31
C GLY J 130 -40.37 53.38 -23.24
N MET J 131 -41.59 53.66 -23.67
CA MET J 131 -42.72 53.75 -22.72
C MET J 131 -42.86 52.48 -21.90
N LEU J 132 -42.61 51.34 -22.54
CA LEU J 132 -42.72 50.06 -21.84
C LEU J 132 -41.69 49.98 -20.74
N ILE J 133 -40.48 50.43 -21.06
CA ILE J 133 -39.41 50.43 -20.06
C ILE J 133 -39.88 51.28 -18.90
N TYR J 134 -40.40 52.46 -19.22
CA TYR J 134 -40.87 53.36 -18.17
C TYR J 134 -41.86 52.69 -17.22
N LEU J 135 -42.86 51.99 -17.76
CA LEU J 135 -43.82 51.31 -16.90
C LEU J 135 -43.05 50.29 -16.07
N ALA J 136 -42.24 49.47 -16.74
CA ALA J 136 -41.45 48.46 -16.04
C ALA J 136 -40.63 49.10 -14.93
N MET J 137 -39.92 50.18 -15.26
CA MET J 137 -39.11 50.88 -14.27
C MET J 137 -39.95 51.23 -13.04
N MET J 138 -41.07 51.91 -13.26
CA MET J 138 -41.93 52.29 -12.14
C MET J 138 -42.39 51.09 -11.34
N ALA J 139 -42.83 50.05 -12.04
CA ALA J 139 -43.27 48.83 -11.37
C ALA J 139 -42.11 48.37 -10.48
N THR J 140 -40.95 48.16 -11.10
CA THR J 140 -39.75 47.71 -10.38
C THR J 140 -39.45 48.54 -9.14
N ALA J 141 -39.26 49.84 -9.33
CA ALA J 141 -38.95 50.73 -8.21
C ALA J 141 -39.99 50.59 -7.13
N PHE J 142 -41.26 50.49 -7.52
CA PHE J 142 -42.33 50.33 -6.55
C PHE J 142 -42.11 49.12 -5.66
N MET J 143 -41.96 47.95 -6.27
CA MET J 143 -41.74 46.73 -5.51
C MET J 143 -40.46 46.77 -4.67
N GLY J 144 -39.40 47.33 -5.24
CA GLY J 144 -38.17 47.41 -4.51
C GLY J 144 -38.35 48.15 -3.19
N TYR J 145 -38.97 49.32 -3.28
CA TYR J 145 -39.23 50.17 -2.11
C TYR J 145 -39.99 49.47 -0.99
N VAL J 146 -40.73 48.44 -1.33
CA VAL J 146 -41.51 47.71 -0.33
C VAL J 146 -40.65 46.80 0.55
N LEU J 147 -39.64 46.19 -0.08
CA LEU J 147 -38.74 45.26 0.61
C LEU J 147 -38.22 45.63 2.00
N PRO J 148 -37.79 46.88 2.24
CA PRO J 148 -37.30 47.23 3.59
C PRO J 148 -38.34 46.91 4.66
N TRP J 149 -39.61 47.01 4.28
CA TRP J 149 -40.77 46.77 5.15
C TRP J 149 -40.86 47.82 6.25
N GLY J 150 -40.62 49.07 5.86
CA GLY J 150 -40.69 50.17 6.82
C GLY J 150 -42.10 50.73 6.67
N GLN J 151 -42.42 51.81 7.37
CA GLN J 151 -43.76 52.39 7.28
C GLN J 151 -44.13 52.80 5.87
N MET J 152 -43.28 53.60 5.22
CA MET J 152 -43.57 54.03 3.85
C MET J 152 -43.70 52.81 2.94
N SER J 153 -42.94 51.77 3.25
CA SER J 153 -42.98 50.54 2.46
C SER J 153 -44.35 49.88 2.49
N PHE J 154 -44.87 49.67 3.69
CA PHE J 154 -46.15 49.01 3.90
C PHE J 154 -47.36 49.74 3.31
N TRP J 155 -47.53 50.99 3.69
CA TRP J 155 -48.65 51.78 3.20
C TRP J 155 -48.56 52.09 1.72
N GLY J 156 -47.33 52.17 1.22
CA GLY J 156 -47.13 52.41 -0.20
C GLY J 156 -47.65 51.15 -0.85
N ALA J 157 -47.35 50.01 -0.24
CA ALA J 157 -47.78 48.72 -0.75
C ALA J 157 -49.29 48.63 -0.76
N THR J 158 -49.91 49.12 0.31
CA THR J 158 -51.36 49.11 0.45
C THR J 158 -52.03 49.94 -0.63
N VAL J 159 -51.63 51.21 -0.71
CA VAL J 159 -52.20 52.15 -1.67
C VAL J 159 -52.05 51.77 -3.13
N ILE J 160 -50.93 51.15 -3.50
CA ILE J 160 -50.70 50.77 -4.88
C ILE J 160 -51.45 49.51 -5.31
N THR J 161 -51.58 48.54 -4.41
CA THR J 161 -52.33 47.34 -4.75
C THR J 161 -53.79 47.81 -4.82
N GLY J 162 -54.12 48.74 -3.94
CA GLY J 162 -55.47 49.28 -3.91
C GLY J 162 -55.93 49.86 -5.22
N LEU J 163 -55.01 50.43 -6.00
CA LEU J 163 -55.34 51.05 -7.28
C LEU J 163 -56.10 50.08 -8.16
N PHE J 164 -55.77 48.81 -8.06
CA PHE J 164 -56.41 47.79 -8.85
C PHE J 164 -57.78 47.41 -8.34
N GLY J 165 -58.01 47.64 -7.04
CA GLY J 165 -59.30 47.34 -6.47
C GLY J 165 -60.26 48.49 -6.73
N ALA J 166 -59.96 49.29 -7.75
CA ALA J 166 -60.79 50.43 -8.13
C ALA J 166 -61.34 50.16 -9.52
N ILE J 167 -60.86 49.10 -10.14
CA ILE J 167 -61.36 48.71 -11.46
C ILE J 167 -62.75 48.17 -11.21
N PRO J 168 -63.75 48.70 -11.93
CA PRO J 168 -65.12 48.24 -11.76
C PRO J 168 -65.24 46.75 -12.06
N GLY J 169 -66.00 46.03 -11.23
CA GLY J 169 -66.21 44.60 -11.45
C GLY J 169 -65.11 43.63 -11.04
N ILE J 170 -64.06 43.53 -11.85
CA ILE J 170 -62.96 42.61 -11.59
C ILE J 170 -62.00 43.09 -10.50
N GLY J 171 -62.10 44.37 -10.19
CA GLY J 171 -61.24 45.00 -9.19
C GLY J 171 -60.85 44.28 -7.91
N HIS J 172 -61.81 43.95 -7.05
CA HIS J 172 -61.47 43.30 -5.79
C HIS J 172 -60.78 41.97 -6.01
N SER J 173 -61.03 41.33 -7.16
CA SER J 173 -60.40 40.07 -7.45
C SER J 173 -58.92 40.31 -7.72
N ILE J 174 -58.64 41.13 -8.72
CA ILE J 174 -57.28 41.46 -9.08
C ILE J 174 -56.48 41.84 -7.83
N GLN J 175 -57.06 42.71 -7.00
CA GLN J 175 -56.39 43.15 -5.79
C GLN J 175 -56.10 42.02 -4.79
N THR J 176 -57.01 41.07 -4.64
CA THR J 176 -56.81 39.98 -3.70
C THR J 176 -55.73 39.02 -4.21
N TRP J 177 -55.58 38.97 -5.52
CA TRP J 177 -54.60 38.13 -6.19
C TRP J 177 -53.23 38.75 -6.01
N LEU J 178 -53.16 40.08 -6.12
CA LEU J 178 -51.88 40.76 -5.96
C LEU J 178 -51.38 40.62 -4.53
N LEU J 179 -52.31 40.62 -3.58
CA LEU J 179 -51.95 40.51 -2.16
C LEU J 179 -51.88 39.08 -1.64
N GLY J 180 -52.41 38.11 -2.37
CA GLY J 180 -52.36 36.74 -1.90
C GLY J 180 -53.04 36.63 -0.55
N GLY J 181 -53.86 37.62 -0.22
CA GLY J 181 -54.56 37.62 1.06
C GLY J 181 -55.51 38.80 1.21
N PRO J 182 -56.13 38.96 2.40
CA PRO J 182 -57.07 40.05 2.68
C PRO J 182 -56.41 41.36 3.08
N ALA J 183 -55.08 41.38 3.08
CA ALA J 183 -54.34 42.58 3.44
C ALA J 183 -52.92 42.46 2.94
N VAL J 184 -52.15 43.52 3.12
CA VAL J 184 -50.75 43.47 2.72
C VAL J 184 -50.09 42.66 3.83
N ASP J 185 -49.42 41.58 3.47
CA ASP J 185 -48.78 40.74 4.47
C ASP J 185 -47.59 39.99 3.89
N ASN J 186 -47.08 39.01 4.62
CA ASN J 186 -45.93 38.25 4.15
C ASN J 186 -46.06 37.75 2.72
N ALA J 187 -47.21 37.18 2.37
CA ALA J 187 -47.41 36.68 1.01
C ALA J 187 -47.15 37.80 -0.01
N THR J 188 -47.50 39.03 0.33
CA THR J 188 -47.28 40.14 -0.58
C THR J 188 -45.78 40.46 -0.66
N LEU J 189 -45.14 40.62 0.49
CA LEU J 189 -43.71 40.90 0.52
C LEU J 189 -42.92 39.86 -0.28
N ASN J 190 -43.22 38.59 0.00
CA ASN J 190 -42.55 37.46 -0.63
C ASN J 190 -42.65 37.43 -2.16
N ARG J 191 -43.78 37.82 -2.72
CA ARG J 191 -43.92 37.81 -4.17
C ARG J 191 -43.35 39.08 -4.79
N PHE J 192 -43.31 40.16 -4.03
CA PHE J 192 -42.73 41.39 -4.54
C PHE J 192 -41.24 41.16 -4.68
N PHE J 193 -40.66 40.45 -3.71
CA PHE J 193 -39.25 40.17 -3.80
C PHE J 193 -38.97 39.45 -5.11
N SER J 194 -39.69 38.36 -5.35
CA SER J 194 -39.48 37.60 -6.58
C SER J 194 -39.62 38.47 -7.82
N LEU J 195 -40.67 39.27 -7.89
CA LEU J 195 -40.88 40.11 -9.06
C LEU J 195 -39.87 41.26 -9.17
N HIS J 196 -39.41 41.78 -8.05
CA HIS J 196 -38.43 42.87 -8.08
C HIS J 196 -37.15 42.34 -8.69
N TYR J 197 -36.85 41.08 -8.40
CA TYR J 197 -35.64 40.46 -8.94
C TYR J 197 -35.82 40.23 -10.44
N LEU J 198 -36.98 39.71 -10.84
CA LEU J 198 -37.26 39.42 -12.24
C LEU J 198 -37.43 40.59 -13.20
N LEU J 199 -38.14 41.64 -12.81
CA LEU J 199 -38.36 42.78 -13.70
C LEU J 199 -37.15 43.46 -14.33
N PRO J 200 -36.08 43.68 -13.55
CA PRO J 200 -34.90 44.32 -14.13
C PRO J 200 -34.38 43.61 -15.37
N PHE J 201 -34.54 42.29 -15.40
CA PHE J 201 -34.09 41.52 -16.56
C PHE J 201 -34.98 41.76 -17.76
N VAL J 202 -36.25 42.06 -17.49
CA VAL J 202 -37.18 42.34 -18.58
C VAL J 202 -36.81 43.70 -19.13
N ILE J 203 -36.55 44.66 -18.24
CA ILE J 203 -36.16 46.00 -18.66
C ILE J 203 -34.93 45.85 -19.56
N ALA J 204 -33.97 45.05 -19.07
CA ALA J 204 -32.73 44.80 -19.80
C ALA J 204 -33.00 44.32 -21.23
N ALA J 205 -33.88 43.34 -21.36
CA ALA J 205 -34.22 42.80 -22.67
C ALA J 205 -34.89 43.86 -23.52
N LEU J 206 -35.74 44.66 -22.89
CA LEU J 206 -36.42 45.72 -23.60
C LEU J 206 -35.38 46.73 -24.06
N VAL J 207 -34.44 47.06 -23.19
CA VAL J 207 -33.40 48.02 -23.54
C VAL J 207 -32.65 47.52 -24.78
N ALA J 208 -32.49 46.21 -24.88
CA ALA J 208 -31.78 45.64 -26.03
C ALA J 208 -32.56 46.04 -27.28
N ILE J 209 -33.87 45.82 -27.25
CA ILE J 209 -34.73 46.17 -28.38
C ILE J 209 -34.77 47.68 -28.62
N HIS J 210 -34.79 48.45 -27.54
CA HIS J 210 -34.80 49.91 -27.61
C HIS J 210 -33.61 50.32 -28.47
N ILE J 211 -32.44 49.86 -28.08
CA ILE J 211 -31.19 50.13 -28.79
C ILE J 211 -31.30 49.75 -30.24
N TRP J 212 -31.71 48.51 -30.47
CA TRP J 212 -31.88 47.99 -31.81
C TRP J 212 -32.78 48.95 -32.59
N ALA J 213 -33.82 49.44 -31.92
CA ALA J 213 -34.77 50.34 -32.54
C ALA J 213 -34.11 51.57 -33.17
N PHE J 214 -33.37 52.37 -32.38
CA PHE J 214 -32.77 53.55 -32.98
C PHE J 214 -31.57 53.29 -33.88
N HIS J 215 -30.96 52.11 -33.79
CA HIS J 215 -29.85 51.79 -34.66
C HIS J 215 -30.45 51.55 -36.05
N SER J 216 -31.70 51.12 -36.05
CA SER J 216 -32.41 50.84 -37.30
C SER J 216 -32.79 52.11 -38.04
N THR J 217 -33.08 53.19 -37.32
CA THR J 217 -33.47 54.44 -37.95
C THR J 217 -32.35 55.48 -37.94
N GLY J 218 -31.43 55.34 -37.01
CA GLY J 218 -30.35 56.30 -36.88
C GLY J 218 -30.83 57.25 -35.80
N ASN J 219 -29.90 57.79 -35.03
CA ASN J 219 -30.28 58.70 -33.96
C ASN J 219 -30.75 60.03 -34.52
N ASN J 220 -31.66 60.65 -33.80
CA ASN J 220 -32.19 61.95 -34.18
C ASN J 220 -31.22 62.96 -33.60
N ASN J 221 -31.04 64.09 -34.28
CA ASN J 221 -30.14 65.13 -33.77
C ASN J 221 -30.96 66.35 -33.40
N PRO J 222 -30.33 67.36 -32.76
CA PRO J 222 -31.04 68.57 -32.36
C PRO J 222 -31.72 69.39 -33.46
N THR J 223 -31.43 69.12 -34.72
CA THR J 223 -32.05 69.89 -35.82
C THR J 223 -33.20 69.15 -36.48
N GLY J 224 -33.40 67.88 -36.11
CA GLY J 224 -34.47 67.11 -36.71
C GLY J 224 -34.22 66.79 -38.16
N VAL J 225 -33.07 67.19 -38.68
CA VAL J 225 -32.70 66.94 -40.07
C VAL J 225 -31.91 65.63 -40.15
N GLU J 226 -32.40 64.69 -40.95
CA GLU J 226 -31.74 63.39 -41.10
C GLU J 226 -30.33 63.47 -41.68
N VAL J 227 -29.57 62.42 -41.45
CA VAL J 227 -28.22 62.31 -41.98
C VAL J 227 -28.42 62.00 -43.46
N ARG J 228 -27.52 62.51 -44.31
CA ARG J 228 -27.64 62.25 -45.74
C ARG J 228 -27.21 60.81 -46.00
N ARG J 229 -27.98 60.10 -46.81
CA ARG J 229 -27.68 58.69 -47.09
C ARG J 229 -27.53 58.39 -48.58
N THR J 230 -27.09 59.38 -49.35
CA THR J 230 -26.91 59.18 -50.79
C THR J 230 -25.49 58.77 -51.15
N SER J 231 -24.56 58.88 -50.19
CA SER J 231 -23.16 58.52 -50.43
C SER J 231 -22.33 58.66 -49.17
N LYS J 232 -21.46 57.67 -48.92
CA LYS J 232 -20.59 57.68 -47.75
C LYS J 232 -19.86 59.01 -47.67
N ALA J 233 -19.70 59.64 -48.83
CA ALA J 233 -19.04 60.93 -48.95
C ALA J 233 -19.73 62.01 -48.12
N GLU J 234 -20.98 62.32 -48.44
CA GLU J 234 -21.70 63.34 -47.69
C GLU J 234 -22.26 62.83 -46.36
N ALA J 235 -22.41 61.52 -46.24
CA ALA J 235 -22.92 60.93 -45.01
C ALA J 235 -21.92 61.25 -43.91
N GLN J 236 -20.64 61.21 -44.27
CA GLN J 236 -19.56 61.50 -43.32
C GLN J 236 -19.48 62.99 -43.03
N LYS J 237 -20.09 63.79 -43.91
CA LYS J 237 -20.10 65.23 -43.72
C LYS J 237 -21.00 65.53 -42.52
N ASP J 238 -22.08 64.78 -42.38
CA ASP J 238 -23.05 64.96 -41.30
C ASP J 238 -22.71 64.19 -40.03
N THR J 239 -21.97 63.10 -40.18
CA THR J 239 -21.63 62.24 -39.04
C THR J 239 -20.16 62.12 -38.68
N VAL J 240 -19.93 61.30 -37.65
CA VAL J 240 -18.61 60.95 -37.12
C VAL J 240 -18.87 59.57 -36.55
N PRO J 241 -17.89 58.65 -36.62
CA PRO J 241 -18.15 57.32 -36.08
C PRO J 241 -18.40 57.37 -34.58
N PHE J 242 -19.30 56.53 -34.09
CA PHE J 242 -19.60 56.51 -32.66
C PHE J 242 -18.34 56.36 -31.83
N TRP J 243 -17.45 55.48 -32.26
CA TRP J 243 -16.19 55.27 -31.57
C TRP J 243 -15.12 56.02 -32.35
N PRO J 244 -14.25 56.79 -31.67
CA PRO J 244 -14.18 57.04 -30.22
C PRO J 244 -14.91 58.28 -29.75
N TYR J 245 -15.36 59.08 -30.71
CA TYR J 245 -16.04 60.34 -30.42
C TYR J 245 -17.12 60.32 -29.34
N PHE J 246 -18.18 59.55 -29.56
CA PHE J 246 -19.24 59.53 -28.56
C PHE J 246 -18.97 58.60 -27.38
N ILE J 247 -18.20 57.54 -27.59
CA ILE J 247 -17.87 56.63 -26.50
C ILE J 247 -17.15 57.47 -25.44
N ILE J 248 -16.27 58.35 -25.90
CA ILE J 248 -15.51 59.21 -24.99
C ILE J 248 -16.34 60.29 -24.29
N LYS J 249 -17.17 61.05 -25.01
CA LYS J 249 -17.93 62.06 -24.26
C LYS J 249 -18.95 61.37 -23.36
N ASP J 250 -19.26 60.12 -23.64
CA ASP J 250 -20.17 59.39 -22.76
C ASP J 250 -19.42 59.14 -21.44
N VAL J 251 -18.21 58.59 -21.52
CA VAL J 251 -17.45 58.33 -20.31
C VAL J 251 -17.19 59.64 -19.57
N PHE J 252 -16.90 60.69 -20.32
CA PHE J 252 -16.67 61.98 -19.70
C PHE J 252 -17.94 62.41 -18.96
N ALA J 253 -19.07 62.36 -19.67
CA ALA J 253 -20.35 62.72 -19.07
C ALA J 253 -20.63 61.88 -17.83
N LEU J 254 -20.40 60.57 -17.94
CA LEU J 254 -20.63 59.65 -16.83
C LEU J 254 -19.81 60.00 -15.61
N ALA J 255 -18.57 60.43 -15.82
CA ALA J 255 -17.70 60.79 -14.72
C ALA J 255 -18.27 61.98 -13.96
N VAL J 256 -18.76 62.97 -14.71
CA VAL J 256 -19.33 64.17 -14.08
C VAL J 256 -20.61 63.81 -13.33
N VAL J 257 -21.47 62.99 -13.95
CA VAL J 257 -22.70 62.57 -13.31
C VAL J 257 -22.37 61.78 -12.04
N LEU J 258 -21.50 60.80 -12.17
CA LEU J 258 -21.10 59.98 -11.03
C LEU J 258 -20.46 60.80 -9.92
N LEU J 259 -19.80 61.88 -10.30
CA LEU J 259 -19.16 62.76 -9.34
C LEU J 259 -20.24 63.34 -8.42
N VAL J 260 -21.28 63.90 -9.02
CA VAL J 260 -22.37 64.48 -8.22
C VAL J 260 -23.06 63.35 -7.46
N PHE J 261 -23.33 62.25 -8.16
CA PHE J 261 -24.01 61.10 -7.56
C PHE J 261 -23.29 60.60 -6.31
N PHE J 262 -21.98 60.40 -6.41
CA PHE J 262 -21.22 59.92 -5.27
C PHE J 262 -21.15 60.95 -4.16
N ALA J 263 -21.19 62.22 -4.53
CA ALA J 263 -21.17 63.28 -3.53
C ALA J 263 -22.46 63.11 -2.74
N ILE J 264 -23.54 62.80 -3.47
CA ILE J 264 -24.84 62.60 -2.83
C ILE J 264 -24.82 61.41 -1.89
N VAL J 265 -24.39 60.26 -2.40
CA VAL J 265 -24.33 59.04 -1.59
C VAL J 265 -23.37 59.16 -0.42
N GLY J 266 -22.25 59.83 -0.64
CA GLY J 266 -21.27 59.96 0.42
C GLY J 266 -21.68 60.92 1.52
N PHE J 267 -22.19 62.09 1.15
CA PHE J 267 -22.53 63.09 2.15
C PHE J 267 -24.00 63.32 2.53
N MET J 268 -24.93 63.11 1.60
CA MET J 268 -26.33 63.30 1.92
C MET J 268 -27.20 62.19 1.36
N PRO J 269 -26.88 60.94 1.73
CA PRO J 269 -27.55 59.69 1.33
C PRO J 269 -29.04 59.59 1.62
N ASN J 270 -29.50 60.30 2.64
CA ASN J 270 -30.91 60.24 3.02
C ASN J 270 -31.76 61.45 2.64
N TYR J 271 -31.21 62.35 1.83
CA TYR J 271 -31.96 63.53 1.43
C TYR J 271 -33.19 63.20 0.60
N LEU J 272 -32.99 62.46 -0.49
CA LEU J 272 -34.07 62.07 -1.40
C LEU J 272 -34.94 60.95 -0.87
N GLY J 273 -34.90 60.72 0.44
CA GLY J 273 -35.70 59.67 1.02
C GLY J 273 -36.72 60.14 2.02
N HIS J 274 -37.43 59.19 2.63
CA HIS J 274 -38.45 59.51 3.62
C HIS J 274 -38.10 58.90 4.98
N PRO J 275 -37.83 59.74 5.99
CA PRO J 275 -37.48 59.34 7.36
C PRO J 275 -38.37 58.25 7.95
N ASP J 276 -39.64 58.23 7.56
CA ASP J 276 -40.55 57.24 8.10
C ASP J 276 -40.26 55.80 7.74
N ASN J 277 -39.51 55.57 6.66
CA ASN J 277 -39.21 54.20 6.29
C ASN J 277 -38.09 53.64 7.15
N TYR J 278 -37.71 54.40 8.18
CA TYR J 278 -36.68 53.95 9.11
C TYR J 278 -37.44 53.51 10.35
N ILE J 279 -38.76 53.40 10.19
CA ILE J 279 -39.67 52.97 11.24
C ILE J 279 -40.30 51.69 10.71
N GLU J 280 -40.29 50.64 11.50
CA GLU J 280 -40.86 49.37 11.07
C GLU J 280 -42.33 49.51 10.71
N ALA J 281 -42.72 48.82 9.65
CA ALA J 281 -44.08 48.84 9.18
C ALA J 281 -45.06 48.53 10.31
N ASN J 282 -46.10 49.35 10.42
CA ASN J 282 -47.13 49.14 11.44
C ASN J 282 -48.45 49.03 10.69
N PRO J 283 -49.02 47.83 10.63
CA PRO J 283 -50.28 47.71 9.89
C PRO J 283 -51.48 48.35 10.57
N LEU J 284 -51.27 48.97 11.74
CA LEU J 284 -52.38 49.58 12.46
C LEU J 284 -52.37 51.09 12.51
N SER J 285 -51.44 51.69 11.78
CA SER J 285 -51.32 53.14 11.77
C SER J 285 -50.57 53.63 10.55
N THR J 286 -51.07 54.70 9.95
CA THR J 286 -50.42 55.28 8.79
C THR J 286 -49.80 56.61 9.18
N PRO J 287 -48.48 56.76 9.00
CA PRO J 287 -47.79 58.01 9.34
C PRO J 287 -48.50 59.24 8.81
N ALA J 288 -48.73 60.20 9.70
CA ALA J 288 -49.41 61.43 9.35
C ALA J 288 -48.77 62.14 8.17
N HIS J 289 -47.46 61.97 7.99
CA HIS J 289 -46.76 62.62 6.90
C HIS J 289 -46.33 61.72 5.76
N ILE J 290 -47.05 60.62 5.57
CA ILE J 290 -46.76 59.69 4.49
C ILE J 290 -46.67 60.52 3.21
N VAL J 291 -45.81 60.12 2.27
CA VAL J 291 -45.62 60.83 1.00
C VAL J 291 -44.91 59.97 -0.03
N PRO J 292 -45.49 59.83 -1.23
CA PRO J 292 -44.83 59.02 -2.26
C PRO J 292 -43.38 59.43 -2.51
N GLU J 293 -42.66 58.58 -3.23
CA GLU J 293 -41.26 58.84 -3.57
C GLU J 293 -41.29 59.98 -4.59
N TRP J 294 -40.38 60.95 -4.47
CA TRP J 294 -40.39 62.09 -5.39
C TRP J 294 -40.61 61.73 -6.86
N TYR J 295 -39.96 60.68 -7.36
CA TYR J 295 -40.16 60.34 -8.78
C TYR J 295 -41.60 59.87 -9.06
N PHE J 296 -42.39 59.66 -8.02
CA PHE J 296 -43.79 59.24 -8.19
C PHE J 296 -44.75 60.40 -7.93
N LEU J 297 -44.25 61.46 -7.30
CA LEU J 297 -45.08 62.60 -6.96
C LEU J 297 -45.93 63.22 -8.06
N PRO J 298 -45.34 63.58 -9.20
CA PRO J 298 -46.21 64.17 -10.23
C PRO J 298 -47.48 63.40 -10.57
N PHE J 299 -47.39 62.09 -10.74
CA PHE J 299 -48.55 61.29 -11.07
C PHE J 299 -49.49 61.09 -9.88
N TYR J 300 -48.93 61.14 -8.68
CA TYR J 300 -49.69 61.01 -7.45
C TYR J 300 -50.52 62.27 -7.28
N ALA J 301 -49.97 63.39 -7.75
CA ALA J 301 -50.63 64.68 -7.67
C ALA J 301 -51.88 64.66 -8.54
N ILE J 302 -51.73 64.14 -9.76
CA ILE J 302 -52.82 64.05 -10.70
C ILE J 302 -53.95 63.20 -10.15
N LEU J 303 -53.58 62.12 -9.45
CA LEU J 303 -54.56 61.22 -8.89
C LEU J 303 -55.42 61.84 -7.80
N ARG J 304 -54.81 62.48 -6.81
CA ARG J 304 -55.60 63.08 -5.73
C ARG J 304 -56.15 64.49 -6.02
N ALA J 305 -55.99 64.97 -7.23
CA ALA J 305 -56.52 66.28 -7.58
C ALA J 305 -58.01 66.08 -7.79
N PHE J 306 -58.38 64.85 -8.16
CA PHE J 306 -59.77 64.51 -8.45
C PHE J 306 -60.61 63.96 -7.31
N THR J 307 -61.22 64.87 -6.55
CA THR J 307 -62.08 64.53 -5.43
C THR J 307 -63.52 64.52 -5.92
N ALA J 308 -64.43 64.20 -5.02
CA ALA J 308 -65.85 64.14 -5.32
C ALA J 308 -66.41 65.49 -5.79
N ASP J 309 -65.97 66.56 -5.14
CA ASP J 309 -66.42 67.91 -5.45
C ASP J 309 -65.93 68.51 -6.76
N VAL J 310 -65.20 67.74 -7.56
CA VAL J 310 -64.73 68.27 -8.84
C VAL J 310 -65.86 68.04 -9.86
N TRP J 311 -66.33 69.10 -10.49
CA TRP J 311 -67.46 68.92 -11.39
C TRP J 311 -67.28 67.91 -12.52
N VAL J 312 -66.13 67.87 -13.19
CA VAL J 312 -65.98 66.88 -14.25
C VAL J 312 -66.11 65.47 -13.65
N VAL J 313 -65.77 65.33 -12.37
CA VAL J 313 -65.92 64.02 -11.73
C VAL J 313 -67.41 63.85 -11.50
N GLN J 314 -68.04 64.91 -10.98
CA GLN J 314 -69.47 64.89 -10.73
C GLN J 314 -70.24 64.56 -12.00
N ILE J 315 -69.86 65.20 -13.10
CA ILE J 315 -70.50 64.93 -14.39
C ILE J 315 -70.30 63.46 -14.71
N ALA J 316 -69.04 63.10 -14.89
CA ALA J 316 -68.64 61.73 -15.22
C ALA J 316 -69.33 60.71 -14.33
N ASN J 317 -69.37 60.99 -13.04
CA ASN J 317 -70.00 60.10 -12.06
C ASN J 317 -71.46 59.81 -12.43
N PHE J 318 -72.22 60.88 -12.63
CA PHE J 318 -73.64 60.84 -12.99
C PHE J 318 -73.88 60.22 -14.37
N ILE J 319 -73.20 60.77 -15.37
CA ILE J 319 -73.28 60.33 -16.77
C ILE J 319 -72.86 58.86 -16.94
N SER J 320 -72.48 58.23 -15.84
CA SER J 320 -72.07 56.83 -15.90
C SER J 320 -72.67 55.99 -14.77
N PHE J 321 -73.71 56.52 -14.13
CA PHE J 321 -74.39 55.82 -13.05
C PHE J 321 -73.55 55.39 -11.87
N GLY J 322 -72.65 56.27 -11.45
CA GLY J 322 -71.82 55.97 -10.30
C GLY J 322 -70.72 54.95 -10.50
N ILE J 323 -70.49 54.51 -11.73
CA ILE J 323 -69.41 53.56 -11.96
C ILE J 323 -68.13 54.36 -11.83
N ILE J 324 -67.98 55.33 -12.72
CA ILE J 324 -66.78 56.16 -12.67
C ILE J 324 -66.88 57.20 -11.56
N ASP J 325 -66.60 56.77 -10.33
CA ASP J 325 -66.65 57.70 -9.21
C ASP J 325 -65.30 58.40 -9.09
N ALA J 326 -65.11 59.20 -8.05
CA ALA J 326 -63.86 59.92 -7.87
C ALA J 326 -62.70 58.94 -7.81
N LYS J 327 -62.83 57.94 -6.94
CA LYS J 327 -61.81 56.92 -6.78
C LYS J 327 -61.26 56.42 -8.11
N PHE J 328 -62.12 55.82 -8.93
CA PHE J 328 -61.73 55.27 -10.23
C PHE J 328 -61.34 56.35 -11.25
N PHE J 329 -61.88 57.55 -11.10
CA PHE J 329 -61.55 58.63 -12.02
C PHE J 329 -60.09 59.04 -11.79
N GLY J 330 -59.71 59.17 -10.53
CA GLY J 330 -58.34 59.52 -10.21
C GLY J 330 -57.38 58.51 -10.82
N VAL J 331 -57.72 57.23 -10.67
CA VAL J 331 -56.89 56.16 -11.20
C VAL J 331 -56.75 56.30 -12.70
N LEU J 332 -57.88 56.47 -13.40
CA LEU J 332 -57.87 56.62 -14.85
C LEU J 332 -57.12 57.87 -15.28
N ALA J 333 -57.18 58.91 -14.45
CA ALA J 333 -56.47 60.14 -14.76
C ALA J 333 -54.98 59.88 -14.72
N MET J 334 -54.52 59.24 -13.65
CA MET J 334 -53.10 58.93 -13.49
C MET J 334 -52.51 58.09 -14.61
N PHE J 335 -53.10 56.93 -14.88
CA PHE J 335 -52.61 56.07 -15.96
C PHE J 335 -52.86 56.73 -17.29
N GLY J 336 -53.90 57.57 -17.34
CA GLY J 336 -54.23 58.28 -18.57
C GLY J 336 -53.14 59.29 -18.90
N ALA J 337 -52.63 59.95 -17.87
CA ALA J 337 -51.57 60.94 -18.05
C ALA J 337 -50.37 60.28 -18.72
N ILE J 338 -50.06 59.06 -18.28
CA ILE J 338 -48.95 58.31 -18.84
C ILE J 338 -49.29 57.83 -20.24
N LEU J 339 -50.46 57.22 -20.39
CA LEU J 339 -50.89 56.72 -21.69
C LEU J 339 -50.92 57.81 -22.73
N VAL J 340 -51.44 58.97 -22.36
CA VAL J 340 -51.51 60.08 -23.28
C VAL J 340 -50.11 60.38 -23.81
N MET J 341 -49.13 60.43 -22.90
CA MET J 341 -47.75 60.69 -23.27
C MET J 341 -47.23 59.66 -24.28
N ALA J 342 -47.64 58.41 -24.11
CA ALA J 342 -47.22 57.34 -25.01
C ALA J 342 -47.80 57.53 -26.40
N LEU J 343 -48.93 58.23 -26.47
CA LEU J 343 -49.60 58.45 -27.75
C LEU J 343 -49.13 59.67 -28.53
N VAL J 344 -48.31 60.52 -27.93
CA VAL J 344 -47.83 61.71 -28.59
C VAL J 344 -47.38 61.55 -30.05
N PRO J 345 -46.81 60.39 -30.42
CA PRO J 345 -46.40 60.30 -31.82
C PRO J 345 -47.59 60.53 -32.75
N TRP J 346 -48.77 60.20 -32.24
CA TRP J 346 -49.99 60.33 -33.01
C TRP J 346 -50.78 61.59 -32.72
N LEU J 347 -50.68 62.12 -31.51
CA LEU J 347 -51.40 63.34 -31.15
C LEU J 347 -50.69 64.55 -31.75
N ASP J 348 -49.40 64.42 -32.00
CA ASP J 348 -48.61 65.50 -32.59
C ASP J 348 -48.77 65.49 -34.11
N THR J 349 -49.46 66.50 -34.63
CA THR J 349 -49.70 66.59 -36.06
C THR J 349 -48.74 67.45 -36.87
N SER J 350 -47.84 68.17 -36.22
CA SER J 350 -46.88 68.99 -36.94
C SER J 350 -45.92 68.09 -37.70
N PRO J 351 -45.53 68.47 -38.93
CA PRO J 351 -44.61 67.66 -39.73
C PRO J 351 -43.16 68.03 -39.45
N VAL J 352 -42.96 69.12 -38.72
CA VAL J 352 -41.64 69.62 -38.35
C VAL J 352 -41.14 68.77 -37.17
N ARG J 353 -39.96 68.17 -37.31
CA ARG J 353 -39.41 67.32 -36.26
C ARG J 353 -38.96 68.05 -34.98
N SER J 354 -37.88 68.82 -35.08
CA SER J 354 -37.35 69.54 -33.92
C SER J 354 -38.15 70.75 -33.46
N GLY J 355 -38.47 70.77 -32.17
CA GLY J 355 -39.22 71.87 -31.60
C GLY J 355 -38.39 73.14 -31.59
N ARG J 356 -37.13 73.02 -31.99
CA ARG J 356 -36.24 74.15 -32.06
C ARG J 356 -36.78 75.14 -33.09
N TYR J 357 -37.37 74.60 -34.14
CA TYR J 357 -37.93 75.42 -35.22
C TYR J 357 -39.44 75.57 -35.16
N ARG J 358 -39.99 75.45 -33.95
CA ARG J 358 -41.42 75.60 -33.74
C ARG J 358 -41.66 76.66 -32.67
N PRO J 359 -41.96 77.91 -33.08
CA PRO J 359 -42.20 79.06 -32.20
C PRO J 359 -43.31 78.89 -31.15
N MET J 360 -44.51 78.51 -31.59
CA MET J 360 -45.61 78.33 -30.64
C MET J 360 -45.32 77.12 -29.77
N PHE J 361 -44.90 76.03 -30.41
CA PHE J 361 -44.58 74.80 -29.71
C PHE J 361 -43.77 75.04 -28.43
N LYS J 362 -42.64 75.75 -28.58
CA LYS J 362 -41.77 76.04 -27.46
C LYS J 362 -42.48 76.50 -26.19
N ILE J 363 -43.36 77.49 -26.32
CA ILE J 363 -44.09 78.01 -25.16
C ILE J 363 -44.82 76.89 -24.43
N TYR J 364 -45.57 76.08 -25.17
CA TYR J 364 -46.31 74.99 -24.58
C TYR J 364 -45.38 73.96 -23.99
N PHE J 365 -44.27 73.70 -24.67
CA PHE J 365 -43.33 72.73 -24.17
C PHE J 365 -42.80 73.15 -22.80
N TRP J 366 -42.29 74.38 -22.71
CA TRP J 366 -41.77 74.83 -21.43
C TRP J 366 -42.83 74.89 -20.37
N LEU J 367 -44.07 75.13 -20.78
CA LEU J 367 -45.15 75.13 -19.81
C LEU J 367 -45.30 73.70 -19.32
N LEU J 368 -45.13 72.75 -20.23
CA LEU J 368 -45.24 71.35 -19.87
C LEU J 368 -44.19 71.00 -18.83
N ALA J 369 -42.94 71.36 -19.13
CA ALA J 369 -41.82 71.10 -18.23
C ALA J 369 -42.08 71.73 -16.87
N ALA J 370 -42.50 73.00 -16.87
CA ALA J 370 -42.79 73.71 -15.63
C ALA J 370 -43.92 73.00 -14.90
N ASP J 371 -44.90 72.53 -15.67
CA ASP J 371 -46.04 71.81 -15.13
C ASP J 371 -45.59 70.53 -14.44
N PHE J 372 -44.64 69.82 -15.05
CA PHE J 372 -44.11 68.59 -14.47
C PHE J 372 -43.49 68.91 -13.12
N VAL J 373 -42.70 69.99 -13.08
CA VAL J 373 -42.06 70.39 -11.84
C VAL J 373 -43.14 70.75 -10.83
N ILE J 374 -44.08 71.61 -11.25
CA ILE J 374 -45.16 72.01 -10.36
C ILE J 374 -45.93 70.81 -9.81
N LEU J 375 -46.25 69.85 -10.66
CA LEU J 375 -46.98 68.67 -10.21
C LEU J 375 -46.18 67.91 -9.16
N THR J 376 -44.87 67.80 -9.38
CA THR J 376 -44.02 67.12 -8.42
C THR J 376 -44.07 67.87 -7.11
N TRP J 377 -44.01 69.19 -7.20
CA TRP J 377 -44.04 70.03 -6.02
C TRP J 377 -45.37 69.95 -5.25
N VAL J 378 -46.51 69.96 -5.95
CA VAL J 378 -47.80 69.88 -5.24
C VAL J 378 -47.98 68.52 -4.59
N GLY J 379 -47.41 67.50 -5.21
CA GLY J 379 -47.53 66.17 -4.68
C GLY J 379 -47.15 66.09 -3.22
N ALA J 380 -46.22 66.96 -2.82
CA ALA J 380 -45.75 66.98 -1.43
C ALA J 380 -46.53 67.96 -0.56
N GLN J 381 -47.41 68.77 -1.17
CA GLN J 381 -48.21 69.72 -0.40
C GLN J 381 -49.48 69.07 0.08
N GLN J 382 -50.16 69.72 1.02
CA GLN J 382 -51.41 69.19 1.56
C GLN J 382 -52.50 69.32 0.53
N THR J 383 -53.67 68.78 0.86
CA THR J 383 -54.81 68.82 -0.03
C THR J 383 -55.70 70.05 0.14
N THR J 384 -55.37 70.89 1.13
CA THR J 384 -56.12 72.10 1.41
C THR J 384 -55.94 73.15 0.30
N PHE J 385 -56.71 74.23 0.37
CA PHE J 385 -56.61 75.31 -0.59
C PHE J 385 -55.27 76.03 -0.38
N PRO J 386 -54.59 76.46 -1.46
CA PRO J 386 -54.85 76.40 -2.91
C PRO J 386 -54.19 75.25 -3.64
N TYR J 387 -53.68 74.25 -2.92
CA TYR J 387 -53.03 73.15 -3.60
C TYR J 387 -54.02 72.34 -4.43
N ASP J 388 -55.26 72.24 -3.95
CA ASP J 388 -56.27 71.49 -4.70
C ASP J 388 -56.50 72.13 -6.07
N TRP J 389 -56.48 73.46 -6.11
CA TRP J 389 -56.68 74.16 -7.38
C TRP J 389 -55.45 74.04 -8.24
N ILE J 390 -54.28 74.19 -7.62
CA ILE J 390 -53.03 74.08 -8.36
C ILE J 390 -52.86 72.70 -8.96
N SER J 391 -53.11 71.65 -8.18
CA SER J 391 -52.99 70.30 -8.73
C SER J 391 -53.96 70.13 -9.88
N LEU J 392 -55.16 70.69 -9.72
CA LEU J 392 -56.17 70.60 -10.77
C LEU J 392 -55.83 71.31 -12.05
N ILE J 393 -55.43 72.57 -11.95
CA ILE J 393 -55.07 73.32 -13.14
C ILE J 393 -53.92 72.59 -13.82
N ALA J 394 -52.95 72.15 -13.04
CA ALA J 394 -51.79 71.44 -13.53
C ALA J 394 -52.15 70.16 -14.30
N SER J 395 -53.01 69.33 -13.70
CA SER J 395 -53.44 68.09 -14.34
C SER J 395 -54.10 68.45 -15.65
N ALA J 396 -54.96 69.46 -15.59
CA ALA J 396 -55.69 69.94 -16.77
C ALA J 396 -54.71 70.33 -17.86
N TYR J 397 -53.71 71.13 -17.51
CA TYR J 397 -52.74 71.53 -18.52
C TYR J 397 -52.03 70.33 -19.15
N TRP J 398 -51.77 69.31 -18.34
CA TRP J 398 -51.08 68.12 -18.84
C TRP J 398 -51.83 67.45 -20.00
N PHE J 399 -53.11 67.15 -19.79
CA PHE J 399 -53.90 66.51 -20.84
C PHE J 399 -54.18 67.49 -21.98
N ALA J 400 -54.29 68.78 -21.63
CA ALA J 400 -54.54 69.81 -22.63
C ALA J 400 -53.41 69.82 -23.65
N TYR J 401 -52.19 69.60 -23.16
CA TYR J 401 -51.00 69.59 -24.00
C TYR J 401 -50.98 68.47 -25.04
N PHE J 402 -51.23 67.25 -24.62
CA PHE J 402 -51.22 66.12 -25.54
C PHE J 402 -52.51 65.98 -26.36
N LEU J 403 -53.65 66.16 -25.70
CA LEU J 403 -54.93 66.01 -26.38
C LEU J 403 -55.39 67.19 -27.23
N VAL J 404 -55.23 68.41 -26.73
CA VAL J 404 -55.68 69.58 -27.49
C VAL J 404 -54.62 70.41 -28.19
N ILE J 405 -53.71 71.00 -27.41
CA ILE J 405 -52.67 71.86 -27.96
C ILE J 405 -51.82 71.30 -29.10
N LEU J 406 -51.22 70.14 -28.91
CA LEU J 406 -50.38 69.55 -29.97
C LEU J 406 -51.13 69.21 -31.25
N PRO J 407 -52.34 68.63 -31.12
CA PRO J 407 -53.08 68.32 -32.34
C PRO J 407 -53.38 69.58 -33.14
N ILE J 408 -53.79 70.63 -32.41
CA ILE J 408 -54.11 71.92 -33.02
C ILE J 408 -52.92 72.66 -33.61
N LEU J 409 -51.82 72.77 -32.85
CA LEU J 409 -50.64 73.45 -33.35
C LEU J 409 -50.24 72.88 -34.71
N GLY J 410 -50.60 71.63 -34.95
CA GLY J 410 -50.27 70.98 -36.20
C GLY J 410 -50.73 71.80 -37.40
N ALA J 411 -51.87 72.46 -37.26
CA ALA J 411 -52.41 73.27 -38.34
C ALA J 411 -52.08 74.74 -38.14
N ILE J 412 -52.54 75.31 -37.02
CA ILE J 412 -52.30 76.71 -36.69
C ILE J 412 -50.88 77.20 -36.99
N GLU J 413 -49.94 76.62 -36.26
CA GLU J 413 -48.53 76.98 -36.32
C GLU J 413 -47.82 77.16 -37.67
N LYS J 414 -47.02 78.22 -37.74
CA LYS J 414 -46.23 78.56 -38.92
C LYS J 414 -44.77 78.46 -38.45
N PRO J 415 -44.10 77.35 -38.78
CA PRO J 415 -42.72 77.00 -38.45
C PRO J 415 -41.59 77.68 -39.21
N VAL J 416 -40.47 77.82 -38.51
CA VAL J 416 -39.26 78.42 -39.05
C VAL J 416 -38.57 77.36 -39.89
N ALA J 417 -37.64 77.77 -40.74
CA ALA J 417 -36.91 76.83 -41.60
C ALA J 417 -35.72 76.24 -40.85
N PRO J 418 -35.53 74.91 -40.93
CA PRO J 418 -34.40 74.25 -40.25
C PRO J 418 -33.19 74.18 -41.18
N PRO J 419 -31.99 73.96 -40.60
CA PRO J 419 -30.78 73.87 -41.41
C PRO J 419 -30.99 72.87 -42.54
N ALA J 420 -30.29 73.06 -43.65
CA ALA J 420 -30.43 72.16 -44.79
C ALA J 420 -29.77 70.81 -44.51
N THR J 421 -28.71 70.83 -43.72
CA THR J 421 -27.97 69.62 -43.38
C THR J 421 -27.36 69.74 -42.01
N ILE J 422 -27.09 68.61 -41.38
CA ILE J 422 -26.48 68.59 -40.06
C ILE J 422 -25.11 69.23 -40.18
N GLU J 423 -24.42 68.94 -41.28
CA GLU J 423 -23.09 69.51 -41.54
C GLU J 423 -23.20 71.01 -41.38
N GLU J 424 -24.16 71.60 -42.10
CA GLU J 424 -24.37 73.03 -42.07
C GLU J 424 -24.64 73.56 -40.66
N ASP J 425 -25.41 72.81 -39.88
CA ASP J 425 -25.73 73.23 -38.51
C ASP J 425 -24.46 73.15 -37.66
N PHE J 426 -23.76 72.03 -37.77
CA PHE J 426 -22.53 71.80 -37.03
C PHE J 426 -21.54 72.95 -37.23
N ASN J 427 -21.30 73.29 -38.50
CA ASN J 427 -20.38 74.36 -38.84
C ASN J 427 -20.85 75.71 -38.33
N ALA J 428 -22.05 76.12 -38.72
CA ALA J 428 -22.61 77.40 -38.32
C ALA J 428 -22.65 77.62 -36.81
N ALA K 1 -51.14 66.54 12.09
CA ALA K 1 -50.13 67.30 12.89
C ALA K 1 -49.28 68.18 11.97
N GLY K 2 -47.97 68.16 12.19
CA GLY K 2 -47.07 68.96 11.38
C GLY K 2 -45.62 68.87 11.79
N GLY K 3 -44.76 69.54 11.03
CA GLY K 3 -43.33 69.54 11.34
C GLY K 3 -42.96 70.89 11.93
N GLY K 4 -42.51 70.88 13.18
CA GLY K 4 -42.15 72.10 13.86
C GLY K 4 -40.73 72.61 13.68
N HIS K 5 -40.25 73.32 14.70
CA HIS K 5 -38.93 73.93 14.70
C HIS K 5 -38.12 73.44 15.90
N VAL K 6 -36.87 73.05 15.67
CA VAL K 6 -36.01 72.55 16.74
C VAL K 6 -34.76 73.41 17.00
N GLU K 7 -34.19 73.26 18.20
CA GLU K 7 -32.99 73.99 18.57
C GLU K 7 -31.85 73.46 17.70
N ASP K 8 -31.13 74.37 17.05
CA ASP K 8 -30.02 74.00 16.17
C ASP K 8 -28.70 73.81 16.93
N VAL K 9 -28.35 72.55 17.19
CA VAL K 9 -27.11 72.23 17.90
C VAL K 9 -26.01 71.98 16.87
N PRO K 10 -24.80 72.53 17.10
CA PRO K 10 -23.69 72.35 16.17
C PRO K 10 -22.86 71.10 16.47
N PHE K 11 -23.47 69.93 16.27
CA PHE K 11 -22.80 68.66 16.51
C PHE K 11 -21.50 68.50 15.74
N SER K 12 -20.57 67.74 16.31
CA SER K 12 -19.26 67.49 15.71
C SER K 12 -19.30 66.80 14.34
N PHE K 13 -20.23 65.86 14.20
CA PHE K 13 -20.37 65.06 12.99
C PHE K 13 -20.98 65.70 11.74
N GLU K 14 -21.57 66.89 11.89
CA GLU K 14 -22.17 67.57 10.74
C GLU K 14 -21.09 68.05 9.79
N GLY K 15 -21.47 68.35 8.55
CA GLY K 15 -20.50 68.83 7.57
C GLY K 15 -19.77 67.67 6.93
N PRO K 16 -19.34 67.81 5.66
CA PRO K 16 -18.63 66.73 4.98
C PRO K 16 -17.36 66.29 5.68
N PHE K 17 -16.90 67.09 6.64
CA PHE K 17 -15.68 66.76 7.37
C PHE K 17 -15.94 66.38 8.82
N GLY K 18 -17.16 66.65 9.28
CA GLY K 18 -17.51 66.32 10.65
C GLY K 18 -17.24 64.85 10.92
N THR K 19 -17.05 64.52 12.19
CA THR K 19 -16.78 63.16 12.62
C THR K 19 -17.27 63.08 14.05
N PHE K 20 -17.54 61.88 14.53
CA PHE K 20 -17.99 61.74 15.90
C PHE K 20 -16.89 62.14 16.86
N ASP K 21 -17.30 62.45 18.09
CA ASP K 21 -16.38 62.82 19.14
C ASP K 21 -16.42 61.61 20.05
N GLN K 22 -15.40 60.77 19.94
CA GLN K 22 -15.30 59.54 20.72
C GLN K 22 -15.69 59.64 22.19
N HIS K 23 -15.23 60.67 22.89
CA HIS K 23 -15.57 60.81 24.29
C HIS K 23 -17.03 61.19 24.49
N GLN K 24 -17.55 62.02 23.59
CA GLN K 24 -18.95 62.43 23.67
C GLN K 24 -19.83 61.18 23.58
N LEU K 25 -19.62 60.40 22.55
CA LEU K 25 -20.38 59.17 22.36
C LEU K 25 -20.26 58.31 23.60
N GLN K 26 -19.09 58.35 24.24
CA GLN K 26 -18.86 57.59 25.46
C GLN K 26 -19.78 58.12 26.54
N ARG K 27 -19.83 59.44 26.68
CA ARG K 27 -20.70 60.06 27.66
C ARG K 27 -22.14 59.71 27.31
N GLY K 28 -22.48 59.87 26.03
CA GLY K 28 -23.82 59.56 25.57
C GLY K 28 -24.25 58.15 25.92
N LEU K 29 -23.36 57.19 25.69
CA LEU K 29 -23.66 55.79 26.00
C LEU K 29 -23.99 55.66 27.48
N GLN K 30 -23.35 56.47 28.30
CA GLN K 30 -23.59 56.42 29.74
C GLN K 30 -24.96 57.01 30.07
N VAL K 31 -25.32 58.11 29.41
CA VAL K 31 -26.62 58.73 29.64
C VAL K 31 -27.69 57.73 29.25
N TYR K 32 -27.55 57.16 28.06
CA TYR K 32 -28.50 56.19 27.57
C TYR K 32 -28.65 55.02 28.54
N THR K 33 -27.51 54.50 29.00
CA THR K 33 -27.49 53.36 29.91
C THR K 33 -28.12 53.58 31.28
N GLU K 34 -27.78 54.70 31.91
CA GLU K 34 -28.30 55.01 33.24
C GLU K 34 -29.66 55.71 33.25
N VAL K 35 -30.07 56.25 32.10
CA VAL K 35 -31.34 56.98 32.05
C VAL K 35 -32.41 56.37 31.14
N CYS K 36 -32.23 56.53 29.83
CA CYS K 36 -33.15 56.05 28.81
C CYS K 36 -33.46 54.57 28.82
N ALA K 37 -32.42 53.75 28.80
CA ALA K 37 -32.53 52.30 28.79
C ALA K 37 -33.61 51.75 29.73
N ALA K 38 -33.98 52.54 30.73
CA ALA K 38 -35.01 52.10 31.68
C ALA K 38 -36.34 51.87 30.96
N CYS K 39 -36.58 52.62 29.90
CA CYS K 39 -37.81 52.49 29.13
C CYS K 39 -37.55 52.14 27.66
N HIS K 40 -36.51 52.75 27.09
CA HIS K 40 -36.15 52.55 25.69
C HIS K 40 -35.15 51.43 25.43
N GLY K 41 -35.23 50.82 24.25
CA GLY K 41 -34.31 49.77 23.86
C GLY K 41 -33.68 50.15 22.55
N MET K 42 -32.78 49.30 22.04
CA MET K 42 -32.11 49.56 20.78
C MET K 42 -31.87 48.23 20.06
N LYS K 43 -32.97 47.54 19.80
CA LYS K 43 -32.97 46.22 19.17
C LYS K 43 -32.20 45.95 17.89
N PHE K 44 -31.72 46.99 17.22
CA PHE K 44 -30.93 46.77 16.01
C PHE K 44 -29.46 47.06 16.25
N VAL K 45 -29.14 47.38 17.49
CA VAL K 45 -27.76 47.69 17.83
C VAL K 45 -27.05 46.57 18.54
N PRO K 46 -26.05 45.97 17.88
CA PRO K 46 -25.28 44.87 18.49
C PRO K 46 -24.33 45.51 19.47
N ILE K 47 -24.37 45.06 20.72
CA ILE K 47 -23.50 45.64 21.76
C ILE K 47 -22.03 45.70 21.35
N ARG K 48 -21.57 44.65 20.67
CA ARG K 48 -20.19 44.56 20.22
C ARG K 48 -19.75 45.71 19.32
N SER K 49 -20.69 46.51 18.85
CA SER K 49 -20.34 47.63 17.98
C SER K 49 -19.85 48.80 18.82
N LEU K 50 -19.98 48.68 20.14
CA LEU K 50 -19.51 49.72 21.04
C LEU K 50 -17.99 49.74 20.94
N SER K 51 -17.44 48.67 20.36
CA SER K 51 -16.00 48.50 20.20
C SER K 51 -15.46 48.90 18.82
N GLU K 52 -16.28 48.74 17.79
CA GLU K 52 -15.87 49.05 16.43
C GLU K 52 -15.41 50.48 16.21
N PRO K 53 -14.44 50.67 15.31
CA PRO K 53 -13.92 52.01 15.01
C PRO K 53 -15.05 52.92 14.56
N GLY K 54 -14.84 54.23 14.66
CA GLY K 54 -15.88 55.17 14.25
C GLY K 54 -17.00 55.39 15.25
N GLY K 55 -16.85 54.85 16.45
CA GLY K 55 -17.89 55.00 17.46
C GLY K 55 -17.30 55.30 18.83
N PRO K 56 -17.95 54.83 19.91
CA PRO K 56 -17.44 55.06 21.27
C PRO K 56 -16.05 54.43 21.36
N GLU K 57 -15.91 53.32 20.65
CA GLU K 57 -14.67 52.55 20.58
C GLU K 57 -14.14 52.08 21.92
N LEU K 58 -15.03 51.59 22.77
CA LEU K 58 -14.59 51.09 24.07
C LEU K 58 -13.73 49.87 23.85
N PRO K 59 -12.91 49.51 24.84
CA PRO K 59 -12.04 48.34 24.75
C PRO K 59 -12.90 47.09 24.92
N GLU K 60 -12.67 46.10 24.05
CA GLU K 60 -13.44 44.87 24.05
C GLU K 60 -13.81 44.27 25.42
N ASP K 61 -12.88 44.26 26.37
CA ASP K 61 -13.19 43.70 27.69
C ASP K 61 -14.18 44.56 28.46
N GLN K 62 -14.19 45.86 28.19
CA GLN K 62 -15.13 46.75 28.85
C GLN K 62 -16.50 46.38 28.32
N VAL K 63 -16.60 46.39 26.99
CA VAL K 63 -17.82 46.05 26.28
C VAL K 63 -18.36 44.72 26.76
N ARG K 64 -17.46 43.76 26.96
CA ARG K 64 -17.83 42.42 27.43
C ARG K 64 -18.41 42.54 28.83
N ALA K 65 -17.80 43.38 29.66
CA ALA K 65 -18.25 43.59 31.03
C ALA K 65 -19.62 44.25 31.02
N TYR K 66 -19.79 45.20 30.10
CA TYR K 66 -21.03 45.95 29.94
C TYR K 66 -22.22 45.04 29.63
N ALA K 67 -22.08 44.23 28.58
CA ALA K 67 -23.14 43.31 28.17
C ALA K 67 -23.61 42.45 29.33
N THR K 68 -22.79 42.35 30.36
CA THR K 68 -23.10 41.56 31.55
C THR K 68 -24.44 41.92 32.19
N GLN K 69 -24.70 43.22 32.34
CA GLN K 69 -25.92 43.71 32.96
C GLN K 69 -27.24 43.26 32.32
N PHE K 70 -27.36 43.37 31.01
CA PHE K 70 -28.57 42.95 30.33
C PHE K 70 -28.67 41.43 30.47
N THR K 71 -29.79 40.97 31.03
CA THR K 71 -30.00 39.54 31.25
C THR K 71 -30.74 38.87 30.09
N VAL K 72 -30.07 38.83 28.94
CA VAL K 72 -30.61 38.24 27.72
C VAL K 72 -31.24 36.85 27.94
N THR K 73 -31.85 36.31 26.90
CA THR K 73 -32.47 34.98 26.93
C THR K 73 -31.91 34.16 25.77
N ASP K 74 -31.03 33.21 26.10
CA ASP K 74 -30.40 32.36 25.10
C ASP K 74 -31.38 31.62 24.18
N GLU K 75 -31.18 31.80 22.86
CA GLU K 75 -32.02 31.19 21.83
C GLU K 75 -32.16 29.67 21.84
N GLU K 76 -31.23 28.96 22.45
CA GLU K 76 -31.29 27.51 22.47
C GLU K 76 -31.48 26.99 23.89
N THR K 77 -30.79 27.63 24.83
CA THR K 77 -30.89 27.25 26.23
C THR K 77 -32.37 27.32 26.57
N GLY K 78 -33.05 28.28 25.96
CA GLY K 78 -34.45 28.50 26.23
C GLY K 78 -34.47 29.28 27.52
N GLU K 79 -33.47 29.00 28.34
CA GLU K 79 -33.31 29.63 29.64
C GLU K 79 -32.35 30.83 29.54
N ASP K 80 -32.47 31.75 30.50
CA ASP K 80 -31.68 32.98 30.51
C ASP K 80 -30.17 32.93 30.70
N ARG K 81 -29.55 34.11 30.66
CA ARG K 81 -28.11 34.26 30.82
C ARG K 81 -27.70 35.72 30.90
N GLU K 82 -26.40 35.98 30.81
CA GLU K 82 -25.87 37.33 30.84
C GLU K 82 -25.76 37.79 29.40
N GLY K 83 -25.40 39.05 29.21
CA GLY K 83 -25.25 39.56 27.86
C GLY K 83 -23.86 39.39 27.29
N LYS K 84 -23.78 38.88 26.07
CA LYS K 84 -22.50 38.72 25.40
C LYS K 84 -22.46 39.88 24.42
N PRO K 85 -21.26 40.32 24.01
CA PRO K 85 -21.18 41.44 23.08
C PRO K 85 -21.86 41.12 21.74
N THR K 86 -22.12 39.84 21.48
CA THR K 86 -22.76 39.43 20.23
C THR K 86 -24.27 39.69 20.29
N ASP K 87 -24.75 40.04 21.48
CA ASP K 87 -26.17 40.32 21.67
C ASP K 87 -26.48 41.76 21.31
N HIS K 88 -27.75 42.00 20.98
CA HIS K 88 -28.22 43.34 20.65
C HIS K 88 -28.72 43.95 21.96
N PHE K 89 -28.80 45.27 22.03
CA PHE K 89 -29.32 45.88 23.24
C PHE K 89 -30.75 45.35 23.29
N PRO K 90 -31.35 45.29 24.49
CA PRO K 90 -32.73 44.78 24.53
C PRO K 90 -33.82 45.68 23.95
N HIS K 91 -35.01 45.10 23.85
CA HIS K 91 -36.18 45.82 23.35
C HIS K 91 -36.59 46.79 24.45
N SER K 92 -37.30 47.86 24.09
CA SER K 92 -37.75 48.82 25.08
C SER K 92 -38.54 48.10 26.18
N ALA K 93 -38.20 48.38 27.43
CA ALA K 93 -38.88 47.77 28.56
C ALA K 93 -40.28 48.33 28.68
N LEU K 94 -40.43 49.61 28.36
CA LEU K 94 -41.71 50.29 28.42
C LEU K 94 -42.42 50.17 27.07
N GLU K 95 -43.48 49.37 27.04
CA GLU K 95 -44.25 49.11 25.83
C GLU K 95 -44.39 50.25 24.82
N ASN K 96 -44.73 51.45 25.28
CA ASN K 96 -44.91 52.58 24.36
C ASN K 96 -43.69 53.47 24.19
N ALA K 97 -42.55 53.03 24.68
CA ALA K 97 -41.32 53.79 24.52
C ALA K 97 -40.76 53.32 23.18
N PRO K 98 -40.72 54.20 22.18
CA PRO K 98 -40.19 53.75 20.88
C PRO K 98 -38.75 53.30 20.95
N ASP K 99 -38.37 52.49 19.97
CA ASP K 99 -37.01 51.99 19.88
C ASP K 99 -36.13 53.15 19.46
N LEU K 100 -35.00 53.33 20.12
CA LEU K 100 -34.10 54.42 19.80
C LEU K 100 -32.99 54.09 18.80
N SER K 101 -32.93 52.85 18.35
CA SER K 101 -31.89 52.42 17.41
C SER K 101 -31.75 53.32 16.18
N LEU K 102 -32.88 53.63 15.53
CA LEU K 102 -32.89 54.45 14.32
C LEU K 102 -33.50 55.83 14.47
N MET K 103 -33.83 56.20 15.71
CA MET K 103 -34.47 57.48 15.99
C MET K 103 -33.86 58.72 15.31
N ALA K 104 -32.54 58.87 15.36
CA ALA K 104 -31.92 60.03 14.73
C ALA K 104 -32.07 60.07 13.21
N LYS K 105 -32.51 58.97 12.61
CA LYS K 105 -32.71 58.96 11.16
C LYS K 105 -34.22 59.01 10.88
N ALA K 106 -35.01 58.71 11.89
CA ALA K 106 -36.48 58.71 11.77
C ALA K 106 -37.10 60.06 12.06
N ARG K 107 -36.29 61.09 12.20
CA ARG K 107 -36.84 62.40 12.47
C ARG K 107 -36.16 63.46 11.62
N ALA K 108 -36.89 64.53 11.37
CA ALA K 108 -36.37 65.65 10.61
C ALA K 108 -36.65 66.84 11.52
N GLY K 109 -35.75 67.82 11.51
CA GLY K 109 -35.96 68.99 12.34
C GLY K 109 -35.99 70.23 11.47
N PHE K 110 -35.44 70.10 10.27
CA PHE K 110 -35.39 71.20 9.33
C PHE K 110 -36.38 70.91 8.21
N HIS K 111 -37.62 71.29 8.46
CA HIS K 111 -38.73 71.10 7.52
C HIS K 111 -38.86 72.36 6.67
N GLY K 112 -39.09 72.18 5.37
CA GLY K 112 -39.25 73.32 4.48
C GLY K 112 -38.01 73.73 3.70
N PRO K 113 -37.98 74.97 3.17
CA PRO K 113 -39.07 75.94 3.27
C PRO K 113 -40.03 75.86 2.07
N MET K 114 -41.33 75.87 2.34
CA MET K 114 -42.34 75.80 1.29
C MET K 114 -42.36 74.43 0.60
N GLY K 115 -42.12 73.38 1.38
CA GLY K 115 -42.12 72.03 0.83
C GLY K 115 -41.00 71.78 -0.15
N THR K 116 -40.20 72.82 -0.40
CA THR K 116 -39.09 72.73 -1.34
C THR K 116 -37.89 71.98 -0.77
N GLY K 117 -37.91 71.73 0.53
CA GLY K 117 -36.81 71.02 1.16
C GLY K 117 -35.45 71.66 0.99
N ILE K 118 -35.41 72.88 0.47
CA ILE K 118 -34.15 73.59 0.28
C ILE K 118 -33.47 73.78 1.63
N SER K 119 -34.27 73.71 2.70
CA SER K 119 -33.75 73.89 4.05
C SER K 119 -32.86 72.73 4.49
N GLN K 120 -33.14 71.53 3.99
CA GLN K 120 -32.33 70.36 4.34
C GLN K 120 -31.11 70.24 3.46
N LEU K 121 -31.26 70.69 2.21
CA LEU K 121 -30.16 70.63 1.25
C LEU K 121 -28.96 71.36 1.85
N PHE K 122 -29.20 72.06 2.96
CA PHE K 122 -28.17 72.81 3.65
C PHE K 122 -28.10 72.45 5.14
N ASN K 123 -29.24 72.14 5.74
CA ASN K 123 -29.34 71.82 7.17
C ASN K 123 -29.41 70.33 7.56
N GLY K 124 -29.36 69.44 6.59
CA GLY K 124 -29.45 68.02 6.93
C GLY K 124 -30.89 67.70 7.30
N ILE K 125 -31.13 66.56 7.94
CA ILE K 125 -32.49 66.21 8.31
C ILE K 125 -32.89 66.80 9.68
N GLY K 126 -31.95 66.86 10.61
CA GLY K 126 -32.19 67.41 11.95
C GLY K 126 -32.61 66.41 13.02
N GLY K 127 -32.42 65.12 12.75
CA GLY K 127 -32.80 64.08 13.70
C GLY K 127 -32.16 64.26 15.07
N PRO K 128 -30.83 64.46 15.13
CA PRO K 128 -30.19 64.66 16.44
C PRO K 128 -30.68 65.92 17.14
N GLU K 129 -30.76 67.02 16.39
CA GLU K 129 -31.22 68.27 16.94
C GLU K 129 -32.65 68.08 17.45
N TYR K 130 -33.42 67.33 16.69
CA TYR K 130 -34.79 67.06 17.08
C TYR K 130 -34.80 66.40 18.44
N ILE K 131 -34.09 65.28 18.56
CA ILE K 131 -34.01 64.54 19.81
C ILE K 131 -33.55 65.46 20.93
N TYR K 132 -32.53 66.27 20.63
CA TYR K 132 -32.01 67.21 21.61
C TYR K 132 -33.17 68.05 22.13
N SER K 133 -33.78 68.79 21.22
CA SER K 133 -34.89 69.68 21.53
C SER K 133 -36.02 69.05 22.36
N VAL K 134 -36.23 67.75 22.21
CA VAL K 134 -37.28 67.10 22.97
C VAL K 134 -36.86 66.92 24.42
N LEU K 135 -35.59 66.65 24.64
CA LEU K 135 -35.06 66.47 25.98
C LEU K 135 -34.98 67.84 26.63
N THR K 136 -34.72 68.84 25.80
CA THR K 136 -34.63 70.22 26.25
C THR K 136 -36.03 70.66 26.63
N GLY K 137 -36.84 70.85 25.59
CA GLY K 137 -38.21 71.30 25.69
C GLY K 137 -39.24 70.91 26.73
N PHE K 138 -38.82 70.58 27.95
CA PHE K 138 -39.80 70.24 29.00
C PHE K 138 -39.86 71.41 29.98
N PRO K 139 -40.77 72.38 29.72
CA PRO K 139 -40.89 73.54 30.60
C PRO K 139 -41.50 73.19 31.95
N GLU K 140 -41.07 73.92 32.98
CA GLU K 140 -41.56 73.70 34.33
C GLU K 140 -43.05 74.04 34.44
N GLU K 141 -43.46 75.06 33.68
CA GLU K 141 -44.85 75.53 33.68
C GLU K 141 -45.59 75.26 32.38
N PRO K 142 -46.77 74.61 32.46
CA PRO K 142 -47.59 74.30 31.28
C PRO K 142 -48.11 75.58 30.64
N PRO K 143 -48.06 75.68 29.30
CA PRO K 143 -48.53 76.88 28.63
C PRO K 143 -49.89 77.30 29.19
N LYS K 144 -50.07 78.60 29.41
CA LYS K 144 -51.33 79.10 29.97
C LYS K 144 -52.64 78.50 29.46
N CYS K 145 -52.87 78.50 28.14
CA CYS K 145 -54.11 77.96 27.62
C CYS K 145 -54.56 76.64 28.24
N ALA K 146 -53.61 75.84 28.75
CA ALA K 146 -53.94 74.55 29.33
C ALA K 146 -54.07 74.55 30.86
N GLU K 147 -53.76 75.68 31.49
CA GLU K 147 -53.83 75.83 32.95
C GLU K 147 -54.43 74.69 33.76
N GLY K 148 -55.71 74.38 33.55
CA GLY K 148 -56.32 73.30 34.32
C GLY K 148 -56.85 72.14 33.50
N HIS K 149 -56.35 71.99 32.28
CA HIS K 149 -56.81 70.92 31.39
C HIS K 149 -55.69 70.00 30.89
N GLU K 150 -54.68 69.75 31.71
CA GLU K 150 -53.59 68.88 31.26
C GLU K 150 -53.94 67.40 31.34
N PRO K 151 -53.95 66.72 30.18
CA PRO K 151 -54.27 65.29 30.15
C PRO K 151 -53.39 64.58 31.16
N ASP K 152 -53.99 63.92 32.15
CA ASP K 152 -53.15 63.25 33.13
C ASP K 152 -52.38 62.12 32.47
N GLY K 153 -51.09 62.05 32.79
CA GLY K 153 -50.26 61.03 32.22
C GLY K 153 -49.33 61.60 31.15
N PHE K 154 -49.64 62.80 30.65
CA PHE K 154 -48.81 63.44 29.64
C PHE K 154 -48.07 64.65 30.20
N TYR K 155 -47.21 65.25 29.38
CA TYR K 155 -46.42 66.38 29.79
C TYR K 155 -46.25 67.32 28.62
N TYR K 156 -46.33 68.63 28.84
CA TYR K 156 -46.17 69.55 27.73
C TYR K 156 -44.70 69.59 27.31
N ASN K 157 -44.47 69.55 26.00
CA ASN K 157 -43.13 69.60 25.44
C ASN K 157 -43.14 70.48 24.19
N ARG K 158 -42.30 71.52 24.20
CA ARG K 158 -42.22 72.49 23.12
C ARG K 158 -41.76 71.98 21.74
N ALA K 159 -41.04 70.87 21.70
CA ALA K 159 -40.54 70.35 20.43
C ALA K 159 -41.45 69.31 19.78
N PHE K 160 -42.22 68.63 20.62
CA PHE K 160 -43.12 67.57 20.17
C PHE K 160 -44.29 68.10 19.34
N GLN K 161 -44.41 67.61 18.11
CA GLN K 161 -45.48 68.04 17.21
C GLN K 161 -46.52 66.97 16.95
N ASN K 162 -46.46 65.85 17.66
CA ASN K 162 -47.42 64.79 17.43
C ASN K 162 -48.18 64.34 18.67
N GLY K 163 -48.33 65.24 19.63
CA GLY K 163 -49.05 64.90 20.84
C GLY K 163 -50.42 65.54 20.81
N SER K 164 -51.24 65.24 21.80
CA SER K 164 -52.57 65.81 21.89
C SER K 164 -52.44 67.18 22.53
N VAL K 165 -53.41 68.05 22.26
CA VAL K 165 -53.41 69.38 22.83
C VAL K 165 -54.83 69.69 23.28
N PRO K 166 -54.99 70.14 24.54
CA PRO K 166 -56.32 70.44 25.05
C PRO K 166 -57.10 71.35 24.10
N ASP K 167 -58.39 71.07 23.96
CA ASP K 167 -59.25 71.86 23.08
C ASP K 167 -59.09 73.33 23.40
N THR K 168 -58.96 73.62 24.69
CA THR K 168 -58.81 74.98 25.18
C THR K 168 -57.51 75.61 24.69
N CYS K 169 -56.75 74.87 23.88
CA CYS K 169 -55.49 75.37 23.33
C CYS K 169 -55.47 75.38 21.81
N LYS K 170 -56.65 75.17 21.21
CA LYS K 170 -56.80 75.15 19.76
C LYS K 170 -57.47 76.47 19.31
N ASP K 171 -57.19 76.93 18.10
CA ASP K 171 -57.82 78.17 17.63
C ASP K 171 -59.17 77.92 16.98
N ALA K 172 -59.76 78.98 16.45
CA ALA K 172 -61.07 78.90 15.80
C ALA K 172 -61.15 77.78 14.77
N ASN K 173 -60.04 77.56 14.06
CA ASN K 173 -59.98 76.53 13.03
C ASN K 173 -59.47 75.15 13.45
N GLY K 174 -59.33 74.93 14.76
CA GLY K 174 -58.87 73.63 15.22
C GLY K 174 -57.38 73.50 15.45
N VAL K 175 -56.59 74.36 14.82
CA VAL K 175 -55.13 74.35 14.96
C VAL K 175 -54.74 74.61 16.42
N LYS K 176 -53.55 74.16 16.84
CA LYS K 176 -53.15 74.38 18.22
C LYS K 176 -52.42 75.71 18.43
N THR K 177 -52.58 76.26 19.63
CA THR K 177 -51.97 77.52 20.03
C THR K 177 -50.50 77.31 20.33
N THR K 178 -50.25 76.29 21.13
CA THR K 178 -48.92 75.91 21.58
C THR K 178 -47.92 75.58 20.47
N ALA K 179 -46.63 75.76 20.80
CA ALA K 179 -45.55 75.47 19.87
C ALA K 179 -45.37 73.96 19.85
N GLY K 180 -45.58 73.33 20.99
CA GLY K 180 -45.43 71.90 21.09
C GLY K 180 -46.74 71.16 21.32
N SER K 181 -46.70 70.12 22.14
CA SER K 181 -47.87 69.33 22.46
C SER K 181 -47.57 68.42 23.64
N TRP K 182 -48.53 67.56 23.99
CA TRP K 182 -48.36 66.67 25.12
C TRP K 182 -47.86 65.27 24.74
N ILE K 183 -46.68 64.93 25.28
CA ILE K 183 -46.02 63.66 25.02
C ILE K 183 -46.19 62.75 26.24
N ALA K 184 -46.14 61.44 26.03
CA ALA K 184 -46.30 60.49 27.13
C ALA K 184 -45.00 60.23 27.87
N MET K 185 -43.93 60.89 27.44
CA MET K 185 -42.65 60.72 28.09
C MET K 185 -42.41 61.76 29.17
N PRO K 186 -42.41 61.34 30.44
CA PRO K 186 -42.16 62.30 31.51
C PRO K 186 -40.75 62.84 31.33
N PRO K 187 -40.49 64.08 31.77
CA PRO K 187 -39.15 64.65 31.61
C PRO K 187 -38.12 63.62 32.09
N PRO K 188 -37.08 63.34 31.27
CA PRO K 188 -36.07 62.36 31.68
C PRO K 188 -34.78 62.90 32.28
N LEU K 189 -34.39 64.11 31.89
CA LEU K 189 -33.14 64.70 32.37
C LEU K 189 -33.18 65.74 33.48
N MET K 190 -32.60 65.37 34.61
CA MET K 190 -32.49 66.26 35.76
C MET K 190 -31.02 66.64 35.80
N ASP K 191 -30.70 67.82 36.30
CA ASP K 191 -29.30 68.25 36.36
C ASP K 191 -28.41 67.28 37.14
N ASP K 192 -27.24 67.02 36.57
CA ASP K 192 -26.26 66.11 37.17
C ASP K 192 -26.92 64.85 37.69
N LEU K 193 -27.59 64.15 36.78
CA LEU K 193 -28.28 62.91 37.07
C LEU K 193 -27.35 61.75 36.73
N VAL K 194 -26.35 62.07 35.93
CA VAL K 194 -25.35 61.10 35.51
C VAL K 194 -23.99 61.59 36.00
N GLU K 195 -23.32 60.70 36.74
CA GLU K 195 -22.02 60.96 37.29
C GLU K 195 -21.01 60.78 36.18
N TYR K 196 -20.50 61.87 35.60
CA TYR K 196 -19.51 61.66 34.57
C TYR K 196 -18.18 61.27 35.21
N ALA K 197 -17.38 60.53 34.47
CA ALA K 197 -16.08 60.09 34.95
C ALA K 197 -15.10 61.26 34.99
N ASP K 198 -14.76 61.77 33.81
CA ASP K 198 -13.82 62.88 33.68
C ASP K 198 -14.37 64.18 34.26
N GLY K 199 -15.38 64.09 35.12
CA GLY K 199 -15.94 65.28 35.74
C GLY K 199 -16.86 66.12 34.86
N HIS K 200 -16.67 66.05 33.54
CA HIS K 200 -17.46 66.79 32.56
C HIS K 200 -18.83 67.17 33.14
N ASP K 201 -19.33 68.34 32.78
CA ASP K 201 -20.62 68.78 33.31
C ASP K 201 -21.82 67.97 32.85
N ALA K 202 -22.69 67.66 33.80
CA ALA K 202 -23.89 66.88 33.54
C ALA K 202 -25.13 67.77 33.61
N SER K 203 -25.08 68.92 32.93
CA SER K 203 -26.23 69.82 32.92
C SER K 203 -27.19 69.24 31.90
N VAL K 204 -28.48 69.30 32.20
CA VAL K 204 -29.49 68.76 31.30
C VAL K 204 -29.15 69.05 29.84
N HIS K 205 -28.66 70.26 29.57
CA HIS K 205 -28.28 70.62 28.21
C HIS K 205 -27.24 69.65 27.69
N ALA K 206 -26.12 69.57 28.41
CA ALA K 206 -25.00 68.70 28.05
C ALA K 206 -25.40 67.24 27.87
N MET K 207 -25.99 66.64 28.90
CA MET K 207 -26.41 65.25 28.80
C MET K 207 -27.22 65.09 27.53
N ALA K 208 -28.28 65.89 27.43
CA ALA K 208 -29.16 65.85 26.27
C ALA K 208 -28.38 65.91 24.96
N GLU K 209 -27.41 66.82 24.87
CA GLU K 209 -26.62 66.96 23.66
C GLU K 209 -25.71 65.76 23.43
N ASP K 210 -25.21 65.16 24.52
CA ASP K 210 -24.35 64.00 24.39
C ASP K 210 -25.15 62.81 23.90
N VAL K 211 -26.14 62.40 24.69
CA VAL K 211 -26.99 61.26 24.34
C VAL K 211 -27.52 61.36 22.91
N SER K 212 -27.69 62.58 22.42
CA SER K 212 -28.17 62.78 21.06
C SER K 212 -27.12 62.28 20.09
N ALA K 213 -25.88 62.74 20.27
CA ALA K 213 -24.79 62.32 19.40
C ALA K 213 -24.62 60.80 19.45
N PHE K 214 -24.80 60.22 20.63
CA PHE K 214 -24.69 58.78 20.80
C PHE K 214 -25.70 58.15 19.86
N LEU K 215 -26.95 58.58 20.00
CA LEU K 215 -28.03 58.07 19.19
C LEU K 215 -27.80 58.31 17.71
N MET K 216 -27.09 59.40 17.37
CA MET K 216 -26.82 59.67 15.97
C MET K 216 -25.89 58.57 15.48
N TRP K 217 -24.95 58.16 16.32
CA TRP K 217 -24.02 57.10 15.99
C TRP K 217 -24.74 55.75 15.97
N ALA K 218 -25.59 55.53 16.97
CA ALA K 218 -26.35 54.29 17.07
C ALA K 218 -27.20 54.03 15.82
N ALA K 219 -27.52 55.10 15.11
CA ALA K 219 -28.33 54.99 13.90
C ALA K 219 -27.45 54.97 12.64
N GLU K 220 -26.34 55.69 12.69
CA GLU K 220 -25.42 55.76 11.54
C GLU K 220 -23.98 55.36 11.91
N PRO K 221 -23.81 54.22 12.60
CA PRO K 221 -22.47 53.78 12.98
C PRO K 221 -21.38 53.92 11.92
N LYS K 222 -21.76 53.77 10.66
CA LYS K 222 -20.76 53.88 9.59
C LYS K 222 -20.74 55.27 8.96
N LEU K 223 -21.12 56.29 9.74
CA LEU K 223 -21.15 57.67 9.27
C LEU K 223 -19.78 58.10 8.71
N MET K 224 -18.70 57.90 9.49
CA MET K 224 -17.35 58.27 9.08
C MET K 224 -16.84 57.45 7.90
N ALA K 225 -17.08 56.15 7.93
CA ALA K 225 -16.65 55.28 6.84
C ALA K 225 -17.24 55.81 5.53
N ARG K 226 -18.53 56.10 5.57
CA ARG K 226 -19.26 56.62 4.41
C ARG K 226 -18.65 57.90 3.88
N LYS K 227 -18.40 58.86 4.77
CA LYS K 227 -17.82 60.13 4.36
C LYS K 227 -16.42 59.98 3.79
N GLN K 228 -15.62 59.09 4.36
CA GLN K 228 -14.28 58.86 3.83
C GLN K 228 -14.46 58.24 2.44
N ALA K 229 -15.32 57.24 2.35
CA ALA K 229 -15.60 56.58 1.09
C ALA K 229 -16.05 57.67 0.12
N GLY K 230 -16.93 58.54 0.61
CA GLY K 230 -17.42 59.63 -0.20
C GLY K 230 -16.30 60.53 -0.68
N PHE K 231 -15.53 61.09 0.25
CA PHE K 231 -14.41 61.95 -0.10
C PHE K 231 -13.51 61.28 -1.13
N THR K 232 -13.10 60.05 -0.86
CA THR K 232 -12.24 59.30 -1.77
C THR K 232 -12.82 59.30 -3.17
N ALA K 233 -14.06 58.83 -3.29
CA ALA K 233 -14.76 58.74 -4.56
C ALA K 233 -14.82 60.08 -5.29
N VAL K 234 -15.16 61.14 -4.57
CA VAL K 234 -15.24 62.46 -5.19
C VAL K 234 -13.89 62.80 -5.80
N MET K 235 -12.82 62.43 -5.10
CA MET K 235 -11.48 62.72 -5.60
C MET K 235 -11.14 62.01 -6.91
N PHE K 236 -11.25 60.67 -6.93
CA PHE K 236 -10.99 59.91 -8.16
C PHE K 236 -11.67 60.65 -9.29
N LEU K 237 -12.99 60.74 -9.14
CA LEU K 237 -13.87 61.36 -10.10
C LEU K 237 -13.55 62.79 -10.53
N THR K 238 -13.20 63.66 -9.59
CA THR K 238 -12.87 65.03 -9.97
C THR K 238 -11.70 64.96 -10.93
N VAL K 239 -10.67 64.21 -10.53
CA VAL K 239 -9.48 64.01 -11.33
C VAL K 239 -9.81 63.36 -12.66
N LEU K 240 -10.50 62.22 -12.58
CA LEU K 240 -10.88 61.48 -13.78
C LEU K 240 -11.73 62.32 -14.73
N SER K 241 -12.59 63.16 -14.17
CA SER K 241 -13.43 64.03 -14.99
C SER K 241 -12.56 64.97 -15.81
N VAL K 242 -11.62 65.62 -15.14
CA VAL K 242 -10.70 66.55 -15.77
C VAL K 242 -9.93 65.93 -16.93
N LEU K 243 -9.37 64.74 -16.67
CA LEU K 243 -8.61 64.03 -17.69
C LEU K 243 -9.50 63.76 -18.89
N LEU K 244 -10.64 63.11 -18.64
CA LEU K 244 -11.60 62.78 -19.67
C LEU K 244 -12.09 64.02 -20.40
N TYR K 245 -12.22 65.12 -19.67
CA TYR K 245 -12.67 66.37 -20.26
C TYR K 245 -11.64 66.84 -21.27
N LEU K 246 -10.37 66.73 -20.90
CA LEU K 246 -9.27 67.13 -21.77
C LEU K 246 -9.11 66.14 -22.92
N THR K 247 -9.29 64.86 -22.60
CA THR K 247 -9.16 63.80 -23.61
C THR K 247 -10.25 64.01 -24.65
N ASN K 248 -11.45 64.34 -24.19
CA ASN K 248 -12.58 64.57 -25.06
C ASN K 248 -12.36 65.84 -25.88
N LYS K 249 -11.93 66.89 -25.20
CA LYS K 249 -11.65 68.19 -25.83
C LYS K 249 -10.66 67.98 -26.97
N ARG K 250 -9.57 67.26 -26.66
CA ARG K 250 -8.50 66.97 -27.59
C ARG K 250 -9.06 66.17 -28.77
N LEU K 251 -9.66 65.03 -28.46
CA LEU K 251 -10.25 64.15 -29.45
C LEU K 251 -11.22 64.83 -30.41
N TRP K 252 -12.11 65.67 -29.87
CA TRP K 252 -13.09 66.37 -30.71
C TRP K 252 -12.54 67.54 -31.51
N ALA K 253 -11.49 68.18 -31.01
CA ALA K 253 -10.90 69.33 -31.69
C ALA K 253 -10.58 69.00 -33.15
N GLY K 254 -10.32 67.72 -33.43
CA GLY K 254 -10.01 67.31 -34.79
C GLY K 254 -11.24 67.30 -35.67
N VAL K 255 -12.36 67.77 -35.12
CA VAL K 255 -13.62 67.81 -35.86
C VAL K 255 -14.12 69.25 -36.01
N LYS K 256 -14.24 69.94 -34.88
CA LYS K 256 -14.72 71.32 -34.84
C LYS K 256 -13.63 72.21 -34.24
N GLY L 1 1.83 66.94 -28.95
CA GLY L 1 2.67 65.74 -29.21
C GLY L 1 2.33 64.58 -28.31
N THR L 2 3.22 64.30 -27.34
CA THR L 2 3.00 63.18 -26.43
C THR L 2 2.28 63.60 -25.15
N ARG L 3 1.65 64.78 -25.18
CA ARG L 3 0.89 65.27 -24.03
C ARG L 3 -0.48 64.60 -24.09
N ARG L 4 -0.88 64.25 -25.31
CA ARG L 4 -2.16 63.61 -25.55
C ARG L 4 -1.99 62.10 -25.42
N ASP L 5 -0.84 61.59 -25.83
CA ASP L 5 -0.58 60.15 -25.74
C ASP L 5 -0.28 59.82 -24.28
N PHE L 6 -0.01 60.86 -23.50
CA PHE L 6 0.25 60.70 -22.07
C PHE L 6 -1.14 60.74 -21.45
N LEU L 7 -1.91 61.71 -21.93
CA LEU L 7 -3.28 61.94 -21.49
C LEU L 7 -4.02 60.61 -21.52
N TYR L 8 -3.81 59.86 -22.60
CA TYR L 8 -4.45 58.56 -22.77
C TYR L 8 -4.13 57.65 -21.60
N TYR L 9 -2.85 57.60 -21.22
CA TYR L 9 -2.46 56.75 -20.11
C TYR L 9 -2.94 57.28 -18.77
N ALA L 10 -2.85 58.59 -18.55
CA ALA L 10 -3.32 59.17 -17.30
C ALA L 10 -4.81 58.85 -17.16
N THR L 11 -5.51 58.86 -18.29
CA THR L 11 -6.94 58.56 -18.32
C THR L 11 -7.16 57.07 -18.11
N ALA L 12 -6.70 56.27 -19.07
CA ALA L 12 -6.84 54.81 -19.00
C ALA L 12 -6.46 54.29 -17.61
N GLY L 13 -5.41 54.86 -17.04
CA GLY L 13 -4.96 54.46 -15.72
C GLY L 13 -5.95 54.83 -14.64
N ALA L 14 -6.45 56.07 -14.70
CA ALA L 14 -7.42 56.55 -13.73
C ALA L 14 -8.65 55.63 -13.82
N GLY L 15 -9.01 55.29 -15.05
CA GLY L 15 -10.14 54.40 -15.25
C GLY L 15 -9.94 53.11 -14.51
N ALA L 16 -8.95 52.32 -14.96
CA ALA L 16 -8.63 51.04 -14.34
C ALA L 16 -8.60 51.12 -12.82
N VAL L 17 -8.11 52.23 -12.28
CA VAL L 17 -8.05 52.41 -10.84
C VAL L 17 -9.46 52.38 -10.25
N ALA L 18 -10.35 53.18 -10.84
CA ALA L 18 -11.72 53.26 -10.39
C ALA L 18 -12.41 51.91 -10.56
N THR L 19 -12.27 51.35 -11.76
CA THR L 19 -12.86 50.05 -12.10
C THR L 19 -12.59 49.02 -11.01
N GLY L 20 -11.43 49.13 -10.38
CA GLY L 20 -11.05 48.20 -9.33
C GLY L 20 -11.61 48.58 -7.98
N ALA L 21 -11.67 49.88 -7.72
CA ALA L 21 -12.22 50.37 -6.45
C ALA L 21 -13.68 49.96 -6.40
N ALA L 22 -14.27 49.85 -7.59
CA ALA L 22 -15.67 49.47 -7.72
C ALA L 22 -15.82 47.98 -7.47
N VAL L 23 -15.04 47.19 -8.21
CA VAL L 23 -15.07 45.74 -8.12
C VAL L 23 -14.74 45.12 -6.77
N TRP L 24 -13.60 45.50 -6.18
CA TRP L 24 -13.21 44.93 -4.89
C TRP L 24 -14.33 44.78 -3.87
N PRO L 25 -15.12 45.85 -3.63
CA PRO L 25 -16.20 45.70 -2.65
C PRO L 25 -17.34 44.80 -3.08
N LEU L 26 -17.58 44.71 -4.38
CA LEU L 26 -18.63 43.82 -4.85
C LEU L 26 -18.20 42.42 -4.41
N ILE L 27 -16.90 42.17 -4.52
CA ILE L 27 -16.33 40.90 -4.12
C ILE L 27 -16.27 40.78 -2.61
N ASN L 28 -15.74 41.81 -1.95
CA ASN L 28 -15.59 41.79 -0.50
C ASN L 28 -16.86 41.71 0.35
N GLN L 29 -18.01 42.08 -0.20
CA GLN L 29 -19.23 42.00 0.60
C GLN L 29 -19.52 40.57 1.04
N MET L 30 -19.03 39.62 0.25
CA MET L 30 -19.26 38.20 0.53
C MET L 30 -18.35 37.61 1.59
N ASN L 31 -17.37 38.38 2.06
CA ASN L 31 -16.49 37.84 3.08
C ASN L 31 -17.19 37.96 4.42
N PRO L 32 -16.90 37.04 5.36
CA PRO L 32 -17.54 37.05 6.68
C PRO L 32 -17.90 38.44 7.19
N SER L 33 -19.18 38.62 7.52
CA SER L 33 -19.65 39.90 8.03
C SER L 33 -19.31 40.04 9.51
N ALA L 34 -19.39 41.27 10.01
CA ALA L 34 -19.07 41.60 11.39
C ALA L 34 -19.70 40.73 12.49
N ASP L 35 -20.87 40.17 12.22
CA ASP L 35 -21.55 39.34 13.22
C ASP L 35 -21.01 37.91 13.28
N VAL L 36 -20.46 37.45 12.16
CA VAL L 36 -19.90 36.11 12.09
C VAL L 36 -18.61 36.06 12.88
N GLN L 37 -17.73 37.03 12.61
CA GLN L 37 -16.44 37.10 13.26
C GLN L 37 -16.45 37.19 14.79
N ALA L 38 -17.64 37.13 15.38
CA ALA L 38 -17.77 37.19 16.83
C ALA L 38 -17.51 35.81 17.42
N LEU L 39 -16.29 35.31 17.24
CA LEU L 39 -15.85 34.00 17.73
C LEU L 39 -15.62 33.98 19.24
N ALA L 40 -16.37 33.14 19.95
CA ALA L 40 -16.24 33.03 21.40
C ALA L 40 -15.45 31.78 21.85
N SER L 41 -15.77 31.26 23.03
CA SER L 41 -15.10 30.08 23.56
C SER L 41 -15.93 29.36 24.63
N ILE L 42 -16.84 28.53 24.17
CA ILE L 42 -17.74 27.76 25.03
C ILE L 42 -17.06 26.87 26.07
N PHE L 43 -17.88 26.28 26.93
CA PHE L 43 -17.44 25.35 27.98
C PHE L 43 -18.38 24.16 27.94
N VAL L 44 -17.86 22.97 28.23
CA VAL L 44 -18.69 21.77 28.21
C VAL L 44 -18.60 20.93 29.48
N ASP L 45 -19.77 20.57 30.02
CA ASP L 45 -19.82 19.73 31.21
C ASP L 45 -19.62 18.30 30.73
N VAL L 46 -18.74 17.56 31.38
CA VAL L 46 -18.46 16.19 30.97
C VAL L 46 -18.77 15.18 32.07
N SER L 47 -19.05 15.69 33.28
CA SER L 47 -19.38 14.86 34.44
C SER L 47 -20.25 13.65 34.11
N SER L 48 -21.13 13.84 33.15
CA SER L 48 -22.07 12.79 32.72
C SER L 48 -21.45 11.66 31.90
N VAL L 49 -20.65 12.04 30.91
CA VAL L 49 -20.00 11.12 29.99
C VAL L 49 -19.30 9.86 30.51
N GLU L 50 -19.95 8.71 30.36
CA GLU L 50 -19.33 7.44 30.76
C GLU L 50 -18.35 7.12 29.64
N PRO L 51 -17.36 6.26 29.90
CA PRO L 51 -16.39 5.90 28.87
C PRO L 51 -17.02 5.05 27.76
N GLY L 52 -16.61 5.31 26.52
CA GLY L 52 -17.16 4.58 25.39
C GLY L 52 -18.28 5.39 24.80
N VAL L 53 -18.45 6.60 25.33
CA VAL L 53 -19.50 7.52 24.91
C VAL L 53 -18.94 8.77 24.24
N GLN L 54 -19.51 9.11 23.09
CA GLN L 54 -19.09 10.31 22.36
C GLN L 54 -20.12 11.40 22.62
N LEU L 55 -19.63 12.63 22.64
CA LEU L 55 -20.48 13.79 22.87
C LEU L 55 -20.28 14.73 21.70
N THR L 56 -21.34 15.08 21.00
CA THR L 56 -21.22 15.99 19.88
C THR L 56 -21.69 17.35 20.35
N VAL L 57 -20.93 18.38 20.00
CA VAL L 57 -21.25 19.74 20.40
C VAL L 57 -21.02 20.73 19.27
N LYS L 58 -21.93 21.70 19.13
CA LYS L 58 -21.76 22.69 18.08
C LYS L 58 -20.76 23.74 18.56
N PHE L 59 -20.02 24.31 17.62
CA PHE L 59 -19.01 25.31 17.90
C PHE L 59 -18.57 25.82 16.53
N LEU L 60 -18.73 27.13 16.33
CA LEU L 60 -18.36 27.76 15.07
C LEU L 60 -19.10 27.15 13.88
N GLY L 61 -20.29 26.60 14.14
CA GLY L 61 -21.10 26.01 13.09
C GLY L 61 -20.74 24.62 12.63
N LYS L 62 -19.77 24.00 13.29
CA LYS L 62 -19.37 22.64 12.93
C LYS L 62 -19.38 21.86 14.22
N PRO L 63 -19.33 20.52 14.13
CA PRO L 63 -19.34 19.75 15.37
C PRO L 63 -17.97 19.51 15.97
N ILE L 64 -17.95 19.22 17.26
CA ILE L 64 -16.73 18.91 17.99
C ILE L 64 -17.04 17.70 18.83
N PHE L 65 -16.33 16.61 18.58
CA PHE L 65 -16.55 15.38 19.32
C PHE L 65 -15.76 15.40 20.61
N ILE L 66 -16.31 14.75 21.63
CA ILE L 66 -15.66 14.64 22.93
C ILE L 66 -15.98 13.24 23.37
N ARG L 67 -15.08 12.31 23.04
CA ARG L 67 -15.27 10.92 23.38
C ARG L 67 -14.39 10.47 24.52
N ARG L 68 -15.00 9.79 25.49
CA ARG L 68 -14.26 9.25 26.61
C ARG L 68 -13.97 7.84 26.13
N ARG L 69 -12.73 7.56 25.80
CA ARG L 69 -12.34 6.26 25.28
C ARG L 69 -12.27 5.10 26.26
N THR L 70 -12.35 3.90 25.72
CA THR L 70 -12.29 2.66 26.49
C THR L 70 -10.84 2.18 26.49
N GLU L 71 -10.53 1.16 27.30
CA GLU L 71 -9.18 0.63 27.32
C GLU L 71 -8.83 0.27 25.88
N ALA L 72 -9.72 -0.49 25.25
CA ALA L 72 -9.55 -0.93 23.87
C ALA L 72 -9.18 0.23 22.94
N ASP L 73 -9.93 1.33 23.02
CA ASP L 73 -9.64 2.49 22.18
C ASP L 73 -8.23 3.02 22.41
N ILE L 74 -7.85 3.09 23.68
CA ILE L 74 -6.53 3.58 24.04
C ILE L 74 -5.47 2.57 23.65
N GLU L 75 -5.82 1.29 23.70
CA GLU L 75 -4.87 0.24 23.34
C GLU L 75 -4.53 0.34 21.86
N LEU L 76 -5.51 0.05 21.00
CA LEU L 76 -5.31 0.13 19.55
C LEU L 76 -4.61 1.43 19.18
N GLY L 77 -5.01 2.51 19.84
CA GLY L 77 -4.41 3.80 19.57
C GLY L 77 -2.90 3.76 19.73
N ARG L 78 -2.45 3.32 20.90
CA ARG L 78 -1.02 3.25 21.17
C ARG L 78 -0.29 2.19 20.37
N SER L 79 -1.00 1.11 20.04
CA SER L 79 -0.42 0.00 19.30
C SER L 79 -0.14 0.32 17.83
N VAL L 80 -0.18 1.60 17.46
CA VAL L 80 0.10 1.96 16.08
C VAL L 80 1.46 2.62 15.89
N GLN L 81 2.19 2.14 14.89
CA GLN L 81 3.52 2.68 14.60
C GLN L 81 3.45 4.06 13.97
N LEU L 82 4.13 5.00 14.61
CA LEU L 82 4.18 6.39 14.16
C LEU L 82 4.64 6.48 12.70
N GLY L 83 4.71 5.34 12.03
CA GLY L 83 5.11 5.34 10.64
C GLY L 83 4.06 4.71 9.75
N GLN L 84 3.16 3.94 10.35
CA GLN L 84 2.10 3.29 9.60
C GLN L 84 0.96 4.27 9.35
N LEU L 85 1.14 5.48 9.88
CA LEU L 85 0.15 6.54 9.71
C LEU L 85 0.24 7.15 8.32
N VAL L 86 -0.75 7.97 7.98
CA VAL L 86 -0.82 8.63 6.68
C VAL L 86 -0.51 10.10 6.85
N ASP L 87 -0.65 10.54 8.10
CA ASP L 87 -0.40 11.90 8.52
C ASP L 87 0.21 11.70 9.91
N THR L 88 1.49 12.03 10.03
CA THR L 88 2.22 11.87 11.27
C THR L 88 2.09 13.07 12.21
N ASN L 89 1.54 14.16 11.70
CA ASN L 89 1.38 15.36 12.51
C ASN L 89 0.23 15.17 13.50
N ALA L 90 0.45 15.60 14.74
CA ALA L 90 -0.56 15.45 15.79
C ALA L 90 -1.77 16.36 15.58
N ARG L 91 -1.64 17.36 14.71
CA ARG L 91 -2.75 18.27 14.44
C ARG L 91 -3.36 18.71 15.76
N ASN L 92 -2.51 19.02 16.74
CA ASN L 92 -2.99 19.45 18.04
C ASN L 92 -2.62 20.90 18.31
N ALA L 93 -3.63 21.76 18.43
CA ALA L 93 -3.42 23.18 18.68
C ALA L 93 -2.94 23.45 20.10
N ASN L 94 -3.06 22.46 20.96
CA ASN L 94 -2.63 22.62 22.35
C ASN L 94 -1.13 22.44 22.46
N ILE L 95 -0.62 21.35 21.89
CA ILE L 95 0.81 21.07 21.92
C ILE L 95 1.54 21.74 20.76
N ASP L 96 2.82 21.41 20.59
CA ASP L 96 3.63 21.98 19.51
C ASP L 96 3.12 21.69 18.12
N ALA L 97 3.35 22.64 17.21
CA ALA L 97 2.92 22.52 15.82
C ALA L 97 3.51 21.30 15.14
N GLY L 98 4.74 20.96 15.51
CA GLY L 98 5.39 19.81 14.89
C GLY L 98 5.27 18.47 15.59
N ALA L 99 4.52 18.41 16.69
CA ALA L 99 4.35 17.16 17.42
C ALA L 99 3.97 16.01 16.49
N GLU L 100 4.01 14.79 17.01
CA GLU L 100 3.68 13.62 16.20
C GLU L 100 2.38 12.91 16.57
N ALA L 101 1.75 12.35 15.54
CA ALA L 101 0.48 11.63 15.64
C ALA L 101 0.50 10.43 16.59
N THR L 102 1.13 10.57 17.74
CA THR L 102 1.17 9.48 18.71
C THR L 102 -0.07 9.58 19.61
N ASP L 103 -0.67 8.42 19.87
CA ASP L 103 -1.86 8.31 20.68
C ASP L 103 -1.85 9.23 21.91
N GLN L 104 -0.70 9.33 22.57
CA GLN L 104 -0.58 10.17 23.75
C GLN L 104 -0.66 11.63 23.34
N ASN L 105 -0.15 11.92 22.14
CA ASN L 105 -0.12 13.25 21.56
C ASN L 105 -1.47 13.66 20.97
N ARG L 106 -2.47 12.80 21.12
CA ARG L 106 -3.80 13.06 20.57
C ARG L 106 -4.90 13.20 21.62
N THR L 107 -4.62 12.77 22.85
CA THR L 107 -5.61 12.87 23.92
C THR L 107 -5.33 14.07 24.81
N LEU L 108 -6.30 14.44 25.64
CA LEU L 108 -6.13 15.58 26.55
C LEU L 108 -5.49 15.14 27.86
N ASP L 109 -5.81 13.92 28.29
CA ASP L 109 -5.26 13.39 29.53
C ASP L 109 -4.11 12.45 29.24
N GLU L 110 -3.46 11.97 30.29
CA GLU L 110 -2.32 11.05 30.15
C GLU L 110 -2.80 9.61 30.04
N ALA L 111 -3.84 9.27 30.79
CA ALA L 111 -4.39 7.92 30.76
C ALA L 111 -4.89 7.69 29.32
N GLY L 112 -4.86 8.76 28.53
CA GLY L 112 -5.28 8.70 27.15
C GLY L 112 -6.78 8.53 27.00
N GLU L 113 -7.52 8.97 28.02
CA GLU L 113 -8.97 8.79 28.04
C GLU L 113 -9.87 9.85 27.40
N TRP L 114 -9.40 11.09 27.28
CA TRP L 114 -10.23 12.14 26.68
C TRP L 114 -9.81 12.59 25.29
N LEU L 115 -10.50 12.07 24.28
CA LEU L 115 -10.21 12.45 22.91
C LEU L 115 -11.14 13.59 22.52
N VAL L 116 -10.56 14.74 22.19
CA VAL L 116 -11.33 15.90 21.80
C VAL L 116 -10.85 16.45 20.46
N MET L 117 -11.75 16.44 19.48
CA MET L 117 -11.41 16.92 18.15
C MET L 117 -12.62 17.38 17.36
N TRP L 118 -12.34 18.10 16.28
CA TRP L 118 -13.38 18.60 15.40
C TRP L 118 -13.94 17.41 14.65
N GLY L 119 -15.26 17.25 14.66
CA GLY L 119 -15.85 16.15 13.93
C GLY L 119 -16.01 16.52 12.48
N VAL L 120 -15.00 17.18 11.93
CA VAL L 120 -15.03 17.63 10.55
C VAL L 120 -14.00 16.90 9.66
N CYS L 121 -14.48 15.94 8.87
CA CYS L 121 -13.59 15.21 7.98
C CYS L 121 -12.63 16.21 7.36
N THR L 122 -11.38 15.82 7.22
CA THR L 122 -10.40 16.71 6.64
C THR L 122 -10.45 16.67 5.10
N HIS L 123 -11.25 15.77 4.55
CA HIS L 123 -11.37 15.69 3.10
C HIS L 123 -12.20 16.86 2.58
N LEU L 124 -13.50 16.79 2.79
CA LEU L 124 -14.37 17.85 2.31
C LEU L 124 -15.40 18.36 3.31
N GLY L 125 -15.22 18.05 4.60
CA GLY L 125 -16.13 18.58 5.61
C GLY L 125 -17.18 17.77 6.35
N CYS L 126 -17.68 16.68 5.77
CA CYS L 126 -18.70 15.90 6.46
C CYS L 126 -18.35 15.53 7.88
N VAL L 127 -19.32 14.93 8.55
CA VAL L 127 -19.16 14.52 9.94
C VAL L 127 -19.02 13.02 10.01
N PRO L 128 -17.80 12.53 10.31
CA PRO L 128 -17.55 11.09 10.42
C PRO L 128 -18.35 10.43 11.55
N ILE L 129 -18.75 9.18 11.33
CA ILE L 129 -19.55 8.43 12.29
C ILE L 129 -18.74 7.69 13.35
N GLY L 130 -18.89 8.08 14.62
CA GLY L 130 -18.17 7.41 15.68
C GLY L 130 -18.76 6.05 16.00
N GLY L 131 -18.71 5.68 17.28
CA GLY L 131 -19.25 4.39 17.69
C GLY L 131 -18.35 3.27 17.22
N VAL L 132 -17.06 3.55 17.14
CA VAL L 132 -16.09 2.56 16.68
C VAL L 132 -16.52 2.05 15.32
N SER L 133 -16.55 2.96 14.35
CA SER L 133 -16.93 2.60 13.00
C SER L 133 -15.73 2.55 12.07
N GLY L 134 -15.91 1.94 10.91
CA GLY L 134 -14.83 1.86 9.95
C GLY L 134 -13.85 0.73 10.16
N ASP L 135 -12.92 0.59 9.23
CA ASP L 135 -11.92 -0.46 9.27
C ASP L 135 -10.83 -0.33 10.32
N PHE L 136 -10.76 0.80 11.02
CA PHE L 136 -9.70 0.96 12.01
C PHE L 136 -10.15 1.35 13.41
N GLY L 137 -11.32 0.84 13.81
CA GLY L 137 -11.85 1.10 15.13
C GLY L 137 -12.07 2.56 15.50
N GLY L 138 -12.37 3.40 14.52
CA GLY L 138 -12.57 4.79 14.85
C GLY L 138 -13.81 5.42 14.29
N TRP L 139 -13.61 6.21 13.24
CA TRP L 139 -14.70 6.91 12.59
C TRP L 139 -14.76 6.62 11.10
N PHE L 140 -15.94 6.77 10.52
CA PHE L 140 -16.10 6.55 9.11
C PHE L 140 -16.83 7.71 8.48
N CYS L 141 -16.22 8.30 7.46
CA CYS L 141 -16.87 9.41 6.77
C CYS L 141 -17.64 8.83 5.60
N PRO L 142 -18.97 8.94 5.66
CA PRO L 142 -19.84 8.43 4.60
C PRO L 142 -19.79 9.19 3.29
N CYS L 143 -19.24 10.40 3.31
CA CYS L 143 -19.17 11.19 2.10
C CYS L 143 -18.27 10.63 1.01
N HIS L 144 -17.08 10.17 1.35
CA HIS L 144 -16.22 9.58 0.32
C HIS L 144 -15.44 8.37 0.80
N GLY L 145 -15.77 7.88 1.98
CA GLY L 145 -15.11 6.71 2.52
C GLY L 145 -13.76 6.86 3.16
N SER L 146 -13.64 7.77 4.12
CA SER L 146 -12.38 7.96 4.83
C SER L 146 -12.53 7.25 6.18
N HIS L 147 -11.46 6.60 6.63
CA HIS L 147 -11.50 5.90 7.89
C HIS L 147 -10.52 6.59 8.83
N TYR L 148 -10.86 6.61 10.11
CA TYR L 148 -10.01 7.22 11.12
C TYR L 148 -9.89 6.23 12.28
N ASP L 149 -8.71 6.15 12.90
CA ASP L 149 -8.53 5.23 14.01
C ASP L 149 -9.03 5.82 15.34
N SER L 150 -8.97 5.01 16.39
CA SER L 150 -9.42 5.40 17.72
C SER L 150 -8.76 6.66 18.28
N ALA L 151 -7.97 7.32 17.45
CA ALA L 151 -7.30 8.56 17.86
C ALA L 151 -7.71 9.66 16.90
N GLY L 152 -8.54 9.27 15.93
CA GLY L 152 -9.00 10.22 14.93
C GLY L 152 -7.96 10.49 13.86
N ARG L 153 -7.09 9.52 13.63
CA ARG L 153 -6.05 9.67 12.62
C ARG L 153 -6.51 9.05 11.32
N ILE L 154 -6.23 9.72 10.21
CA ILE L 154 -6.62 9.23 8.90
C ILE L 154 -5.79 8.01 8.54
N ARG L 155 -6.47 6.92 8.22
CA ARG L 155 -5.80 5.66 7.89
C ARG L 155 -6.20 5.14 6.49
N LYS L 156 -7.12 5.83 5.83
CA LYS L 156 -7.59 5.37 4.54
C LYS L 156 -8.67 6.27 3.93
N GLY L 157 -8.61 6.48 2.62
CA GLY L 157 -9.58 7.31 1.95
C GLY L 157 -8.95 8.51 1.28
N PRO L 158 -9.73 9.59 1.03
CA PRO L 158 -9.11 10.76 0.39
C PRO L 158 -8.74 11.84 1.40
N ALA L 159 -9.22 11.70 2.63
CA ALA L 159 -8.93 12.68 3.68
C ALA L 159 -7.42 12.77 3.77
N PRO L 160 -6.86 14.00 3.78
CA PRO L 160 -5.40 14.11 3.86
C PRO L 160 -4.80 14.23 5.25
N GLU L 161 -5.61 14.63 6.22
CA GLU L 161 -5.08 14.80 7.57
C GLU L 161 -5.90 14.16 8.66
N ASN L 162 -5.44 14.32 9.90
CA ASN L 162 -6.14 13.79 11.05
C ASN L 162 -7.11 14.84 11.54
N LEU L 163 -8.23 14.39 12.09
CA LEU L 163 -9.23 15.30 12.62
C LEU L 163 -8.48 16.30 13.49
N PRO L 164 -8.67 17.60 13.24
CA PRO L 164 -7.98 18.61 14.05
C PRO L 164 -8.45 18.63 15.49
N ILE L 165 -7.57 19.06 16.37
CA ILE L 165 -7.90 19.18 17.78
C ILE L 165 -7.82 20.68 18.00
N PRO L 166 -8.86 21.27 18.63
CA PRO L 166 -8.86 22.70 18.87
C PRO L 166 -8.30 22.99 20.25
N LEU L 167 -8.14 24.27 20.55
CA LEU L 167 -7.65 24.65 21.86
C LEU L 167 -8.73 24.14 22.80
N ALA L 168 -8.39 23.06 23.51
CA ALA L 168 -9.31 22.45 24.46
C ALA L 168 -8.50 22.08 25.68
N LYS L 169 -9.07 22.31 26.85
CA LYS L 169 -8.38 22.02 28.09
C LYS L 169 -9.38 21.84 29.22
N PHE L 170 -8.98 21.11 30.24
CA PHE L 170 -9.86 20.91 31.39
C PHE L 170 -9.77 22.14 32.29
N ILE L 171 -10.92 22.75 32.55
CA ILE L 171 -10.99 23.94 33.39
C ILE L 171 -11.13 23.50 34.85
N ASP L 172 -11.45 22.22 35.04
CA ASP L 172 -11.58 21.66 36.38
C ASP L 172 -12.03 20.21 36.34
N GLU L 173 -12.11 19.63 37.54
CA GLU L 173 -12.52 18.25 37.76
C GLU L 173 -13.40 17.66 36.67
N THR L 174 -14.37 18.44 36.20
CA THR L 174 -15.30 17.94 35.20
C THR L 174 -15.85 18.97 34.21
N THR L 175 -14.97 19.73 33.57
CA THR L 175 -15.42 20.73 32.60
C THR L 175 -14.32 21.20 31.65
N ILE L 176 -14.51 20.89 30.38
CA ILE L 176 -13.54 21.25 29.34
C ILE L 176 -13.93 22.58 28.70
N GLN L 177 -12.94 23.45 28.47
CA GLN L 177 -13.19 24.72 27.83
C GLN L 177 -12.68 24.64 26.40
N LEU L 178 -13.59 24.60 25.44
CA LEU L 178 -13.18 24.55 24.05
C LEU L 178 -12.78 25.96 23.67
N GLY L 179 -12.67 26.22 22.36
CA GLY L 179 -12.28 27.54 21.91
C GLY L 179 -10.95 28.00 22.47
#